data_6K3H
#
_entry.id   6K3H
#
_cell.length_a   189.781
_cell.length_b   168.439
_cell.length_c   146.099
_cell.angle_alpha   90.00
_cell.angle_beta   92.98
_cell.angle_gamma   90.00
#
_symmetry.space_group_name_H-M   'C 1 2 1'
#
_entity_poly.entity_id   1
_entity_poly.type   'polypeptide(L)'
_entity_poly.pdbx_seq_one_letter_code
;GPMSDEQTFIAIKPDGVQRGLVGPIISRFENRGFKLAALKLCSPSKEHLEQHYADLSSKPFFPGLVSYMLSGPIVAMVWE
GREVVKTGRTILGATNPLASAPGTIRGDFAIDVGRNVCHGSDSVENAKKEIALWFKPEELQKYKHSQFDWIYEKA
;
_entity_poly.pdbx_strand_id   A,B,C,D,E,F,G,H,I,J,K,L,M,N,Q,R,U,V,W,X,O,P,S,T
#
# COMPACT_ATOMS: atom_id res chain seq x y z
N MET A 3 -2.52 -16.27 32.90
CA MET A 3 -2.33 -17.43 32.02
C MET A 3 -3.65 -18.06 31.54
N SER A 4 -3.58 -18.66 30.35
CA SER A 4 -4.77 -19.10 29.62
C SER A 4 -5.25 -20.48 30.05
N ASP A 5 -4.43 -21.27 30.74
CA ASP A 5 -4.82 -22.61 31.17
C ASP A 5 -5.44 -22.63 32.56
N GLU A 6 -5.68 -21.47 33.17
CA GLU A 6 -6.39 -21.43 34.44
C GLU A 6 -7.73 -22.15 34.32
N GLN A 7 -8.06 -22.92 35.36
CA GLN A 7 -9.26 -23.75 35.39
C GLN A 7 -10.15 -23.32 36.55
N THR A 8 -11.43 -23.69 36.46
CA THR A 8 -12.36 -23.44 37.55
C THR A 8 -13.39 -24.56 37.58
N PHE A 9 -14.03 -24.70 38.73
CA PHE A 9 -15.01 -25.75 38.95
C PHE A 9 -16.39 -25.14 38.98
N ILE A 10 -17.28 -25.72 38.19
CA ILE A 10 -18.66 -25.33 38.12
C ILE A 10 -19.50 -26.59 38.28
N ALA A 11 -20.48 -26.52 39.16
CA ALA A 11 -21.42 -27.62 39.35
C ALA A 11 -22.82 -27.08 39.18
N ILE A 12 -23.60 -27.73 38.33
CA ILE A 12 -25.02 -27.44 38.27
C ILE A 12 -25.70 -28.23 39.38
N LYS A 13 -26.32 -27.51 40.31
CA LYS A 13 -26.94 -28.10 41.47
C LYS A 13 -28.22 -28.87 41.06
N PRO A 14 -28.74 -29.73 41.95
CA PRO A 14 -29.94 -30.54 41.60
C PRO A 14 -31.08 -29.73 41.02
N ASP A 15 -31.28 -28.50 41.50
CA ASP A 15 -32.38 -27.68 40.98
C ASP A 15 -32.05 -27.15 39.59
N GLY A 16 -30.78 -26.84 39.33
CA GLY A 16 -30.39 -26.51 37.98
C GLY A 16 -30.71 -27.63 37.01
N VAL A 17 -30.39 -28.86 37.41
CA VAL A 17 -30.68 -29.99 36.54
C VAL A 17 -32.19 -30.19 36.41
N GLN A 18 -32.90 -30.16 37.54
CA GLN A 18 -34.33 -30.48 37.51
C GLN A 18 -35.13 -29.41 36.77
N ARG A 19 -34.66 -28.17 36.78
CA ARG A 19 -35.34 -27.13 36.03
C ARG A 19 -34.87 -27.04 34.58
N GLY A 20 -34.05 -27.98 34.12
CA GLY A 20 -33.70 -27.98 32.72
C GLY A 20 -32.75 -26.88 32.29
N LEU A 21 -31.79 -26.52 33.15
CA LEU A 21 -30.88 -25.44 32.85
C LEU A 21 -29.47 -25.93 32.49
N VAL A 22 -29.30 -27.20 32.13
CA VAL A 22 -27.97 -27.70 31.81
C VAL A 22 -27.43 -27.01 30.57
N GLY A 23 -28.11 -27.19 29.43
CA GLY A 23 -27.75 -26.56 28.18
C GLY A 23 -27.49 -25.06 28.26
N PRO A 24 -28.47 -24.28 28.75
CA PRO A 24 -28.22 -22.84 28.93
C PRO A 24 -26.96 -22.51 29.72
N ILE A 25 -26.71 -23.20 30.84
CA ILE A 25 -25.57 -22.87 31.65
C ILE A 25 -24.28 -23.20 30.91
N ILE A 26 -24.24 -24.37 30.28
CA ILE A 26 -23.10 -24.73 29.44
C ILE A 26 -22.86 -23.68 28.37
N SER A 27 -23.92 -23.21 27.70
CA SER A 27 -23.73 -22.26 26.61
C SER A 27 -23.19 -20.91 27.09
N ARG A 28 -23.55 -20.47 28.29
CA ARG A 28 -22.96 -19.21 28.75
C ARG A 28 -21.45 -19.32 28.80
N PHE A 29 -20.93 -20.47 29.24
CA PHE A 29 -19.47 -20.63 29.28
C PHE A 29 -18.90 -20.89 27.90
N GLU A 30 -19.61 -21.68 27.08
CA GLU A 30 -19.17 -21.92 25.71
C GLU A 30 -19.10 -20.62 24.94
N ASN A 31 -20.14 -19.78 25.02
CA ASN A 31 -20.19 -18.55 24.23
C ASN A 31 -19.11 -17.55 24.63
N ARG A 32 -18.71 -17.57 25.89
CA ARG A 32 -17.73 -16.61 26.37
C ARG A 32 -16.34 -16.94 25.86
N GLY A 33 -16.14 -18.13 25.32
CA GLY A 33 -14.85 -18.55 24.85
C GLY A 33 -14.13 -19.50 25.78
N PHE A 34 -14.71 -19.88 26.91
CA PHE A 34 -14.01 -20.81 27.78
C PHE A 34 -14.10 -22.21 27.20
N LYS A 35 -13.12 -23.03 27.54
CA LYS A 35 -13.02 -24.39 27.02
C LYS A 35 -13.56 -25.37 28.06
N LEU A 36 -14.37 -26.30 27.60
CA LEU A 36 -14.89 -27.37 28.44
C LEU A 36 -13.81 -28.46 28.60
N ALA A 37 -13.23 -28.54 29.80
CA ALA A 37 -12.17 -29.48 30.10
C ALA A 37 -12.65 -30.77 30.76
N ALA A 38 -13.83 -30.77 31.38
CA ALA A 38 -14.37 -31.96 32.03
C ALA A 38 -15.85 -31.73 32.29
N LEU A 39 -16.63 -32.82 32.22
CA LEU A 39 -18.08 -32.76 32.33
C LEU A 39 -18.58 -34.12 32.80
N LYS A 40 -19.42 -34.14 33.82
CA LYS A 40 -20.08 -35.40 34.15
C LYS A 40 -21.35 -35.16 34.97
N LEU A 41 -22.34 -36.01 34.72
CA LEU A 41 -23.52 -36.09 35.55
C LEU A 41 -23.27 -37.16 36.59
N CYS A 42 -23.30 -36.78 37.87
CA CYS A 42 -23.00 -37.73 38.94
C CYS A 42 -23.90 -37.45 40.14
N SER A 43 -23.94 -38.42 41.06
CA SER A 43 -24.70 -38.33 42.32
C SER A 43 -23.74 -38.58 43.46
N PRO A 44 -23.09 -37.56 43.99
CA PRO A 44 -21.97 -37.79 44.92
C PRO A 44 -22.45 -38.30 46.28
N SER A 45 -21.54 -38.98 46.99
CA SER A 45 -21.85 -39.47 48.32
C SER A 45 -21.99 -38.31 49.30
N LYS A 46 -22.74 -38.56 50.38
CA LYS A 46 -22.82 -37.58 51.46
C LYS A 46 -21.41 -37.18 51.90
N GLU A 47 -20.56 -38.19 52.10
CA GLU A 47 -19.18 -37.94 52.51
C GLU A 47 -18.42 -37.10 51.49
N HIS A 48 -18.65 -37.36 50.20
CA HIS A 48 -18.12 -36.49 49.15
C HIS A 48 -18.55 -35.04 49.37
N LEU A 49 -19.87 -34.83 49.47
CA LEU A 49 -20.43 -33.50 49.67
C LEU A 49 -19.95 -32.87 50.97
N GLU A 50 -19.86 -33.67 52.04
CA GLU A 50 -19.31 -33.17 53.30
C GLU A 50 -17.86 -32.69 53.11
N GLN A 51 -17.06 -33.44 52.35
CA GLN A 51 -15.72 -32.92 52.06
C GLN A 51 -15.78 -31.69 51.17
N HIS A 52 -16.68 -31.68 50.18
CA HIS A 52 -16.78 -30.51 49.30
C HIS A 52 -17.01 -29.25 50.11
N TYR A 53 -17.97 -29.29 51.03
CA TYR A 53 -18.34 -28.13 51.81
C TYR A 53 -17.65 -28.07 53.17
N ALA A 54 -16.57 -28.86 53.36
CA ALA A 54 -15.93 -28.99 54.66
C ALA A 54 -15.58 -27.63 55.27
N ASP A 55 -15.39 -26.61 54.45
CA ASP A 55 -15.12 -25.29 54.98
C ASP A 55 -16.34 -24.68 55.64
N LEU A 56 -17.51 -25.33 55.53
CA LEU A 56 -18.72 -24.85 56.17
C LEU A 56 -19.23 -25.82 57.23
N SER A 57 -18.41 -26.80 57.63
CA SER A 57 -18.86 -27.86 58.52
C SER A 57 -19.30 -27.34 59.88
N SER A 58 -18.78 -26.19 60.31
CA SER A 58 -19.08 -25.66 61.62
C SER A 58 -20.41 -24.92 61.67
N LYS A 59 -20.91 -24.45 60.52
CA LYS A 59 -22.05 -23.54 60.46
C LYS A 59 -23.38 -24.29 60.54
N PRO A 60 -24.45 -23.61 61.01
CA PRO A 60 -25.69 -24.33 61.32
C PRO A 60 -26.38 -24.95 60.12
N PHE A 61 -26.25 -24.36 58.93
CA PHE A 61 -26.98 -24.85 57.77
C PHE A 61 -26.31 -26.02 57.07
N PHE A 62 -25.25 -26.58 57.66
CA PHE A 62 -24.43 -27.55 56.94
C PHE A 62 -25.17 -28.86 56.68
N PRO A 63 -25.78 -29.52 57.69
CA PRO A 63 -26.48 -30.78 57.36
C PRO A 63 -27.59 -30.57 56.35
N GLY A 64 -28.24 -29.41 56.40
CA GLY A 64 -29.33 -29.16 55.47
C GLY A 64 -28.83 -28.90 54.06
N LEU A 65 -27.75 -28.13 53.94
CA LEU A 65 -27.09 -27.96 52.64
C LEU A 65 -26.70 -29.30 52.03
N VAL A 66 -26.01 -30.13 52.79
CA VAL A 66 -25.55 -31.41 52.27
C VAL A 66 -26.73 -32.30 51.91
N SER A 67 -27.71 -32.36 52.81
CA SER A 67 -28.94 -33.09 52.57
C SER A 67 -29.67 -32.57 51.32
N TYR A 68 -29.73 -31.26 51.14
CA TYR A 68 -30.37 -30.78 49.92
C TYR A 68 -29.62 -31.29 48.69
N MET A 69 -28.28 -31.22 48.72
CA MET A 69 -27.45 -31.51 47.56
C MET A 69 -27.46 -32.97 47.16
N LEU A 70 -28.04 -33.85 47.97
CA LEU A 70 -28.24 -35.25 47.58
C LEU A 70 -29.57 -35.49 46.87
N SER A 71 -30.37 -34.43 46.65
CA SER A 71 -31.74 -34.62 46.15
C SER A 71 -31.79 -35.14 44.72
N GLY A 72 -30.70 -35.09 43.99
CA GLY A 72 -30.67 -35.69 42.68
C GLY A 72 -29.31 -35.42 42.08
N PRO A 73 -29.11 -35.82 40.83
CA PRO A 73 -27.77 -35.71 40.24
C PRO A 73 -27.35 -34.25 40.07
N ILE A 74 -26.03 -34.07 40.06
CA ILE A 74 -25.35 -32.79 39.84
C ILE A 74 -24.54 -32.92 38.57
N VAL A 75 -24.38 -31.82 37.83
CA VAL A 75 -23.50 -31.78 36.66
C VAL A 75 -22.21 -31.05 37.06
N ALA A 76 -21.11 -31.79 37.11
CA ALA A 76 -19.82 -31.22 37.48
C ALA A 76 -19.03 -30.90 36.22
N MET A 77 -18.43 -29.71 36.21
CA MET A 77 -17.74 -29.20 35.04
C MET A 77 -16.44 -28.52 35.45
N VAL A 78 -15.45 -28.63 34.57
CA VAL A 78 -14.25 -27.80 34.61
C VAL A 78 -14.23 -26.98 33.33
N TRP A 79 -14.08 -25.67 33.48
CA TRP A 79 -13.93 -24.73 32.37
C TRP A 79 -12.53 -24.13 32.42
N GLU A 80 -11.93 -23.91 31.26
CA GLU A 80 -10.53 -23.50 31.24
C GLU A 80 -10.39 -22.23 30.44
N GLY A 81 -9.53 -21.33 30.92
CA GLY A 81 -9.31 -20.08 30.21
C GLY A 81 -8.71 -19.03 31.12
N ARG A 82 -8.36 -17.89 30.51
CA ARG A 82 -7.67 -16.84 31.25
C ARG A 82 -8.64 -16.18 32.22
N GLU A 83 -8.31 -16.25 33.52
CA GLU A 83 -9.13 -15.63 34.56
C GLU A 83 -10.57 -16.18 34.55
N VAL A 84 -10.69 -17.47 34.28
CA VAL A 84 -12.00 -18.11 34.22
C VAL A 84 -12.64 -18.20 35.61
N VAL A 85 -11.86 -18.39 36.68
CA VAL A 85 -12.45 -18.50 38.01
C VAL A 85 -13.17 -17.21 38.35
N LYS A 86 -12.49 -16.08 38.19
CA LYS A 86 -13.15 -14.81 38.48
C LYS A 86 -14.23 -14.50 37.45
N THR A 87 -13.97 -14.80 36.18
CA THR A 87 -14.99 -14.53 35.17
C THR A 87 -16.14 -15.51 35.31
N GLY A 88 -15.85 -16.74 35.75
CA GLY A 88 -16.91 -17.67 36.12
C GLY A 88 -17.81 -17.11 37.19
N ARG A 89 -17.21 -16.50 38.22
CA ARG A 89 -18.01 -15.93 39.32
C ARG A 89 -18.89 -14.81 38.81
N THR A 90 -18.38 -14.03 37.86
CA THR A 90 -19.15 -12.93 37.31
C THR A 90 -20.32 -13.45 36.48
N ILE A 91 -20.10 -14.53 35.73
CA ILE A 91 -21.16 -15.11 34.91
C ILE A 91 -22.24 -15.70 35.77
N LEU A 92 -21.85 -16.43 36.82
CA LEU A 92 -22.83 -17.02 37.72
C LEU A 92 -23.67 -15.95 38.40
N GLY A 93 -23.07 -14.81 38.72
CA GLY A 93 -23.74 -13.81 39.53
C GLY A 93 -23.50 -14.04 41.02
N ALA A 94 -24.12 -13.22 41.85
CA ALA A 94 -23.90 -13.33 43.28
C ALA A 94 -24.54 -14.60 43.84
N THR A 95 -23.95 -15.12 44.91
CA THR A 95 -24.45 -16.34 45.55
C THR A 95 -25.92 -16.23 45.87
N ASN A 96 -26.36 -15.05 46.32
CA ASN A 96 -27.77 -14.77 46.50
C ASN A 96 -28.36 -14.29 45.18
N PRO A 97 -29.26 -15.04 44.56
CA PRO A 97 -29.84 -14.60 43.26
C PRO A 97 -30.56 -13.27 43.32
N LEU A 98 -31.18 -12.93 44.45
CA LEU A 98 -31.85 -11.63 44.54
C LEU A 98 -30.86 -10.48 44.54
N ALA A 99 -29.58 -10.76 44.70
CA ALA A 99 -28.53 -9.75 44.65
C ALA A 99 -27.75 -9.83 43.34
N SER A 100 -28.24 -10.59 42.37
CA SER A 100 -27.55 -10.79 41.10
C SER A 100 -28.13 -9.90 40.02
N ALA A 101 -27.28 -9.53 39.09
CA ALA A 101 -27.70 -8.77 37.93
C ALA A 101 -28.39 -9.67 36.91
N PRO A 102 -29.48 -9.21 36.30
CA PRO A 102 -29.97 -9.86 35.08
C PRO A 102 -28.84 -9.96 34.05
N GLY A 103 -28.78 -11.09 33.36
CA GLY A 103 -27.71 -11.40 32.44
C GLY A 103 -26.77 -12.46 32.94
N THR A 104 -26.60 -12.57 34.26
CA THR A 104 -25.94 -13.66 34.95
C THR A 104 -26.88 -14.86 35.08
N ILE A 105 -26.31 -16.02 35.40
CA ILE A 105 -27.11 -17.24 35.46
C ILE A 105 -28.12 -17.16 36.59
N ARG A 106 -27.65 -16.86 37.81
CA ARG A 106 -28.58 -16.76 38.93
C ARG A 106 -29.50 -15.57 38.75
N GLY A 107 -29.00 -14.51 38.09
CA GLY A 107 -29.82 -13.36 37.81
C GLY A 107 -30.91 -13.64 36.80
N ASP A 108 -30.72 -14.64 35.95
CA ASP A 108 -31.75 -14.95 34.97
C ASP A 108 -32.68 -16.06 35.40
N PHE A 109 -32.27 -16.94 36.33
CA PHE A 109 -32.94 -18.21 36.53
C PHE A 109 -33.26 -18.58 37.98
N ALA A 110 -32.79 -17.83 38.97
CA ALA A 110 -32.89 -18.26 40.36
C ALA A 110 -33.41 -17.14 41.26
N ILE A 111 -33.82 -17.54 42.48
CA ILE A 111 -34.38 -16.61 43.44
C ILE A 111 -33.80 -16.84 44.84
N ASP A 112 -33.80 -18.08 45.31
CA ASP A 112 -33.41 -18.38 46.68
C ASP A 112 -31.96 -18.83 46.77
N VAL A 113 -31.27 -18.38 47.81
CA VAL A 113 -29.90 -18.84 48.03
C VAL A 113 -29.84 -20.35 48.11
N GLY A 114 -30.88 -20.98 48.67
CA GLY A 114 -30.86 -22.43 48.80
C GLY A 114 -31.22 -23.18 47.53
N ARG A 115 -31.70 -22.47 46.52
CA ARG A 115 -31.98 -22.97 45.19
C ARG A 115 -31.28 -22.09 44.13
N ASN A 116 -29.97 -21.92 44.25
CA ASN A 116 -29.29 -20.96 43.38
C ASN A 116 -28.61 -21.63 42.20
N VAL A 117 -29.10 -22.81 41.83
CA VAL A 117 -28.88 -23.56 40.57
C VAL A 117 -27.44 -23.92 40.26
N CYS A 118 -26.48 -23.16 40.76
CA CYS A 118 -25.09 -23.36 40.36
C CYS A 118 -24.15 -23.15 41.53
N HIS A 119 -23.00 -23.83 41.46
CA HIS A 119 -21.91 -23.59 42.40
C HIS A 119 -20.64 -23.26 41.63
N GLY A 120 -19.97 -22.18 42.03
CA GLY A 120 -18.70 -21.82 41.46
C GLY A 120 -17.64 -21.70 42.53
N SER A 121 -16.41 -22.05 42.17
CA SER A 121 -15.26 -21.82 43.04
C SER A 121 -15.21 -20.36 43.50
N ASP A 122 -14.70 -20.16 44.71
CA ASP A 122 -14.45 -18.82 45.25
C ASP A 122 -13.09 -18.27 44.85
N SER A 123 -12.24 -19.10 44.25
CA SER A 123 -10.84 -18.73 44.06
C SER A 123 -10.13 -19.79 43.25
N VAL A 124 -9.07 -19.38 42.54
CA VAL A 124 -8.15 -20.32 41.92
C VAL A 124 -7.78 -21.43 42.91
N GLU A 125 -7.42 -21.03 44.13
CA GLU A 125 -7.11 -21.98 45.20
C GLU A 125 -8.23 -23.00 45.41
N ASN A 126 -9.45 -22.52 45.68
CA ASN A 126 -10.59 -23.42 45.86
C ASN A 126 -10.84 -24.25 44.60
N ALA A 127 -10.69 -23.62 43.44
CA ALA A 127 -10.93 -24.31 42.18
C ALA A 127 -10.08 -25.56 42.08
N LYS A 128 -8.74 -25.42 42.22
CA LYS A 128 -7.87 -26.59 42.19
C LYS A 128 -8.29 -27.62 43.24
N LYS A 129 -8.66 -27.15 44.44
CA LYS A 129 -9.18 -28.06 45.45
C LYS A 129 -10.43 -28.80 44.96
N GLU A 130 -11.39 -28.07 44.38
CA GLU A 130 -12.66 -28.69 44.03
C GLU A 130 -12.53 -29.56 42.78
N ILE A 131 -11.70 -29.13 41.83
CA ILE A 131 -11.45 -29.93 40.64
C ILE A 131 -10.88 -31.28 41.03
N ALA A 132 -9.89 -31.29 41.92
CA ALA A 132 -9.24 -32.51 42.36
C ALA A 132 -10.22 -33.44 43.08
N LEU A 133 -11.17 -32.87 43.82
CA LEU A 133 -12.11 -33.70 44.56
C LEU A 133 -13.11 -34.38 43.64
N TRP A 134 -13.62 -33.66 42.63
CA TRP A 134 -14.72 -34.22 41.87
C TRP A 134 -14.30 -34.99 40.63
N PHE A 135 -13.07 -34.83 40.15
CA PHE A 135 -12.61 -35.47 38.91
C PHE A 135 -11.29 -36.18 39.12
N LYS A 136 -11.15 -37.36 38.52
CA LYS A 136 -9.84 -37.97 38.37
C LYS A 136 -9.07 -37.25 37.26
N PRO A 137 -7.74 -37.25 37.34
CA PRO A 137 -6.96 -36.57 36.29
C PRO A 137 -7.26 -37.04 34.88
N GLU A 138 -7.61 -38.33 34.69
CA GLU A 138 -7.97 -38.82 33.38
C GLU A 138 -9.27 -38.22 32.86
N GLU A 139 -10.14 -37.73 33.74
CA GLU A 139 -11.38 -37.12 33.28
C GLU A 139 -11.17 -35.72 32.75
N LEU A 140 -10.05 -35.09 33.12
CA LEU A 140 -9.68 -33.79 32.59
C LEU A 140 -9.10 -33.96 31.18
N GLN A 141 -9.73 -33.33 30.20
CA GLN A 141 -9.39 -33.53 28.81
C GLN A 141 -8.36 -32.47 28.39
N LYS A 142 -7.22 -32.91 27.89
CA LYS A 142 -6.19 -32.00 27.41
C LYS A 142 -6.38 -31.85 25.91
N TYR A 143 -6.78 -30.66 25.49
CA TYR A 143 -6.90 -30.41 24.06
C TYR A 143 -6.86 -28.89 23.87
N LYS A 144 -6.54 -28.51 22.65
CA LYS A 144 -6.41 -27.10 22.31
C LYS A 144 -7.74 -26.65 21.74
N HIS A 145 -8.23 -25.51 22.21
CA HIS A 145 -9.47 -24.96 21.69
C HIS A 145 -9.29 -24.62 20.21
N SER A 146 -10.17 -25.16 19.37
CA SER A 146 -10.11 -24.87 17.94
C SER A 146 -10.03 -23.38 17.65
N GLN A 147 -10.62 -22.53 18.50
CA GLN A 147 -10.66 -21.09 18.28
C GLN A 147 -9.65 -20.33 19.11
N PHE A 148 -8.65 -21.02 19.69
CA PHE A 148 -7.75 -20.42 20.67
C PHE A 148 -7.20 -19.09 20.18
N ASP A 149 -6.61 -19.07 18.98
CA ASP A 149 -5.93 -17.86 18.51
C ASP A 149 -6.89 -16.74 18.18
N TRP A 150 -8.19 -17.04 18.04
CA TRP A 150 -9.16 -15.98 17.89
C TRP A 150 -9.74 -15.52 19.21
N ILE A 151 -9.53 -16.26 20.29
CA ILE A 151 -10.02 -15.87 21.61
C ILE A 151 -8.96 -15.14 22.42
N TYR A 152 -7.69 -15.57 22.28
CA TYR A 152 -6.58 -15.00 23.03
C TYR A 152 -5.53 -14.45 22.08
N GLU A 153 -4.94 -13.32 22.48
CA GLU A 153 -3.77 -12.77 21.81
C GLU A 153 -2.46 -13.34 22.32
N LYS A 154 -2.44 -13.86 23.56
CA LYS A 154 -1.24 -14.40 24.20
C LYS A 154 -1.62 -15.46 25.22
N SER B 4 -41.86 -42.91 30.47
CA SER B 4 -41.39 -44.23 30.07
C SER B 4 -39.87 -44.32 30.19
N ASP B 5 -39.41 -45.54 30.38
CA ASP B 5 -38.06 -45.87 30.80
C ASP B 5 -37.09 -46.04 29.65
N GLU B 6 -37.53 -45.86 28.41
CA GLU B 6 -36.68 -46.11 27.27
C GLU B 6 -35.49 -45.15 27.29
N GLN B 7 -34.33 -45.65 26.92
CA GLN B 7 -33.10 -44.88 26.88
C GLN B 7 -32.52 -44.89 25.48
N THR B 8 -31.72 -43.86 25.18
CA THR B 8 -30.95 -43.85 23.94
C THR B 8 -29.61 -43.24 24.21
N PHE B 9 -28.67 -43.53 23.32
CA PHE B 9 -27.32 -43.03 23.45
C PHE B 9 -27.09 -41.93 22.42
N ILE B 10 -26.74 -40.74 22.90
CA ILE B 10 -26.36 -39.62 22.05
C ILE B 10 -24.94 -39.25 22.41
N ALA B 11 -24.08 -39.14 21.39
CA ALA B 11 -22.74 -38.61 21.57
C ALA B 11 -22.63 -37.37 20.70
N ILE B 12 -22.11 -36.30 21.28
CA ILE B 12 -21.66 -35.15 20.50
C ILE B 12 -20.23 -35.46 20.05
N LYS B 13 -20.04 -35.47 18.73
CA LYS B 13 -18.80 -35.85 18.10
C LYS B 13 -17.76 -34.77 18.30
N PRO B 14 -16.50 -35.01 17.96
CA PRO B 14 -15.47 -33.99 18.22
C PRO B 14 -15.76 -32.65 17.57
N ASP B 15 -16.37 -32.65 16.37
CA ASP B 15 -16.73 -31.37 15.74
C ASP B 15 -17.83 -30.66 16.51
N GLY B 16 -18.77 -31.40 17.09
CA GLY B 16 -19.80 -30.76 17.88
C GLY B 16 -19.22 -30.06 19.10
N VAL B 17 -18.27 -30.73 19.76
CA VAL B 17 -17.66 -30.11 20.94
C VAL B 17 -16.81 -28.92 20.53
N GLN B 18 -15.91 -29.12 19.57
CA GLN B 18 -15.02 -28.03 19.17
C GLN B 18 -15.76 -26.85 18.55
N ARG B 19 -16.95 -27.06 17.98
CA ARG B 19 -17.70 -25.93 17.47
C ARG B 19 -18.65 -25.32 18.50
N GLY B 20 -18.50 -25.68 19.78
CA GLY B 20 -19.20 -24.95 20.81
C GLY B 20 -20.69 -25.23 20.86
N LEU B 21 -21.09 -26.45 20.50
CA LEU B 21 -22.47 -26.83 20.34
C LEU B 21 -22.99 -27.69 21.48
N VAL B 22 -22.19 -27.91 22.54
CA VAL B 22 -22.61 -28.83 23.58
C VAL B 22 -23.91 -28.33 24.23
N GLY B 23 -23.94 -27.06 24.59
CA GLY B 23 -25.10 -26.47 25.22
C GLY B 23 -26.37 -26.52 24.39
N PRO B 24 -26.32 -26.08 23.12
CA PRO B 24 -27.54 -26.12 22.30
C PRO B 24 -28.05 -27.53 22.07
N ILE B 25 -27.15 -28.50 21.88
CA ILE B 25 -27.60 -29.87 21.65
C ILE B 25 -28.33 -30.38 22.88
N ILE B 26 -27.76 -30.16 24.07
CA ILE B 26 -28.39 -30.60 25.30
C ILE B 26 -29.75 -29.91 25.47
N SER B 27 -29.80 -28.59 25.24
CA SER B 27 -31.06 -27.85 25.34
C SER B 27 -32.18 -28.47 24.53
N ARG B 28 -31.90 -28.89 23.28
CA ARG B 28 -32.98 -29.43 22.46
C ARG B 28 -33.64 -30.60 23.14
N PHE B 29 -32.84 -31.46 23.78
CA PHE B 29 -33.36 -32.65 24.45
C PHE B 29 -34.04 -32.31 25.77
N GLU B 30 -33.46 -31.40 26.55
CA GLU B 30 -34.11 -30.93 27.77
C GLU B 30 -35.47 -30.34 27.45
N ASN B 31 -35.53 -29.45 26.46
CA ASN B 31 -36.76 -28.74 26.14
C ASN B 31 -37.84 -29.68 25.66
N ARG B 32 -37.46 -30.78 25.03
CA ARG B 32 -38.43 -31.73 24.53
C ARG B 32 -39.14 -32.51 25.65
N GLY B 33 -38.63 -32.45 26.89
CA GLY B 33 -39.14 -33.26 27.98
C GLY B 33 -38.32 -34.48 28.29
N PHE B 34 -37.24 -34.73 27.57
CA PHE B 34 -36.46 -35.91 27.87
C PHE B 34 -35.55 -35.66 29.07
N LYS B 35 -35.23 -36.75 29.76
CA LYS B 35 -34.48 -36.69 31.00
C LYS B 35 -33.05 -37.13 30.77
N LEU B 36 -32.10 -36.33 31.25
CA LEU B 36 -30.68 -36.62 31.14
C LEU B 36 -30.32 -37.67 32.16
N ALA B 37 -30.01 -38.87 31.70
CA ALA B 37 -29.69 -39.99 32.58
C ALA B 37 -28.19 -40.19 32.77
N ALA B 38 -27.37 -39.72 31.84
CA ALA B 38 -25.92 -39.81 31.96
C ALA B 38 -25.28 -38.81 31.01
N LEU B 39 -24.14 -38.27 31.44
CA LEU B 39 -23.39 -37.26 30.71
C LEU B 39 -21.90 -37.37 31.03
N LYS B 40 -21.05 -37.37 30.01
CA LYS B 40 -19.64 -37.20 30.32
C LYS B 40 -18.89 -36.75 29.09
N LEU B 41 -17.90 -35.90 29.31
CA LEU B 41 -16.89 -35.58 28.32
C LEU B 41 -15.75 -36.60 28.47
N CYS B 42 -15.51 -37.40 27.44
CA CYS B 42 -14.45 -38.40 27.51
C CYS B 42 -13.62 -38.37 26.23
N SER B 43 -12.48 -39.07 26.29
CA SER B 43 -11.63 -39.30 25.13
C SER B 43 -11.39 -40.79 24.99
N PRO B 44 -12.30 -41.50 24.33
CA PRO B 44 -12.20 -42.96 24.32
C PRO B 44 -11.02 -43.45 23.50
N SER B 45 -10.58 -44.65 23.83
CA SER B 45 -9.49 -45.30 23.11
C SER B 45 -9.94 -45.69 21.71
N LYS B 46 -8.94 -46.00 20.88
CA LYS B 46 -9.19 -46.45 19.52
C LYS B 46 -10.02 -47.73 19.51
N GLU B 47 -9.67 -48.69 20.37
CA GLU B 47 -10.41 -49.95 20.44
C GLU B 47 -11.85 -49.69 20.84
N HIS B 48 -12.06 -48.77 21.77
CA HIS B 48 -13.42 -48.42 22.20
C HIS B 48 -14.26 -47.97 21.01
N LEU B 49 -13.70 -47.11 20.15
CA LEU B 49 -14.46 -46.62 19.01
C LEU B 49 -14.63 -47.67 17.93
N GLU B 50 -13.68 -48.61 17.83
CA GLU B 50 -13.87 -49.72 16.91
C GLU B 50 -14.98 -50.64 17.39
N GLN B 51 -15.05 -50.92 18.70
CA GLN B 51 -16.18 -51.67 19.25
C GLN B 51 -17.49 -50.95 18.96
N HIS B 52 -17.52 -49.64 19.22
CA HIS B 52 -18.71 -48.86 18.97
C HIS B 52 -19.14 -48.94 17.51
N TYR B 53 -18.18 -48.85 16.59
CA TYR B 53 -18.48 -48.89 15.17
C TYR B 53 -18.23 -50.25 14.54
N ALA B 54 -18.48 -51.32 15.30
CA ALA B 54 -18.17 -52.67 14.80
C ALA B 54 -18.97 -53.01 13.56
N ASP B 55 -20.24 -52.55 13.49
CA ASP B 55 -21.06 -52.75 12.31
C ASP B 55 -20.46 -52.13 11.06
N LEU B 56 -19.35 -51.41 11.18
CA LEU B 56 -18.68 -50.83 10.02
C LEU B 56 -17.26 -51.36 9.86
N SER B 57 -16.89 -52.43 10.57
CA SER B 57 -15.53 -52.94 10.50
C SER B 57 -15.12 -53.26 9.07
N SER B 58 -16.05 -53.78 8.27
CA SER B 58 -15.71 -54.22 6.91
C SER B 58 -15.69 -53.08 5.90
N LYS B 59 -16.36 -51.96 6.17
CA LYS B 59 -16.53 -50.91 5.18
C LYS B 59 -15.24 -50.10 5.05
N PRO B 60 -15.17 -49.22 4.04
CA PRO B 60 -13.87 -48.59 3.70
C PRO B 60 -13.59 -47.31 4.48
N PHE B 61 -14.66 -46.63 4.92
CA PHE B 61 -14.50 -45.40 5.68
C PHE B 61 -14.26 -45.62 7.16
N PHE B 62 -14.34 -46.88 7.62
CA PHE B 62 -14.13 -47.20 9.02
C PHE B 62 -12.82 -46.66 9.59
N PRO B 63 -11.66 -46.82 8.95
CA PRO B 63 -10.44 -46.23 9.53
C PRO B 63 -10.46 -44.72 9.55
N GLY B 64 -11.08 -44.08 8.55
CA GLY B 64 -11.14 -42.64 8.57
C GLY B 64 -12.07 -42.13 9.64
N LEU B 65 -13.21 -42.82 9.81
CA LEU B 65 -14.16 -42.47 10.85
C LEU B 65 -13.56 -42.61 12.24
N VAL B 66 -12.90 -43.74 12.51
CA VAL B 66 -12.34 -43.98 13.83
C VAL B 66 -11.32 -42.91 14.19
N SER B 67 -10.50 -42.50 13.22
CA SER B 67 -9.43 -41.57 13.56
C SER B 67 -9.99 -40.15 13.76
N TYR B 68 -11.01 -39.77 12.98
CA TYR B 68 -11.64 -38.48 13.23
C TYR B 68 -12.31 -38.47 14.57
N MET B 69 -12.96 -39.58 14.94
CA MET B 69 -13.53 -39.69 16.28
C MET B 69 -12.45 -39.64 17.36
N LEU B 70 -11.19 -39.91 17.00
CA LEU B 70 -10.10 -39.78 17.94
C LEU B 70 -9.55 -38.37 18.04
N SER B 71 -10.07 -37.42 17.25
CA SER B 71 -9.39 -36.14 17.07
C SER B 71 -9.73 -35.11 18.14
N GLY B 72 -10.72 -35.38 18.98
CA GLY B 72 -11.04 -34.51 20.09
C GLY B 72 -11.95 -35.18 21.10
N PRO B 73 -12.14 -34.53 22.24
CA PRO B 73 -13.08 -35.07 23.24
C PRO B 73 -14.48 -35.27 22.65
N ILE B 74 -15.22 -36.22 23.22
CA ILE B 74 -16.58 -36.57 22.84
C ILE B 74 -17.48 -36.38 24.05
N VAL B 75 -18.71 -35.92 23.83
CA VAL B 75 -19.68 -35.82 24.92
C VAL B 75 -20.64 -37.01 24.81
N ALA B 76 -20.52 -37.97 25.73
CA ALA B 76 -21.43 -39.11 25.74
C ALA B 76 -22.60 -38.83 26.66
N MET B 77 -23.81 -39.16 26.19
CA MET B 77 -25.01 -38.90 26.98
C MET B 77 -26.00 -40.05 26.84
N VAL B 78 -26.76 -40.28 27.90
CA VAL B 78 -27.95 -41.11 27.82
C VAL B 78 -29.15 -40.26 28.14
N TRP B 79 -30.14 -40.27 27.24
CA TRP B 79 -31.39 -39.57 27.44
C TRP B 79 -32.49 -40.61 27.60
N GLU B 80 -33.46 -40.30 28.45
CA GLU B 80 -34.52 -41.24 28.78
C GLU B 80 -35.88 -40.59 28.60
N GLY B 81 -36.82 -41.37 28.07
CA GLY B 81 -38.17 -40.92 27.87
C GLY B 81 -38.90 -41.88 26.97
N ARG B 82 -40.20 -41.65 26.79
CA ARG B 82 -40.98 -42.51 25.91
C ARG B 82 -40.58 -42.28 24.46
N GLU B 83 -40.38 -43.38 23.74
CA GLU B 83 -39.98 -43.36 22.33
C GLU B 83 -38.75 -42.48 22.13
N VAL B 84 -37.85 -42.44 23.11
CA VAL B 84 -36.77 -41.47 23.05
C VAL B 84 -35.76 -41.82 21.97
N VAL B 85 -35.58 -43.11 21.63
CA VAL B 85 -34.58 -43.45 20.61
C VAL B 85 -35.09 -43.12 19.20
N LYS B 86 -36.37 -43.35 18.92
CA LYS B 86 -36.88 -42.89 17.64
C LYS B 86 -36.94 -41.37 17.61
N THR B 87 -37.40 -40.76 18.71
CA THR B 87 -37.55 -39.31 18.73
C THR B 87 -36.19 -38.61 18.70
N GLY B 88 -35.18 -39.21 19.35
CA GLY B 88 -33.84 -38.65 19.28
C GLY B 88 -33.32 -38.59 17.85
N ARG B 89 -33.49 -39.69 17.10
CA ARG B 89 -33.09 -39.70 15.69
C ARG B 89 -33.77 -38.58 14.91
N THR B 90 -35.01 -38.24 15.26
CA THR B 90 -35.72 -37.15 14.60
C THR B 90 -35.16 -35.79 15.02
N ILE B 91 -34.83 -35.62 16.30
CA ILE B 91 -34.23 -34.37 16.76
C ILE B 91 -32.88 -34.16 16.08
N LEU B 92 -32.10 -35.23 15.93
CA LEU B 92 -30.78 -35.13 15.33
C LEU B 92 -30.87 -34.87 13.83
N GLY B 93 -31.89 -35.41 13.17
CA GLY B 93 -32.05 -35.25 11.75
C GLY B 93 -31.30 -36.31 10.97
N ALA B 94 -31.53 -36.31 9.65
CA ALA B 94 -30.98 -37.33 8.77
C ALA B 94 -29.46 -37.40 8.93
N THR B 95 -28.93 -38.62 8.76
CA THR B 95 -27.49 -38.82 8.96
C THR B 95 -26.69 -37.84 8.13
N ASN B 96 -27.13 -37.60 6.90
CA ASN B 96 -26.49 -36.61 6.06
C ASN B 96 -27.12 -35.25 6.36
N PRO B 97 -26.33 -34.26 6.78
CA PRO B 97 -26.92 -32.96 7.15
C PRO B 97 -27.60 -32.25 6.00
N LEU B 98 -27.18 -32.50 4.76
CA LEU B 98 -27.82 -31.82 3.63
C LEU B 98 -29.16 -32.44 3.27
N ALA B 99 -29.51 -33.58 3.88
CA ALA B 99 -30.84 -34.17 3.77
C ALA B 99 -31.69 -33.91 5.00
N SER B 100 -31.26 -33.00 5.88
CA SER B 100 -31.90 -32.78 7.16
C SER B 100 -32.70 -31.49 7.14
N ALA B 101 -33.78 -31.49 7.86
CA ALA B 101 -34.63 -30.32 7.89
C ALA B 101 -34.11 -29.30 8.90
N PRO B 102 -34.26 -28.01 8.60
CA PRO B 102 -34.01 -26.99 9.61
C PRO B 102 -34.86 -27.27 10.84
N GLY B 103 -34.30 -26.96 12.01
CA GLY B 103 -34.95 -27.22 13.27
C GLY B 103 -34.50 -28.49 13.94
N THR B 104 -33.89 -29.40 13.19
CA THR B 104 -33.11 -30.48 13.76
C THR B 104 -31.67 -30.01 14.00
N ILE B 105 -30.93 -30.76 14.82
CA ILE B 105 -29.57 -30.41 15.17
C ILE B 105 -28.68 -30.35 13.94
N ARG B 106 -28.71 -31.40 13.11
CA ARG B 106 -27.87 -31.39 11.93
C ARG B 106 -28.40 -30.43 10.88
N GLY B 107 -29.72 -30.22 10.85
CA GLY B 107 -30.30 -29.21 9.98
C GLY B 107 -29.92 -27.79 10.35
N ASP B 108 -29.61 -27.52 11.62
CA ASP B 108 -29.25 -26.16 12.01
C ASP B 108 -27.74 -25.94 12.08
N PHE B 109 -26.94 -26.99 12.09
CA PHE B 109 -25.57 -26.85 12.55
C PHE B 109 -24.51 -27.52 11.68
N ALA B 110 -24.86 -28.48 10.82
CA ALA B 110 -23.89 -29.32 10.14
C ALA B 110 -24.10 -29.27 8.63
N ILE B 111 -23.06 -29.63 7.89
CA ILE B 111 -23.09 -29.64 6.43
C ILE B 111 -22.66 -31.00 5.88
N ASP B 112 -21.52 -31.53 6.34
CA ASP B 112 -20.92 -32.75 5.82
C ASP B 112 -21.27 -33.95 6.68
N VAL B 113 -21.57 -35.08 6.03
CA VAL B 113 -21.90 -36.30 6.78
C VAL B 113 -20.73 -36.70 7.68
N GLY B 114 -19.48 -36.47 7.24
CA GLY B 114 -18.32 -36.73 8.07
C GLY B 114 -18.07 -35.70 9.16
N ARG B 115 -18.85 -34.62 9.19
CA ARG B 115 -18.85 -33.68 10.29
C ARG B 115 -20.28 -33.40 10.72
N ASN B 116 -21.02 -34.48 11.03
CA ASN B 116 -22.43 -34.37 11.36
C ASN B 116 -22.70 -34.22 12.87
N VAL B 117 -21.73 -33.70 13.63
CA VAL B 117 -21.77 -33.16 14.98
C VAL B 117 -22.29 -34.09 16.08
N CYS B 118 -23.16 -35.04 15.76
CA CYS B 118 -23.79 -35.91 16.74
C CYS B 118 -23.78 -37.36 16.28
N HIS B 119 -23.69 -38.28 17.22
CA HIS B 119 -24.04 -39.68 16.98
C HIS B 119 -25.27 -40.03 17.83
N GLY B 120 -26.20 -40.77 17.23
CA GLY B 120 -27.37 -41.29 17.94
C GLY B 120 -27.68 -42.74 17.59
N SER B 121 -28.11 -43.54 18.58
CA SER B 121 -28.39 -44.96 18.34
C SER B 121 -29.49 -45.14 17.30
N ASP B 122 -29.36 -46.18 16.47
CA ASP B 122 -30.34 -46.40 15.41
C ASP B 122 -31.44 -47.38 15.79
N SER B 123 -31.41 -47.94 17.00
CA SER B 123 -32.48 -48.82 17.46
C SER B 123 -32.42 -48.92 18.98
N VAL B 124 -33.49 -49.46 19.56
CA VAL B 124 -33.51 -49.69 21.00
C VAL B 124 -32.42 -50.67 21.40
N GLU B 125 -32.35 -51.81 20.70
CA GLU B 125 -31.34 -52.82 21.01
C GLU B 125 -29.95 -52.23 20.92
N ASN B 126 -29.67 -51.49 19.84
CA ASN B 126 -28.34 -50.91 19.70
C ASN B 126 -28.08 -49.83 20.74
N ALA B 127 -29.10 -49.06 21.12
CA ALA B 127 -28.93 -48.11 22.21
C ALA B 127 -28.49 -48.83 23.49
N LYS B 128 -29.11 -49.96 23.80
CA LYS B 128 -28.72 -50.70 24.99
C LYS B 128 -27.26 -51.13 24.90
N LYS B 129 -26.84 -51.62 23.72
CA LYS B 129 -25.44 -52.03 23.55
C LYS B 129 -24.49 -50.85 23.68
N GLU B 130 -24.85 -49.69 23.13
CA GLU B 130 -23.96 -48.53 23.21
C GLU B 130 -23.94 -47.94 24.60
N ILE B 131 -25.06 -47.97 25.31
CA ILE B 131 -25.04 -47.47 26.69
C ILE B 131 -24.15 -48.37 27.55
N ALA B 132 -24.30 -49.68 27.40
CA ALA B 132 -23.42 -50.61 28.10
C ALA B 132 -21.96 -50.38 27.73
N LEU B 133 -21.67 -49.98 26.48
CA LEU B 133 -20.28 -49.84 26.07
C LEU B 133 -19.64 -48.58 26.65
N TRP B 134 -20.37 -47.47 26.71
CA TRP B 134 -19.78 -46.18 27.09
C TRP B 134 -19.91 -45.87 28.57
N PHE B 135 -20.80 -46.53 29.29
CA PHE B 135 -21.11 -46.13 30.65
C PHE B 135 -21.07 -47.36 31.54
N LYS B 136 -20.40 -47.25 32.68
CA LYS B 136 -20.61 -48.18 33.77
C LYS B 136 -22.01 -47.95 34.34
N PRO B 137 -22.65 -49.00 34.87
CA PRO B 137 -24.02 -48.81 35.38
C PRO B 137 -24.13 -47.77 36.48
N GLU B 138 -23.05 -47.50 37.22
CA GLU B 138 -23.09 -46.47 38.25
C GLU B 138 -23.06 -45.06 37.68
N GLU B 139 -22.80 -44.91 36.38
CA GLU B 139 -22.83 -43.60 35.76
C GLU B 139 -24.23 -43.22 35.30
N LEU B 140 -25.10 -44.21 35.08
CA LEU B 140 -26.51 -43.96 34.87
C LEU B 140 -27.14 -43.45 36.16
N GLN B 141 -27.89 -42.37 36.06
CA GLN B 141 -28.52 -41.74 37.20
C GLN B 141 -29.99 -42.14 37.25
N LYS B 142 -30.46 -42.54 38.43
CA LYS B 142 -31.87 -42.89 38.63
C LYS B 142 -32.53 -41.80 39.46
N TYR B 143 -33.37 -41.01 38.82
CA TYR B 143 -34.16 -40.00 39.50
C TYR B 143 -35.44 -39.81 38.71
N LYS B 144 -36.45 -39.24 39.37
CA LYS B 144 -37.71 -38.93 38.71
C LYS B 144 -37.68 -37.48 38.29
N HIS B 145 -38.00 -37.24 37.02
CA HIS B 145 -38.04 -35.87 36.53
C HIS B 145 -39.11 -35.06 37.26
N SER B 146 -38.72 -33.86 37.69
CA SER B 146 -39.58 -32.97 38.46
C SER B 146 -40.91 -32.67 37.78
N GLN B 147 -40.98 -32.78 36.46
CA GLN B 147 -42.19 -32.46 35.70
C GLN B 147 -42.76 -33.70 35.02
N PHE B 148 -42.51 -34.89 35.58
CA PHE B 148 -42.90 -36.12 34.89
C PHE B 148 -44.38 -36.12 34.51
N ASP B 149 -45.26 -35.80 35.46
CA ASP B 149 -46.69 -35.90 35.20
C ASP B 149 -47.22 -34.76 34.34
N TRP B 150 -46.45 -33.69 34.18
CA TRP B 150 -46.76 -32.66 33.19
C TRP B 150 -46.23 -33.01 31.81
N ILE B 151 -45.22 -33.89 31.74
CA ILE B 151 -44.71 -34.36 30.46
C ILE B 151 -45.48 -35.58 29.94
N TYR B 152 -45.90 -36.50 30.83
CA TYR B 152 -46.44 -37.77 30.40
C TYR B 152 -47.83 -37.99 31.00
N GLU B 153 -48.73 -38.62 30.24
CA GLU B 153 -50.02 -38.96 30.80
C GLU B 153 -50.00 -40.27 31.59
N LYS B 154 -49.11 -41.20 31.26
CA LYS B 154 -49.09 -42.50 31.94
C LYS B 154 -47.68 -42.99 32.32
N SER C 4 -56.92 -11.77 5.16
CA SER C 4 -56.23 -11.19 6.32
C SER C 4 -57.22 -11.28 7.45
N ASP C 5 -56.89 -10.72 8.62
CA ASP C 5 -57.81 -10.53 9.75
C ASP C 5 -58.75 -11.70 10.11
N GLU C 6 -58.70 -12.82 9.37
CA GLU C 6 -59.17 -14.11 9.88
C GLU C 6 -58.59 -14.36 11.28
N GLN C 7 -59.30 -15.11 12.11
CA GLN C 7 -58.86 -15.30 13.49
C GLN C 7 -58.78 -16.78 13.81
N THR C 8 -58.00 -17.12 14.84
CA THR C 8 -57.89 -18.51 15.28
C THR C 8 -57.83 -18.52 16.79
N PHE C 9 -58.11 -19.67 17.38
CA PHE C 9 -58.06 -19.83 18.82
C PHE C 9 -56.93 -20.78 19.17
N ILE C 10 -56.07 -20.33 20.07
CA ILE C 10 -54.92 -21.10 20.54
C ILE C 10 -54.95 -21.07 22.05
N ALA C 11 -54.74 -22.22 22.68
CA ALA C 11 -54.71 -22.26 24.12
C ALA C 11 -53.47 -22.97 24.58
N ILE C 12 -52.78 -22.41 25.56
CA ILE C 12 -51.68 -23.13 26.19
C ILE C 12 -52.28 -23.95 27.30
N LYS C 13 -52.18 -25.28 27.17
CA LYS C 13 -52.80 -26.19 28.11
C LYS C 13 -52.06 -26.16 29.45
N PRO C 14 -52.61 -26.76 30.50
CA PRO C 14 -51.97 -26.66 31.81
C PRO C 14 -50.53 -27.12 31.83
N ASP C 15 -50.19 -28.17 31.07
CA ASP C 15 -48.81 -28.62 31.02
C ASP C 15 -47.92 -27.55 30.41
N GLY C 16 -48.39 -26.87 29.37
CA GLY C 16 -47.59 -25.83 28.76
C GLY C 16 -47.35 -24.64 29.68
N VAL C 17 -48.37 -24.26 30.43
CA VAL C 17 -48.20 -23.19 31.43
C VAL C 17 -47.27 -23.65 32.54
N GLN C 18 -47.51 -24.86 33.06
CA GLN C 18 -46.74 -25.32 34.21
C GLN C 18 -45.29 -25.60 33.88
N ARG C 19 -44.96 -25.87 32.62
CA ARG C 19 -43.56 -26.08 32.26
C ARG C 19 -42.89 -24.80 31.79
N GLY C 20 -43.51 -23.65 31.99
CA GLY C 20 -42.92 -22.39 31.61
C GLY C 20 -42.82 -22.12 30.12
N LEU C 21 -43.79 -22.59 29.32
CA LEU C 21 -43.71 -22.42 27.87
C LEU C 21 -44.55 -21.26 27.35
N VAL C 22 -45.03 -20.36 28.21
CA VAL C 22 -45.94 -19.31 27.75
C VAL C 22 -45.20 -18.27 26.91
N GLY C 23 -44.06 -17.79 27.39
CA GLY C 23 -43.21 -16.92 26.59
C GLY C 23 -42.90 -17.46 25.20
N PRO C 24 -42.26 -18.63 25.15
CA PRO C 24 -41.89 -19.20 23.83
C PRO C 24 -43.05 -19.44 22.88
N ILE C 25 -44.18 -19.98 23.35
CA ILE C 25 -45.32 -20.19 22.46
C ILE C 25 -45.81 -18.86 21.89
N ILE C 26 -45.91 -17.83 22.73
CA ILE C 26 -46.36 -16.55 22.23
C ILE C 26 -45.38 -16.00 21.21
N SER C 27 -44.07 -16.18 21.46
CA SER C 27 -43.07 -15.66 20.54
C SER C 27 -43.21 -16.28 19.16
N ARG C 28 -43.57 -17.58 19.07
CA ARG C 28 -43.67 -18.19 17.75
C ARG C 28 -44.75 -17.52 16.90
N PHE C 29 -45.90 -17.22 17.49
CA PHE C 29 -46.92 -16.49 16.74
C PHE C 29 -46.51 -15.05 16.51
N GLU C 30 -46.03 -14.37 17.55
CA GLU C 30 -45.55 -13.00 17.39
C GLU C 30 -44.52 -12.90 16.25
N ASN C 31 -43.49 -13.76 16.27
CA ASN C 31 -42.40 -13.64 15.30
C ASN C 31 -42.89 -13.87 13.87
N ARG C 32 -43.93 -14.68 13.72
CA ARG C 32 -44.44 -15.03 12.41
C ARG C 32 -45.15 -13.85 11.74
N GLY C 33 -45.52 -12.83 12.52
CA GLY C 33 -46.27 -11.69 12.03
C GLY C 33 -47.75 -11.67 12.43
N PHE C 34 -48.27 -12.71 13.09
CA PHE C 34 -49.68 -12.70 13.44
C PHE C 34 -49.95 -11.74 14.60
N LYS C 35 -51.18 -11.24 14.68
CA LYS C 35 -51.51 -10.19 15.63
C LYS C 35 -52.27 -10.77 16.83
N LEU C 36 -51.85 -10.39 18.02
CA LEU C 36 -52.44 -10.92 19.23
C LEU C 36 -53.75 -10.17 19.48
N ALA C 37 -54.88 -10.82 19.15
CA ALA C 37 -56.17 -10.14 19.28
C ALA C 37 -56.69 -10.19 20.71
N ALA C 38 -56.56 -11.34 21.38
CA ALA C 38 -57.03 -11.52 22.76
C ALA C 38 -56.08 -12.44 23.51
N LEU C 39 -56.00 -12.26 24.84
CA LEU C 39 -55.07 -13.03 25.66
C LEU C 39 -55.51 -12.98 27.12
N LYS C 40 -55.53 -14.15 27.77
CA LYS C 40 -55.80 -14.22 29.21
C LYS C 40 -55.37 -15.58 29.76
N LEU C 41 -54.95 -15.56 31.02
CA LEU C 41 -54.77 -16.75 31.84
C LEU C 41 -56.05 -16.98 32.64
N CYS C 42 -56.69 -18.13 32.46
CA CYS C 42 -57.97 -18.38 33.10
C CYS C 42 -58.06 -19.84 33.52
N SER C 43 -59.11 -20.15 34.29
CA SER C 43 -59.42 -21.51 34.74
C SER C 43 -60.87 -21.79 34.40
N PRO C 44 -61.16 -22.32 33.23
CA PRO C 44 -62.55 -22.56 32.82
C PRO C 44 -63.21 -23.64 33.67
N SER C 45 -64.54 -23.55 33.73
CA SER C 45 -65.35 -24.52 34.46
C SER C 45 -65.31 -25.88 33.77
N LYS C 46 -65.73 -26.91 34.50
CA LYS C 46 -65.96 -28.21 33.87
C LYS C 46 -66.92 -28.07 32.70
N GLU C 47 -68.01 -27.31 32.88
CA GLU C 47 -68.99 -27.14 31.82
C GLU C 47 -68.39 -26.42 30.61
N HIS C 48 -67.63 -25.36 30.85
CA HIS C 48 -66.93 -24.67 29.76
C HIS C 48 -66.05 -25.65 28.97
N LEU C 49 -65.26 -26.47 29.67
CA LEU C 49 -64.33 -27.39 29.00
C LEU C 49 -65.06 -28.51 28.27
N GLU C 50 -66.17 -28.99 28.84
CA GLU C 50 -66.98 -30.00 28.18
C GLU C 50 -67.61 -29.44 26.89
N GLN C 51 -68.04 -28.17 26.92
CA GLN C 51 -68.56 -27.57 25.71
C GLN C 51 -67.45 -27.35 24.68
N HIS C 52 -66.29 -26.87 25.12
CA HIS C 52 -65.15 -26.73 24.20
C HIS C 52 -64.90 -28.04 23.46
N TYR C 53 -64.88 -29.17 24.18
CA TYR C 53 -64.64 -30.47 23.59
C TYR C 53 -65.92 -31.22 23.25
N ALA C 54 -67.02 -30.50 22.99
CA ALA C 54 -68.33 -31.14 22.80
C ALA C 54 -68.27 -32.27 21.77
N ASP C 55 -67.65 -32.02 20.62
CA ASP C 55 -67.67 -33.00 19.54
C ASP C 55 -66.94 -34.28 19.89
N LEU C 56 -66.47 -34.39 21.14
CA LEU C 56 -65.78 -35.59 21.62
C LEU C 56 -66.42 -36.15 22.89
N SER C 57 -67.69 -35.81 23.16
CA SER C 57 -68.42 -36.46 24.24
C SER C 57 -68.49 -37.96 24.02
N SER C 58 -68.54 -38.38 22.75
CA SER C 58 -68.71 -39.80 22.40
C SER C 58 -67.51 -40.64 22.82
N LYS C 59 -66.32 -40.07 22.83
CA LYS C 59 -65.11 -40.87 22.90
C LYS C 59 -64.80 -41.23 24.35
N PRO C 60 -64.02 -42.30 24.56
CA PRO C 60 -63.78 -42.79 25.94
C PRO C 60 -62.72 -42.02 26.71
N PHE C 61 -61.94 -41.17 26.06
CA PHE C 61 -60.98 -40.36 26.79
C PHE C 61 -61.56 -39.03 27.24
N PHE C 62 -62.79 -38.71 26.81
CA PHE C 62 -63.38 -37.40 27.09
C PHE C 62 -63.32 -37.02 28.56
N PRO C 63 -63.80 -37.82 29.51
CA PRO C 63 -63.78 -37.37 30.91
C PRO C 63 -62.38 -37.16 31.46
N GLY C 64 -61.41 -37.97 31.01
CA GLY C 64 -60.03 -37.74 31.45
C GLY C 64 -59.45 -36.49 30.83
N LEU C 65 -59.72 -36.26 29.55
CA LEU C 65 -59.37 -35.00 28.91
C LEU C 65 -59.86 -33.81 29.74
N VAL C 66 -61.15 -33.81 30.07
CA VAL C 66 -61.75 -32.66 30.77
C VAL C 66 -61.05 -32.40 32.09
N SER C 67 -60.80 -33.46 32.88
CA SER C 67 -60.24 -33.26 34.21
C SER C 67 -58.79 -32.79 34.14
N TYR C 68 -58.02 -33.30 33.16
CA TYR C 68 -56.65 -32.80 33.02
C TYR C 68 -56.66 -31.35 32.59
N MET C 69 -57.60 -30.97 31.72
CA MET C 69 -57.71 -29.56 31.38
C MET C 69 -58.14 -28.69 32.55
N LEU C 70 -58.60 -29.30 33.65
CA LEU C 70 -58.90 -28.60 34.90
C LEU C 70 -57.72 -28.56 35.85
N SER C 71 -56.68 -29.35 35.59
CA SER C 71 -55.63 -29.53 36.58
C SER C 71 -54.77 -28.29 36.81
N GLY C 72 -54.90 -27.23 36.01
CA GLY C 72 -54.16 -26.00 36.24
C GLY C 72 -54.51 -24.94 35.23
N PRO C 73 -54.16 -23.69 35.52
CA PRO C 73 -54.61 -22.57 34.69
C PRO C 73 -54.20 -22.71 33.23
N ILE C 74 -54.93 -21.98 32.38
CA ILE C 74 -54.82 -22.09 30.93
C ILE C 74 -54.66 -20.70 30.36
N VAL C 75 -53.80 -20.57 29.35
CA VAL C 75 -53.61 -19.30 28.67
C VAL C 75 -54.37 -19.42 27.35
N ALA C 76 -55.43 -18.64 27.21
CA ALA C 76 -56.24 -18.65 26.00
C ALA C 76 -55.90 -17.43 25.16
N MET C 77 -55.84 -17.62 23.83
CA MET C 77 -55.41 -16.53 22.97
C MET C 77 -56.21 -16.54 21.67
N VAL C 78 -56.30 -15.37 21.06
CA VAL C 78 -56.77 -15.22 19.69
C VAL C 78 -55.68 -14.57 18.86
N TRP C 79 -55.31 -15.20 17.76
CA TRP C 79 -54.29 -14.67 16.86
C TRP C 79 -54.95 -14.31 15.53
N GLU C 80 -54.58 -13.15 14.97
CA GLU C 80 -55.23 -12.62 13.79
C GLU C 80 -54.25 -12.47 12.64
N GLY C 81 -54.62 -13.00 11.48
CA GLY C 81 -53.82 -12.81 10.28
C GLY C 81 -54.29 -13.74 9.18
N ARG C 82 -53.76 -13.48 7.98
CA ARG C 82 -54.11 -14.28 6.80
C ARG C 82 -53.84 -15.76 7.01
N GLU C 83 -54.91 -16.57 6.93
CA GLU C 83 -54.78 -18.03 7.05
C GLU C 83 -54.14 -18.43 8.38
N VAL C 84 -54.34 -17.61 9.41
CA VAL C 84 -53.80 -17.90 10.72
C VAL C 84 -54.32 -19.22 11.26
N VAL C 85 -55.54 -19.63 10.88
CA VAL C 85 -56.06 -20.89 11.41
C VAL C 85 -55.21 -22.06 10.93
N LYS C 86 -55.03 -22.15 9.62
CA LYS C 86 -54.22 -23.23 9.05
C LYS C 86 -52.77 -23.09 9.50
N THR C 87 -52.21 -21.88 9.39
CA THR C 87 -50.80 -21.69 9.75
C THR C 87 -50.60 -21.91 11.25
N GLY C 88 -51.57 -21.49 12.06
CA GLY C 88 -51.54 -21.82 13.48
C GLY C 88 -51.46 -23.31 13.72
N ARG C 89 -52.06 -24.10 12.84
CA ARG C 89 -51.94 -25.55 13.00
C ARG C 89 -50.56 -26.06 12.60
N THR C 90 -49.96 -25.50 11.54
CA THR C 90 -48.61 -25.95 11.17
C THR C 90 -47.59 -25.61 12.25
N ILE C 91 -47.76 -24.45 12.88
CA ILE C 91 -46.85 -24.02 13.94
C ILE C 91 -46.93 -24.94 15.15
N LEU C 92 -48.14 -25.39 15.50
CA LEU C 92 -48.30 -26.26 16.66
C LEU C 92 -47.73 -27.64 16.37
N GLY C 93 -47.92 -28.11 15.14
CA GLY C 93 -47.51 -29.45 14.75
C GLY C 93 -48.65 -30.44 14.86
N ALA C 94 -48.35 -31.68 14.48
CA ALA C 94 -49.32 -32.75 14.63
C ALA C 94 -49.75 -32.88 16.08
N THR C 95 -51.04 -33.20 16.30
CA THR C 95 -51.55 -33.27 17.66
C THR C 95 -50.76 -34.29 18.49
N ASN C 96 -50.34 -35.38 17.87
CA ASN C 96 -49.43 -36.32 18.50
C ASN C 96 -48.01 -35.81 18.35
N PRO C 97 -47.35 -35.40 19.43
CA PRO C 97 -46.02 -34.76 19.29
C PRO C 97 -45.00 -35.63 18.58
N LEU C 98 -45.05 -36.95 18.74
CA LEU C 98 -44.08 -37.81 18.08
C LEU C 98 -44.24 -37.81 16.57
N ALA C 99 -45.36 -37.30 16.07
CA ALA C 99 -45.53 -37.07 14.64
C ALA C 99 -45.18 -35.64 14.25
N SER C 100 -44.91 -34.78 15.21
CA SER C 100 -44.54 -33.39 14.95
C SER C 100 -43.07 -33.27 14.53
N ALA C 101 -42.82 -32.35 13.62
CA ALA C 101 -41.44 -32.09 13.22
C ALA C 101 -40.80 -31.07 14.16
N PRO C 102 -39.52 -31.28 14.49
CA PRO C 102 -38.73 -30.20 15.08
C PRO C 102 -38.94 -28.90 14.32
N GLY C 103 -38.92 -27.78 15.05
CA GLY C 103 -39.35 -26.50 14.54
C GLY C 103 -40.77 -26.13 14.93
N THR C 104 -41.63 -27.12 15.14
CA THR C 104 -43.00 -26.89 15.61
C THR C 104 -43.03 -26.90 17.14
N ILE C 105 -44.13 -26.40 17.70
CA ILE C 105 -44.21 -26.26 19.16
C ILE C 105 -44.23 -27.65 19.81
N ARG C 106 -45.07 -28.54 19.28
CA ARG C 106 -45.11 -29.89 19.84
C ARG C 106 -43.85 -30.67 19.53
N GLY C 107 -43.24 -30.43 18.36
CA GLY C 107 -42.00 -31.08 17.99
C GLY C 107 -40.80 -30.54 18.72
N ASP C 108 -40.94 -29.39 19.36
CA ASP C 108 -39.89 -28.81 20.15
C ASP C 108 -40.03 -29.09 21.64
N PHE C 109 -41.27 -29.22 22.12
CA PHE C 109 -41.51 -29.15 23.53
C PHE C 109 -42.22 -30.34 24.15
N ALA C 110 -42.75 -31.28 23.35
CA ALA C 110 -43.75 -32.21 23.87
C ALA C 110 -43.54 -33.62 23.38
N ILE C 111 -44.11 -34.58 24.11
CA ILE C 111 -43.93 -36.00 23.85
C ILE C 111 -45.28 -36.72 23.74
N ASP C 112 -46.03 -36.77 24.84
CA ASP C 112 -47.32 -37.47 24.83
C ASP C 112 -48.42 -36.63 24.22
N VAL C 113 -49.29 -37.26 23.44
CA VAL C 113 -50.45 -36.54 22.88
C VAL C 113 -51.37 -36.04 23.99
N GLY C 114 -51.37 -36.70 25.15
CA GLY C 114 -52.19 -36.25 26.27
C GLY C 114 -51.56 -35.11 27.04
N ARG C 115 -50.34 -34.74 26.66
CA ARG C 115 -49.60 -33.63 27.22
C ARG C 115 -48.96 -32.86 26.06
N ASN C 116 -49.79 -32.35 25.14
CA ASN C 116 -49.29 -31.76 23.91
C ASN C 116 -49.31 -30.25 23.96
N VAL C 117 -49.19 -29.71 25.18
CA VAL C 117 -48.93 -28.32 25.58
C VAL C 117 -49.85 -27.28 24.95
N CYS C 118 -50.46 -27.57 23.81
CA CYS C 118 -51.28 -26.55 23.15
C CYS C 118 -52.53 -27.11 22.50
N HIS C 119 -53.62 -26.37 22.55
CA HIS C 119 -54.79 -26.61 21.70
C HIS C 119 -54.89 -25.56 20.59
N GLY C 120 -55.16 -26.01 19.38
CA GLY C 120 -55.49 -25.12 18.27
C GLY C 120 -56.72 -25.53 17.54
N SER C 121 -57.58 -24.55 17.21
CA SER C 121 -58.76 -24.78 16.38
C SER C 121 -58.43 -25.57 15.12
N ASP C 122 -59.31 -26.49 14.76
CA ASP C 122 -59.10 -27.34 13.59
C ASP C 122 -59.67 -26.75 12.30
N SER C 123 -60.15 -25.51 12.33
CA SER C 123 -61.04 -25.01 11.30
C SER C 123 -61.33 -23.53 11.56
N VAL C 124 -61.53 -22.78 10.46
CA VAL C 124 -62.00 -21.40 10.56
C VAL C 124 -63.35 -21.33 11.27
N GLU C 125 -64.28 -22.23 10.91
CA GLU C 125 -65.59 -22.23 11.55
C GLU C 125 -65.46 -22.53 13.04
N ASN C 126 -64.75 -23.61 13.38
CA ASN C 126 -64.62 -23.97 14.79
C ASN C 126 -63.84 -22.91 15.57
N ALA C 127 -62.92 -22.20 14.90
CA ALA C 127 -62.25 -21.07 15.54
C ALA C 127 -63.24 -19.98 15.93
N LYS C 128 -64.20 -19.70 15.05
CA LYS C 128 -65.24 -18.73 15.39
C LYS C 128 -65.98 -19.16 16.65
N LYS C 129 -66.40 -20.42 16.71
CA LYS C 129 -67.07 -20.94 17.90
C LYS C 129 -66.19 -20.79 19.14
N GLU C 130 -64.98 -21.37 19.09
CA GLU C 130 -64.12 -21.38 20.27
C GLU C 130 -63.80 -19.96 20.74
N ILE C 131 -63.64 -19.02 19.82
CA ILE C 131 -63.32 -17.66 20.22
C ILE C 131 -64.50 -17.05 20.99
N ALA C 132 -65.72 -17.24 20.47
CA ALA C 132 -66.92 -16.76 21.16
C ALA C 132 -67.14 -17.50 22.48
N LEU C 133 -66.75 -18.77 22.54
CA LEU C 133 -66.89 -19.52 23.78
C LEU C 133 -65.99 -18.97 24.88
N TRP C 134 -64.75 -18.65 24.55
CA TRP C 134 -63.75 -18.33 25.56
C TRP C 134 -63.66 -16.83 25.88
N PHE C 135 -64.08 -15.96 24.98
CA PHE C 135 -63.91 -14.53 25.19
C PHE C 135 -65.22 -13.76 25.01
N LYS C 136 -65.39 -12.73 25.82
CA LYS C 136 -66.46 -11.79 25.59
C LYS C 136 -66.05 -10.82 24.50
N PRO C 137 -67.03 -10.15 23.87
CA PRO C 137 -66.66 -9.14 22.84
C PRO C 137 -65.71 -8.07 23.36
N GLU C 138 -65.86 -7.65 24.62
CA GLU C 138 -65.02 -6.60 25.19
C GLU C 138 -63.55 -7.03 25.27
N GLU C 139 -63.29 -8.35 25.29
CA GLU C 139 -61.92 -8.86 25.42
C GLU C 139 -61.20 -8.94 24.07
N LEU C 140 -61.94 -9.06 22.97
CA LEU C 140 -61.36 -9.03 21.63
C LEU C 140 -60.89 -7.62 21.28
N GLN C 141 -59.59 -7.43 21.12
CA GLN C 141 -59.04 -6.12 20.81
C GLN C 141 -59.02 -5.90 19.31
N LYS C 142 -59.38 -4.70 18.88
CA LYS C 142 -59.33 -4.32 17.47
C LYS C 142 -58.36 -3.16 17.35
N TYR C 143 -57.26 -3.39 16.63
CA TYR C 143 -56.20 -2.41 16.44
C TYR C 143 -55.39 -2.82 15.22
N LYS C 144 -54.75 -1.85 14.58
CA LYS C 144 -53.96 -2.14 13.40
C LYS C 144 -52.54 -2.50 13.85
N HIS C 145 -52.08 -3.69 13.44
CA HIS C 145 -50.70 -4.09 13.66
C HIS C 145 -49.74 -3.04 13.15
N SER C 146 -48.79 -2.63 13.99
CA SER C 146 -47.85 -1.57 13.63
C SER C 146 -47.01 -1.88 12.39
N GLN C 147 -46.90 -3.15 12.00
CA GLN C 147 -46.07 -3.58 10.88
C GLN C 147 -46.89 -4.16 9.75
N PHE C 148 -48.20 -3.90 9.75
CA PHE C 148 -49.12 -4.54 8.82
C PHE C 148 -48.60 -4.50 7.38
N ASP C 149 -48.18 -3.30 6.92
CA ASP C 149 -47.85 -3.16 5.49
C ASP C 149 -46.56 -3.88 5.12
N TRP C 150 -45.72 -4.19 6.10
CA TRP C 150 -44.53 -5.00 5.89
C TRP C 150 -44.80 -6.49 5.97
N ILE C 151 -45.95 -6.88 6.51
CA ILE C 151 -46.25 -8.28 6.71
C ILE C 151 -47.10 -8.77 5.54
N TYR C 152 -47.96 -7.89 5.03
CA TYR C 152 -48.88 -8.24 3.96
C TYR C 152 -48.67 -7.37 2.74
N GLU C 153 -48.92 -7.94 1.56
CA GLU C 153 -48.83 -7.21 0.28
C GLU C 153 -49.82 -6.05 0.18
N MET D 3 -41.44 -13.70 51.92
CA MET D 3 -42.48 -14.70 51.66
C MET D 3 -42.83 -14.86 50.17
N SER D 4 -43.10 -16.11 49.79
CA SER D 4 -43.12 -16.55 48.40
C SER D 4 -44.41 -16.23 47.66
N ASP D 5 -45.47 -15.81 48.34
CA ASP D 5 -46.69 -15.43 47.65
C ASP D 5 -46.83 -13.93 47.44
N GLU D 6 -45.74 -13.16 47.63
CA GLU D 6 -45.73 -11.73 47.30
C GLU D 6 -46.12 -11.54 45.83
N GLN D 7 -46.66 -10.36 45.50
CA GLN D 7 -47.13 -10.12 44.14
C GLN D 7 -46.71 -8.75 43.66
N THR D 8 -46.49 -8.65 42.35
CA THR D 8 -46.24 -7.36 41.72
C THR D 8 -47.09 -7.25 40.46
N PHE D 9 -47.40 -6.01 40.11
CA PHE D 9 -48.10 -5.71 38.87
C PHE D 9 -47.08 -5.32 37.82
N ILE D 10 -47.10 -6.03 36.69
CA ILE D 10 -46.31 -5.69 35.52
C ILE D 10 -47.26 -5.54 34.34
N ALA D 11 -47.11 -4.46 33.59
CA ALA D 11 -47.88 -4.21 32.39
C ALA D 11 -46.95 -3.96 31.23
N ILE D 12 -47.21 -4.61 30.11
CA ILE D 12 -46.51 -4.29 28.86
C ILE D 12 -47.26 -3.14 28.19
N LYS D 13 -46.57 -2.01 28.05
CA LYS D 13 -47.12 -0.79 27.47
C LYS D 13 -47.37 -0.95 25.96
N PRO D 14 -48.15 -0.05 25.35
CA PRO D 14 -48.50 -0.25 23.93
C PRO D 14 -47.29 -0.39 23.00
N ASP D 15 -46.20 0.35 23.23
CA ASP D 15 -45.02 0.13 22.39
C ASP D 15 -44.50 -1.30 22.55
N GLY D 16 -44.45 -1.79 23.79
CA GLY D 16 -44.06 -3.18 24.02
C GLY D 16 -44.90 -4.15 23.21
N VAL D 17 -46.21 -4.01 23.27
CA VAL D 17 -47.06 -4.96 22.54
C VAL D 17 -46.84 -4.82 21.05
N GLN D 18 -46.70 -3.59 20.56
CA GLN D 18 -46.64 -3.36 19.13
C GLN D 18 -45.27 -3.71 18.53
N ARG D 19 -44.20 -3.67 19.32
CA ARG D 19 -42.91 -4.11 18.83
C ARG D 19 -42.70 -5.61 19.01
N GLY D 20 -43.75 -6.38 19.31
CA GLY D 20 -43.60 -7.82 19.38
C GLY D 20 -42.80 -8.33 20.56
N LEU D 21 -42.84 -7.64 21.70
CA LEU D 21 -42.08 -8.02 22.88
C LEU D 21 -42.89 -8.78 23.94
N VAL D 22 -44.12 -9.23 23.63
CA VAL D 22 -44.92 -9.90 24.65
C VAL D 22 -44.24 -11.20 25.11
N GLY D 23 -43.86 -12.05 24.15
CA GLY D 23 -43.19 -13.29 24.44
C GLY D 23 -41.89 -13.15 25.20
N PRO D 24 -40.93 -12.40 24.64
CA PRO D 24 -39.64 -12.20 25.35
C PRO D 24 -39.80 -11.64 26.75
N ILE D 25 -40.80 -10.78 26.98
CA ILE D 25 -40.99 -10.18 28.30
C ILE D 25 -41.52 -11.21 29.27
N ILE D 26 -42.56 -11.95 28.87
CA ILE D 26 -43.06 -12.99 29.75
C ILE D 26 -41.97 -14.01 30.05
N SER D 27 -41.13 -14.33 29.06
CA SER D 27 -40.03 -15.27 29.26
C SER D 27 -39.10 -14.82 30.38
N ARG D 28 -38.76 -13.53 30.44
CA ARG D 28 -37.83 -13.07 31.47
C ARG D 28 -38.30 -13.49 32.85
N PHE D 29 -39.60 -13.41 33.11
CA PHE D 29 -40.12 -13.69 34.44
C PHE D 29 -40.34 -15.17 34.65
N GLU D 30 -40.94 -15.84 33.67
CA GLU D 30 -40.99 -17.30 33.67
C GLU D 30 -39.61 -17.90 34.00
N ASN D 31 -38.58 -17.51 33.26
CA ASN D 31 -37.27 -18.17 33.43
C ASN D 31 -36.70 -17.96 34.82
N ARG D 32 -36.94 -16.78 35.41
CA ARG D 32 -36.43 -16.50 36.75
C ARG D 32 -37.07 -17.40 37.80
N GLY D 33 -38.24 -17.97 37.51
CA GLY D 33 -38.93 -18.81 38.44
C GLY D 33 -40.12 -18.16 39.10
N PHE D 34 -40.58 -17.03 38.58
CA PHE D 34 -41.77 -16.40 39.11
C PHE D 34 -43.00 -17.05 38.48
N LYS D 35 -44.10 -17.02 39.22
CA LYS D 35 -45.34 -17.64 38.78
C LYS D 35 -46.25 -16.60 38.15
N LEU D 36 -46.77 -16.89 36.97
CA LEU D 36 -47.74 -16.01 36.34
C LEU D 36 -49.08 -16.23 37.05
N ALA D 37 -49.55 -15.22 37.79
CA ALA D 37 -50.82 -15.36 38.52
C ALA D 37 -52.01 -14.76 37.77
N ALA D 38 -51.79 -13.78 36.92
CA ALA D 38 -52.85 -13.22 36.10
C ALA D 38 -52.24 -12.66 34.83
N LEU D 39 -53.03 -12.66 33.75
CA LEU D 39 -52.56 -12.24 32.45
C LEU D 39 -53.75 -11.81 31.61
N LYS D 40 -53.73 -10.59 31.08
CA LYS D 40 -54.77 -10.26 30.11
C LYS D 40 -54.34 -9.13 29.19
N LEU D 41 -54.70 -9.28 27.92
CA LEU D 41 -54.60 -8.21 26.94
C LEU D 41 -55.87 -7.38 27.03
N CYS D 42 -55.73 -6.09 27.34
CA CYS D 42 -56.86 -5.21 27.58
C CYS D 42 -56.56 -3.84 27.01
N SER D 43 -57.61 -3.05 26.81
CA SER D 43 -57.51 -1.65 26.35
C SER D 43 -58.27 -0.78 27.35
N PRO D 44 -57.60 -0.38 28.43
CA PRO D 44 -58.31 0.30 29.52
C PRO D 44 -58.95 1.60 29.06
N SER D 45 -59.94 2.02 29.85
CA SER D 45 -60.52 3.34 29.72
C SER D 45 -59.52 4.41 30.14
N LYS D 46 -59.80 5.64 29.71
CA LYS D 46 -58.99 6.77 30.15
C LYS D 46 -59.11 7.00 31.65
N GLU D 47 -60.34 6.90 32.20
CA GLU D 47 -60.51 7.10 33.64
C GLU D 47 -59.80 6.01 34.42
N HIS D 48 -59.85 4.77 33.90
CA HIS D 48 -59.06 3.70 34.49
C HIS D 48 -57.57 4.08 34.54
N LEU D 49 -57.02 4.49 33.39
CA LEU D 49 -55.60 4.81 33.35
C LEU D 49 -55.28 6.01 34.24
N GLU D 50 -56.23 6.92 34.39
CA GLU D 50 -56.03 8.09 35.22
C GLU D 50 -55.88 7.71 36.69
N GLN D 51 -56.71 6.79 37.17
CA GLN D 51 -56.57 6.34 38.56
C GLN D 51 -55.31 5.50 38.77
N HIS D 52 -54.85 4.80 37.71
CA HIS D 52 -53.59 4.07 37.80
C HIS D 52 -52.42 5.00 38.13
N TYR D 53 -52.36 6.16 37.46
CA TYR D 53 -51.32 7.17 37.68
C TYR D 53 -51.80 8.30 38.58
N ALA D 54 -52.74 8.03 39.48
CA ALA D 54 -53.44 9.10 40.20
C ALA D 54 -52.48 10.00 40.97
N ASP D 55 -51.33 9.49 41.41
CA ASP D 55 -50.38 10.31 42.13
C ASP D 55 -49.59 11.26 41.22
N LEU D 56 -49.73 11.12 39.91
CA LEU D 56 -49.15 12.06 38.95
C LEU D 56 -50.23 12.77 38.18
N SER D 57 -51.39 12.96 38.83
CA SER D 57 -52.53 13.64 38.20
C SER D 57 -52.19 15.09 37.90
N SER D 58 -51.60 15.79 38.87
CA SER D 58 -51.24 17.19 38.70
C SER D 58 -50.11 17.33 37.67
N LYS D 59 -48.97 16.67 37.92
CA LYS D 59 -47.70 16.82 37.20
C LYS D 59 -47.88 16.83 35.68
N PRO D 60 -46.95 17.45 34.93
CA PRO D 60 -47.21 17.72 33.51
C PRO D 60 -47.19 16.50 32.60
N PHE D 61 -46.58 15.37 33.03
CA PHE D 61 -46.53 14.18 32.18
C PHE D 61 -47.91 13.65 31.83
N PHE D 62 -48.90 13.93 32.69
CA PHE D 62 -50.14 13.17 32.79
C PHE D 62 -50.92 13.09 31.47
N PRO D 63 -51.44 14.19 30.92
CA PRO D 63 -52.34 14.03 29.75
C PRO D 63 -51.67 13.43 28.54
N GLY D 64 -50.34 13.53 28.43
CA GLY D 64 -49.59 12.87 27.37
C GLY D 64 -49.31 11.43 27.70
N LEU D 65 -48.86 11.17 28.95
CA LEU D 65 -48.69 9.80 29.40
C LEU D 65 -49.98 9.00 29.28
N VAL D 66 -51.11 9.61 29.65
CA VAL D 66 -52.40 8.91 29.58
C VAL D 66 -52.78 8.63 28.13
N SER D 67 -52.64 9.63 27.27
CA SER D 67 -53.07 9.46 25.89
C SER D 67 -52.20 8.43 25.17
N TYR D 68 -50.91 8.38 25.50
CA TYR D 68 -50.05 7.36 24.90
C TYR D 68 -50.42 5.97 25.40
N MET D 69 -50.73 5.85 26.70
CA MET D 69 -51.17 4.55 27.23
C MET D 69 -52.49 4.10 26.63
N LEU D 70 -53.17 4.96 25.86
CA LEU D 70 -54.40 4.60 25.17
C LEU D 70 -54.20 4.24 23.70
N SER D 71 -52.98 4.41 23.16
CA SER D 71 -52.77 4.27 21.72
C SER D 71 -52.86 2.83 21.24
N GLY D 72 -52.65 1.85 22.12
CA GLY D 72 -52.84 0.48 21.76
C GLY D 72 -53.04 -0.40 22.97
N PRO D 73 -53.39 -1.65 22.75
CA PRO D 73 -53.72 -2.53 23.87
C PRO D 73 -52.50 -2.84 24.75
N ILE D 74 -52.81 -3.22 25.99
CA ILE D 74 -51.83 -3.38 27.05
C ILE D 74 -51.92 -4.81 27.54
N VAL D 75 -50.79 -5.42 27.88
CA VAL D 75 -50.78 -6.72 28.54
C VAL D 75 -50.57 -6.50 30.03
N ALA D 76 -51.63 -6.68 30.79
CA ALA D 76 -51.53 -6.61 32.25
C ALA D 76 -51.18 -7.98 32.80
N MET D 77 -50.36 -8.00 33.86
CA MET D 77 -49.93 -9.25 34.46
C MET D 77 -49.75 -9.06 35.95
N VAL D 78 -49.87 -10.18 36.67
CA VAL D 78 -49.40 -10.29 38.04
C VAL D 78 -48.40 -11.44 38.13
N TRP D 79 -47.28 -11.20 38.78
CA TRP D 79 -46.22 -12.18 38.95
C TRP D 79 -46.02 -12.43 40.43
N GLU D 80 -45.77 -13.68 40.80
CA GLU D 80 -45.74 -14.04 42.22
C GLU D 80 -44.45 -14.77 42.56
N GLY D 81 -43.91 -14.43 43.72
CA GLY D 81 -42.63 -15.01 44.15
C GLY D 81 -42.06 -14.22 45.29
N ARG D 82 -41.00 -14.78 45.87
CA ARG D 82 -40.32 -14.10 46.96
C ARG D 82 -39.68 -12.82 46.43
N GLU D 83 -40.01 -11.68 47.05
CA GLU D 83 -39.45 -10.38 46.68
C GLU D 83 -39.69 -10.05 45.21
N VAL D 84 -40.85 -10.46 44.69
CA VAL D 84 -41.10 -10.32 43.26
C VAL D 84 -41.26 -8.86 42.84
N VAL D 85 -41.73 -7.99 43.74
CA VAL D 85 -41.90 -6.58 43.36
C VAL D 85 -40.54 -5.91 43.19
N LYS D 86 -39.59 -6.17 44.10
CA LYS D 86 -38.27 -5.58 43.98
C LYS D 86 -37.48 -6.24 42.86
N THR D 87 -37.62 -7.57 42.72
CA THR D 87 -36.91 -8.28 41.66
C THR D 87 -37.53 -7.97 40.30
N GLY D 88 -38.82 -7.65 40.27
CA GLY D 88 -39.42 -7.22 39.01
C GLY D 88 -38.87 -5.89 38.54
N ARG D 89 -38.69 -4.95 39.47
CA ARG D 89 -38.05 -3.68 39.13
C ARG D 89 -36.64 -3.90 38.60
N THR D 90 -35.89 -4.82 39.21
CA THR D 90 -34.55 -5.09 38.71
C THR D 90 -34.60 -5.68 37.31
N ILE D 91 -35.56 -6.57 37.04
CA ILE D 91 -35.69 -7.20 35.73
C ILE D 91 -36.05 -6.17 34.67
N LEU D 92 -36.89 -5.19 35.02
CA LEU D 92 -37.31 -4.20 34.04
C LEU D 92 -36.18 -3.22 33.69
N GLY D 93 -35.29 -2.94 34.65
CA GLY D 93 -34.28 -1.91 34.50
C GLY D 93 -34.80 -0.55 34.91
N ALA D 94 -33.91 0.43 34.88
CA ALA D 94 -34.25 1.79 35.27
C ALA D 94 -35.38 2.36 34.42
N THR D 95 -36.11 3.31 35.00
CA THR D 95 -37.20 3.96 34.26
C THR D 95 -36.68 4.60 32.96
N ASN D 96 -35.51 5.23 33.01
CA ASN D 96 -34.92 5.70 31.77
C ASN D 96 -34.16 4.55 31.11
N PRO D 97 -34.61 4.05 29.96
CA PRO D 97 -33.93 2.91 29.35
C PRO D 97 -32.47 3.17 29.11
N LEU D 98 -32.08 4.42 28.86
CA LEU D 98 -30.67 4.71 28.64
C LEU D 98 -29.86 4.63 29.92
N ALA D 99 -30.49 4.55 31.08
CA ALA D 99 -29.75 4.34 32.32
C ALA D 99 -29.73 2.88 32.76
N SER D 100 -30.50 2.01 32.11
CA SER D 100 -30.56 0.62 32.53
C SER D 100 -29.54 -0.23 31.78
N ALA D 101 -29.02 -1.24 32.48
CA ALA D 101 -27.97 -2.09 31.97
C ALA D 101 -28.54 -3.11 30.99
N PRO D 102 -27.75 -3.52 30.00
CA PRO D 102 -28.14 -4.67 29.18
C PRO D 102 -28.42 -5.88 30.05
N GLY D 103 -29.32 -6.73 29.58
CA GLY D 103 -29.78 -7.87 30.35
C GLY D 103 -31.09 -7.62 31.08
N THR D 104 -31.44 -6.37 31.34
CA THR D 104 -32.77 -5.97 31.78
C THR D 104 -33.67 -5.77 30.56
N ILE D 105 -34.98 -5.60 30.81
CA ILE D 105 -35.91 -5.47 29.70
C ILE D 105 -35.69 -4.14 28.96
N ARG D 106 -35.59 -3.05 29.71
CA ARG D 106 -35.46 -1.74 29.08
C ARG D 106 -34.08 -1.55 28.46
N GLY D 107 -33.04 -2.08 29.11
CA GLY D 107 -31.69 -2.04 28.57
C GLY D 107 -31.45 -2.97 27.41
N ASP D 108 -32.37 -3.89 27.13
CA ASP D 108 -32.29 -4.74 25.95
C ASP D 108 -33.17 -4.25 24.81
N PHE D 109 -34.29 -3.59 25.13
CA PHE D 109 -35.33 -3.36 24.14
C PHE D 109 -35.71 -1.90 23.93
N ALA D 110 -35.34 -0.98 24.83
CA ALA D 110 -35.89 0.37 24.78
C ALA D 110 -34.79 1.43 24.75
N ILE D 111 -35.24 2.65 24.49
CA ILE D 111 -34.44 3.85 24.30
C ILE D 111 -35.06 5.01 25.06
N ASP D 112 -36.28 5.40 24.66
CA ASP D 112 -36.95 6.56 25.23
C ASP D 112 -37.71 6.21 26.51
N VAL D 113 -37.63 7.11 27.50
CA VAL D 113 -38.33 6.91 28.75
C VAL D 113 -39.85 6.95 28.55
N GLY D 114 -40.32 7.75 27.60
CA GLY D 114 -41.73 7.71 27.26
C GLY D 114 -42.13 6.55 26.38
N ARG D 115 -41.18 5.65 26.09
CA ARG D 115 -41.41 4.44 25.33
C ARG D 115 -40.59 3.32 25.95
N ASN D 116 -40.76 3.12 27.26
CA ASN D 116 -39.95 2.15 28.00
C ASN D 116 -40.65 0.78 28.13
N VAL D 117 -41.50 0.43 27.15
CA VAL D 117 -42.13 -0.86 26.90
C VAL D 117 -42.89 -1.47 28.08
N CYS D 118 -42.60 -1.05 29.31
CA CYS D 118 -43.12 -1.83 30.43
C CYS D 118 -43.37 -0.96 31.65
N HIS D 119 -44.42 -1.29 32.39
CA HIS D 119 -44.72 -0.68 33.69
C HIS D 119 -44.57 -1.73 34.78
N GLY D 120 -43.99 -1.33 35.90
CA GLY D 120 -43.92 -2.17 37.08
C GLY D 120 -44.16 -1.36 38.34
N SER D 121 -44.93 -1.88 39.29
CA SER D 121 -45.25 -1.12 40.49
C SER D 121 -43.99 -0.83 41.30
N ASP D 122 -44.02 0.28 42.01
CA ASP D 122 -42.85 0.81 42.73
C ASP D 122 -42.69 0.23 44.13
N SER D 123 -43.65 -0.54 44.64
CA SER D 123 -43.59 -1.06 46.00
C SER D 123 -44.63 -2.15 46.17
N VAL D 124 -44.44 -2.97 47.23
CA VAL D 124 -45.40 -4.02 47.55
C VAL D 124 -46.78 -3.43 47.67
N GLU D 125 -46.87 -2.30 48.38
CA GLU D 125 -48.16 -1.67 48.67
C GLU D 125 -48.79 -1.15 47.40
N ASN D 126 -48.01 -0.46 46.55
CA ASN D 126 -48.58 0.01 45.29
C ASN D 126 -48.93 -1.13 44.37
N ALA D 127 -48.24 -2.26 44.48
CA ALA D 127 -48.59 -3.44 43.71
C ALA D 127 -49.97 -3.96 44.10
N LYS D 128 -50.21 -4.11 45.40
CA LYS D 128 -51.54 -4.53 45.89
C LYS D 128 -52.62 -3.62 45.33
N LYS D 129 -52.42 -2.30 45.44
CA LYS D 129 -53.38 -1.36 44.92
C LYS D 129 -53.54 -1.53 43.41
N GLU D 130 -52.41 -1.63 42.68
CA GLU D 130 -52.48 -1.71 41.23
C GLU D 130 -53.10 -3.03 40.77
N ILE D 131 -52.86 -4.10 41.52
CA ILE D 131 -53.44 -5.40 41.16
C ILE D 131 -54.95 -5.36 41.33
N ALA D 132 -55.41 -4.84 42.46
CA ALA D 132 -56.85 -4.72 42.68
C ALA D 132 -57.50 -3.80 41.63
N LEU D 133 -56.76 -2.82 41.12
CA LEU D 133 -57.36 -1.91 40.14
C LEU D 133 -57.55 -2.58 38.78
N TRP D 134 -56.53 -3.32 38.31
CA TRP D 134 -56.54 -3.84 36.94
C TRP D 134 -57.24 -5.17 36.82
N PHE D 135 -57.32 -5.95 37.90
CA PHE D 135 -57.78 -7.31 37.84
C PHE D 135 -58.97 -7.54 38.75
N LYS D 136 -59.91 -8.32 38.27
CA LYS D 136 -60.99 -8.83 39.11
C LYS D 136 -60.47 -10.00 39.93
N PRO D 137 -60.85 -10.10 41.20
CA PRO D 137 -60.27 -11.13 42.08
C PRO D 137 -60.22 -12.52 41.47
N GLU D 138 -61.24 -12.87 40.69
CA GLU D 138 -61.34 -14.16 40.05
C GLU D 138 -60.40 -14.30 38.87
N GLU D 139 -59.81 -13.20 38.38
CA GLU D 139 -58.75 -13.32 37.40
C GLU D 139 -57.42 -13.69 38.04
N LEU D 140 -57.23 -13.39 39.32
CA LEU D 140 -56.06 -13.90 40.02
C LEU D 140 -56.16 -15.41 40.16
N GLN D 141 -55.20 -16.14 39.61
CA GLN D 141 -55.28 -17.59 39.65
C GLN D 141 -54.54 -18.08 40.89
N LYS D 142 -55.14 -19.03 41.58
CA LYS D 142 -54.48 -19.63 42.73
C LYS D 142 -54.15 -21.07 42.35
N TYR D 143 -52.85 -21.35 42.19
CA TYR D 143 -52.35 -22.69 41.89
C TYR D 143 -50.89 -22.76 42.32
N LYS D 144 -50.43 -23.97 42.54
CA LYS D 144 -49.07 -24.16 43.02
C LYS D 144 -48.16 -24.37 41.83
N HIS D 145 -47.06 -23.63 41.81
CA HIS D 145 -46.07 -23.85 40.75
C HIS D 145 -45.56 -25.28 40.81
N SER D 146 -45.53 -25.93 39.66
CA SER D 146 -45.05 -27.31 39.54
C SER D 146 -43.62 -27.52 40.04
N GLN D 147 -42.84 -26.45 40.21
CA GLN D 147 -41.45 -26.65 40.58
C GLN D 147 -41.08 -25.78 41.76
N PHE D 148 -42.10 -25.50 42.56
CA PHE D 148 -41.98 -24.64 43.72
C PHE D 148 -40.87 -25.09 44.65
N ASP D 149 -40.71 -26.40 44.86
CA ASP D 149 -39.75 -26.86 45.85
C ASP D 149 -38.32 -26.88 45.31
N TRP D 150 -38.18 -26.79 43.99
CA TRP D 150 -36.88 -26.63 43.37
C TRP D 150 -36.49 -25.18 43.21
N ILE D 151 -37.47 -24.26 43.27
CA ILE D 151 -37.24 -22.82 43.16
C ILE D 151 -37.00 -22.19 44.52
N TYR D 152 -37.70 -22.65 45.55
CA TYR D 152 -37.66 -22.05 46.88
C TYR D 152 -37.19 -23.07 47.90
N GLU D 153 -36.45 -22.61 48.91
CA GLU D 153 -36.22 -23.41 50.09
C GLU D 153 -37.23 -23.12 51.19
N LYS D 154 -38.17 -22.19 50.93
CA LYS D 154 -39.12 -21.56 51.88
C LYS D 154 -38.61 -21.62 53.33
N SER E 4 -33.81 -14.97 -29.60
CA SER E 4 -34.73 -13.90 -29.26
C SER E 4 -33.98 -12.64 -28.74
N ASP E 5 -34.19 -12.41 -27.46
CA ASP E 5 -33.51 -11.44 -26.60
C ASP E 5 -32.17 -11.96 -26.11
N GLU E 6 -31.70 -13.10 -26.62
CA GLU E 6 -30.50 -13.71 -26.07
C GLU E 6 -29.32 -12.75 -26.20
N GLN E 7 -28.40 -12.83 -25.24
CA GLN E 7 -27.29 -11.91 -25.15
C GLN E 7 -26.01 -12.71 -24.96
N THR E 8 -24.89 -12.10 -25.36
CA THR E 8 -23.59 -12.69 -25.09
C THR E 8 -22.56 -11.61 -24.78
N PHE E 9 -21.50 -12.03 -24.12
CA PHE E 9 -20.41 -11.15 -23.74
C PHE E 9 -19.23 -11.42 -24.66
N ILE E 10 -18.75 -10.37 -25.29
CA ILE E 10 -17.59 -10.39 -26.15
C ILE E 10 -16.68 -9.28 -25.64
N ALA E 11 -15.38 -9.57 -25.59
CA ALA E 11 -14.40 -8.58 -25.19
C ALA E 11 -13.24 -8.63 -26.17
N ILE E 12 -12.79 -7.45 -26.57
CA ILE E 12 -11.59 -7.33 -27.39
C ILE E 12 -10.41 -7.23 -26.43
N LYS E 13 -9.51 -8.20 -26.52
CA LYS E 13 -8.38 -8.27 -25.61
C LYS E 13 -7.39 -7.14 -25.88
N PRO E 14 -6.46 -6.89 -24.94
CA PRO E 14 -5.49 -5.80 -25.14
C PRO E 14 -4.81 -5.83 -26.48
N ASP E 15 -4.55 -7.01 -27.07
CA ASP E 15 -3.90 -7.05 -28.37
C ASP E 15 -4.88 -6.67 -29.48
N GLY E 16 -6.17 -6.93 -29.31
CA GLY E 16 -7.13 -6.47 -30.29
C GLY E 16 -7.18 -4.95 -30.34
N VAL E 17 -7.17 -4.32 -29.18
CA VAL E 17 -7.22 -2.87 -29.13
C VAL E 17 -5.93 -2.29 -29.67
N GLN E 18 -4.78 -2.85 -29.26
CA GLN E 18 -3.50 -2.30 -29.68
C GLN E 18 -3.27 -2.46 -31.19
N ARG E 19 -3.73 -3.57 -31.76
CA ARG E 19 -3.59 -3.77 -33.20
C ARG E 19 -4.67 -3.04 -34.02
N GLY E 20 -5.47 -2.17 -33.43
CA GLY E 20 -6.55 -1.49 -34.14
C GLY E 20 -7.64 -2.36 -34.73
N LEU E 21 -8.07 -3.40 -34.01
CA LEU E 21 -9.14 -4.24 -34.55
C LEU E 21 -10.52 -3.93 -33.95
N VAL E 22 -10.70 -2.80 -33.27
CA VAL E 22 -12.00 -2.54 -32.62
C VAL E 22 -13.08 -2.34 -33.68
N GLY E 23 -12.84 -1.44 -34.63
CA GLY E 23 -13.72 -1.22 -35.75
C GLY E 23 -14.12 -2.50 -36.46
N PRO E 24 -13.16 -3.28 -36.94
CA PRO E 24 -13.53 -4.47 -37.75
C PRO E 24 -14.25 -5.55 -36.96
N ILE E 25 -13.88 -5.77 -35.69
CA ILE E 25 -14.55 -6.78 -34.90
C ILE E 25 -16.00 -6.36 -34.69
N ILE E 26 -16.24 -5.11 -34.28
CA ILE E 26 -17.61 -4.65 -34.08
C ILE E 26 -18.44 -4.87 -35.34
N SER E 27 -17.87 -4.59 -36.52
CA SER E 27 -18.66 -4.68 -37.76
C SER E 27 -18.98 -6.12 -38.15
N ARG E 28 -18.16 -7.09 -37.74
CA ARG E 28 -18.57 -8.48 -37.96
C ARG E 28 -19.91 -8.76 -37.33
N PHE E 29 -20.14 -8.27 -36.12
CA PHE E 29 -21.41 -8.57 -35.46
C PHE E 29 -22.52 -7.67 -35.99
N GLU E 30 -22.19 -6.41 -36.22
CA GLU E 30 -23.15 -5.44 -36.76
C GLU E 30 -23.75 -5.93 -38.07
N ASN E 31 -22.88 -6.39 -38.98
CA ASN E 31 -23.32 -6.73 -40.34
C ASN E 31 -24.16 -7.97 -40.36
N ARG E 32 -23.97 -8.84 -39.37
CA ARG E 32 -24.83 -10.01 -39.29
C ARG E 32 -26.22 -9.71 -38.76
N GLY E 33 -26.43 -8.54 -38.16
CA GLY E 33 -27.72 -8.20 -37.63
C GLY E 33 -27.85 -8.28 -36.14
N PHE E 34 -26.80 -8.64 -35.42
CA PHE E 34 -26.87 -8.62 -33.97
C PHE E 34 -26.90 -7.19 -33.46
N LYS E 35 -27.41 -7.03 -32.25
CA LYS E 35 -27.70 -5.70 -31.73
C LYS E 35 -26.72 -5.40 -30.62
N LEU E 36 -26.11 -4.23 -30.69
CA LEU E 36 -25.16 -3.81 -29.67
C LEU E 36 -25.97 -3.33 -28.48
N ALA E 37 -25.95 -4.10 -27.40
CA ALA E 37 -26.58 -3.78 -26.13
C ALA E 37 -25.66 -3.05 -25.17
N ALA E 38 -24.36 -3.32 -25.20
CA ALA E 38 -23.46 -2.54 -24.35
C ALA E 38 -22.09 -2.53 -24.99
N LEU E 39 -21.29 -1.54 -24.57
CA LEU E 39 -19.99 -1.28 -25.17
C LEU E 39 -19.21 -0.38 -24.24
N LYS E 40 -17.96 -0.75 -23.93
CA LYS E 40 -17.11 0.21 -23.22
C LYS E 40 -15.64 -0.20 -23.30
N LEU E 41 -14.77 0.81 -23.26
CA LEU E 41 -13.35 0.63 -23.11
C LEU E 41 -13.04 0.81 -21.63
N CYS E 42 -12.33 -0.15 -21.05
CA CYS E 42 -12.11 -0.17 -19.61
C CYS E 42 -10.83 -0.91 -19.32
N SER E 43 -10.30 -0.68 -18.12
CA SER E 43 -9.08 -1.31 -17.62
C SER E 43 -9.41 -2.01 -16.31
N PRO E 44 -9.95 -3.23 -16.36
CA PRO E 44 -10.46 -3.86 -15.14
C PRO E 44 -9.34 -4.20 -14.17
N SER E 45 -9.73 -4.42 -12.91
CA SER E 45 -8.75 -4.75 -11.88
C SER E 45 -8.22 -6.18 -12.08
N LYS E 46 -7.13 -6.47 -11.39
CA LYS E 46 -6.64 -7.84 -11.32
C LYS E 46 -7.71 -8.75 -10.72
N GLU E 47 -8.32 -8.35 -9.60
CA GLU E 47 -9.36 -9.17 -9.02
C GLU E 47 -10.54 -9.37 -9.98
N HIS E 48 -10.87 -8.32 -10.75
CA HIS E 48 -11.92 -8.44 -11.77
C HIS E 48 -11.59 -9.54 -12.77
N LEU E 49 -10.37 -9.48 -13.34
CA LEU E 49 -9.98 -10.47 -14.33
C LEU E 49 -9.89 -11.84 -13.70
N GLU E 50 -9.39 -11.90 -12.46
CA GLU E 50 -9.31 -13.17 -11.74
C GLU E 50 -10.68 -13.80 -11.56
N GLN E 51 -11.69 -13.00 -11.19
CA GLN E 51 -13.02 -13.59 -11.17
C GLN E 51 -13.52 -13.89 -12.58
N HIS E 52 -13.15 -13.07 -13.58
CA HIS E 52 -13.62 -13.38 -14.93
C HIS E 52 -13.14 -14.76 -15.37
N TYR E 53 -11.89 -15.09 -15.04
CA TYR E 53 -11.29 -16.37 -15.41
C TYR E 53 -11.31 -17.36 -14.25
N ALA E 54 -12.34 -17.29 -13.39
CA ALA E 54 -12.36 -18.08 -12.17
C ALA E 54 -12.32 -19.58 -12.45
N ASP E 55 -12.92 -20.03 -13.55
CA ASP E 55 -12.95 -21.44 -13.95
C ASP E 55 -11.58 -21.94 -14.47
N LEU E 56 -10.55 -21.08 -14.44
CA LEU E 56 -9.18 -21.48 -14.74
C LEU E 56 -8.21 -21.08 -13.64
N SER E 57 -8.72 -20.67 -12.47
CA SER E 57 -7.84 -20.30 -11.35
C SER E 57 -6.84 -21.39 -11.02
N SER E 58 -7.11 -22.65 -11.38
CA SER E 58 -6.21 -23.76 -11.11
C SER E 58 -5.16 -23.95 -12.19
N LYS E 59 -5.39 -23.44 -13.39
CA LYS E 59 -4.52 -23.77 -14.52
C LYS E 59 -3.13 -23.14 -14.34
N PRO E 60 -2.10 -23.76 -14.93
CA PRO E 60 -0.74 -23.19 -14.82
C PRO E 60 -0.61 -21.82 -15.47
N PHE E 61 -1.21 -21.63 -16.65
CA PHE E 61 -1.11 -20.34 -17.34
C PHE E 61 -1.90 -19.22 -16.67
N PHE E 62 -2.89 -19.56 -15.83
CA PHE E 62 -3.79 -18.55 -15.24
C PHE E 62 -3.11 -17.28 -14.74
N PRO E 63 -2.00 -17.33 -13.99
CA PRO E 63 -1.45 -16.07 -13.47
C PRO E 63 -0.92 -15.18 -14.57
N GLY E 64 -0.45 -15.78 -15.66
CA GLY E 64 0.05 -15.00 -16.77
C GLY E 64 -1.06 -14.55 -17.68
N LEU E 65 -2.17 -15.29 -17.71
CA LEU E 65 -3.38 -14.83 -18.40
C LEU E 65 -3.90 -13.54 -17.80
N VAL E 66 -4.11 -13.52 -16.47
CA VAL E 66 -4.53 -12.31 -15.79
C VAL E 66 -3.51 -11.19 -16.02
N SER E 67 -2.23 -11.55 -15.94
CA SER E 67 -1.17 -10.56 -16.04
C SER E 67 -1.14 -9.92 -17.43
N TYR E 68 -1.27 -10.74 -18.46
CA TYR E 68 -1.42 -10.23 -19.81
C TYR E 68 -2.65 -9.33 -19.95
N MET E 69 -3.82 -9.85 -19.54
CA MET E 69 -5.06 -9.10 -19.70
C MET E 69 -5.02 -7.76 -18.97
N LEU E 70 -4.06 -7.58 -18.07
CA LEU E 70 -3.83 -6.28 -17.46
C LEU E 70 -2.91 -5.40 -18.28
N SER E 71 -2.40 -5.86 -19.42
CA SER E 71 -1.36 -5.09 -20.09
C SER E 71 -1.90 -3.92 -20.92
N GLY E 72 -3.21 -3.85 -21.14
CA GLY E 72 -3.77 -2.77 -21.91
C GLY E 72 -5.27 -2.71 -21.74
N PRO E 73 -5.90 -1.68 -22.30
CA PRO E 73 -7.34 -1.55 -22.13
C PRO E 73 -8.06 -2.61 -22.94
N ILE E 74 -9.27 -2.93 -22.51
CA ILE E 74 -10.11 -3.96 -23.09
C ILE E 74 -11.40 -3.29 -23.56
N VAL E 75 -11.90 -3.69 -24.73
CA VAL E 75 -13.22 -3.26 -25.19
C VAL E 75 -14.22 -4.35 -24.84
N ALA E 76 -15.13 -4.06 -23.92
CA ALA E 76 -16.13 -5.04 -23.51
C ALA E 76 -17.45 -4.71 -24.19
N MET E 77 -18.19 -5.76 -24.58
CA MET E 77 -19.39 -5.61 -25.38
C MET E 77 -20.41 -6.68 -25.03
N VAL E 78 -21.69 -6.31 -25.14
CA VAL E 78 -22.81 -7.25 -25.10
C VAL E 78 -23.52 -7.19 -26.44
N TRP E 79 -23.70 -8.35 -27.07
CA TRP E 79 -24.46 -8.43 -28.31
C TRP E 79 -25.70 -9.26 -28.07
N GLU E 80 -26.79 -8.85 -28.75
CA GLU E 80 -28.12 -9.42 -28.55
C GLU E 80 -28.71 -9.90 -29.86
N GLY E 81 -29.26 -11.10 -29.86
CA GLY E 81 -29.88 -11.59 -31.06
C GLY E 81 -30.16 -13.07 -30.90
N ARG E 82 -30.83 -13.63 -31.89
CA ARG E 82 -31.16 -15.05 -31.79
C ARG E 82 -29.91 -15.89 -31.87
N GLU E 83 -29.75 -16.80 -30.91
CA GLU E 83 -28.59 -17.69 -30.86
C GLU E 83 -27.28 -16.91 -30.94
N VAL E 84 -27.26 -15.74 -30.31
CA VAL E 84 -26.07 -14.90 -30.44
C VAL E 84 -24.84 -15.48 -29.72
N VAL E 85 -25.02 -16.27 -28.64
CA VAL E 85 -23.83 -16.80 -27.96
C VAL E 85 -23.19 -17.88 -28.81
N LYS E 86 -24.01 -18.77 -29.38
CA LYS E 86 -23.47 -19.80 -30.27
C LYS E 86 -22.92 -19.18 -31.54
N THR E 87 -23.64 -18.22 -32.11
CA THR E 87 -23.18 -17.63 -33.37
C THR E 87 -21.91 -16.81 -33.14
N GLY E 88 -21.87 -16.00 -32.09
CA GLY E 88 -20.67 -15.25 -31.79
C GLY E 88 -19.44 -16.14 -31.64
N ARG E 89 -19.63 -17.33 -31.07
CA ARG E 89 -18.53 -18.29 -30.98
C ARG E 89 -18.09 -18.74 -32.37
N THR E 90 -19.05 -18.88 -33.29
CA THR E 90 -18.69 -19.15 -34.67
C THR E 90 -18.00 -17.96 -35.31
N ILE E 91 -18.47 -16.74 -35.04
CA ILE E 91 -17.85 -15.56 -35.61
C ILE E 91 -16.41 -15.42 -35.12
N LEU E 92 -16.20 -15.63 -33.82
CA LEU E 92 -14.86 -15.53 -33.25
C LEU E 92 -13.93 -16.55 -33.87
N GLY E 93 -14.39 -17.81 -33.98
CA GLY E 93 -13.55 -18.89 -34.47
C GLY E 93 -12.89 -19.63 -33.34
N ALA E 94 -12.19 -20.71 -33.70
CA ALA E 94 -11.58 -21.59 -32.70
C ALA E 94 -10.69 -20.81 -31.74
N THR E 95 -10.70 -21.21 -30.47
CA THR E 95 -9.84 -20.58 -29.47
C THR E 95 -8.41 -20.42 -29.98
N ASN E 96 -7.91 -21.43 -30.69
CA ASN E 96 -6.59 -21.38 -31.31
C ASN E 96 -6.73 -20.75 -32.69
N PRO E 97 -6.11 -19.59 -32.94
CA PRO E 97 -6.26 -18.95 -34.26
C PRO E 97 -5.83 -19.83 -35.40
N LEU E 98 -4.88 -20.74 -35.17
CA LEU E 98 -4.42 -21.65 -36.21
C LEU E 98 -5.45 -22.72 -36.52
N ALA E 99 -6.38 -22.99 -35.62
CA ALA E 99 -7.52 -23.86 -35.90
C ALA E 99 -8.73 -23.11 -36.43
N SER E 100 -8.63 -21.78 -36.55
CA SER E 100 -9.76 -20.97 -36.99
C SER E 100 -9.79 -20.86 -38.51
N ALA E 101 -10.99 -20.84 -39.07
CA ALA E 101 -11.11 -20.69 -40.51
C ALA E 101 -10.98 -19.23 -40.91
N PRO E 102 -10.38 -18.95 -42.08
CA PRO E 102 -10.48 -17.61 -42.65
C PRO E 102 -11.94 -17.26 -42.83
N GLY E 103 -12.30 -16.00 -42.52
CA GLY E 103 -13.67 -15.57 -42.41
C GLY E 103 -14.11 -15.30 -40.98
N THR E 104 -13.51 -16.00 -40.01
CA THR E 104 -13.67 -15.69 -38.60
C THR E 104 -12.70 -14.59 -38.16
N ILE E 105 -12.97 -14.03 -36.99
CA ILE E 105 -12.13 -12.95 -36.50
C ILE E 105 -10.72 -13.46 -36.23
N ARG E 106 -10.59 -14.64 -35.61
CA ARG E 106 -9.27 -15.16 -35.28
C ARG E 106 -8.58 -15.73 -36.51
N GLY E 107 -9.35 -16.26 -37.46
CA GLY E 107 -8.82 -16.73 -38.73
C GLY E 107 -8.38 -15.61 -39.65
N ASP E 108 -8.82 -14.39 -39.39
CA ASP E 108 -8.41 -13.26 -40.21
C ASP E 108 -7.31 -12.43 -39.55
N PHE E 109 -7.20 -12.46 -38.21
CA PHE E 109 -6.38 -11.48 -37.51
C PHE E 109 -5.39 -12.04 -36.49
N ALA E 110 -5.41 -13.33 -36.19
CA ALA E 110 -4.55 -13.79 -35.10
C ALA E 110 -3.83 -15.09 -35.47
N ILE E 111 -2.90 -15.47 -34.60
CA ILE E 111 -2.01 -16.60 -34.81
C ILE E 111 -1.84 -17.38 -33.51
N ASP E 112 -1.48 -16.67 -32.44
CA ASP E 112 -1.22 -17.28 -31.13
C ASP E 112 -2.46 -17.30 -30.24
N VAL E 113 -2.65 -18.41 -29.54
CA VAL E 113 -3.76 -18.54 -28.61
C VAL E 113 -3.61 -17.56 -27.46
N GLY E 114 -2.38 -17.19 -27.11
CA GLY E 114 -2.18 -16.18 -26.09
C GLY E 114 -2.33 -14.75 -26.57
N ARG E 115 -2.57 -14.57 -27.88
CA ARG E 115 -2.88 -13.29 -28.48
C ARG E 115 -4.03 -13.51 -29.46
N ASN E 116 -5.15 -14.07 -28.99
CA ASN E 116 -6.23 -14.38 -29.90
C ASN E 116 -7.29 -13.27 -29.95
N VAL E 117 -6.90 -12.05 -29.55
CA VAL E 117 -7.56 -10.76 -29.79
C VAL E 117 -8.95 -10.65 -29.18
N CYS E 118 -9.67 -11.77 -29.11
CA CYS E 118 -11.06 -11.76 -28.69
C CYS E 118 -11.32 -12.70 -27.52
N HIS E 119 -12.23 -12.29 -26.64
CA HIS E 119 -12.88 -13.20 -25.71
C HIS E 119 -14.36 -13.32 -26.07
N GLY E 120 -14.86 -14.55 -26.02
CA GLY E 120 -16.28 -14.80 -26.17
C GLY E 120 -16.78 -15.75 -25.10
N SER E 121 -18.07 -15.64 -24.82
CA SER E 121 -18.70 -16.45 -23.79
C SER E 121 -18.74 -17.91 -24.22
N ASP E 122 -18.54 -18.81 -23.23
CA ASP E 122 -18.65 -20.25 -23.44
C ASP E 122 -20.08 -20.69 -23.68
N SER E 123 -21.05 -20.02 -23.07
CA SER E 123 -22.42 -20.53 -23.06
C SER E 123 -23.37 -19.41 -22.62
N VAL E 124 -24.67 -19.68 -22.74
CA VAL E 124 -25.67 -18.66 -22.41
C VAL E 124 -25.57 -18.28 -20.95
N GLU E 125 -25.59 -19.27 -20.06
CA GLU E 125 -25.51 -18.97 -18.64
C GLU E 125 -24.18 -18.29 -18.29
N ASN E 126 -23.11 -18.70 -18.96
CA ASN E 126 -21.83 -18.04 -18.75
C ASN E 126 -21.82 -16.63 -19.32
N ALA E 127 -22.45 -16.45 -20.50
CA ALA E 127 -22.68 -15.09 -20.98
C ALA E 127 -23.33 -14.24 -19.90
N LYS E 128 -24.36 -14.78 -19.25
CA LYS E 128 -25.09 -14.01 -18.24
C LYS E 128 -24.19 -13.61 -17.09
N LYS E 129 -23.45 -14.55 -16.51
CA LYS E 129 -22.60 -14.16 -15.40
C LYS E 129 -21.51 -13.18 -15.85
N GLU E 130 -21.06 -13.28 -17.10
CA GLU E 130 -20.02 -12.36 -17.56
C GLU E 130 -20.58 -10.96 -17.82
N ILE E 131 -21.77 -10.87 -18.44
CA ILE E 131 -22.44 -9.57 -18.58
C ILE E 131 -22.60 -8.89 -17.22
N ALA E 132 -23.11 -9.64 -16.23
CA ALA E 132 -23.33 -9.04 -14.91
C ALA E 132 -22.02 -8.57 -14.27
N LEU E 133 -20.91 -9.28 -14.55
CA LEU E 133 -19.64 -8.95 -13.93
C LEU E 133 -19.02 -7.68 -14.50
N TRP E 134 -19.13 -7.50 -15.83
CA TRP E 134 -18.48 -6.38 -16.51
C TRP E 134 -19.35 -5.13 -16.63
N PHE E 135 -20.68 -5.26 -16.57
CA PHE E 135 -21.58 -4.13 -16.79
C PHE E 135 -22.57 -4.00 -15.65
N LYS E 136 -22.80 -2.78 -15.20
CA LYS E 136 -23.97 -2.49 -14.38
C LYS E 136 -25.23 -2.51 -15.26
N PRO E 137 -26.37 -2.88 -14.69
CA PRO E 137 -27.61 -2.87 -15.49
C PRO E 137 -27.84 -1.57 -16.26
N GLU E 138 -27.55 -0.42 -15.66
CA GLU E 138 -27.72 0.86 -16.34
C GLU E 138 -26.90 0.96 -17.62
N GLU E 139 -25.79 0.21 -17.72
CA GLU E 139 -24.94 0.27 -18.89
C GLU E 139 -25.49 -0.56 -20.04
N LEU E 140 -26.43 -1.46 -19.77
CA LEU E 140 -27.03 -2.25 -20.83
C LEU E 140 -28.17 -1.43 -21.43
N GLN E 141 -28.15 -1.27 -22.76
CA GLN E 141 -29.12 -0.43 -23.46
C GLN E 141 -30.31 -1.26 -23.89
N LYS E 142 -31.50 -0.85 -23.47
CA LYS E 142 -32.75 -1.46 -23.90
C LYS E 142 -33.28 -0.60 -25.04
N TYR E 143 -33.31 -1.16 -26.24
CA TYR E 143 -33.94 -0.49 -27.37
C TYR E 143 -34.22 -1.55 -28.40
N LYS E 144 -35.08 -1.20 -29.35
CA LYS E 144 -35.46 -2.08 -30.42
C LYS E 144 -34.62 -1.76 -31.63
N HIS E 145 -34.13 -2.80 -32.30
CA HIS E 145 -33.31 -2.59 -33.47
C HIS E 145 -34.19 -2.15 -34.63
N SER E 146 -33.76 -1.08 -35.30
CA SER E 146 -34.54 -0.46 -36.36
C SER E 146 -34.86 -1.40 -37.52
N GLN E 147 -34.09 -2.47 -37.67
CA GLN E 147 -34.31 -3.43 -38.75
C GLN E 147 -34.84 -4.75 -38.25
N PHE E 148 -35.43 -4.77 -37.05
CA PHE E 148 -35.77 -6.03 -36.39
C PHE E 148 -36.61 -6.93 -37.28
N ASP E 149 -37.67 -6.36 -37.87
CA ASP E 149 -38.59 -7.16 -38.67
C ASP E 149 -38.02 -7.57 -40.01
N TRP E 150 -36.91 -6.98 -40.44
CA TRP E 150 -36.21 -7.49 -41.61
C TRP E 150 -35.12 -8.48 -41.26
N ILE E 151 -34.65 -8.51 -40.01
CA ILE E 151 -33.66 -9.49 -39.58
C ILE E 151 -34.33 -10.78 -39.11
N TYR E 152 -35.50 -10.68 -38.49
CA TYR E 152 -36.17 -11.79 -37.84
C TYR E 152 -37.58 -11.98 -38.35
N GLU E 153 -38.02 -13.23 -38.40
CA GLU E 153 -39.43 -13.58 -38.59
C GLU E 153 -40.16 -13.79 -37.25
N LYS E 154 -39.41 -13.88 -36.16
CA LYS E 154 -39.81 -14.26 -34.82
C LYS E 154 -40.82 -15.41 -34.79
N SER F 4 1.08 13.57 -29.75
CA SER F 4 0.62 14.64 -28.84
C SER F 4 -0.63 14.13 -28.11
N ASP F 5 -0.84 14.66 -26.91
CA ASP F 5 -1.88 14.20 -26.00
C ASP F 5 -3.20 14.94 -26.17
N GLU F 6 -3.43 15.59 -27.32
CA GLU F 6 -4.68 16.30 -27.55
C GLU F 6 -5.83 15.30 -27.67
N GLN F 7 -6.99 15.67 -27.12
CA GLN F 7 -8.16 14.82 -27.12
C GLN F 7 -9.32 15.54 -27.78
N THR F 8 -10.22 14.77 -28.40
CA THR F 8 -11.46 15.28 -28.95
C THR F 8 -12.60 14.34 -28.58
N PHE F 9 -13.76 14.93 -28.33
CA PHE F 9 -14.97 14.15 -28.07
C PHE F 9 -15.70 13.89 -29.37
N ILE F 10 -15.96 12.61 -29.66
CA ILE F 10 -16.72 12.19 -30.84
C ILE F 10 -17.88 11.31 -30.37
N ALA F 11 -19.08 11.55 -30.91
CA ALA F 11 -20.26 10.77 -30.54
C ALA F 11 -20.92 10.23 -31.81
N ILE F 12 -21.31 8.97 -31.76
CA ILE F 12 -22.17 8.42 -32.79
C ILE F 12 -23.60 8.61 -32.30
N LYS F 13 -24.36 9.45 -33.01
CA LYS F 13 -25.74 9.78 -32.69
C LYS F 13 -26.64 8.55 -32.91
N PRO F 14 -27.92 8.61 -32.47
CA PRO F 14 -28.73 7.39 -32.51
C PRO F 14 -28.92 6.84 -33.91
N ASP F 15 -29.01 7.70 -34.94
CA ASP F 15 -29.11 7.16 -36.30
C ASP F 15 -27.82 6.43 -36.72
N GLY F 16 -26.66 6.93 -36.30
CA GLY F 16 -25.42 6.22 -36.64
C GLY F 16 -25.40 4.82 -36.06
N VAL F 17 -25.80 4.69 -34.80
CA VAL F 17 -25.84 3.38 -34.14
C VAL F 17 -26.88 2.50 -34.80
N GLN F 18 -28.11 3.05 -34.93
CA GLN F 18 -29.23 2.29 -35.48
C GLN F 18 -28.99 1.90 -36.93
N ARG F 19 -28.17 2.66 -37.67
CA ARG F 19 -27.87 2.30 -39.04
C ARG F 19 -26.63 1.41 -39.14
N GLY F 20 -26.12 0.89 -38.03
CA GLY F 20 -25.01 -0.06 -38.11
C GLY F 20 -23.68 0.56 -38.52
N LEU F 21 -23.39 1.77 -38.05
CA LEU F 21 -22.18 2.48 -38.47
C LEU F 21 -21.12 2.55 -37.37
N VAL F 22 -21.34 1.89 -36.22
CA VAL F 22 -20.38 1.99 -35.13
C VAL F 22 -19.00 1.51 -35.58
N GLY F 23 -18.95 0.30 -36.16
CA GLY F 23 -17.75 -0.26 -36.70
C GLY F 23 -17.02 0.63 -37.71
N PRO F 24 -17.66 0.90 -38.86
CA PRO F 24 -17.01 1.77 -39.84
C PRO F 24 -16.54 3.08 -39.24
N ILE F 25 -17.33 3.71 -38.37
CA ILE F 25 -16.89 4.99 -37.83
C ILE F 25 -15.64 4.81 -36.98
N ILE F 26 -15.62 3.79 -36.11
CA ILE F 26 -14.46 3.61 -35.25
C ILE F 26 -13.22 3.33 -36.11
N SER F 27 -13.37 2.51 -37.16
CA SER F 27 -12.26 2.14 -38.03
C SER F 27 -11.59 3.36 -38.66
N ARG F 28 -12.38 4.32 -39.16
CA ARG F 28 -11.79 5.48 -39.82
C ARG F 28 -10.79 6.17 -38.91
N PHE F 29 -11.15 6.32 -37.64
CA PHE F 29 -10.25 6.96 -36.70
C PHE F 29 -9.07 6.05 -36.35
N GLU F 30 -9.35 4.77 -36.06
CA GLU F 30 -8.28 3.79 -35.84
C GLU F 30 -7.26 3.83 -36.97
N ASN F 31 -7.75 3.85 -38.21
CA ASN F 31 -6.87 3.74 -39.37
C ASN F 31 -6.01 4.99 -39.56
N ARG F 32 -6.58 6.16 -39.28
CA ARG F 32 -5.78 7.38 -39.23
C ARG F 32 -4.61 7.24 -38.26
N GLY F 33 -4.71 6.39 -37.24
CA GLY F 33 -3.69 6.28 -36.23
C GLY F 33 -3.98 7.06 -34.98
N PHE F 34 -5.21 7.54 -34.81
CA PHE F 34 -5.61 8.13 -33.54
C PHE F 34 -5.84 7.06 -32.49
N LYS F 35 -5.67 7.44 -31.23
CA LYS F 35 -5.75 6.50 -30.11
C LYS F 35 -7.12 6.58 -29.44
N LEU F 36 -7.76 5.42 -29.27
CA LEU F 36 -9.05 5.35 -28.59
C LEU F 36 -8.83 5.41 -27.09
N ALA F 37 -9.22 6.54 -26.46
CA ALA F 37 -9.03 6.79 -25.04
C ALA F 37 -10.26 6.56 -24.18
N ALA F 38 -11.47 6.64 -24.76
CA ALA F 38 -12.69 6.38 -24.02
C ALA F 38 -13.77 5.95 -25.01
N LEU F 39 -14.66 5.09 -24.54
CA LEU F 39 -15.67 4.52 -25.41
C LEU F 39 -16.76 3.91 -24.54
N LYS F 40 -18.01 4.24 -24.84
CA LYS F 40 -19.12 3.59 -24.17
C LYS F 40 -20.39 3.86 -24.95
N LEU F 41 -21.23 2.83 -25.02
CA LEU F 41 -22.60 2.97 -25.47
C LEU F 41 -23.46 3.47 -24.32
N CYS F 42 -24.17 4.58 -24.51
CA CYS F 42 -24.93 5.11 -23.40
C CYS F 42 -26.21 5.73 -23.90
N SER F 43 -27.07 6.06 -22.93
CA SER F 43 -28.37 6.72 -23.13
C SER F 43 -28.44 7.90 -22.17
N PRO F 44 -27.96 9.06 -22.57
CA PRO F 44 -27.97 10.23 -21.68
C PRO F 44 -29.38 10.65 -21.30
N SER F 45 -29.48 11.31 -20.16
CA SER F 45 -30.75 11.91 -19.75
C SER F 45 -31.00 13.17 -20.58
N LYS F 46 -32.26 13.60 -20.57
CA LYS F 46 -32.63 14.87 -21.19
C LYS F 46 -31.81 16.02 -20.60
N GLU F 47 -31.61 16.02 -19.28
CA GLU F 47 -30.82 17.04 -18.62
C GLU F 47 -29.38 17.07 -19.12
N HIS F 48 -28.83 15.89 -19.41
CA HIS F 48 -27.47 15.82 -19.92
C HIS F 48 -27.39 16.40 -21.33
N LEU F 49 -28.32 16.01 -22.20
CA LEU F 49 -28.35 16.57 -23.54
C LEU F 49 -28.60 18.07 -23.51
N GLU F 50 -29.39 18.55 -22.56
CA GLU F 50 -29.58 19.98 -22.43
C GLU F 50 -28.25 20.66 -22.17
N GLN F 51 -27.43 20.07 -21.31
CA GLN F 51 -26.12 20.63 -21.00
C GLN F 51 -25.17 20.50 -22.17
N HIS F 52 -25.20 19.36 -22.86
CA HIS F 52 -24.34 19.21 -24.02
C HIS F 52 -24.71 20.21 -25.11
N TYR F 53 -25.99 20.51 -25.25
CA TYR F 53 -26.48 21.41 -26.28
C TYR F 53 -26.84 22.77 -25.68
N ALA F 54 -25.94 23.33 -24.86
CA ALA F 54 -26.20 24.60 -24.20
C ALA F 54 -26.68 25.65 -25.19
N ASP F 55 -25.97 25.79 -26.31
CA ASP F 55 -26.29 26.83 -27.29
C ASP F 55 -27.59 26.53 -28.03
N LEU F 56 -27.75 25.30 -28.52
CA LEU F 56 -28.93 25.02 -29.34
C LEU F 56 -30.22 24.94 -28.52
N SER F 57 -30.12 24.78 -27.21
CA SER F 57 -31.32 24.77 -26.38
C SER F 57 -31.92 26.16 -26.21
N SER F 58 -31.19 27.21 -26.61
CA SER F 58 -31.70 28.58 -26.65
C SER F 58 -32.38 28.94 -27.96
N LYS F 59 -32.47 28.01 -28.90
CA LYS F 59 -32.86 28.25 -30.28
C LYS F 59 -33.99 27.34 -30.71
N PRO F 60 -34.71 27.68 -31.78
CA PRO F 60 -35.92 26.93 -32.14
C PRO F 60 -35.62 25.47 -32.46
N PHE F 61 -36.71 24.68 -32.50
CA PHE F 61 -36.66 23.24 -32.77
C PHE F 61 -35.81 22.50 -31.74
N PHE F 62 -35.65 23.03 -30.54
CA PHE F 62 -34.89 22.24 -29.59
C PHE F 62 -35.61 20.97 -29.15
N PRO F 63 -36.92 20.99 -28.85
CA PRO F 63 -37.56 19.72 -28.43
C PRO F 63 -37.49 18.63 -29.50
N GLY F 64 -37.47 19.00 -30.78
CA GLY F 64 -37.24 18.00 -31.81
C GLY F 64 -35.82 17.46 -31.80
N LEU F 65 -34.85 18.28 -31.37
CA LEU F 65 -33.47 17.82 -31.29
C LEU F 65 -33.28 16.91 -30.09
N VAL F 66 -33.90 17.26 -28.97
CA VAL F 66 -33.80 16.43 -27.78
C VAL F 66 -34.51 15.11 -28.00
N SER F 67 -35.64 15.16 -28.68
CA SER F 67 -36.37 13.93 -28.96
C SER F 67 -35.53 12.96 -29.80
N TYR F 68 -34.86 13.47 -30.83
CA TYR F 68 -34.09 12.58 -31.68
C TYR F 68 -32.86 12.07 -30.94
N MET F 69 -32.23 12.92 -30.13
CA MET F 69 -31.03 12.50 -29.43
C MET F 69 -31.34 11.59 -28.26
N LEU F 70 -32.61 11.46 -27.86
CA LEU F 70 -33.06 10.46 -26.89
C LEU F 70 -33.68 9.24 -27.54
N SER F 71 -33.83 9.23 -28.87
CA SER F 71 -34.57 8.16 -29.54
C SER F 71 -33.79 6.85 -29.59
N GLY F 72 -32.51 6.84 -29.24
CA GLY F 72 -31.75 5.63 -29.22
C GLY F 72 -30.44 5.83 -28.52
N PRO F 73 -29.75 4.74 -28.18
CA PRO F 73 -28.45 4.87 -27.53
C PRO F 73 -27.44 5.61 -28.41
N ILE F 74 -26.42 6.16 -27.74
CA ILE F 74 -25.34 6.92 -28.35
C ILE F 74 -24.01 6.23 -28.03
N VAL F 75 -23.08 6.27 -28.96
CA VAL F 75 -21.71 5.80 -28.68
C VAL F 75 -20.87 7.05 -28.47
N ALA F 76 -20.39 7.23 -27.25
CA ALA F 76 -19.56 8.38 -26.89
C ALA F 76 -18.10 7.94 -26.91
N MET F 77 -17.20 8.83 -27.36
CA MET F 77 -15.81 8.46 -27.62
C MET F 77 -14.87 9.62 -27.37
N VAL F 78 -13.67 9.30 -26.89
CA VAL F 78 -12.57 10.24 -26.84
C VAL F 78 -11.47 9.68 -27.72
N TRP F 79 -11.02 10.48 -28.69
CA TRP F 79 -9.89 10.13 -29.52
C TRP F 79 -8.75 11.10 -29.20
N GLU F 80 -7.53 10.57 -29.27
CA GLU F 80 -6.32 11.23 -28.81
C GLU F 80 -5.30 11.19 -29.93
N GLY F 81 -4.67 12.32 -30.18
CA GLY F 81 -3.69 12.47 -31.23
C GLY F 81 -3.40 13.92 -31.53
N ARG F 82 -2.30 14.15 -32.25
CA ARG F 82 -1.97 15.51 -32.64
C ARG F 82 -3.04 16.09 -33.56
N GLU F 83 -3.48 17.31 -33.26
CA GLU F 83 -4.53 18.00 -34.03
C GLU F 83 -5.80 17.17 -34.18
N VAL F 84 -6.10 16.33 -33.19
CA VAL F 84 -7.18 15.35 -33.35
C VAL F 84 -8.54 16.04 -33.40
N VAL F 85 -8.70 17.17 -32.72
CA VAL F 85 -9.97 17.89 -32.76
C VAL F 85 -10.27 18.40 -34.17
N LYS F 86 -9.31 19.11 -34.79
CA LYS F 86 -9.58 19.66 -36.12
C LYS F 86 -9.57 18.58 -37.19
N THR F 87 -8.71 17.57 -37.02
CA THR F 87 -8.66 16.46 -37.97
C THR F 87 -9.89 15.56 -37.85
N GLY F 88 -10.35 15.31 -36.63
CA GLY F 88 -11.60 14.57 -36.47
C GLY F 88 -12.74 15.29 -37.16
N ARG F 89 -12.79 16.62 -37.01
CA ARG F 89 -13.75 17.42 -37.75
C ARG F 89 -13.66 17.11 -39.24
N THR F 90 -12.44 16.99 -39.76
CA THR F 90 -12.30 16.77 -41.19
C THR F 90 -12.67 15.35 -41.59
N ILE F 91 -12.42 14.38 -40.70
CA ILE F 91 -12.86 13.01 -40.94
C ILE F 91 -14.38 12.89 -40.88
N LEU F 92 -15.04 13.67 -40.02
CA LEU F 92 -16.51 13.64 -39.97
C LEU F 92 -17.14 14.28 -41.20
N GLY F 93 -16.53 15.36 -41.72
CA GLY F 93 -17.09 16.04 -42.86
C GLY F 93 -17.91 17.24 -42.44
N ALA F 94 -18.37 17.99 -43.45
CA ALA F 94 -19.14 19.18 -43.17
C ALA F 94 -20.36 18.79 -42.34
N THR F 95 -20.70 19.65 -41.37
CA THR F 95 -21.87 19.42 -40.52
C THR F 95 -23.07 19.01 -41.33
N ASN F 96 -23.31 19.72 -42.43
CA ASN F 96 -24.36 19.36 -43.37
C ASN F 96 -23.82 18.33 -44.36
N PRO F 97 -24.34 17.11 -44.35
CA PRO F 97 -23.81 16.07 -45.25
C PRO F 97 -23.87 16.45 -46.71
N LEU F 98 -24.81 17.31 -47.11
CA LEU F 98 -24.91 17.71 -48.50
C LEU F 98 -23.73 18.57 -48.92
N ALA F 99 -23.16 19.31 -47.97
CA ALA F 99 -21.95 20.10 -48.20
C ALA F 99 -20.67 19.32 -47.93
N SER F 100 -20.77 18.03 -47.61
CA SER F 100 -19.61 17.26 -47.18
C SER F 100 -19.04 16.45 -48.33
N ALA F 101 -17.77 16.11 -48.20
CA ALA F 101 -17.07 15.43 -49.27
C ALA F 101 -17.16 13.92 -49.08
N PRO F 102 -17.37 13.17 -50.16
CA PRO F 102 -17.20 11.72 -50.09
C PRO F 102 -15.78 11.37 -49.66
N GLY F 103 -15.67 10.30 -48.88
CA GLY F 103 -14.46 9.94 -48.18
C GLY F 103 -14.52 10.25 -46.71
N THR F 104 -15.34 11.22 -46.32
CA THR F 104 -15.60 11.49 -44.94
C THR F 104 -16.79 10.65 -44.46
N ILE F 105 -17.02 10.66 -43.15
CA ILE F 105 -18.08 9.85 -42.58
C ILE F 105 -19.44 10.35 -43.08
N ARG F 106 -19.70 11.65 -42.95
CA ARG F 106 -21.00 12.13 -43.43
C ARG F 106 -21.08 12.13 -44.94
N GLY F 107 -19.93 12.23 -45.63
CA GLY F 107 -19.93 12.13 -47.08
C GLY F 107 -20.15 10.72 -47.59
N ASP F 108 -19.87 9.72 -46.75
CA ASP F 108 -20.13 8.34 -47.12
C ASP F 108 -21.48 7.83 -46.61
N PHE F 109 -22.04 8.44 -45.58
CA PHE F 109 -23.09 7.76 -44.84
C PHE F 109 -24.33 8.60 -44.56
N ALA F 110 -24.31 9.91 -44.79
CA ALA F 110 -25.37 10.75 -44.28
C ALA F 110 -25.93 11.64 -45.37
N ILE F 111 -27.16 12.11 -45.15
CA ILE F 111 -27.83 13.01 -46.08
C ILE F 111 -28.35 14.25 -45.36
N ASP F 112 -29.22 14.06 -44.35
CA ASP F 112 -29.85 15.18 -43.66
C ASP F 112 -28.98 15.72 -42.53
N VAL F 113 -28.96 17.06 -42.40
CA VAL F 113 -28.16 17.66 -41.34
C VAL F 113 -28.67 17.27 -39.96
N GLY F 114 -29.99 17.12 -39.80
CA GLY F 114 -30.55 16.63 -38.55
C GLY F 114 -30.46 15.12 -38.34
N ARG F 115 -29.94 14.40 -39.32
CA ARG F 115 -29.61 12.98 -39.20
C ARG F 115 -28.20 12.76 -39.74
N ASN F 116 -27.24 13.49 -39.19
CA ASN F 116 -25.86 13.49 -39.68
C ASN F 116 -24.95 12.56 -38.89
N VAL F 117 -25.52 11.62 -38.15
CA VAL F 117 -24.85 10.35 -37.86
C VAL F 117 -23.83 10.45 -36.73
N CYS F 118 -23.18 11.60 -36.58
CA CYS F 118 -22.13 11.69 -35.59
C CYS F 118 -21.96 13.13 -35.18
N HIS F 119 -21.35 13.32 -34.01
CA HIS F 119 -20.98 14.61 -33.49
C HIS F 119 -19.48 14.66 -33.22
N GLY F 120 -18.91 15.84 -33.38
CA GLY F 120 -17.54 16.09 -32.97
C GLY F 120 -17.48 17.47 -32.38
N SER F 121 -16.55 17.66 -31.43
CA SER F 121 -16.39 18.97 -30.84
C SER F 121 -15.89 19.96 -31.90
N ASP F 122 -16.30 21.22 -31.76
CA ASP F 122 -15.92 22.25 -32.70
C ASP F 122 -14.69 23.07 -32.27
N SER F 123 -13.98 22.64 -31.23
CA SER F 123 -12.80 23.35 -30.72
C SER F 123 -12.16 22.52 -29.61
N VAL F 124 -10.86 22.77 -29.37
CA VAL F 124 -10.15 22.05 -28.32
C VAL F 124 -10.74 22.36 -26.95
N GLU F 125 -11.14 23.62 -26.73
CA GLU F 125 -11.73 23.99 -25.45
C GLU F 125 -13.10 23.35 -25.26
N ASN F 126 -13.90 23.26 -26.34
CA ASN F 126 -15.19 22.58 -26.23
C ASN F 126 -15.01 21.08 -26.12
N ALA F 127 -13.97 20.52 -26.72
CA ALA F 127 -13.69 19.11 -26.55
C ALA F 127 -13.40 18.79 -25.09
N LYS F 128 -12.64 19.66 -24.41
CA LYS F 128 -12.34 19.38 -23.02
C LYS F 128 -13.58 19.52 -22.15
N LYS F 129 -14.47 20.47 -22.47
CA LYS F 129 -15.73 20.58 -21.75
C LYS F 129 -16.62 19.37 -22.03
N GLU F 130 -16.72 18.98 -23.30
CA GLU F 130 -17.61 17.87 -23.66
C GLU F 130 -17.09 16.55 -23.09
N ILE F 131 -15.77 16.34 -23.14
CA ILE F 131 -15.19 15.15 -22.50
C ILE F 131 -15.48 15.17 -21.00
N ALA F 132 -15.23 16.32 -20.35
CA ALA F 132 -15.58 16.45 -18.94
C ALA F 132 -17.06 16.19 -18.68
N LEU F 133 -17.93 16.48 -19.66
CA LEU F 133 -19.36 16.26 -19.44
C LEU F 133 -19.77 14.80 -19.60
N TRP F 134 -19.22 14.11 -20.60
CA TRP F 134 -19.75 12.79 -20.95
C TRP F 134 -19.04 11.65 -20.25
N PHE F 135 -17.80 11.88 -19.78
CA PHE F 135 -16.99 10.82 -19.19
C PHE F 135 -16.49 11.22 -17.80
N LYS F 136 -16.48 10.24 -16.90
CA LYS F 136 -15.75 10.37 -15.65
C LYS F 136 -14.25 10.20 -15.92
N PRO F 137 -13.39 10.88 -15.16
CA PRO F 137 -11.94 10.68 -15.37
C PRO F 137 -11.50 9.23 -15.33
N GLU F 138 -12.21 8.37 -14.60
CA GLU F 138 -11.84 6.96 -14.59
C GLU F 138 -12.10 6.31 -15.94
N GLU F 139 -13.01 6.87 -16.73
CA GLU F 139 -13.35 6.24 -17.99
C GLU F 139 -12.30 6.51 -19.06
N LEU F 140 -11.50 7.57 -18.93
CA LEU F 140 -10.46 7.87 -19.89
C LEU F 140 -9.25 6.97 -19.62
N GLN F 141 -8.85 6.20 -20.62
CA GLN F 141 -7.78 5.24 -20.46
C GLN F 141 -6.45 5.89 -20.80
N LYS F 142 -5.42 5.54 -20.05
CA LYS F 142 -4.08 6.09 -20.24
C LYS F 142 -3.16 4.93 -20.57
N TYR F 143 -2.72 4.89 -21.82
CA TYR F 143 -1.88 3.82 -22.30
C TYR F 143 -1.10 4.36 -23.49
N LYS F 144 0.00 3.69 -23.80
CA LYS F 144 0.83 4.08 -24.93
C LYS F 144 0.40 3.24 -26.14
N HIS F 145 -0.08 3.92 -27.17
CA HIS F 145 -0.33 3.24 -28.44
C HIS F 145 0.94 2.51 -28.89
N SER F 146 0.81 1.20 -29.11
CA SER F 146 1.90 0.33 -29.53
C SER F 146 2.60 0.77 -30.82
N GLN F 147 2.04 1.73 -31.56
CA GLN F 147 2.61 2.16 -32.83
C GLN F 147 3.01 3.63 -32.79
N PHE F 148 3.13 4.20 -31.57
CA PHE F 148 3.31 5.64 -31.42
C PHE F 148 4.48 6.17 -32.23
N ASP F 149 5.64 5.54 -32.11
CA ASP F 149 6.83 6.07 -32.79
C ASP F 149 6.73 5.95 -34.30
N TRP F 150 5.87 5.08 -34.81
CA TRP F 150 5.65 4.97 -36.25
C TRP F 150 4.61 5.93 -36.78
N ILE F 151 3.79 6.50 -35.91
CA ILE F 151 2.75 7.44 -36.30
C ILE F 151 3.22 8.88 -36.14
N TYR F 152 4.03 9.13 -35.13
CA TYR F 152 4.51 10.47 -34.79
C TYR F 152 6.03 10.55 -34.94
N GLU F 153 6.55 11.78 -35.02
CA GLU F 153 7.99 12.02 -35.05
C GLU F 153 8.54 12.34 -33.66
N SER G 4 1.59 8.72 -73.88
CA SER G 4 0.91 9.32 -72.74
C SER G 4 0.85 8.40 -71.50
N ASP G 5 1.09 7.10 -71.69
CA ASP G 5 1.20 6.15 -70.56
C ASP G 5 2.61 6.21 -69.97
N GLU G 6 2.80 7.22 -69.10
CA GLU G 6 3.99 7.53 -68.33
C GLU G 6 4.29 6.50 -67.25
N GLN G 7 5.16 6.88 -66.30
CA GLN G 7 5.45 6.06 -65.14
C GLN G 7 5.73 7.01 -63.98
N THR G 8 5.51 6.49 -62.77
CA THR G 8 5.81 7.28 -61.58
C THR G 8 6.44 6.37 -60.53
N PHE G 9 7.13 6.98 -59.58
CA PHE G 9 7.74 6.26 -58.48
C PHE G 9 6.99 6.51 -57.19
N ILE G 10 6.51 5.43 -56.58
CA ILE G 10 5.80 5.48 -55.30
C ILE G 10 6.53 4.57 -54.32
N ALA G 11 6.77 5.07 -53.12
CA ALA G 11 7.39 4.26 -52.08
C ALA G 11 6.49 4.24 -50.85
N ILE G 12 6.40 3.08 -50.22
CA ILE G 12 5.83 2.97 -48.89
C ILE G 12 6.98 3.08 -47.91
N LYS G 13 7.03 4.20 -47.20
CA LYS G 13 8.08 4.48 -46.24
C LYS G 13 8.03 3.50 -45.08
N PRO G 14 9.08 3.45 -44.25
CA PRO G 14 9.10 2.47 -43.14
C PRO G 14 7.83 2.46 -42.28
N ASP G 15 7.23 3.62 -42.00
CA ASP G 15 6.00 3.62 -41.20
C ASP G 15 4.87 2.90 -41.94
N GLY G 16 4.75 3.12 -43.25
CA GLY G 16 3.73 2.44 -44.02
C GLY G 16 3.81 0.92 -43.91
N VAL G 17 5.02 0.36 -44.05
CA VAL G 17 5.16 -1.09 -44.06
C VAL G 17 4.93 -1.65 -42.65
N GLN G 18 5.35 -0.92 -41.62
CA GLN G 18 5.26 -1.42 -40.25
C GLN G 18 3.84 -1.35 -39.71
N ARG G 19 2.98 -0.56 -40.34
CA ARG G 19 1.59 -0.43 -39.92
C ARG G 19 0.67 -1.31 -40.77
N GLY G 20 1.23 -2.21 -41.57
CA GLY G 20 0.41 -3.04 -42.44
C GLY G 20 -0.34 -2.32 -43.56
N LEU G 21 0.20 -1.22 -44.06
CA LEU G 21 -0.47 -0.46 -45.10
C LEU G 21 -0.14 -0.89 -46.53
N VAL G 22 0.67 -1.94 -46.71
CA VAL G 22 1.17 -2.29 -48.05
C VAL G 22 0.02 -2.72 -48.95
N GLY G 23 -0.72 -3.74 -48.51
CA GLY G 23 -1.92 -4.19 -49.19
C GLY G 23 -2.84 -3.05 -49.59
N PRO G 24 -3.26 -2.25 -48.62
CA PRO G 24 -4.21 -1.17 -48.96
C PRO G 24 -3.61 -0.16 -49.93
N ILE G 25 -2.36 0.26 -49.75
CA ILE G 25 -1.79 1.24 -50.67
C ILE G 25 -1.77 0.67 -52.09
N ILE G 26 -1.34 -0.59 -52.23
CA ILE G 26 -1.29 -1.20 -53.55
C ILE G 26 -2.68 -1.24 -54.17
N SER G 27 -3.69 -1.62 -53.37
CA SER G 27 -5.06 -1.69 -53.85
C SER G 27 -5.53 -0.35 -54.42
N ARG G 28 -5.22 0.75 -53.72
CA ARG G 28 -5.69 2.05 -54.22
C ARG G 28 -5.23 2.29 -55.64
N PHE G 29 -3.96 1.96 -55.93
CA PHE G 29 -3.44 2.19 -57.27
C PHE G 29 -4.05 1.21 -58.27
N GLU G 30 -4.12 -0.09 -57.94
CA GLU G 30 -4.66 -0.94 -58.99
C GLU G 30 -6.16 -0.72 -59.19
N ASN G 31 -6.91 -0.37 -58.14
CA ASN G 31 -8.33 -0.08 -58.36
C ASN G 31 -8.52 1.14 -59.27
N ARG G 32 -7.63 2.12 -59.18
CA ARG G 32 -7.71 3.27 -60.08
C ARG G 32 -7.59 2.87 -61.54
N GLY G 33 -6.97 1.73 -61.83
CA GLY G 33 -6.72 1.32 -63.21
C GLY G 33 -5.27 1.46 -63.66
N PHE G 34 -4.37 1.88 -62.78
CA PHE G 34 -2.96 1.93 -63.13
C PHE G 34 -2.35 0.53 -63.13
N LYS G 35 -1.24 0.37 -63.86
CA LYS G 35 -0.56 -0.90 -63.99
C LYS G 35 0.77 -0.88 -63.23
N LEU G 36 0.98 -1.90 -62.42
CA LEU G 36 2.16 -2.05 -61.57
C LEU G 36 3.35 -2.45 -62.44
N ALA G 37 4.28 -1.51 -62.64
CA ALA G 37 5.45 -1.77 -63.46
C ALA G 37 6.50 -2.53 -62.68
N ALA G 38 6.93 -1.97 -61.54
CA ALA G 38 7.96 -2.56 -60.72
C ALA G 38 7.50 -2.51 -59.27
N LEU G 39 8.06 -3.41 -58.46
CA LEU G 39 7.66 -3.54 -57.07
C LEU G 39 8.71 -4.33 -56.32
N LYS G 40 9.17 -3.81 -55.19
CA LYS G 40 10.05 -4.64 -54.38
C LYS G 40 10.10 -4.11 -52.97
N LEU G 41 10.22 -5.05 -52.01
CA LEU G 41 10.65 -4.72 -50.67
C LEU G 41 12.18 -4.64 -50.64
N CYS G 42 12.71 -3.62 -49.96
CA CYS G 42 14.13 -3.34 -50.05
C CYS G 42 14.54 -2.48 -48.86
N SER G 43 15.85 -2.34 -48.66
CA SER G 43 16.38 -1.49 -47.60
C SER G 43 17.61 -0.77 -48.13
N PRO G 44 17.42 0.39 -48.76
CA PRO G 44 18.54 1.05 -49.46
C PRO G 44 19.57 1.60 -48.50
N SER G 45 20.74 1.92 -49.07
CA SER G 45 21.89 2.38 -48.31
C SER G 45 21.65 3.78 -47.75
N LYS G 46 22.38 4.09 -46.68
CA LYS G 46 22.41 5.45 -46.15
C LYS G 46 22.71 6.49 -47.23
N GLU G 47 23.42 6.09 -48.29
CA GLU G 47 23.80 6.98 -49.37
C GLU G 47 22.80 6.98 -50.52
N HIS G 48 22.08 5.86 -50.72
CA HIS G 48 21.06 5.81 -51.75
C HIS G 48 19.93 6.78 -51.45
N LEU G 49 19.60 6.94 -50.18
CA LEU G 49 18.51 7.82 -49.82
C LEU G 49 18.93 9.28 -49.90
N GLU G 50 20.22 9.55 -49.72
CA GLU G 50 20.71 10.91 -49.84
C GLU G 50 20.73 11.38 -51.28
N GLN G 51 21.03 10.49 -52.23
CA GLN G 51 20.84 10.88 -53.63
C GLN G 51 19.34 11.06 -53.95
N HIS G 52 18.47 10.28 -53.29
CA HIS G 52 17.04 10.42 -53.52
C HIS G 52 16.52 11.75 -52.99
N TYR G 53 16.86 12.08 -51.75
CA TYR G 53 16.46 13.36 -51.18
C TYR G 53 17.50 14.45 -51.40
N ALA G 54 18.12 14.45 -52.59
CA ALA G 54 19.22 15.36 -52.88
C ALA G 54 18.81 16.81 -52.68
N ASP G 55 17.69 17.20 -53.28
CA ASP G 55 17.28 18.60 -53.26
C ASP G 55 17.11 19.15 -51.85
N LEU G 56 17.13 18.31 -50.82
CA LEU G 56 16.92 18.73 -49.44
C LEU G 56 18.18 18.59 -48.59
N SER G 57 19.34 18.35 -49.22
CA SER G 57 20.56 18.08 -48.48
C SER G 57 20.93 19.23 -47.54
N SER G 58 20.53 20.46 -47.88
CA SER G 58 20.89 21.63 -47.08
C SER G 58 19.85 21.98 -46.00
N LYS G 59 18.68 21.34 -46.00
CA LYS G 59 17.66 21.65 -45.01
C LYS G 59 17.98 20.98 -43.67
N PRO G 60 17.59 21.61 -42.55
CA PRO G 60 18.09 21.15 -41.25
C PRO G 60 17.60 19.77 -40.86
N PHE G 61 16.44 19.36 -41.36
CA PHE G 61 15.87 18.05 -41.02
C PHE G 61 16.38 16.94 -41.92
N PHE G 62 17.25 17.26 -42.87
CA PHE G 62 17.78 16.23 -43.77
C PHE G 62 18.43 15.07 -43.04
N PRO G 63 19.24 15.27 -41.99
CA PRO G 63 19.73 14.10 -41.23
C PRO G 63 18.61 13.24 -40.66
N GLY G 64 17.64 13.87 -39.99
CA GLY G 64 16.55 13.11 -39.40
C GLY G 64 15.76 12.34 -40.45
N LEU G 65 15.48 12.97 -41.58
CA LEU G 65 14.74 12.32 -42.65
C LEU G 65 15.44 11.03 -43.10
N VAL G 66 16.74 11.12 -43.41
CA VAL G 66 17.46 9.97 -43.96
C VAL G 66 17.45 8.82 -42.97
N SER G 67 17.80 9.11 -41.72
CA SER G 67 17.88 8.09 -40.69
C SER G 67 16.56 7.32 -40.56
N TYR G 68 15.47 8.02 -40.22
CA TYR G 68 14.14 7.39 -40.21
C TYR G 68 13.88 6.65 -41.51
N MET G 69 14.39 7.15 -42.63
CA MET G 69 14.05 6.55 -43.92
C MET G 69 14.72 5.21 -44.15
N LEU G 70 15.50 4.70 -43.22
CA LEU G 70 15.73 3.27 -43.19
C LEU G 70 15.80 2.75 -41.76
N SER G 71 14.84 3.16 -40.94
CA SER G 71 14.57 2.44 -39.72
C SER G 71 13.75 1.17 -39.97
N GLY G 72 13.45 0.84 -41.23
CA GLY G 72 12.83 -0.42 -41.57
C GLY G 72 12.71 -0.55 -43.07
N PRO G 73 12.36 -1.74 -43.58
CA PRO G 73 12.29 -1.93 -45.03
C PRO G 73 11.29 -0.99 -45.70
N ILE G 74 11.49 -0.77 -47.00
CA ILE G 74 10.71 0.15 -47.81
C ILE G 74 10.17 -0.62 -49.01
N VAL G 75 8.94 -0.30 -49.42
CA VAL G 75 8.33 -0.90 -50.61
C VAL G 75 8.42 0.10 -51.74
N ALA G 76 9.30 -0.18 -52.69
CA ALA G 76 9.49 0.68 -53.84
C ALA G 76 8.64 0.15 -54.98
N MET G 77 8.02 1.07 -55.71
CA MET G 77 7.08 0.69 -56.75
C MET G 77 7.19 1.66 -57.92
N VAL G 78 6.83 1.17 -59.10
CA VAL G 78 6.61 2.01 -60.26
C VAL G 78 5.22 1.73 -60.80
N TRP G 79 4.46 2.78 -61.05
CA TRP G 79 3.10 2.66 -61.57
C TRP G 79 3.04 3.32 -62.93
N GLU G 80 2.29 2.70 -63.85
CA GLU G 80 2.25 3.12 -65.24
C GLU G 80 0.82 3.45 -65.67
N GLY G 81 0.62 4.64 -66.21
CA GLY G 81 -0.62 5.02 -66.83
C GLY G 81 -0.65 6.51 -67.10
N ARG G 82 -1.70 6.95 -67.80
CA ARG G 82 -1.81 8.35 -68.19
C ARG G 82 -1.82 9.28 -66.97
N GLU G 83 -0.92 10.27 -66.98
CA GLU G 83 -0.77 11.26 -65.92
C GLU G 83 -0.62 10.63 -64.53
N VAL G 84 -0.07 9.42 -64.46
CA VAL G 84 0.05 8.73 -63.17
C VAL G 84 0.94 9.49 -62.18
N VAL G 85 1.87 10.32 -62.64
CA VAL G 85 2.67 11.09 -61.68
C VAL G 85 1.81 12.14 -61.00
N LYS G 86 0.94 12.82 -61.77
CA LYS G 86 0.01 13.79 -61.22
C LYS G 86 -1.09 13.09 -60.41
N THR G 87 -1.65 12.01 -60.96
CA THR G 87 -2.73 11.31 -60.29
C THR G 87 -2.23 10.62 -59.03
N GLY G 88 -1.02 10.05 -59.09
CA GLY G 88 -0.44 9.43 -57.91
C GLY G 88 -0.29 10.39 -56.75
N ARG G 89 0.14 11.62 -57.03
CA ARG G 89 0.20 12.63 -55.98
C ARG G 89 -1.19 12.93 -55.39
N THR G 90 -2.24 12.86 -56.22
CA THR G 90 -3.58 13.14 -55.70
C THR G 90 -4.05 12.00 -54.79
N ILE G 91 -3.81 10.76 -55.21
CA ILE G 91 -4.16 9.58 -54.44
C ILE G 91 -3.48 9.59 -53.08
N LEU G 92 -2.18 9.94 -53.06
CA LEU G 92 -1.46 10.01 -51.78
C LEU G 92 -1.98 11.14 -50.92
N GLY G 93 -2.46 12.21 -51.55
CA GLY G 93 -2.93 13.36 -50.82
C GLY G 93 -1.79 14.28 -50.44
N ALA G 94 -2.16 15.39 -49.79
CA ALA G 94 -1.19 16.40 -49.37
C ALA G 94 -0.01 15.78 -48.66
N THR G 95 1.19 16.34 -48.90
CA THR G 95 2.37 15.81 -48.24
C THR G 95 2.23 15.90 -46.73
N ASN G 96 1.72 17.02 -46.24
CA ASN G 96 1.33 17.11 -44.85
C ASN G 96 -0.02 16.41 -44.69
N PRO G 97 -0.08 15.28 -43.98
CA PRO G 97 -1.38 14.57 -43.87
C PRO G 97 -2.42 15.42 -43.18
N LEU G 98 -2.04 16.19 -42.16
CA LEU G 98 -2.99 17.08 -41.50
C LEU G 98 -3.68 18.03 -42.49
N ALA G 99 -3.20 18.14 -43.72
CA ALA G 99 -3.83 18.91 -44.79
C ALA G 99 -4.33 18.05 -45.94
N SER G 100 -4.23 16.73 -45.81
CA SER G 100 -4.83 15.86 -46.81
C SER G 100 -6.31 15.65 -46.51
N ALA G 101 -7.05 15.20 -47.53
CA ALA G 101 -8.48 14.89 -47.47
C ALA G 101 -8.71 13.39 -47.28
N PRO G 102 -9.67 13.04 -46.42
CA PRO G 102 -10.12 11.65 -46.35
C PRO G 102 -10.40 11.11 -47.74
N GLY G 103 -10.10 9.83 -47.96
CA GLY G 103 -10.13 9.23 -49.27
C GLY G 103 -8.77 9.15 -49.94
N THR G 104 -7.81 10.00 -49.55
CA THR G 104 -6.45 9.83 -50.03
C THR G 104 -5.68 8.90 -49.11
N ILE G 105 -4.49 8.49 -49.52
CA ILE G 105 -3.75 7.58 -48.65
C ILE G 105 -3.35 8.28 -47.37
N ARG G 106 -2.82 9.49 -47.45
CA ARG G 106 -2.45 10.18 -46.23
C ARG G 106 -3.66 10.73 -45.48
N GLY G 107 -4.79 10.94 -46.18
CA GLY G 107 -6.00 11.36 -45.49
C GLY G 107 -6.67 10.26 -44.70
N ASP G 108 -6.48 9.00 -45.11
CA ASP G 108 -7.07 7.90 -44.37
C ASP G 108 -6.10 7.30 -43.33
N PHE G 109 -4.77 7.47 -43.51
CA PHE G 109 -3.82 6.69 -42.72
C PHE G 109 -2.74 7.45 -41.98
N ALA G 110 -2.63 8.77 -42.09
CA ALA G 110 -1.43 9.41 -41.58
C ALA G 110 -1.72 10.73 -40.90
N ILE G 111 -0.82 11.13 -39.99
CA ILE G 111 -0.96 12.33 -39.17
C ILE G 111 0.23 13.27 -39.34
N ASP G 112 1.44 12.73 -39.26
CA ASP G 112 2.64 13.57 -39.22
C ASP G 112 3.32 13.64 -40.57
N VAL G 113 3.87 14.83 -40.87
CA VAL G 113 4.67 15.04 -42.08
C VAL G 113 5.84 14.06 -42.13
N GLY G 114 6.45 13.78 -40.99
CA GLY G 114 7.58 12.88 -40.96
C GLY G 114 7.20 11.43 -40.87
N ARG G 115 5.90 11.16 -40.78
CA ARG G 115 5.34 9.83 -40.82
C ARG G 115 4.20 9.78 -41.80
N ASN G 116 4.44 10.29 -43.01
CA ASN G 116 3.39 10.41 -44.02
C ASN G 116 3.33 9.20 -44.95
N VAL G 117 3.86 8.05 -44.48
CA VAL G 117 3.62 6.67 -44.92
C VAL G 117 4.01 6.34 -46.36
N CYS G 118 4.09 7.34 -47.22
CA CYS G 118 4.47 7.02 -48.60
C CYS G 118 5.11 8.22 -49.26
N HIS G 119 5.89 7.93 -50.31
CA HIS G 119 6.54 8.94 -51.13
C HIS G 119 5.98 8.87 -52.54
N GLY G 120 5.75 10.03 -53.14
CA GLY G 120 5.41 10.10 -54.56
C GLY G 120 6.32 11.04 -55.31
N SER G 121 6.53 10.71 -56.60
CA SER G 121 7.37 11.53 -57.47
C SER G 121 6.81 12.94 -57.62
N ASP G 122 7.73 13.89 -57.76
CA ASP G 122 7.48 15.33 -57.79
C ASP G 122 6.91 15.81 -59.11
N SER G 123 7.29 15.15 -60.22
CA SER G 123 6.98 15.60 -61.57
C SER G 123 7.31 14.46 -62.53
N VAL G 124 6.96 14.65 -63.80
CA VAL G 124 7.22 13.64 -64.81
C VAL G 124 8.72 13.39 -64.93
N GLU G 125 9.52 14.47 -64.98
CA GLU G 125 10.95 14.31 -65.18
C GLU G 125 11.66 13.98 -63.88
N ASN G 126 11.17 14.49 -62.74
CA ASN G 126 11.71 14.01 -61.48
C ASN G 126 11.37 12.54 -61.24
N ALA G 127 10.33 12.03 -61.90
CA ALA G 127 10.01 10.61 -61.76
C ALA G 127 11.07 9.75 -62.46
N LYS G 128 11.38 10.10 -63.72
CA LYS G 128 12.50 9.53 -64.46
C LYS G 128 13.69 9.22 -63.56
N LYS G 129 14.12 10.21 -62.78
CA LYS G 129 15.33 10.08 -61.96
C LYS G 129 15.15 9.02 -60.88
N GLU G 130 14.15 9.20 -60.01
CA GLU G 130 13.90 8.26 -58.91
C GLU G 130 13.66 6.84 -59.42
N ILE G 131 12.99 6.69 -60.57
CA ILE G 131 12.80 5.36 -61.13
C ILE G 131 14.15 4.74 -61.49
N ALA G 132 15.04 5.53 -62.10
CA ALA G 132 16.39 5.03 -62.41
C ALA G 132 17.19 4.76 -61.14
N LEU G 133 17.08 5.65 -60.16
CA LEU G 133 17.86 5.54 -58.94
C LEU G 133 17.49 4.31 -58.13
N TRP G 134 16.21 3.94 -58.09
CA TRP G 134 15.70 2.87 -57.25
C TRP G 134 15.64 1.52 -57.95
N PHE G 135 15.48 1.51 -59.25
CA PHE G 135 15.28 0.27 -60.00
C PHE G 135 16.29 0.18 -61.13
N LYS G 136 16.86 -1.03 -61.30
CA LYS G 136 17.66 -1.36 -62.46
C LYS G 136 16.75 -1.74 -63.63
N PRO G 137 17.05 -1.26 -64.84
CA PRO G 137 16.04 -1.23 -65.91
C PRO G 137 15.28 -2.53 -66.21
N GLU G 138 15.82 -3.73 -65.95
CA GLU G 138 14.99 -4.90 -66.25
C GLU G 138 14.02 -5.24 -65.12
N GLU G 139 14.27 -4.72 -63.91
CA GLU G 139 13.29 -4.81 -62.84
C GLU G 139 11.95 -4.18 -63.22
N LEU G 140 11.94 -3.30 -64.23
CA LEU G 140 10.73 -2.69 -64.75
C LEU G 140 10.15 -3.65 -65.78
N GLN G 141 9.09 -4.35 -65.40
CA GLN G 141 8.48 -5.37 -66.24
C GLN G 141 7.66 -4.71 -67.35
N LYS G 142 7.39 -5.49 -68.41
CA LYS G 142 6.75 -4.96 -69.61
C LYS G 142 5.65 -5.92 -70.05
N TYR G 143 4.40 -5.43 -70.04
CA TYR G 143 3.25 -6.24 -70.41
C TYR G 143 2.07 -5.31 -70.66
N LYS G 144 1.02 -5.86 -71.25
CA LYS G 144 -0.19 -5.10 -71.56
C LYS G 144 -1.23 -5.37 -70.49
N HIS G 145 -1.74 -4.31 -69.87
CA HIS G 145 -2.82 -4.45 -68.92
C HIS G 145 -4.00 -5.18 -69.56
N SER G 146 -4.46 -6.26 -68.91
CA SER G 146 -5.55 -7.11 -69.39
C SER G 146 -6.88 -6.38 -69.59
N GLN G 147 -7.02 -5.12 -69.17
CA GLN G 147 -8.25 -4.36 -69.35
C GLN G 147 -7.96 -2.98 -69.92
N PHE G 148 -6.89 -2.91 -70.72
CA PHE G 148 -6.34 -1.63 -71.19
C PHE G 148 -7.38 -0.82 -71.96
N ASP G 149 -8.13 -1.48 -72.84
CA ASP G 149 -9.10 -0.75 -73.64
C ASP G 149 -10.34 -0.36 -72.83
N TRP G 150 -10.51 -0.96 -71.65
CA TRP G 150 -11.59 -0.57 -70.74
C TRP G 150 -11.18 0.57 -69.83
N ILE G 151 -9.88 0.71 -69.58
CA ILE G 151 -9.35 1.83 -68.81
C ILE G 151 -9.10 3.05 -69.68
N TYR G 152 -8.72 2.86 -70.94
CA TYR G 152 -8.36 3.97 -71.81
C TYR G 152 -9.14 3.89 -73.12
N GLU G 153 -9.31 5.05 -73.75
CA GLU G 153 -9.99 5.15 -75.04
C GLU G 153 -9.02 5.20 -76.23
N SER H 4 8.39 -19.47 -35.22
CA SER H 4 8.14 -18.03 -35.15
C SER H 4 8.84 -17.23 -36.27
N ASP H 5 10.16 -17.42 -36.40
CA ASP H 5 10.87 -16.90 -37.57
C ASP H 5 10.75 -17.81 -38.76
N GLU H 6 9.85 -18.81 -38.70
CA GLU H 6 9.53 -19.63 -39.85
C GLU H 6 9.05 -18.78 -41.02
N GLN H 7 9.22 -19.29 -42.23
CA GLN H 7 8.93 -18.55 -43.46
C GLN H 7 8.26 -19.46 -44.47
N THR H 8 7.67 -18.84 -45.49
CA THR H 8 6.95 -19.55 -46.55
C THR H 8 7.03 -18.71 -47.81
N PHE H 9 6.93 -19.38 -48.95
CA PHE H 9 6.96 -18.71 -50.25
C PHE H 9 5.56 -18.68 -50.83
N ILE H 10 5.07 -17.48 -51.12
CA ILE H 10 3.80 -17.32 -51.79
C ILE H 10 4.00 -16.44 -53.00
N ALA H 11 3.46 -16.86 -54.14
CA ALA H 11 3.54 -16.12 -55.38
C ALA H 11 2.15 -15.86 -55.92
N ILE H 12 1.94 -14.65 -56.43
CA ILE H 12 0.70 -14.34 -57.13
C ILE H 12 0.95 -14.64 -58.59
N LYS H 13 0.26 -15.65 -59.12
CA LYS H 13 0.37 -16.08 -60.51
C LYS H 13 0.00 -14.93 -61.45
N PRO H 14 0.15 -15.06 -62.77
CA PRO H 14 -0.11 -13.89 -63.62
C PRO H 14 -1.57 -13.47 -63.63
N ASP H 15 -2.52 -14.41 -63.56
CA ASP H 15 -3.93 -14.04 -63.48
C ASP H 15 -4.20 -13.17 -62.25
N GLY H 16 -3.62 -13.54 -61.11
CA GLY H 16 -3.83 -12.77 -59.89
C GLY H 16 -3.33 -11.35 -60.03
N VAL H 17 -2.21 -11.17 -60.72
CA VAL H 17 -1.70 -9.83 -60.96
C VAL H 17 -2.58 -9.11 -61.97
N GLN H 18 -3.02 -9.83 -63.01
CA GLN H 18 -3.81 -9.24 -64.08
C GLN H 18 -5.22 -8.88 -63.62
N ARG H 19 -5.76 -9.61 -62.66
CA ARG H 19 -7.09 -9.32 -62.15
C ARG H 19 -7.06 -8.33 -60.99
N GLY H 20 -5.89 -7.82 -60.62
CA GLY H 20 -5.79 -6.82 -59.57
C GLY H 20 -5.85 -7.37 -58.16
N LEU H 21 -5.45 -8.61 -57.95
CA LEU H 21 -5.54 -9.23 -56.63
C LEU H 21 -4.27 -9.04 -55.79
N VAL H 22 -3.34 -8.19 -56.22
CA VAL H 22 -2.10 -8.01 -55.47
C VAL H 22 -2.39 -7.48 -54.07
N GLY H 23 -3.02 -6.31 -54.01
CA GLY H 23 -3.34 -5.66 -52.76
C GLY H 23 -4.14 -6.53 -51.83
N PRO H 24 -5.29 -7.04 -52.29
CA PRO H 24 -6.10 -7.89 -51.41
C PRO H 24 -5.31 -9.07 -50.86
N ILE H 25 -4.52 -9.72 -51.69
CA ILE H 25 -3.79 -10.91 -51.25
C ILE H 25 -2.77 -10.56 -50.17
N ILE H 26 -1.93 -9.55 -50.44
CA ILE H 26 -1.02 -9.05 -49.40
C ILE H 26 -1.81 -8.71 -48.14
N SER H 27 -2.94 -8.02 -48.31
CA SER H 27 -3.75 -7.61 -47.17
C SER H 27 -4.10 -8.79 -46.28
N ARG H 28 -4.42 -9.94 -46.87
CA ARG H 28 -4.79 -11.12 -46.08
C ARG H 28 -3.67 -11.52 -45.14
N PHE H 29 -2.45 -11.64 -45.67
CA PHE H 29 -1.34 -12.03 -44.81
C PHE H 29 -0.99 -10.92 -43.83
N GLU H 30 -1.05 -9.66 -44.28
CA GLU H 30 -0.75 -8.53 -43.38
C GLU H 30 -1.72 -8.49 -42.21
N ASN H 31 -3.01 -8.64 -42.50
CA ASN H 31 -4.02 -8.64 -41.42
C ASN H 31 -3.79 -9.79 -40.46
N ARG H 32 -3.47 -10.97 -41.00
CA ARG H 32 -3.31 -12.14 -40.14
C ARG H 32 -2.25 -11.93 -39.07
N GLY H 33 -1.31 -11.01 -39.31
CA GLY H 33 -0.18 -10.79 -38.43
C GLY H 33 1.17 -11.29 -38.93
N PHE H 34 1.25 -11.75 -40.17
CA PHE H 34 2.48 -12.28 -40.70
C PHE H 34 3.36 -11.15 -41.23
N LYS H 35 4.67 -11.38 -41.20
CA LYS H 35 5.63 -10.34 -41.57
C LYS H 35 6.03 -10.54 -43.03
N LEU H 36 5.98 -9.47 -43.80
CA LEU H 36 6.39 -9.54 -45.19
C LEU H 36 7.92 -9.47 -45.20
N ALA H 37 8.57 -10.58 -45.57
CA ALA H 37 10.02 -10.66 -45.50
C ALA H 37 10.68 -10.24 -46.79
N ALA H 38 10.06 -10.53 -47.91
CA ALA H 38 10.56 -10.11 -49.21
C ALA H 38 9.37 -9.96 -50.14
N LEU H 39 9.51 -9.10 -51.14
CA LEU H 39 8.46 -8.89 -52.12
C LEU H 39 9.11 -8.35 -53.38
N LYS H 40 8.74 -8.91 -54.53
CA LYS H 40 9.18 -8.34 -55.80
C LYS H 40 8.21 -8.71 -56.92
N LEU H 41 7.99 -7.77 -57.83
CA LEU H 41 7.35 -8.07 -59.10
C LEU H 41 8.42 -8.52 -60.09
N CYS H 42 8.26 -9.73 -60.63
CA CYS H 42 9.30 -10.34 -61.43
C CYS H 42 8.69 -11.19 -62.54
N SER H 43 9.39 -11.26 -63.67
CA SER H 43 9.08 -12.19 -64.75
C SER H 43 10.16 -13.26 -64.79
N PRO H 44 9.83 -14.50 -64.51
CA PRO H 44 10.87 -15.54 -64.35
C PRO H 44 11.21 -16.18 -65.70
N SER H 45 12.41 -16.75 -65.77
CA SER H 45 12.82 -17.44 -66.97
C SER H 45 12.02 -18.73 -67.13
N LYS H 46 11.83 -19.16 -68.39
CA LYS H 46 11.16 -20.44 -68.62
C LYS H 46 11.86 -21.59 -67.92
N GLU H 47 13.16 -21.43 -67.64
CA GLU H 47 13.89 -22.44 -66.87
C GLU H 47 13.61 -22.31 -65.39
N HIS H 48 13.45 -21.06 -64.91
CA HIS H 48 13.09 -20.81 -63.51
C HIS H 48 11.82 -21.55 -63.15
N LEU H 49 10.81 -21.51 -64.02
CA LEU H 49 9.52 -22.10 -63.74
C LEU H 49 9.51 -23.60 -63.91
N GLU H 50 10.41 -24.15 -64.73
CA GLU H 50 10.49 -25.60 -64.86
C GLU H 50 11.29 -26.22 -63.73
N GLN H 51 12.08 -25.42 -63.01
CA GLN H 51 12.76 -25.86 -61.81
C GLN H 51 11.98 -25.50 -60.54
N HIS H 52 11.01 -24.59 -60.63
CA HIS H 52 10.05 -24.47 -59.54
C HIS H 52 9.11 -25.66 -59.53
N TYR H 53 8.45 -25.93 -60.65
CA TYR H 53 7.53 -27.06 -60.77
C TYR H 53 8.26 -28.34 -61.17
N ALA H 54 9.55 -28.45 -60.83
CA ALA H 54 10.31 -29.63 -61.20
C ALA H 54 9.85 -30.86 -60.44
N ASP H 55 9.42 -30.69 -59.19
CA ASP H 55 9.18 -31.81 -58.29
C ASP H 55 8.19 -32.81 -58.85
N LEU H 56 7.41 -32.45 -59.87
CA LEU H 56 6.86 -33.44 -60.79
C LEU H 56 6.98 -32.86 -62.19
N SER H 57 8.17 -33.07 -62.77
CA SER H 57 8.43 -32.77 -64.18
C SER H 57 7.51 -33.56 -65.10
N SER H 58 7.00 -34.69 -64.60
CA SER H 58 6.48 -35.75 -65.44
C SER H 58 5.12 -35.41 -66.03
N LYS H 59 4.23 -34.82 -65.26
CA LYS H 59 2.79 -34.92 -65.50
C LYS H 59 2.37 -34.24 -66.80
N PRO H 60 1.26 -34.69 -67.40
CA PRO H 60 0.88 -34.19 -68.74
C PRO H 60 0.75 -32.69 -68.85
N PHE H 61 0.28 -32.02 -67.80
CA PHE H 61 -0.02 -30.59 -67.91
C PHE H 61 1.22 -29.70 -67.80
N PHE H 62 2.39 -30.27 -67.53
CA PHE H 62 3.62 -29.49 -67.33
C PHE H 62 3.89 -28.45 -68.43
N PRO H 63 3.79 -28.76 -69.73
CA PRO H 63 3.99 -27.72 -70.73
C PRO H 63 2.90 -26.66 -70.71
N GLY H 64 1.71 -26.98 -70.21
CA GLY H 64 0.65 -25.99 -70.12
C GLY H 64 0.82 -25.04 -68.95
N LEU H 65 1.45 -25.49 -67.87
CA LEU H 65 1.73 -24.61 -66.74
C LEU H 65 2.73 -23.52 -67.13
N VAL H 66 3.91 -23.94 -67.58
CA VAL H 66 4.99 -23.00 -67.83
C VAL H 66 4.62 -22.02 -68.95
N SER H 67 3.94 -22.52 -69.99
CA SER H 67 3.46 -21.63 -71.04
C SER H 67 2.57 -20.54 -70.45
N TYR H 68 1.78 -20.89 -69.43
CA TYR H 68 0.89 -19.93 -68.78
C TYR H 68 1.55 -19.15 -67.65
N MET H 69 2.47 -19.77 -66.90
CA MET H 69 3.22 -18.99 -65.92
C MET H 69 4.18 -18.00 -66.57
N LEU H 70 4.32 -18.03 -67.89
CA LEU H 70 4.99 -16.97 -68.62
C LEU H 70 4.01 -15.98 -69.24
N SER H 71 2.69 -16.19 -69.05
CA SER H 71 1.69 -15.30 -69.63
C SER H 71 1.80 -13.88 -69.10
N GLY H 72 2.35 -13.69 -67.90
CA GLY H 72 2.55 -12.36 -67.41
C GLY H 72 3.29 -12.34 -66.08
N PRO H 73 3.62 -11.13 -65.64
CA PRO H 73 4.48 -10.99 -64.46
C PRO H 73 3.87 -11.59 -63.20
N ILE H 74 4.76 -11.89 -62.26
CA ILE H 74 4.47 -12.61 -61.03
C ILE H 74 4.92 -11.76 -59.85
N VAL H 75 4.18 -11.85 -58.75
CA VAL H 75 4.58 -11.22 -57.50
C VAL H 75 4.99 -12.33 -56.55
N ALA H 76 6.28 -12.45 -56.31
CA ALA H 76 6.84 -13.46 -55.40
C ALA H 76 7.05 -12.83 -54.04
N MET H 77 6.79 -13.59 -53.00
CA MET H 77 6.80 -13.03 -51.65
C MET H 77 7.33 -14.04 -50.67
N VAL H 78 7.88 -13.52 -49.56
CA VAL H 78 8.22 -14.32 -48.40
C VAL H 78 7.48 -13.77 -47.18
N TRP H 79 6.62 -14.60 -46.59
CA TRP H 79 5.92 -14.25 -45.35
C TRP H 79 6.53 -15.02 -44.20
N GLU H 80 6.65 -14.36 -43.05
CA GLU H 80 7.29 -14.93 -41.87
C GLU H 80 6.37 -14.88 -40.66
N GLY H 81 6.30 -15.97 -39.91
CA GLY H 81 5.53 -16.00 -38.68
C GLY H 81 5.29 -17.43 -38.24
N ARG H 82 4.65 -17.56 -37.07
CA ARG H 82 4.47 -18.86 -36.47
C ARG H 82 3.55 -19.71 -37.32
N GLU H 83 4.03 -20.89 -37.69
CA GLU H 83 3.29 -21.85 -38.51
C GLU H 83 2.85 -21.24 -39.83
N VAL H 84 3.69 -20.37 -40.40
CA VAL H 84 3.24 -19.56 -41.54
C VAL H 84 3.14 -20.38 -42.81
N VAL H 85 3.86 -21.50 -42.94
CA VAL H 85 3.70 -22.32 -44.15
C VAL H 85 2.35 -23.03 -44.13
N LYS H 86 1.97 -23.59 -42.97
CA LYS H 86 0.68 -24.27 -42.83
C LYS H 86 -0.48 -23.28 -42.88
N THR H 87 -0.39 -22.19 -42.13
CA THR H 87 -1.47 -21.21 -42.09
C THR H 87 -1.60 -20.49 -43.42
N GLY H 88 -0.49 -20.27 -44.12
CA GLY H 88 -0.56 -19.68 -45.43
C GLY H 88 -1.26 -20.59 -46.42
N ARG H 89 -1.17 -21.91 -46.22
CA ARG H 89 -1.97 -22.80 -47.05
C ARG H 89 -3.45 -22.64 -46.75
N THR H 90 -3.82 -22.50 -45.48
CA THR H 90 -5.22 -22.30 -45.11
C THR H 90 -5.78 -21.02 -45.71
N ILE H 91 -5.05 -19.91 -45.58
CA ILE H 91 -5.47 -18.63 -46.14
C ILE H 91 -5.72 -18.73 -47.66
N LEU H 92 -4.81 -19.41 -48.38
CA LEU H 92 -4.98 -19.54 -49.82
C LEU H 92 -6.15 -20.47 -50.19
N GLY H 93 -6.46 -21.43 -49.33
CA GLY H 93 -7.51 -22.39 -49.62
C GLY H 93 -6.99 -23.60 -50.39
N ALA H 94 -7.91 -24.53 -50.67
CA ALA H 94 -7.58 -25.70 -51.47
C ALA H 94 -7.06 -25.27 -52.85
N THR H 95 -6.18 -26.10 -53.43
CA THR H 95 -5.62 -25.74 -54.72
C THR H 95 -6.70 -25.69 -55.81
N ASN H 96 -7.74 -26.50 -55.66
CA ASN H 96 -8.91 -26.40 -56.50
C ASN H 96 -9.83 -25.32 -55.95
N PRO H 97 -10.20 -24.29 -56.73
CA PRO H 97 -11.00 -23.20 -56.15
C PRO H 97 -12.41 -23.62 -55.80
N LEU H 98 -13.08 -24.35 -56.68
CA LEU H 98 -14.42 -24.83 -56.35
C LEU H 98 -14.46 -25.67 -55.09
N ALA H 99 -13.29 -26.00 -54.52
CA ALA H 99 -13.21 -26.75 -53.27
C ALA H 99 -12.65 -25.93 -52.12
N SER H 100 -12.39 -24.64 -52.33
CA SER H 100 -11.99 -23.76 -51.23
C SER H 100 -13.22 -23.01 -50.70
N ALA H 101 -13.25 -22.82 -49.40
CA ALA H 101 -14.40 -22.17 -48.80
C ALA H 101 -14.34 -20.67 -49.02
N PRO H 102 -15.50 -20.00 -49.05
CA PRO H 102 -15.51 -18.54 -49.01
C PRO H 102 -14.70 -18.02 -47.83
N GLY H 103 -14.08 -16.86 -48.01
CA GLY H 103 -13.15 -16.36 -47.03
C GLY H 103 -11.71 -16.79 -47.23
N THR H 104 -11.45 -17.80 -48.07
CA THR H 104 -10.07 -18.02 -48.54
C THR H 104 -9.86 -17.31 -49.86
N ILE H 105 -8.59 -17.15 -50.24
CA ILE H 105 -8.24 -16.35 -51.42
C ILE H 105 -8.79 -16.99 -52.67
N ARG H 106 -8.57 -18.30 -52.82
CA ARG H 106 -9.17 -18.98 -53.95
C ARG H 106 -10.70 -19.06 -53.81
N GLY H 107 -11.18 -19.26 -52.58
CA GLY H 107 -12.62 -19.30 -52.36
C GLY H 107 -13.30 -17.99 -52.71
N ASP H 108 -12.59 -16.88 -52.59
CA ASP H 108 -13.19 -15.57 -52.85
C ASP H 108 -13.04 -15.13 -54.30
N PHE H 109 -11.98 -15.56 -54.99
CA PHE H 109 -11.61 -14.95 -56.27
C PHE H 109 -11.50 -15.90 -57.44
N ALA H 110 -11.33 -17.20 -57.23
CA ALA H 110 -10.89 -18.10 -58.29
C ALA H 110 -11.93 -19.16 -58.59
N ILE H 111 -11.82 -19.75 -59.78
CA ILE H 111 -12.78 -20.76 -60.24
C ILE H 111 -12.04 -21.98 -60.75
N ASP H 112 -11.10 -21.77 -61.68
CA ASP H 112 -10.39 -22.85 -62.35
C ASP H 112 -9.05 -23.12 -61.66
N VAL H 113 -8.64 -24.39 -61.69
CA VAL H 113 -7.31 -24.72 -61.18
C VAL H 113 -6.23 -24.17 -62.10
N GLY H 114 -6.50 -24.09 -63.40
CA GLY H 114 -5.58 -23.46 -64.33
C GLY H 114 -5.39 -21.97 -64.12
N ARG H 115 -6.23 -21.34 -63.29
CA ARG H 115 -6.19 -19.90 -63.01
C ARG H 115 -6.46 -19.64 -61.54
N ASN H 116 -5.79 -20.37 -60.66
CA ASN H 116 -6.06 -20.33 -59.23
C ASN H 116 -5.24 -19.27 -58.49
N VAL H 117 -4.85 -18.20 -59.19
CA VAL H 117 -4.44 -16.93 -58.58
C VAL H 117 -3.12 -16.98 -57.81
N CYS H 118 -2.84 -18.08 -57.13
CA CYS H 118 -1.69 -18.08 -56.23
C CYS H 118 -1.02 -19.44 -56.16
N HIS H 119 0.26 -19.40 -55.80
CA HIS H 119 0.97 -20.59 -55.38
C HIS H 119 1.55 -20.38 -53.99
N GLY H 120 1.66 -21.48 -53.24
CA GLY H 120 2.37 -21.45 -51.98
C GLY H 120 3.02 -22.79 -51.73
N SER H 121 3.90 -22.81 -50.73
CA SER H 121 4.75 -23.97 -50.49
C SER H 121 3.96 -25.18 -50.00
N ASP H 122 4.45 -26.36 -50.39
CA ASP H 122 3.92 -27.63 -49.91
C ASP H 122 4.13 -27.81 -48.42
N SER H 123 5.19 -27.22 -47.88
CA SER H 123 5.74 -27.68 -46.61
C SER H 123 6.90 -26.78 -46.20
N VAL H 124 7.38 -26.98 -44.98
CA VAL H 124 8.39 -26.11 -44.39
C VAL H 124 9.64 -26.08 -45.25
N GLU H 125 10.02 -27.22 -45.81
CA GLU H 125 11.32 -27.36 -46.46
C GLU H 125 11.27 -27.08 -47.97
N ASN H 126 10.17 -27.44 -48.66
CA ASN H 126 9.97 -26.93 -50.01
C ASN H 126 9.86 -25.42 -50.00
N ALA H 127 9.39 -24.86 -48.88
CA ALA H 127 9.39 -23.41 -48.70
C ALA H 127 10.80 -22.86 -48.71
N LYS H 128 11.64 -23.39 -47.80
CA LYS H 128 13.04 -22.96 -47.70
C LYS H 128 13.76 -23.08 -49.03
N LYS H 129 13.43 -24.12 -49.81
CA LYS H 129 13.94 -24.23 -51.17
C LYS H 129 13.48 -23.07 -52.03
N GLU H 130 12.15 -22.93 -52.19
CA GLU H 130 11.58 -21.99 -53.14
C GLU H 130 12.05 -20.57 -52.86
N ILE H 131 12.28 -20.22 -51.59
CA ILE H 131 12.82 -18.91 -51.25
C ILE H 131 14.17 -18.70 -51.95
N ALA H 132 15.09 -19.65 -51.78
CA ALA H 132 16.44 -19.51 -52.31
C ALA H 132 16.44 -19.41 -53.83
N LEU H 133 15.59 -20.20 -54.49
CA LEU H 133 15.49 -20.17 -55.94
C LEU H 133 15.01 -18.81 -56.45
N TRP H 134 13.91 -18.29 -55.87
CA TRP H 134 13.27 -17.07 -56.35
C TRP H 134 13.94 -15.81 -55.82
N PHE H 135 14.55 -15.84 -54.64
CA PHE H 135 15.12 -14.65 -54.01
C PHE H 135 16.61 -14.84 -53.75
N LYS H 136 17.41 -13.86 -54.15
CA LYS H 136 18.78 -13.76 -53.64
C LYS H 136 18.72 -13.37 -52.17
N PRO H 137 19.71 -13.77 -51.38
CA PRO H 137 19.63 -13.52 -49.93
C PRO H 137 19.70 -12.04 -49.55
N GLU H 138 20.10 -11.16 -50.48
CA GLU H 138 20.04 -9.74 -50.21
C GLU H 138 18.60 -9.26 -50.08
N GLU H 139 17.68 -9.89 -50.80
CA GLU H 139 16.29 -9.44 -50.90
C GLU H 139 15.45 -9.88 -49.71
N LEU H 140 15.89 -10.90 -48.97
CA LEU H 140 15.27 -11.27 -47.70
C LEU H 140 15.57 -10.18 -46.67
N GLN H 141 14.54 -9.52 -46.14
CA GLN H 141 14.80 -8.46 -45.17
C GLN H 141 14.75 -9.01 -43.75
N LYS H 142 15.48 -8.35 -42.86
CA LYS H 142 15.58 -8.76 -41.46
C LYS H 142 15.25 -7.55 -40.59
N TYR H 143 14.13 -7.63 -39.89
CA TYR H 143 13.66 -6.57 -39.00
C TYR H 143 12.60 -7.16 -38.08
N LYS H 144 12.37 -6.47 -36.97
CA LYS H 144 11.36 -6.87 -36.01
C LYS H 144 10.03 -6.22 -36.40
N HIS H 145 8.97 -7.02 -36.45
CA HIS H 145 7.64 -6.44 -36.62
C HIS H 145 7.36 -5.48 -35.46
N SER H 146 6.92 -4.26 -35.81
CA SER H 146 6.62 -3.26 -34.79
C SER H 146 5.67 -3.77 -33.72
N GLN H 147 4.86 -4.80 -33.99
CA GLN H 147 3.91 -5.30 -33.02
C GLN H 147 4.12 -6.77 -32.72
N PHE H 148 5.36 -7.25 -32.84
CA PHE H 148 5.66 -8.65 -32.58
C PHE H 148 5.08 -9.12 -31.24
N ASP H 149 5.22 -8.30 -30.20
CA ASP H 149 4.86 -8.72 -28.86
C ASP H 149 3.35 -8.71 -28.64
N TRP H 150 2.60 -8.05 -29.52
CA TRP H 150 1.15 -8.13 -29.45
C TRP H 150 0.62 -9.21 -30.36
N ILE H 151 1.46 -9.82 -31.18
CA ILE H 151 1.01 -10.85 -32.10
C ILE H 151 1.37 -12.19 -31.49
N TYR H 152 2.46 -12.23 -30.76
CA TYR H 152 3.02 -13.49 -30.31
C TYR H 152 3.08 -13.56 -28.79
N GLU H 153 2.69 -14.73 -28.30
CA GLU H 153 2.96 -15.14 -26.93
C GLU H 153 4.45 -15.31 -26.72
N LYS H 154 5.10 -15.97 -27.69
CA LYS H 154 6.49 -16.40 -27.63
C LYS H 154 6.62 -17.54 -26.63
N MET I 3 60.27 -3.22 10.32
CA MET I 3 60.35 -4.66 10.56
C MET I 3 59.50 -5.49 9.59
N SER I 4 59.14 -4.89 8.45
CA SER I 4 58.27 -5.58 7.49
C SER I 4 59.02 -6.57 6.61
N ASP I 5 60.15 -7.13 7.08
CA ASP I 5 60.83 -8.25 6.43
C ASP I 5 60.61 -9.56 7.19
N GLU I 6 60.99 -9.56 8.47
CA GLU I 6 61.39 -10.75 9.20
C GLU I 6 60.89 -12.06 8.59
N GLN I 7 61.37 -12.36 7.37
CA GLN I 7 60.98 -13.50 6.55
C GLN I 7 60.74 -14.78 7.34
N THR I 8 59.98 -15.69 6.75
CA THR I 8 59.63 -16.95 7.36
C THR I 8 59.75 -17.99 6.28
N PHE I 9 59.99 -19.23 6.69
CA PHE I 9 60.07 -20.34 5.76
C PHE I 9 58.85 -21.22 5.96
N ILE I 10 58.11 -21.43 4.88
CA ILE I 10 56.95 -22.31 4.89
C ILE I 10 57.19 -23.38 3.85
N ALA I 11 56.95 -24.62 4.23
CA ALA I 11 57.16 -25.74 3.33
C ALA I 11 55.87 -26.51 3.22
N ILE I 12 55.41 -26.75 1.99
CA ILE I 12 54.25 -27.58 1.80
C ILE I 12 54.76 -29.02 1.73
N LYS I 13 54.43 -29.82 2.76
CA LYS I 13 54.91 -31.18 2.88
C LYS I 13 54.31 -32.07 1.79
N PRO I 14 54.83 -33.28 1.58
CA PRO I 14 54.36 -34.09 0.43
C PRO I 14 52.86 -34.36 0.43
N ASP I 15 52.23 -34.51 1.60
CA ASP I 15 50.77 -34.70 1.61
C ASP I 15 50.07 -33.46 1.07
N GLY I 16 50.55 -32.27 1.46
CA GLY I 16 49.94 -31.03 0.99
C GLY I 16 50.04 -30.88 -0.51
N VAL I 17 51.18 -31.25 -1.08
CA VAL I 17 51.35 -31.19 -2.53
C VAL I 17 50.48 -32.25 -3.20
N GLN I 18 50.54 -33.49 -2.72
CA GLN I 18 49.80 -34.58 -3.36
C GLN I 18 48.28 -34.47 -3.16
N ARG I 19 47.81 -33.69 -2.18
CA ARG I 19 46.37 -33.46 -2.08
C ARG I 19 45.94 -32.22 -2.86
N GLY I 20 46.86 -31.57 -3.57
CA GLY I 20 46.49 -30.42 -4.36
C GLY I 20 46.19 -29.17 -3.56
N LEU I 21 46.88 -28.97 -2.44
CA LEU I 21 46.64 -27.82 -1.58
C LEU I 21 47.58 -26.65 -1.86
N VAL I 22 48.32 -26.68 -2.98
CA VAL I 22 49.37 -25.69 -3.19
C VAL I 22 48.77 -24.31 -3.47
N GLY I 23 47.93 -24.20 -4.49
CA GLY I 23 47.21 -22.97 -4.73
C GLY I 23 46.51 -22.42 -3.49
N PRO I 24 45.69 -23.23 -2.83
CA PRO I 24 45.06 -22.75 -1.59
C PRO I 24 46.05 -22.27 -0.53
N ILE I 25 47.11 -23.02 -0.25
CA ILE I 25 48.04 -22.58 0.80
C ILE I 25 48.69 -21.27 0.36
N ILE I 26 49.04 -21.15 -0.91
CA ILE I 26 49.68 -19.93 -1.35
C ILE I 26 48.70 -18.77 -1.24
N SER I 27 47.42 -19.03 -1.56
CA SER I 27 46.44 -17.95 -1.49
C SER I 27 46.30 -17.40 -0.08
N ARG I 28 46.40 -18.25 0.94
CA ARG I 28 46.19 -17.73 2.29
C ARG I 28 47.23 -16.69 2.64
N PHE I 29 48.50 -16.95 2.29
CA PHE I 29 49.54 -15.97 2.55
C PHE I 29 49.39 -14.76 1.64
N GLU I 30 49.05 -14.98 0.36
CA GLU I 30 48.88 -13.86 -0.58
C GLU I 30 47.79 -12.91 -0.11
N ASN I 31 46.64 -13.46 0.28
CA ASN I 31 45.49 -12.64 0.65
C ASN I 31 45.77 -11.79 1.87
N ARG I 32 46.56 -12.32 2.82
CA ARG I 32 46.86 -11.60 4.05
C ARG I 32 47.74 -10.38 3.81
N GLY I 33 48.46 -10.32 2.69
CA GLY I 33 49.34 -9.21 2.40
C GLY I 33 50.82 -9.54 2.46
N PHE I 34 51.17 -10.80 2.65
CA PHE I 34 52.56 -11.18 2.72
C PHE I 34 53.15 -11.37 1.33
N LYS I 35 54.39 -10.94 1.17
CA LYS I 35 55.06 -10.97 -0.12
C LYS I 35 55.74 -12.31 -0.32
N LEU I 36 55.45 -12.96 -1.43
CA LEU I 36 56.20 -14.15 -1.83
C LEU I 36 57.62 -13.73 -2.20
N ALA I 37 58.62 -14.19 -1.44
CA ALA I 37 60.00 -13.84 -1.73
C ALA I 37 60.78 -14.97 -2.39
N ALA I 38 60.28 -16.19 -2.29
CA ALA I 38 60.99 -17.34 -2.83
C ALA I 38 60.03 -18.50 -2.88
N LEU I 39 60.29 -19.41 -3.80
CA LEU I 39 59.34 -20.48 -4.07
C LEU I 39 59.99 -21.52 -4.96
N LYS I 40 59.96 -22.79 -4.56
CA LYS I 40 60.35 -23.81 -5.53
C LYS I 40 59.76 -25.16 -5.13
N LEU I 41 59.36 -25.92 -6.14
CA LEU I 41 59.09 -27.35 -6.00
C LEU I 41 60.42 -28.08 -6.03
N CYS I 42 60.80 -28.70 -4.91
CA CYS I 42 62.05 -29.42 -4.84
C CYS I 42 61.85 -30.75 -4.14
N SER I 43 62.84 -31.64 -4.30
CA SER I 43 62.86 -32.94 -3.62
C SER I 43 64.17 -33.08 -2.84
N PRO I 44 64.20 -32.66 -1.59
CA PRO I 44 65.45 -32.66 -0.83
C PRO I 44 66.02 -34.06 -0.66
N SER I 45 67.34 -34.10 -0.49
CA SER I 45 68.04 -35.34 -0.16
C SER I 45 67.73 -35.77 1.27
N LYS I 46 68.05 -37.03 1.57
CA LYS I 46 67.84 -37.51 2.94
C LYS I 46 68.62 -36.67 3.94
N GLU I 47 69.86 -36.29 3.59
CA GLU I 47 70.72 -35.55 4.51
C GLU I 47 70.21 -34.13 4.71
N HIS I 48 69.78 -33.48 3.62
CA HIS I 48 69.13 -32.17 3.71
C HIS I 48 67.98 -32.20 4.73
N LEU I 49 67.11 -33.20 4.60
CA LEU I 49 65.96 -33.29 5.52
C LEU I 49 66.42 -33.54 6.96
N GLU I 50 67.47 -34.35 7.13
CA GLU I 50 67.94 -34.62 8.49
C GLU I 50 68.56 -33.39 9.12
N GLN I 51 69.19 -32.53 8.30
CA GLN I 51 69.68 -31.24 8.80
C GLN I 51 68.51 -30.33 9.15
N HIS I 52 67.54 -30.22 8.25
CA HIS I 52 66.36 -29.41 8.57
C HIS I 52 65.74 -29.81 9.90
N TYR I 53 65.60 -31.11 10.16
CA TYR I 53 65.06 -31.59 11.43
C TYR I 53 66.14 -31.96 12.45
N ALA I 54 67.32 -31.33 12.37
CA ALA I 54 68.45 -31.71 13.24
C ALA I 54 68.10 -31.63 14.72
N ASP I 55 67.30 -30.63 15.11
CA ASP I 55 66.93 -30.57 16.51
C ASP I 55 65.99 -31.69 16.94
N LEU I 56 65.59 -32.57 16.02
CA LEU I 56 64.72 -33.71 16.33
C LEU I 56 65.41 -35.04 16.08
N SER I 57 66.75 -35.05 15.89
CA SER I 57 67.47 -36.24 15.48
C SER I 57 67.42 -37.35 16.53
N SER I 58 67.18 -37.00 17.80
CA SER I 58 67.10 -37.98 18.86
C SER I 58 65.68 -38.51 19.13
N LYS I 59 64.62 -37.97 18.42
CA LYS I 59 63.23 -38.34 18.71
C LYS I 59 62.84 -39.66 18.02
N PRO I 60 62.03 -40.49 18.67
CA PRO I 60 61.67 -41.80 18.07
C PRO I 60 61.05 -41.73 16.69
N PHE I 61 60.34 -40.64 16.36
CA PHE I 61 59.67 -40.51 15.07
C PHE I 61 60.56 -39.94 13.98
N PHE I 62 61.74 -39.44 14.34
CA PHE I 62 62.65 -38.83 13.36
C PHE I 62 62.91 -39.72 12.15
N PRO I 63 63.26 -41.01 12.30
CA PRO I 63 63.41 -41.85 11.09
C PRO I 63 62.19 -41.82 10.17
N GLY I 64 61.01 -42.05 10.73
CA GLY I 64 59.81 -42.03 9.91
C GLY I 64 59.54 -40.65 9.32
N LEU I 65 59.73 -39.61 10.12
CA LEU I 65 59.47 -38.25 9.65
C LEU I 65 60.32 -37.93 8.41
N VAL I 66 61.64 -38.14 8.50
CA VAL I 66 62.51 -37.98 7.34
C VAL I 66 62.04 -38.85 6.18
N SER I 67 61.78 -40.12 6.47
CA SER I 67 61.39 -41.04 5.42
C SER I 67 60.10 -40.62 4.75
N TYR I 68 59.16 -40.08 5.53
CA TYR I 68 57.93 -39.59 4.93
C TYR I 68 58.17 -38.30 4.16
N MET I 69 58.96 -37.39 4.71
CA MET I 69 59.36 -36.18 4.00
C MET I 69 60.14 -36.44 2.71
N LEU I 70 60.60 -37.68 2.49
CA LEU I 70 61.17 -38.09 1.20
C LEU I 70 60.14 -38.71 0.27
N SER I 71 58.91 -38.94 0.74
CA SER I 71 57.96 -39.72 -0.04
C SER I 71 57.32 -38.96 -1.20
N GLY I 72 57.53 -37.65 -1.30
CA GLY I 72 57.10 -36.92 -2.48
C GLY I 72 57.70 -35.54 -2.52
N PRO I 73 57.54 -34.83 -3.64
CA PRO I 73 58.15 -33.49 -3.74
C PRO I 73 57.50 -32.49 -2.80
N ILE I 74 58.26 -31.43 -2.53
CA ILE I 74 57.93 -30.43 -1.52
C ILE I 74 57.96 -29.05 -2.16
N VAL I 75 57.05 -28.17 -1.73
CA VAL I 75 57.02 -26.77 -2.15
C VAL I 75 57.68 -25.95 -1.05
N ALA I 76 58.86 -25.40 -1.33
CA ALA I 76 59.54 -24.53 -0.38
C ALA I 76 59.23 -23.07 -0.69
N MET I 77 59.08 -22.26 0.35
CA MET I 77 58.68 -20.88 0.15
C MET I 77 59.30 -20.01 1.22
N VAL I 78 59.55 -18.76 0.85
CA VAL I 78 59.85 -17.69 1.81
C VAL I 78 58.78 -16.62 1.66
N TRP I 79 58.11 -16.30 2.77
CA TRP I 79 57.17 -15.18 2.81
C TRP I 79 57.77 -14.06 3.64
N GLU I 80 57.48 -12.83 3.23
CA GLU I 80 58.09 -11.67 3.87
C GLU I 80 57.00 -10.70 4.28
N GLY I 81 57.03 -10.29 5.54
CA GLY I 81 56.15 -9.24 6.00
C GLY I 81 56.34 -9.02 7.48
N ARG I 82 55.78 -7.91 7.95
CA ARG I 82 55.87 -7.59 9.36
C ARG I 82 55.29 -8.73 10.18
N GLU I 83 56.09 -9.27 11.09
CA GLU I 83 55.66 -10.35 11.97
C GLU I 83 55.25 -11.61 11.21
N VAL I 84 55.78 -11.81 10.00
CA VAL I 84 55.37 -12.94 9.19
C VAL I 84 55.71 -14.30 9.84
N VAL I 85 56.70 -14.41 10.72
CA VAL I 85 56.98 -15.73 11.29
C VAL I 85 55.91 -16.12 12.29
N LYS I 86 55.51 -15.20 13.18
CA LYS I 86 54.46 -15.53 14.15
C LYS I 86 53.10 -15.59 13.47
N THR I 87 52.82 -14.67 12.56
CA THR I 87 51.55 -14.74 11.84
C THR I 87 51.48 -15.98 10.97
N GLY I 88 52.61 -16.35 10.34
CA GLY I 88 52.64 -17.57 9.54
C GLY I 88 52.29 -18.79 10.35
N ARG I 89 52.78 -18.86 11.60
CA ARG I 89 52.42 -19.96 12.46
C ARG I 89 50.93 -19.92 12.80
N THR I 90 50.39 -18.73 13.08
CA THR I 90 48.95 -18.63 13.33
C THR I 90 48.15 -19.12 12.13
N ILE I 91 48.55 -18.70 10.92
CA ILE I 91 47.83 -19.11 9.71
C ILE I 91 47.84 -20.62 9.55
N LEU I 92 48.99 -21.26 9.74
CA LEU I 92 49.07 -22.71 9.63
C LEU I 92 48.26 -23.39 10.71
N GLY I 93 48.20 -22.78 11.90
CA GLY I 93 47.53 -23.39 13.04
C GLY I 93 48.44 -24.32 13.80
N ALA I 94 47.89 -24.94 14.82
CA ALA I 94 48.70 -25.73 15.74
C ALA I 94 49.29 -26.97 15.04
N THR I 95 50.31 -27.57 15.69
CA THR I 95 50.98 -28.71 15.08
C THR I 95 50.02 -29.88 14.86
N ASN I 96 49.21 -30.20 15.85
CA ASN I 96 48.18 -31.21 15.63
C ASN I 96 46.98 -30.56 14.97
N PRO I 97 46.61 -30.97 13.76
CA PRO I 97 45.42 -30.37 13.10
C PRO I 97 44.14 -30.46 13.91
N LEU I 98 43.94 -31.49 14.72
CA LEU I 98 42.70 -31.57 15.50
C LEU I 98 42.65 -30.52 16.61
N ALA I 99 43.77 -29.90 16.94
CA ALA I 99 43.76 -28.78 17.87
C ALA I 99 43.76 -27.43 17.14
N SER I 100 43.85 -27.44 15.82
CA SER I 100 43.80 -26.21 15.03
C SER I 100 42.35 -25.79 14.79
N ALA I 101 42.11 -24.47 14.81
CA ALA I 101 40.76 -23.95 14.58
C ALA I 101 40.45 -23.90 13.09
N PRO I 102 39.20 -24.19 12.71
CA PRO I 102 38.77 -23.91 11.33
C PRO I 102 39.15 -22.50 10.95
N GLY I 103 39.51 -22.33 9.67
CA GLY I 103 40.08 -21.09 9.19
C GLY I 103 41.60 -21.06 9.13
N THR I 104 42.29 -21.93 9.87
CA THR I 104 43.72 -22.17 9.67
C THR I 104 43.94 -23.23 8.59
N ILE I 105 45.19 -23.31 8.08
CA ILE I 105 45.46 -24.30 7.03
C ILE I 105 45.27 -25.73 7.56
N ARG I 106 45.86 -26.03 8.71
CA ARG I 106 45.70 -27.38 9.21
C ARG I 106 44.29 -27.61 9.71
N GLY I 107 43.66 -26.56 10.27
CA GLY I 107 42.29 -26.69 10.73
C GLY I 107 41.31 -26.90 9.60
N ASP I 108 41.62 -26.42 8.40
CA ASP I 108 40.71 -26.63 7.28
C ASP I 108 41.05 -27.85 6.46
N PHE I 109 42.29 -28.36 6.53
CA PHE I 109 42.70 -29.36 5.57
C PHE I 109 43.28 -30.65 6.14
N ALA I 110 43.57 -30.74 7.44
CA ALA I 110 44.35 -31.89 7.91
C ALA I 110 43.76 -32.51 9.18
N ILE I 111 44.19 -33.76 9.45
CA ILE I 111 43.71 -34.53 10.59
C ILE I 111 44.87 -35.00 11.48
N ASP I 112 45.89 -35.62 10.89
CA ASP I 112 46.98 -36.25 11.63
C ASP I 112 48.20 -35.36 11.78
N VAL I 113 48.84 -35.44 12.96
CA VAL I 113 50.12 -34.78 13.18
C VAL I 113 51.11 -35.14 12.08
N GLY I 114 51.20 -36.44 11.75
CA GLY I 114 52.17 -36.92 10.77
C GLY I 114 51.81 -36.59 9.34
N ARG I 115 50.61 -36.02 9.12
CA ARG I 115 50.18 -35.53 7.81
C ARG I 115 49.52 -34.16 8.03
N ASN I 116 50.32 -33.16 8.44
CA ASN I 116 49.79 -31.83 8.73
C ASN I 116 50.16 -30.81 7.65
N VAL I 117 50.27 -31.29 6.41
CA VAL I 117 50.37 -30.56 5.14
C VAL I 117 51.45 -29.48 5.06
N CYS I 118 51.89 -28.91 6.19
CA CYS I 118 52.79 -27.77 6.10
C CYS I 118 53.80 -27.75 7.23
N HIS I 119 55.01 -27.27 6.92
CA HIS I 119 56.01 -26.93 7.92
C HIS I 119 56.19 -25.41 7.97
N GLY I 120 56.38 -24.88 9.16
CA GLY I 120 56.61 -23.46 9.32
C GLY I 120 57.64 -23.24 10.40
N SER I 121 58.58 -22.32 10.17
CA SER I 121 59.59 -22.02 11.16
C SER I 121 58.93 -21.64 12.46
N ASP I 122 59.59 -21.95 13.57
CA ASP I 122 59.04 -21.67 14.90
C ASP I 122 59.64 -20.41 15.54
N SER I 123 60.40 -19.61 14.79
CA SER I 123 61.01 -18.41 15.33
C SER I 123 61.74 -17.70 14.22
N VAL I 124 61.95 -16.39 14.39
CA VAL I 124 62.74 -15.64 13.42
C VAL I 124 64.14 -16.22 13.32
N GLU I 125 64.71 -16.66 14.45
CA GLU I 125 66.06 -17.25 14.45
C GLU I 125 66.11 -18.51 13.58
N ASN I 126 65.16 -19.42 13.77
CA ASN I 126 65.15 -20.65 12.98
C ASN I 126 64.73 -20.42 11.54
N ALA I 127 63.86 -19.45 11.29
CA ALA I 127 63.49 -19.14 9.90
C ALA I 127 64.72 -18.80 9.07
N LYS I 128 65.57 -17.91 9.59
CA LYS I 128 66.80 -17.54 8.88
C LYS I 128 67.64 -18.77 8.60
N LYS I 129 67.85 -19.60 9.62
CA LYS I 129 68.55 -20.88 9.43
C LYS I 129 67.92 -21.71 8.31
N GLU I 130 66.59 -21.84 8.33
CA GLU I 130 65.92 -22.72 7.36
C GLU I 130 65.92 -22.09 5.98
N ILE I 131 65.83 -20.77 5.91
CA ILE I 131 65.89 -20.09 4.61
C ILE I 131 67.25 -20.34 3.95
N ALA I 132 68.33 -20.17 4.72
CA ALA I 132 69.65 -20.37 4.14
C ALA I 132 69.90 -21.84 3.83
N LEU I 133 69.28 -22.73 4.59
CA LEU I 133 69.41 -24.16 4.32
C LEU I 133 68.76 -24.52 2.99
N TRP I 134 67.55 -24.02 2.75
CA TRP I 134 66.72 -24.50 1.65
C TRP I 134 66.94 -23.74 0.35
N PHE I 135 67.28 -22.46 0.43
CA PHE I 135 67.41 -21.62 -0.77
C PHE I 135 68.86 -21.16 -0.97
N LYS I 136 69.30 -21.21 -2.21
CA LYS I 136 70.45 -20.41 -2.60
C LYS I 136 70.12 -18.93 -2.45
N PRO I 137 71.11 -18.09 -2.10
CA PRO I 137 70.81 -16.67 -1.84
C PRO I 137 70.21 -15.92 -3.02
N GLU I 138 70.45 -16.37 -4.25
CA GLU I 138 69.89 -15.71 -5.43
C GLU I 138 68.49 -16.18 -5.76
N GLU I 139 68.02 -17.26 -5.14
CA GLU I 139 66.63 -17.65 -5.28
C GLU I 139 65.70 -16.78 -4.45
N LEU I 140 66.25 -15.94 -3.58
CA LEU I 140 65.44 -14.99 -2.81
C LEU I 140 65.24 -13.74 -3.63
N GLN I 141 63.99 -13.44 -3.99
CA GLN I 141 63.72 -12.29 -4.80
C GLN I 141 63.66 -11.05 -3.92
N LYS I 142 64.22 -9.96 -4.43
CA LYS I 142 64.16 -8.66 -3.78
C LYS I 142 63.33 -7.75 -4.68
N TYR I 143 62.19 -7.29 -4.18
CA TYR I 143 61.30 -6.40 -4.92
C TYR I 143 60.35 -5.81 -3.89
N LYS I 144 59.73 -4.70 -4.24
CA LYS I 144 58.78 -4.06 -3.35
C LYS I 144 57.37 -4.50 -3.71
N HIS I 145 56.61 -4.90 -2.70
CA HIS I 145 55.20 -5.21 -2.90
C HIS I 145 54.51 -4.01 -3.56
N SER I 146 53.79 -4.26 -4.66
CA SER I 146 53.07 -3.20 -5.36
C SER I 146 52.03 -2.50 -4.48
N GLN I 147 51.63 -3.08 -3.35
CA GLN I 147 50.59 -2.55 -2.46
C GLN I 147 51.14 -2.21 -1.10
N PHE I 148 52.47 -2.09 -0.99
CA PHE I 148 53.14 -1.98 0.31
C PHE I 148 52.52 -0.91 1.19
N ASP I 149 52.25 0.27 0.63
CA ASP I 149 51.78 1.37 1.46
C ASP I 149 50.30 1.22 1.83
N TRP I 150 49.61 0.31 1.18
CA TRP I 150 48.22 0.02 1.53
C TRP I 150 48.12 -1.12 2.52
N ILE I 151 49.19 -1.91 2.65
CA ILE I 151 49.27 -3.00 3.61
C ILE I 151 49.92 -2.54 4.91
N TYR I 152 50.91 -1.65 4.83
CA TYR I 152 51.70 -1.26 5.99
C TYR I 152 51.61 0.23 6.22
N GLU I 153 51.60 0.63 7.50
CA GLU I 153 51.47 2.02 7.90
C GLU I 153 52.82 2.66 8.24
N LYS I 154 53.93 1.95 8.09
CA LYS I 154 55.22 2.43 8.57
C LYS I 154 55.88 3.37 7.56
N SER J 4 49.08 -39.13 -19.01
CA SER J 4 50.08 -38.92 -20.06
C SER J 4 51.15 -37.93 -19.60
N ASP J 5 52.30 -38.05 -20.25
CA ASP J 5 53.54 -37.40 -19.83
C ASP J 5 53.75 -36.04 -20.46
N GLU J 6 52.86 -35.62 -21.35
CA GLU J 6 53.01 -34.32 -21.98
C GLU J 6 53.19 -33.25 -20.92
N GLN J 7 54.09 -32.31 -21.19
CA GLN J 7 54.37 -31.21 -20.28
C GLN J 7 54.07 -29.91 -21.01
N THR J 8 53.79 -28.86 -20.24
CA THR J 8 53.63 -27.54 -20.84
C THR J 8 54.32 -26.53 -19.95
N PHE J 9 54.69 -25.41 -20.55
CA PHE J 9 55.35 -24.34 -19.81
C PHE J 9 54.36 -23.22 -19.57
N ILE J 10 54.13 -22.92 -18.30
CA ILE J 10 53.26 -21.82 -17.89
C ILE J 10 54.08 -20.89 -17.00
N ALA J 11 53.96 -19.60 -17.23
CA ALA J 11 54.63 -18.63 -16.37
C ALA J 11 53.63 -17.56 -15.95
N ILE J 12 53.58 -17.28 -14.66
CA ILE J 12 52.88 -16.10 -14.19
C ILE J 12 53.78 -14.90 -14.42
N LYS J 13 53.31 -13.96 -15.25
CA LYS J 13 54.06 -12.80 -15.62
C LYS J 13 54.19 -11.84 -14.42
N PRO J 14 55.01 -10.78 -14.54
CA PRO J 14 55.20 -9.90 -13.36
C PRO J 14 53.91 -9.30 -12.83
N ASP J 15 53.01 -8.86 -13.71
CA ASP J 15 51.73 -8.31 -13.25
C ASP J 15 50.92 -9.37 -12.49
N GLY J 16 50.94 -10.62 -12.98
CA GLY J 16 50.19 -11.67 -12.30
C GLY J 16 50.69 -11.92 -10.89
N VAL J 17 52.02 -11.93 -10.71
CA VAL J 17 52.60 -12.06 -9.37
C VAL J 17 52.23 -10.87 -8.50
N GLN J 18 52.37 -9.67 -9.05
CA GLN J 18 52.19 -8.45 -8.25
C GLN J 18 50.74 -8.19 -7.88
N ARG J 19 49.78 -8.79 -8.59
CA ARG J 19 48.38 -8.60 -8.22
C ARG J 19 47.87 -9.69 -7.29
N GLY J 20 48.73 -10.59 -6.83
CA GLY J 20 48.28 -11.61 -5.91
C GLY J 20 47.61 -12.81 -6.56
N LEU J 21 48.00 -13.15 -7.78
CA LEU J 21 47.30 -14.18 -8.55
C LEU J 21 48.04 -15.51 -8.63
N VAL J 22 49.12 -15.70 -7.86
CA VAL J 22 49.86 -16.97 -7.93
C VAL J 22 48.98 -18.12 -7.47
N GLY J 23 48.39 -18.02 -6.29
CA GLY J 23 47.54 -19.06 -5.75
C GLY J 23 46.38 -19.46 -6.66
N PRO J 24 45.51 -18.50 -7.02
CA PRO J 24 44.42 -18.79 -7.96
C PRO J 24 44.88 -19.45 -9.25
N ILE J 25 45.98 -18.98 -9.85
CA ILE J 25 46.40 -19.57 -11.12
C ILE J 25 46.80 -21.01 -10.92
N ILE J 26 47.53 -21.30 -9.82
CA ILE J 26 47.97 -22.67 -9.55
C ILE J 26 46.77 -23.57 -9.33
N SER J 27 45.76 -23.09 -8.56
CA SER J 27 44.58 -23.89 -8.28
C SER J 27 43.85 -24.28 -9.56
N ARG J 28 43.84 -23.40 -10.57
CA ARG J 28 43.20 -23.75 -11.84
C ARG J 28 43.78 -25.02 -12.42
N PHE J 29 45.11 -25.09 -12.54
CA PHE J 29 45.73 -26.29 -13.08
C PHE J 29 45.61 -27.44 -12.11
N GLU J 30 45.77 -27.15 -10.82
CA GLU J 30 45.72 -28.20 -9.80
C GLU J 30 44.35 -28.88 -9.79
N ASN J 31 43.29 -28.08 -9.75
CA ASN J 31 41.94 -28.65 -9.70
C ASN J 31 41.60 -29.43 -10.96
N ARG J 32 42.20 -29.08 -12.09
CA ARG J 32 41.89 -29.78 -13.32
C ARG J 32 42.48 -31.17 -13.34
N GLY J 33 43.37 -31.49 -12.39
CA GLY J 33 44.01 -32.77 -12.33
C GLY J 33 45.40 -32.83 -12.94
N PHE J 34 45.95 -31.71 -13.38
CA PHE J 34 47.30 -31.70 -13.94
C PHE J 34 48.33 -31.74 -12.83
N LYS J 35 49.45 -32.41 -13.11
CA LYS J 35 50.52 -32.59 -12.14
C LYS J 35 51.55 -31.48 -12.27
N LEU J 36 51.82 -30.82 -11.16
CA LEU J 36 52.85 -29.78 -11.08
C LEU J 36 54.22 -30.44 -11.05
N ALA J 37 55.01 -30.26 -12.13
CA ALA J 37 56.31 -30.91 -12.29
C ALA J 37 57.49 -29.99 -11.99
N ALA J 38 57.30 -28.68 -12.13
CA ALA J 38 58.35 -27.74 -11.77
C ALA J 38 57.68 -26.42 -11.36
N LEU J 39 58.24 -25.77 -10.37
CA LEU J 39 57.73 -24.51 -9.85
C LEU J 39 58.90 -23.72 -9.30
N LYS J 40 59.03 -22.46 -9.71
CA LYS J 40 59.92 -21.55 -9.00
C LYS J 40 59.52 -20.11 -9.26
N LEU J 41 59.80 -19.27 -8.26
CA LEU J 41 59.81 -17.82 -8.42
C LEU J 41 61.23 -17.43 -8.84
N CYS J 42 61.38 -16.79 -10.00
CA CYS J 42 62.69 -16.43 -10.52
C CYS J 42 62.63 -15.04 -11.16
N SER J 43 63.82 -14.45 -11.39
CA SER J 43 63.97 -13.13 -12.00
C SER J 43 64.92 -13.28 -13.17
N PRO J 44 64.44 -13.73 -14.32
CA PRO J 44 65.35 -14.02 -15.44
C PRO J 44 66.01 -12.76 -15.99
N SER J 45 67.19 -12.96 -16.57
CA SER J 45 67.95 -11.87 -17.17
C SER J 45 67.31 -11.48 -18.49
N LYS J 46 67.65 -10.27 -18.97
CA LYS J 46 67.22 -9.84 -20.29
C LYS J 46 67.59 -10.86 -21.37
N GLU J 47 68.73 -11.53 -21.21
CA GLU J 47 69.17 -12.50 -22.21
C GLU J 47 68.29 -13.75 -22.19
N HIS J 48 67.97 -14.24 -20.99
CA HIS J 48 67.03 -15.36 -20.88
C HIS J 48 65.69 -15.02 -21.54
N LEU J 49 65.15 -13.84 -21.24
CA LEU J 49 63.84 -13.48 -21.78
C LEU J 49 63.91 -13.23 -23.28
N GLU J 50 65.04 -12.72 -23.77
CA GLU J 50 65.14 -12.45 -25.20
C GLU J 50 65.21 -13.74 -26.00
N GLN J 51 65.75 -14.81 -25.44
CA GLN J 51 65.69 -16.09 -26.12
C GLN J 51 64.33 -16.77 -25.95
N HIS J 52 63.69 -16.57 -24.79
CA HIS J 52 62.36 -17.13 -24.61
C HIS J 52 61.42 -16.66 -25.71
N TYR J 53 61.40 -15.34 -25.96
CA TYR J 53 60.62 -14.70 -27.00
C TYR J 53 61.37 -14.53 -28.32
N ALA J 54 62.36 -15.39 -28.59
CA ALA J 54 63.24 -15.22 -29.75
C ALA J 54 62.47 -14.95 -31.05
N ASP J 55 61.38 -15.70 -31.28
CA ASP J 55 60.60 -15.58 -32.52
C ASP J 55 59.97 -14.22 -32.70
N LEU J 56 59.95 -13.37 -31.67
CA LEU J 56 59.38 -12.04 -31.78
C LEU J 56 60.45 -10.96 -31.70
N SER J 57 61.72 -11.32 -31.87
CA SER J 57 62.80 -10.32 -31.84
C SER J 57 62.59 -9.26 -32.92
N SER J 58 62.19 -9.70 -34.13
CA SER J 58 62.01 -8.78 -35.23
C SER J 58 60.79 -7.89 -35.05
N LYS J 59 59.79 -8.37 -34.31
CA LYS J 59 58.56 -7.62 -34.06
C LYS J 59 58.88 -6.32 -33.32
N PRO J 60 58.16 -5.24 -33.61
CA PRO J 60 58.24 -4.05 -32.75
C PRO J 60 57.62 -4.37 -31.40
N PHE J 61 57.82 -3.47 -30.44
CA PHE J 61 57.34 -3.72 -29.08
C PHE J 61 57.92 -5.00 -28.50
N PHE J 62 59.07 -5.46 -29.02
CA PHE J 62 59.75 -6.64 -28.49
C PHE J 62 60.74 -6.20 -27.40
N PRO J 63 61.42 -5.06 -27.55
CA PRO J 63 62.08 -4.50 -26.37
C PRO J 63 61.11 -4.24 -25.23
N GLY J 64 59.97 -3.62 -25.52
CA GLY J 64 59.00 -3.33 -24.49
C GLY J 64 58.47 -4.58 -23.81
N LEU J 65 58.30 -5.65 -24.58
CA LEU J 65 57.89 -6.92 -23.99
C LEU J 65 58.93 -7.43 -23.02
N VAL J 66 60.20 -7.41 -23.42
CA VAL J 66 61.28 -7.85 -22.54
C VAL J 66 61.39 -6.91 -21.34
N SER J 67 61.37 -5.60 -21.59
CA SER J 67 61.49 -4.63 -20.51
C SER J 67 60.44 -4.88 -19.44
N TYR J 68 59.20 -5.10 -19.86
CA TYR J 68 58.14 -5.31 -18.88
C TYR J 68 58.32 -6.63 -18.13
N MET J 69 58.68 -7.71 -18.84
CA MET J 69 58.94 -8.98 -18.20
C MET J 69 60.13 -8.95 -17.24
N LEU J 70 60.94 -7.89 -17.25
CA LEU J 70 61.96 -7.71 -16.22
C LEU J 70 61.44 -6.88 -15.05
N SER J 71 60.26 -6.27 -15.16
CA SER J 71 59.78 -5.32 -14.16
C SER J 71 59.41 -5.96 -12.81
N GLY J 72 59.40 -7.29 -12.71
CA GLY J 72 59.26 -7.93 -11.42
C GLY J 72 59.38 -9.43 -11.55
N PRO J 73 59.48 -10.13 -10.42
CA PRO J 73 59.69 -11.58 -10.45
C PRO J 73 58.57 -12.33 -11.14
N ILE J 74 58.89 -13.56 -11.55
CA ILE J 74 58.07 -14.39 -12.41
C ILE J 74 57.96 -15.78 -11.79
N VAL J 75 56.73 -16.32 -11.70
CA VAL J 75 56.54 -17.70 -11.28
C VAL J 75 56.61 -18.58 -12.52
N ALA J 76 57.59 -19.46 -12.58
CA ALA J 76 57.74 -20.37 -13.72
C ALA J 76 57.28 -21.76 -13.32
N MET J 77 56.51 -22.39 -14.21
CA MET J 77 55.88 -23.68 -13.90
C MET J 77 55.90 -24.62 -15.09
N VAL J 78 55.97 -25.91 -14.79
CA VAL J 78 55.73 -26.97 -15.76
C VAL J 78 54.60 -27.84 -15.23
N TRP J 79 53.58 -28.05 -16.07
CA TRP J 79 52.44 -28.89 -15.73
C TRP J 79 52.44 -30.11 -16.64
N GLU J 80 52.01 -31.25 -16.11
CA GLU J 80 52.03 -32.52 -16.83
C GLU J 80 50.65 -33.19 -16.83
N GLY J 81 50.28 -33.74 -17.99
CA GLY J 81 49.00 -34.40 -18.14
C GLY J 81 48.68 -34.57 -19.60
N ARG J 82 47.65 -35.39 -19.87
CA ARG J 82 47.24 -35.62 -21.25
C ARG J 82 46.82 -34.30 -21.89
N GLU J 83 47.48 -33.95 -22.99
CA GLU J 83 47.12 -32.76 -23.78
C GLU J 83 47.18 -31.47 -22.96
N VAL J 84 48.03 -31.45 -21.94
CA VAL J 84 48.14 -30.29 -21.07
C VAL J 84 48.59 -29.05 -21.82
N VAL J 85 49.31 -29.18 -22.96
CA VAL J 85 49.70 -27.96 -23.65
C VAL J 85 48.48 -27.28 -24.26
N LYS J 86 47.60 -28.05 -24.91
CA LYS J 86 46.40 -27.47 -25.51
C LYS J 86 45.41 -27.05 -24.42
N THR J 87 45.27 -27.86 -23.37
CA THR J 87 44.30 -27.53 -22.34
C THR J 87 44.78 -26.33 -21.53
N GLY J 88 46.09 -26.25 -21.24
CA GLY J 88 46.61 -25.06 -20.60
C GLY J 88 46.34 -23.81 -21.40
N ARG J 89 46.46 -23.92 -22.73
CA ARG J 89 46.09 -22.79 -23.57
C ARG J 89 44.64 -22.39 -23.32
N THR J 90 43.73 -23.36 -23.28
CA THR J 90 42.32 -23.07 -23.03
C THR J 90 42.10 -22.46 -21.65
N ILE J 91 42.80 -22.96 -20.63
CA ILE J 91 42.64 -22.41 -19.28
C ILE J 91 43.09 -20.96 -19.22
N LEU J 92 44.23 -20.63 -19.84
CA LEU J 92 44.71 -19.26 -19.83
C LEU J 92 43.72 -18.34 -20.53
N GLY J 93 43.23 -18.76 -21.69
CA GLY J 93 42.31 -17.96 -22.49
C GLY J 93 42.99 -17.28 -23.65
N ALA J 94 42.20 -16.48 -24.37
CA ALA J 94 42.72 -15.78 -25.52
C ALA J 94 43.92 -14.92 -25.13
N THR J 95 44.85 -14.74 -26.07
CA THR J 95 46.01 -13.90 -25.81
C THR J 95 45.57 -12.50 -25.40
N ASN J 96 44.66 -11.92 -26.16
CA ASN J 96 44.03 -10.67 -25.78
C ASN J 96 42.92 -10.93 -24.76
N PRO J 97 43.02 -10.39 -23.53
CA PRO J 97 42.00 -10.71 -22.52
C PRO J 97 40.58 -10.28 -22.88
N LEU J 98 40.40 -9.15 -23.57
CA LEU J 98 39.03 -8.77 -23.90
C LEU J 98 38.37 -9.72 -24.89
N ALA J 99 39.14 -10.61 -25.51
CA ALA J 99 38.60 -11.67 -26.35
C ALA J 99 38.49 -12.99 -25.60
N SER J 100 38.77 -13.01 -24.30
CA SER J 100 38.76 -14.25 -23.54
C SER J 100 37.46 -14.41 -22.77
N ALA J 101 37.06 -15.67 -22.60
CA ALA J 101 35.83 -16.10 -21.92
C ALA J 101 36.00 -16.04 -20.40
N PRO J 102 35.00 -15.50 -19.68
CA PRO J 102 34.95 -15.72 -18.24
C PRO J 102 35.10 -17.21 -17.95
N GLY J 103 35.78 -17.53 -16.85
CA GLY J 103 36.15 -18.89 -16.55
C GLY J 103 37.60 -19.21 -16.89
N THR J 104 38.17 -18.51 -17.87
CA THR J 104 39.61 -18.62 -18.11
C THR J 104 40.38 -17.65 -17.21
N ILE J 105 41.67 -17.89 -17.06
CA ILE J 105 42.47 -17.01 -16.22
C ILE J 105 42.41 -15.57 -16.72
N ARG J 106 42.65 -15.36 -18.02
CA ARG J 106 42.64 -13.99 -18.55
C ARG J 106 41.24 -13.40 -18.61
N GLY J 107 40.21 -14.22 -18.83
CA GLY J 107 38.86 -13.70 -18.79
C GLY J 107 38.36 -13.35 -17.40
N ASP J 108 38.96 -13.94 -16.36
CA ASP J 108 38.62 -13.61 -15.00
C ASP J 108 39.45 -12.46 -14.42
N PHE J 109 40.70 -12.29 -14.88
CA PHE J 109 41.63 -11.44 -14.15
C PHE J 109 42.32 -10.35 -14.94
N ALA J 110 42.29 -10.35 -16.27
CA ALA J 110 43.09 -9.43 -17.06
C ALA J 110 42.24 -8.65 -18.07
N ILE J 111 42.82 -7.56 -18.57
CA ILE J 111 42.16 -6.67 -19.51
C ILE J 111 43.04 -6.37 -20.72
N ASP J 112 44.33 -6.12 -20.50
CA ASP J 112 45.22 -5.65 -21.55
C ASP J 112 46.12 -6.75 -22.07
N VAL J 113 46.39 -6.74 -23.38
CA VAL J 113 47.26 -7.75 -23.98
C VAL J 113 48.64 -7.72 -23.31
N GLY J 114 49.14 -6.51 -23.02
CA GLY J 114 50.45 -6.33 -22.39
C GLY J 114 50.49 -6.60 -20.90
N ARG J 115 49.34 -6.79 -20.28
CA ARG J 115 49.21 -7.17 -18.87
C ARG J 115 48.27 -8.37 -18.76
N ASN J 116 48.58 -9.43 -19.50
CA ASN J 116 47.71 -10.60 -19.55
C ASN J 116 48.17 -11.70 -18.61
N VAL J 117 48.90 -11.33 -17.54
CA VAL J 117 48.99 -12.11 -16.32
C VAL J 117 49.85 -13.34 -16.48
N CYS J 118 49.81 -13.95 -17.66
CA CYS J 118 50.21 -15.35 -17.81
C CYS J 118 50.78 -15.60 -19.20
N HIS J 119 51.81 -16.44 -19.25
CA HIS J 119 52.31 -16.97 -20.51
C HIS J 119 52.10 -18.47 -20.56
N GLY J 120 51.69 -18.98 -21.73
CA GLY J 120 51.70 -20.40 -21.97
C GLY J 120 52.40 -20.71 -23.28
N SER J 121 52.91 -21.94 -23.37
CA SER J 121 53.46 -22.44 -24.63
C SER J 121 52.34 -22.55 -25.67
N ASP J 122 52.72 -22.44 -26.94
CA ASP J 122 51.73 -22.50 -28.02
C ASP J 122 51.78 -23.82 -28.80
N SER J 123 52.59 -24.78 -28.36
CA SER J 123 52.66 -26.07 -29.05
C SER J 123 53.47 -27.03 -28.17
N VAL J 124 53.32 -28.33 -28.46
CA VAL J 124 54.05 -29.33 -27.71
C VAL J 124 55.56 -29.10 -27.86
N GLU J 125 55.99 -28.74 -29.07
CA GLU J 125 57.42 -28.61 -29.37
C GLU J 125 58.02 -27.34 -28.77
N ASN J 126 57.27 -26.23 -28.76
CA ASN J 126 57.74 -25.06 -28.04
C ASN J 126 57.72 -25.29 -26.53
N ALA J 127 56.73 -26.02 -26.02
CA ALA J 127 56.72 -26.35 -24.59
C ALA J 127 58.01 -27.06 -24.18
N LYS J 128 58.45 -28.03 -24.99
CA LYS J 128 59.71 -28.72 -24.72
C LYS J 128 60.89 -27.75 -24.73
N LYS J 129 60.91 -26.82 -25.67
CA LYS J 129 62.03 -25.88 -25.72
C LYS J 129 61.98 -24.88 -24.58
N GLU J 130 60.82 -24.29 -24.31
CA GLU J 130 60.72 -23.36 -23.20
C GLU J 130 61.03 -24.04 -21.87
N ILE J 131 60.57 -25.27 -21.70
CA ILE J 131 60.89 -26.03 -20.49
C ILE J 131 62.40 -26.19 -20.36
N ALA J 132 63.05 -26.68 -21.42
CA ALA J 132 64.50 -26.82 -21.41
C ALA J 132 65.18 -25.48 -21.15
N LEU J 133 64.60 -24.40 -21.67
CA LEU J 133 65.17 -23.08 -21.45
C LEU J 133 65.13 -22.66 -19.99
N TRP J 134 64.01 -22.91 -19.29
CA TRP J 134 63.83 -22.33 -17.97
C TRP J 134 64.20 -23.24 -16.81
N PHE J 135 64.24 -24.56 -17.03
CA PHE J 135 64.42 -25.51 -15.94
C PHE J 135 65.52 -26.50 -16.25
N LYS J 136 66.44 -26.67 -15.29
CA LYS J 136 67.42 -27.75 -15.36
C LYS J 136 66.75 -29.10 -15.12
N PRO J 137 67.37 -30.19 -15.57
CA PRO J 137 66.75 -31.51 -15.35
C PRO J 137 66.44 -31.81 -13.89
N GLU J 138 67.26 -31.32 -12.97
CA GLU J 138 67.03 -31.64 -11.56
C GLU J 138 65.83 -30.90 -10.99
N GLU J 139 65.42 -29.79 -11.60
CA GLU J 139 64.26 -29.05 -11.14
C GLU J 139 62.94 -29.70 -11.55
N LEU J 140 62.94 -30.44 -12.66
CA LEU J 140 61.77 -31.19 -13.11
C LEU J 140 61.56 -32.37 -12.19
N GLN J 141 60.46 -32.37 -11.44
CA GLN J 141 60.27 -33.44 -10.48
C GLN J 141 59.67 -34.65 -11.17
N LYS J 142 59.95 -35.82 -10.62
CA LYS J 142 59.54 -37.09 -11.20
C LYS J 142 58.84 -37.86 -10.08
N TYR J 143 57.51 -37.99 -10.21
CA TYR J 143 56.69 -38.68 -9.22
C TYR J 143 55.32 -38.96 -9.82
N LYS J 144 54.67 -39.97 -9.28
CA LYS J 144 53.35 -40.38 -9.75
C LYS J 144 52.29 -39.60 -8.98
N HIS J 145 51.38 -38.98 -9.72
CA HIS J 145 50.26 -38.28 -9.07
C HIS J 145 49.49 -39.24 -8.19
N SER J 146 49.30 -38.86 -6.92
CA SER J 146 48.52 -39.67 -5.99
C SER J 146 47.13 -40.06 -6.51
N GLN J 147 46.59 -39.36 -7.51
CA GLN J 147 45.24 -39.62 -8.02
C GLN J 147 45.25 -40.05 -9.48
N PHE J 148 46.41 -40.48 -9.99
CA PHE J 148 46.55 -40.76 -11.42
C PHE J 148 45.47 -41.70 -11.93
N ASP J 149 45.18 -42.76 -11.19
CA ASP J 149 44.23 -43.74 -11.72
C ASP J 149 42.79 -43.25 -11.67
N TRP J 150 42.48 -42.25 -10.83
CA TRP J 150 41.16 -41.63 -10.83
C TRP J 150 41.02 -40.54 -11.90
N ILE J 151 42.14 -39.99 -12.37
CA ILE J 151 42.17 -38.91 -13.35
C ILE J 151 42.22 -39.44 -14.78
N TYR J 152 42.93 -40.55 -15.01
CA TYR J 152 43.14 -41.15 -16.33
C TYR J 152 42.60 -42.58 -16.37
N GLU J 153 42.08 -42.97 -17.54
CA GLU J 153 41.54 -44.32 -17.73
C GLU J 153 42.65 -45.37 -17.67
N MET K 3 7.17 -24.05 -17.03
CA MET K 3 7.79 -25.36 -17.00
C MET K 3 8.96 -25.43 -16.01
N SER K 4 8.83 -24.73 -14.87
CA SER K 4 9.78 -24.84 -13.76
C SER K 4 9.76 -26.25 -13.17
N ASP K 5 8.96 -27.13 -13.76
CA ASP K 5 8.74 -28.47 -13.25
C ASP K 5 9.89 -29.42 -13.58
N GLU K 6 10.65 -29.11 -14.63
CA GLU K 6 11.56 -30.06 -15.24
C GLU K 6 12.55 -30.60 -14.22
N GLN K 7 12.91 -31.86 -14.39
CA GLN K 7 13.89 -32.52 -13.54
C GLN K 7 14.95 -33.13 -14.42
N THR K 8 16.13 -33.33 -13.84
CA THR K 8 17.24 -33.95 -14.55
C THR K 8 18.01 -34.80 -13.56
N PHE K 9 18.69 -35.82 -14.08
CA PHE K 9 19.47 -36.74 -13.27
C PHE K 9 20.95 -36.41 -13.46
N ILE K 10 21.66 -36.24 -12.35
CA ILE K 10 23.09 -35.92 -12.35
C ILE K 10 23.74 -36.85 -11.36
N ALA K 11 24.78 -37.55 -11.79
CA ALA K 11 25.48 -38.44 -10.88
C ALA K 11 26.95 -38.04 -10.84
N ILE K 12 27.48 -37.94 -9.63
CA ILE K 12 28.91 -37.74 -9.45
C ILE K 12 29.54 -39.12 -9.59
N LYS K 13 30.32 -39.33 -10.66
CA LYS K 13 30.94 -40.62 -10.94
C LYS K 13 32.00 -40.90 -9.88
N PRO K 14 32.48 -42.14 -9.76
CA PRO K 14 33.30 -42.48 -8.60
C PRO K 14 34.64 -41.75 -8.59
N ASP K 15 35.14 -41.31 -9.75
CA ASP K 15 36.31 -40.43 -9.73
C ASP K 15 35.97 -39.08 -9.10
N GLY K 16 34.74 -38.60 -9.30
CA GLY K 16 34.32 -37.35 -8.69
C GLY K 16 34.21 -37.46 -7.17
N VAL K 17 33.68 -38.56 -6.67
CA VAL K 17 33.65 -38.77 -5.23
C VAL K 17 35.07 -38.89 -4.68
N GLN K 18 35.88 -39.77 -5.25
CA GLN K 18 37.21 -39.98 -4.70
C GLN K 18 38.07 -38.71 -4.74
N ARG K 19 37.85 -37.82 -5.70
CA ARG K 19 38.64 -36.58 -5.76
C ARG K 19 38.06 -35.45 -4.91
N GLY K 20 36.93 -35.67 -4.22
CA GLY K 20 36.43 -34.65 -3.31
C GLY K 20 35.74 -33.52 -4.02
N LEU K 21 35.04 -33.82 -5.10
CA LEU K 21 34.33 -32.84 -5.88
C LEU K 21 32.80 -32.84 -5.63
N VAL K 22 32.29 -33.52 -4.59
CA VAL K 22 30.82 -33.54 -4.44
C VAL K 22 30.31 -32.21 -3.93
N GLY K 23 30.99 -31.61 -2.95
CA GLY K 23 30.64 -30.28 -2.49
C GLY K 23 30.61 -29.24 -3.60
N PRO K 24 31.72 -29.10 -4.34
CA PRO K 24 31.74 -28.11 -5.43
C PRO K 24 30.75 -28.38 -6.53
N ILE K 25 30.51 -29.65 -6.87
CA ILE K 25 29.59 -29.91 -7.97
C ILE K 25 28.17 -29.58 -7.51
N ILE K 26 27.86 -29.81 -6.25
CA ILE K 26 26.52 -29.48 -5.78
C ILE K 26 26.33 -27.97 -5.74
N SER K 27 27.39 -27.23 -5.37
CA SER K 27 27.29 -25.77 -5.32
C SER K 27 26.98 -25.17 -6.68
N ARG K 28 27.50 -25.76 -7.75
CA ARG K 28 27.24 -25.20 -9.07
C ARG K 28 25.74 -25.17 -9.34
N PHE K 29 25.05 -26.25 -9.00
CA PHE K 29 23.61 -26.31 -9.24
C PHE K 29 22.84 -25.51 -8.21
N GLU K 30 23.24 -25.57 -6.93
CA GLU K 30 22.61 -24.71 -5.94
C GLU K 30 22.68 -23.24 -6.36
N ASN K 31 23.89 -22.75 -6.68
CA ASN K 31 24.07 -21.33 -6.95
C ASN K 31 23.28 -20.88 -8.16
N ARG K 32 23.15 -21.77 -9.16
CA ARG K 32 22.39 -21.45 -10.34
C ARG K 32 20.90 -21.31 -10.02
N GLY K 33 20.44 -21.87 -8.89
CA GLY K 33 19.07 -21.74 -8.49
C GLY K 33 18.22 -22.97 -8.70
N PHE K 34 18.76 -24.02 -9.31
CA PHE K 34 18.03 -25.26 -9.44
C PHE K 34 17.78 -25.86 -8.06
N LYS K 35 16.73 -26.65 -7.95
CA LYS K 35 16.31 -27.19 -6.66
C LYS K 35 16.74 -28.63 -6.52
N LEU K 36 17.34 -28.96 -5.37
CA LEU K 36 17.79 -30.31 -5.07
C LEU K 36 16.57 -31.13 -4.69
N ALA K 37 16.15 -32.01 -5.59
CA ALA K 37 14.97 -32.87 -5.41
C ALA K 37 15.29 -34.26 -4.86
N ALA K 38 16.49 -34.78 -5.08
CA ALA K 38 16.88 -36.06 -4.54
C ALA K 38 18.40 -36.15 -4.57
N LEU K 39 18.95 -36.93 -3.63
CA LEU K 39 20.38 -36.97 -3.38
C LEU K 39 20.75 -38.21 -2.58
N LYS K 40 21.65 -39.05 -3.07
CA LYS K 40 22.14 -40.17 -2.27
C LYS K 40 23.52 -40.63 -2.73
N LEU K 41 24.30 -41.09 -1.76
CA LEU K 41 25.54 -41.83 -2.02
C LEU K 41 25.18 -43.32 -2.11
N CYS K 42 25.30 -43.90 -3.30
CA CYS K 42 24.96 -45.30 -3.47
C CYS K 42 26.07 -46.02 -4.21
N SER K 43 26.03 -47.36 -4.12
CA SER K 43 26.95 -48.25 -4.81
C SER K 43 26.11 -49.19 -5.66
N PRO K 44 25.78 -48.80 -6.88
CA PRO K 44 24.85 -49.62 -7.67
C PRO K 44 25.49 -50.93 -8.08
N SER K 45 24.64 -51.92 -8.30
CA SER K 45 25.09 -53.22 -8.76
C SER K 45 25.58 -53.11 -10.21
N LYS K 46 26.41 -54.07 -10.59
CA LYS K 46 26.82 -54.17 -12.00
C LYS K 46 25.60 -54.17 -12.92
N GLU K 47 24.56 -54.94 -12.57
CA GLU K 47 23.34 -54.99 -13.36
C GLU K 47 22.70 -53.62 -13.50
N HIS K 48 22.67 -52.83 -12.41
CA HIS K 48 22.13 -51.48 -12.48
C HIS K 48 22.88 -50.64 -13.51
N LEU K 49 24.22 -50.64 -13.42
CA LEU K 49 25.00 -49.80 -14.31
C LEU K 49 24.86 -50.24 -15.76
N GLU K 50 24.79 -51.56 -15.98
CA GLU K 50 24.58 -52.08 -17.33
C GLU K 50 23.24 -51.64 -17.90
N GLN K 51 22.21 -51.54 -17.04
CA GLN K 51 20.93 -51.03 -17.51
C GLN K 51 21.00 -49.51 -17.76
N HIS K 52 21.60 -48.77 -16.83
CA HIS K 52 21.78 -47.33 -17.03
C HIS K 52 22.47 -47.03 -18.36
N TYR K 53 23.57 -47.75 -18.64
CA TYR K 53 24.36 -47.53 -19.85
C TYR K 53 24.01 -48.52 -20.97
N ALA K 54 22.74 -48.93 -21.04
CA ALA K 54 22.33 -49.97 -21.96
C ALA K 54 22.63 -49.63 -23.42
N ASP K 55 22.44 -48.36 -23.81
CA ASP K 55 22.68 -47.99 -25.20
C ASP K 55 24.16 -48.02 -25.56
N LEU K 56 25.04 -48.24 -24.60
CA LEU K 56 26.47 -48.33 -24.85
C LEU K 56 27.01 -49.74 -24.67
N SER K 57 26.13 -50.73 -24.56
CA SER K 57 26.53 -52.07 -24.15
C SER K 57 27.43 -52.75 -25.18
N SER K 58 27.27 -52.41 -26.46
CA SER K 58 28.15 -52.96 -27.49
C SER K 58 29.46 -52.20 -27.63
N LYS K 59 29.57 -50.99 -27.06
CA LYS K 59 30.69 -50.11 -27.37
C LYS K 59 31.98 -50.60 -26.70
N PRO K 60 33.14 -50.39 -27.34
CA PRO K 60 34.37 -51.09 -26.88
C PRO K 60 34.80 -50.74 -25.47
N PHE K 61 34.57 -49.48 -25.03
CA PHE K 61 34.88 -49.04 -23.68
C PHE K 61 33.88 -49.54 -22.63
N PHE K 62 32.77 -50.15 -23.05
CA PHE K 62 31.66 -50.40 -22.14
C PHE K 62 32.05 -51.22 -20.91
N PRO K 63 32.74 -52.37 -21.04
CA PRO K 63 33.11 -53.10 -19.82
C PRO K 63 34.06 -52.32 -18.92
N GLY K 64 34.95 -51.51 -19.51
CA GLY K 64 35.76 -50.62 -18.69
C GLY K 64 34.94 -49.53 -18.04
N LEU K 65 34.03 -48.91 -18.81
CA LEU K 65 33.07 -47.96 -18.23
C LEU K 65 32.34 -48.56 -17.04
N VAL K 66 31.73 -49.73 -17.23
CA VAL K 66 30.98 -50.33 -16.14
C VAL K 66 31.92 -50.63 -14.97
N SER K 67 33.10 -51.14 -15.27
CA SER K 67 33.99 -51.54 -14.18
C SER K 67 34.49 -50.29 -13.44
N TYR K 68 34.80 -49.24 -14.19
CA TYR K 68 35.09 -47.95 -13.57
C TYR K 68 33.91 -47.49 -12.71
N MET K 69 32.69 -47.60 -13.22
CA MET K 69 31.54 -47.10 -12.45
C MET K 69 31.27 -47.92 -11.20
N LEU K 70 31.82 -49.13 -11.12
CA LEU K 70 31.74 -49.95 -9.91
C LEU K 70 32.91 -49.75 -8.97
N SER K 71 33.94 -49.00 -9.37
CA SER K 71 35.16 -48.88 -8.58
C SER K 71 35.01 -48.05 -7.31
N GLY K 72 33.87 -47.41 -7.08
CA GLY K 72 33.68 -46.62 -5.89
C GLY K 72 32.27 -46.07 -5.81
N PRO K 73 31.88 -45.56 -4.65
CA PRO K 73 30.51 -45.04 -4.50
C PRO K 73 30.23 -43.83 -5.39
N ILE K 74 28.94 -43.68 -5.73
CA ILE K 74 28.43 -42.65 -6.62
C ILE K 74 27.43 -41.79 -5.87
N VAL K 75 27.44 -40.49 -6.14
CA VAL K 75 26.43 -39.58 -5.59
C VAL K 75 25.36 -39.40 -6.65
N ALA K 76 24.15 -39.92 -6.38
CA ALA K 76 23.04 -39.73 -7.31
C ALA K 76 22.19 -38.54 -6.90
N MET K 77 21.74 -37.77 -7.89
CA MET K 77 21.05 -36.51 -7.64
C MET K 77 19.96 -36.28 -8.67
N VAL K 78 18.91 -35.60 -8.24
CA VAL K 78 17.90 -35.04 -9.14
C VAL K 78 17.87 -33.54 -8.89
N TRP K 79 17.99 -32.76 -9.94
CA TRP K 79 17.88 -31.30 -9.82
C TRP K 79 16.65 -30.85 -10.59
N GLU K 80 15.99 -29.81 -10.07
CA GLU K 80 14.71 -29.37 -10.62
C GLU K 80 14.78 -27.88 -10.95
N GLY K 81 14.33 -27.53 -12.15
CA GLY K 81 14.13 -26.13 -12.51
C GLY K 81 13.78 -26.03 -13.97
N ARG K 82 13.56 -24.79 -14.42
CA ARG K 82 13.21 -24.57 -15.81
C ARG K 82 14.37 -24.94 -16.72
N GLU K 83 14.10 -25.83 -17.67
CA GLU K 83 15.10 -26.29 -18.62
C GLU K 83 16.36 -26.79 -17.92
N VAL K 84 16.18 -27.41 -16.75
CA VAL K 84 17.33 -27.87 -15.98
C VAL K 84 18.09 -28.94 -16.75
N VAL K 85 17.39 -29.79 -17.52
CA VAL K 85 18.09 -30.82 -18.29
C VAL K 85 19.09 -30.19 -19.24
N LYS K 86 18.61 -29.26 -20.09
CA LYS K 86 19.50 -28.59 -21.04
C LYS K 86 20.57 -27.80 -20.30
N THR K 87 20.18 -27.08 -19.25
CA THR K 87 21.10 -26.22 -18.54
C THR K 87 22.10 -27.02 -17.71
N GLY K 88 21.65 -28.14 -17.15
CA GLY K 88 22.59 -29.01 -16.44
C GLY K 88 23.62 -29.61 -17.36
N ARG K 89 23.20 -29.93 -18.59
CA ARG K 89 24.16 -30.42 -19.58
C ARG K 89 25.19 -29.36 -19.90
N THR K 90 24.76 -28.09 -19.96
CA THR K 90 25.69 -26.98 -20.22
C THR K 90 26.62 -26.77 -19.02
N ILE K 91 26.09 -26.89 -17.81
CA ILE K 91 26.92 -26.75 -16.61
C ILE K 91 27.96 -27.85 -16.53
N LEU K 92 27.61 -29.08 -16.91
CA LEU K 92 28.56 -30.18 -16.85
C LEU K 92 29.68 -29.98 -17.88
N GLY K 93 29.32 -29.55 -19.07
CA GLY K 93 30.26 -29.31 -20.14
C GLY K 93 30.35 -30.50 -21.08
N ALA K 94 31.16 -30.31 -22.13
CA ALA K 94 31.38 -31.35 -23.13
C ALA K 94 31.69 -32.68 -22.45
N THR K 95 31.09 -33.75 -23.00
CA THR K 95 31.34 -35.09 -22.50
C THR K 95 32.83 -35.37 -22.42
N ASN K 96 33.58 -34.97 -23.44
CA ASN K 96 35.03 -35.02 -23.40
C ASN K 96 35.56 -33.78 -22.70
N PRO K 97 36.19 -33.90 -21.54
CA PRO K 97 36.70 -32.72 -20.83
C PRO K 97 37.60 -31.82 -21.66
N LEU K 98 38.37 -32.37 -22.60
CA LEU K 98 39.27 -31.57 -23.42
C LEU K 98 38.54 -30.68 -24.41
N ALA K 99 37.24 -30.88 -24.61
CA ALA K 99 36.45 -30.02 -25.47
C ALA K 99 35.60 -29.03 -24.71
N SER K 100 35.59 -29.11 -23.38
CA SER K 100 34.68 -28.27 -22.62
C SER K 100 35.35 -26.96 -22.22
N ALA K 101 34.54 -25.99 -21.92
CA ALA K 101 35.15 -24.71 -21.59
C ALA K 101 35.39 -24.61 -20.08
N PRO K 102 36.45 -23.91 -19.68
CA PRO K 102 36.62 -23.63 -18.25
C PRO K 102 35.36 -22.95 -17.75
N GLY K 103 35.07 -23.14 -16.47
CA GLY K 103 33.84 -22.64 -15.90
C GLY K 103 32.74 -23.67 -15.82
N THR K 104 32.74 -24.65 -16.74
CA THR K 104 31.91 -25.84 -16.56
C THR K 104 32.59 -26.80 -15.60
N ILE K 105 31.85 -27.82 -15.20
CA ILE K 105 32.37 -28.76 -14.21
C ILE K 105 33.50 -29.60 -14.80
N ARG K 106 33.33 -30.10 -16.02
CA ARG K 106 34.34 -30.94 -16.63
C ARG K 106 35.52 -30.11 -17.12
N GLY K 107 35.26 -28.85 -17.50
CA GLY K 107 36.30 -27.93 -17.90
C GLY K 107 37.05 -27.33 -16.75
N ASP K 108 36.55 -27.52 -15.53
CA ASP K 108 37.27 -27.08 -14.34
C ASP K 108 37.96 -28.22 -13.61
N PHE K 109 37.49 -29.46 -13.76
CA PHE K 109 37.98 -30.53 -12.90
C PHE K 109 38.41 -31.82 -13.62
N ALA K 110 38.23 -31.97 -14.93
CA ALA K 110 38.51 -33.26 -15.56
C ALA K 110 39.35 -33.11 -16.83
N ILE K 111 39.99 -34.23 -17.20
CA ILE K 111 40.87 -34.33 -18.35
C ILE K 111 40.43 -35.44 -19.29
N ASP K 112 40.11 -36.60 -18.73
CA ASP K 112 39.83 -37.80 -19.52
C ASP K 112 38.32 -38.04 -19.64
N VAL K 113 37.89 -38.39 -20.85
CA VAL K 113 36.49 -38.71 -21.09
C VAL K 113 36.05 -39.93 -20.30
N GLY K 114 36.95 -40.90 -20.10
CA GLY K 114 36.62 -42.00 -19.22
C GLY K 114 36.84 -41.74 -17.74
N ARG K 115 37.25 -40.53 -17.37
CA ARG K 115 37.25 -40.07 -15.99
C ARG K 115 36.64 -38.66 -15.91
N ASN K 116 35.42 -38.49 -16.46
CA ASN K 116 34.81 -37.17 -16.61
C ASN K 116 33.90 -36.80 -15.44
N VAL K 117 34.13 -37.38 -14.25
CA VAL K 117 33.71 -36.84 -12.96
C VAL K 117 32.19 -36.94 -12.70
N CYS K 118 31.37 -36.76 -13.73
CA CYS K 118 29.94 -36.76 -13.48
C CYS K 118 29.20 -37.28 -14.70
N HIS K 119 27.94 -37.67 -14.47
CA HIS K 119 27.02 -38.06 -15.53
C HIS K 119 25.80 -37.13 -15.52
N GLY K 120 25.29 -36.81 -16.70
CA GLY K 120 24.08 -36.04 -16.82
C GLY K 120 23.26 -36.56 -17.98
N SER K 121 21.94 -36.62 -17.80
CA SER K 121 21.01 -37.04 -18.85
C SER K 121 21.19 -36.18 -20.08
N ASP K 122 20.78 -36.72 -21.23
CA ASP K 122 20.91 -35.97 -22.47
C ASP K 122 19.56 -35.65 -23.11
N SER K 123 18.46 -35.72 -22.35
CA SER K 123 17.17 -35.21 -22.82
C SER K 123 16.18 -35.27 -21.67
N VAL K 124 15.08 -34.54 -21.82
CA VAL K 124 14.04 -34.54 -20.78
C VAL K 124 13.53 -35.95 -20.56
N GLU K 125 13.26 -36.69 -21.64
CA GLU K 125 12.72 -38.04 -21.50
C GLU K 125 13.76 -39.01 -20.96
N ASN K 126 15.01 -38.92 -21.43
CA ASN K 126 16.07 -39.73 -20.86
C ASN K 126 16.20 -39.49 -19.36
N ALA K 127 16.12 -38.22 -18.95
CA ALA K 127 16.14 -37.89 -17.52
C ALA K 127 15.04 -38.61 -16.74
N LYS K 128 13.83 -38.64 -17.31
CA LYS K 128 12.74 -39.32 -16.61
C LYS K 128 13.06 -40.79 -16.41
N LYS K 129 13.50 -41.47 -17.48
CA LYS K 129 13.89 -42.87 -17.31
C LYS K 129 14.97 -43.01 -16.25
N GLU K 130 15.95 -42.11 -16.24
CA GLU K 130 17.09 -42.28 -15.35
C GLU K 130 16.72 -41.97 -13.91
N ILE K 131 15.99 -40.87 -13.68
CA ILE K 131 15.51 -40.59 -12.33
C ILE K 131 14.76 -41.80 -11.78
N ALA K 132 13.89 -42.38 -12.59
CA ALA K 132 13.11 -43.52 -12.11
C ALA K 132 14.02 -44.72 -11.83
N LEU K 133 15.07 -44.89 -12.63
CA LEU K 133 15.97 -46.02 -12.42
C LEU K 133 16.72 -45.90 -11.09
N TRP K 134 17.22 -44.71 -10.77
CA TRP K 134 18.10 -44.59 -9.61
C TRP K 134 17.36 -44.27 -8.32
N PHE K 135 16.14 -43.74 -8.41
CA PHE K 135 15.38 -43.32 -7.25
C PHE K 135 13.97 -43.91 -7.29
N LYS K 136 13.47 -44.36 -6.13
CA LYS K 136 12.04 -44.59 -5.93
C LYS K 136 11.31 -43.25 -5.79
N PRO K 137 10.00 -43.22 -6.07
CA PRO K 137 9.24 -41.97 -5.87
C PRO K 137 9.31 -41.42 -4.45
N GLU K 138 9.45 -42.29 -3.45
CA GLU K 138 9.58 -41.82 -2.07
C GLU K 138 10.87 -41.05 -1.84
N GLU K 139 11.85 -41.19 -2.74
CA GLU K 139 13.13 -40.50 -2.54
C GLU K 139 13.13 -39.10 -3.15
N LEU K 140 12.31 -38.84 -4.16
CA LEU K 140 12.14 -37.48 -4.65
C LEU K 140 11.38 -36.64 -3.63
N GLN K 141 11.96 -35.49 -3.28
CA GLN K 141 11.35 -34.57 -2.33
C GLN K 141 10.39 -33.62 -3.06
N LYS K 142 9.22 -33.48 -2.50
CA LYS K 142 8.23 -32.53 -3.00
C LYS K 142 8.28 -31.34 -2.05
N TYR K 143 8.86 -30.24 -2.51
CA TYR K 143 8.87 -29.02 -1.71
C TYR K 143 9.09 -27.83 -2.63
N LYS K 144 8.70 -26.67 -2.13
CA LYS K 144 8.87 -25.43 -2.87
C LYS K 144 10.16 -24.76 -2.45
N HIS K 145 10.93 -24.30 -3.44
CA HIS K 145 12.14 -23.54 -3.19
C HIS K 145 11.83 -22.23 -2.46
N SER K 146 12.47 -22.01 -1.32
CA SER K 146 12.29 -20.78 -0.55
C SER K 146 12.49 -19.51 -1.38
N GLN K 147 13.31 -19.57 -2.43
CA GLN K 147 13.61 -18.40 -3.26
C GLN K 147 12.87 -18.42 -4.58
N PHE K 148 11.84 -19.26 -4.70
CA PHE K 148 11.23 -19.54 -6.00
C PHE K 148 10.84 -18.28 -6.77
N ASP K 149 10.20 -17.31 -6.11
CA ASP K 149 9.70 -16.13 -6.81
C ASP K 149 10.80 -15.14 -7.16
N TRP K 150 11.95 -15.24 -6.49
CA TRP K 150 13.11 -14.48 -6.90
C TRP K 150 13.92 -15.17 -7.98
N ILE K 151 13.78 -16.49 -8.13
CA ILE K 151 14.43 -17.18 -9.24
C ILE K 151 13.57 -17.18 -10.50
N TYR K 152 12.24 -17.24 -10.38
CA TYR K 152 11.39 -17.47 -11.53
C TYR K 152 10.41 -16.32 -11.77
N GLU K 153 10.45 -15.81 -13.00
CA GLU K 153 9.36 -15.03 -13.58
C GLU K 153 8.06 -15.82 -13.59
N LYS K 154 8.16 -17.13 -13.85
CA LYS K 154 7.05 -18.05 -14.09
C LYS K 154 6.13 -17.54 -15.21
N MET L 3 41.00 -46.86 14.64
CA MET L 3 40.51 -45.58 15.14
C MET L 3 40.24 -44.58 14.02
N SER L 4 40.74 -44.88 12.82
CA SER L 4 40.47 -44.09 11.62
C SER L 4 39.12 -44.39 11.00
N ASP L 5 38.42 -45.41 11.48
CA ASP L 5 37.11 -45.80 10.96
C ASP L 5 35.95 -45.30 11.83
N GLU L 6 36.25 -44.42 12.79
CA GLU L 6 35.19 -43.79 13.59
C GLU L 6 34.24 -43.02 12.68
N GLN L 7 32.96 -43.04 13.01
CA GLN L 7 31.97 -42.37 12.20
C GLN L 7 31.21 -41.35 13.04
N THR L 8 30.57 -40.42 12.35
CA THR L 8 29.68 -39.46 12.97
C THR L 8 28.52 -39.18 12.03
N PHE L 9 27.42 -38.73 12.61
CA PHE L 9 26.22 -38.37 11.87
C PHE L 9 26.10 -36.85 11.85
N ILE L 10 25.95 -36.31 10.64
CA ILE L 10 25.80 -34.88 10.44
C ILE L 10 24.58 -34.70 9.56
N ALA L 11 23.67 -33.84 9.99
CA ALA L 11 22.45 -33.56 9.25
C ALA L 11 22.46 -32.10 8.89
N ILE L 12 22.12 -31.78 7.65
CA ILE L 12 21.85 -30.41 7.27
C ILE L 12 20.36 -30.17 7.54
N LYS L 13 20.08 -29.27 8.48
CA LYS L 13 18.71 -28.98 8.89
C LYS L 13 17.99 -28.31 7.73
N PRO L 14 16.66 -28.21 7.78
CA PRO L 14 15.93 -27.70 6.60
C PRO L 14 16.33 -26.31 6.19
N ASP L 15 16.76 -25.47 7.12
CA ASP L 15 17.19 -24.13 6.72
C ASP L 15 18.51 -24.19 5.93
N GLY L 16 19.45 -25.04 6.37
CA GLY L 16 20.67 -25.26 5.59
C GLY L 16 20.39 -25.64 4.14
N VAL L 17 19.44 -26.55 3.94
CA VAL L 17 19.05 -26.93 2.58
C VAL L 17 18.43 -25.73 1.84
N GLN L 18 17.46 -25.07 2.48
CA GLN L 18 16.71 -24.01 1.79
C GLN L 18 17.58 -22.78 1.52
N ARG L 19 18.62 -22.56 2.32
CA ARG L 19 19.54 -21.47 2.02
C ARG L 19 20.68 -21.87 1.09
N GLY L 20 20.60 -23.04 0.46
CA GLY L 20 21.60 -23.39 -0.53
C GLY L 20 22.96 -23.69 0.05
N LEU L 21 23.02 -24.20 1.27
CA LEU L 21 24.25 -24.46 1.98
C LEU L 21 24.73 -25.91 1.84
N VAL L 22 24.09 -26.73 1.00
CA VAL L 22 24.47 -28.13 0.99
C VAL L 22 25.89 -28.30 0.43
N GLY L 23 26.20 -27.63 -0.68
CA GLY L 23 27.54 -27.71 -1.25
C GLY L 23 28.63 -27.26 -0.30
N PRO L 24 28.53 -26.00 0.17
CA PRO L 24 29.48 -25.50 1.19
C PRO L 24 29.66 -26.41 2.40
N ILE L 25 28.59 -26.95 2.97
CA ILE L 25 28.77 -27.78 4.17
C ILE L 25 29.54 -29.06 3.84
N ILE L 26 29.24 -29.66 2.69
CA ILE L 26 29.90 -30.92 2.38
C ILE L 26 31.38 -30.67 2.10
N SER L 27 31.73 -29.52 1.52
CA SER L 27 33.13 -29.21 1.24
C SER L 27 33.94 -29.09 2.51
N ARG L 28 33.37 -28.52 3.58
CA ARG L 28 34.14 -28.34 4.81
C ARG L 28 34.68 -29.67 5.30
N PHE L 29 33.83 -30.71 5.29
CA PHE L 29 34.23 -32.06 5.69
C PHE L 29 35.09 -32.72 4.61
N GLU L 30 34.72 -32.55 3.35
CA GLU L 30 35.51 -33.14 2.26
C GLU L 30 36.93 -32.60 2.26
N ASN L 31 37.10 -31.29 2.48
CA ASN L 31 38.43 -30.67 2.39
C ASN L 31 39.34 -31.11 3.53
N ARG L 32 38.75 -31.49 4.66
CA ARG L 32 39.52 -31.86 5.84
C ARG L 32 40.14 -33.25 5.73
N GLY L 33 39.66 -34.09 4.82
CA GLY L 33 40.13 -35.46 4.70
C GLY L 33 39.13 -36.50 5.16
N PHE L 34 38.03 -36.09 5.77
CA PHE L 34 37.01 -37.03 6.20
C PHE L 34 36.33 -37.68 5.02
N LYS L 35 35.92 -38.94 5.20
CA LYS L 35 35.36 -39.75 4.12
C LYS L 35 33.83 -39.80 4.20
N LEU L 36 33.17 -39.47 3.10
CA LEU L 36 31.71 -39.48 3.01
C LEU L 36 31.22 -40.93 2.90
N ALA L 37 30.61 -41.44 3.97
CA ALA L 37 30.15 -42.82 4.04
C ALA L 37 28.64 -43.00 3.74
N ALA L 38 27.79 -42.04 4.12
CA ALA L 38 26.37 -42.09 3.76
C ALA L 38 25.85 -40.69 3.46
N LEU L 39 24.93 -40.60 2.51
CA LEU L 39 24.39 -39.32 2.09
C LEU L 39 22.99 -39.53 1.54
N LYS L 40 22.02 -38.77 2.06
CA LYS L 40 20.68 -38.78 1.47
C LYS L 40 19.90 -37.52 1.86
N LEU L 41 19.22 -36.97 0.86
CA LEU L 41 18.16 -36.00 1.11
C LEU L 41 16.89 -36.77 1.45
N CYS L 42 16.27 -36.44 2.57
CA CYS L 42 15.08 -37.18 3.00
C CYS L 42 14.17 -36.25 3.80
N SER L 43 12.92 -36.70 3.97
CA SER L 43 11.90 -36.01 4.77
C SER L 43 11.37 -36.98 5.81
N PRO L 44 12.02 -37.09 6.96
CA PRO L 44 11.62 -38.11 7.93
C PRO L 44 10.24 -37.84 8.53
N SER L 45 9.60 -38.90 8.98
CA SER L 45 8.31 -38.79 9.66
C SER L 45 8.47 -38.05 10.99
N LYS L 46 7.35 -37.55 11.52
CA LYS L 46 7.37 -36.89 12.82
C LYS L 46 7.88 -37.83 13.91
N GLU L 47 7.47 -39.10 13.90
CA GLU L 47 7.95 -40.02 14.93
C GLU L 47 9.43 -40.33 14.76
N HIS L 48 9.94 -40.32 13.51
CA HIS L 48 11.38 -40.50 13.31
C HIS L 48 12.17 -39.38 13.98
N LEU L 49 11.78 -38.13 13.73
CA LEU L 49 12.50 -37.02 14.34
C LEU L 49 12.32 -36.99 15.85
N GLU L 50 11.18 -37.48 16.35
CA GLU L 50 10.99 -37.52 17.80
C GLU L 50 11.95 -38.52 18.44
N GLN L 51 12.16 -39.68 17.81
CA GLN L 51 13.13 -40.64 18.34
C GLN L 51 14.55 -40.12 18.20
N HIS L 52 14.86 -39.35 17.14
CA HIS L 52 16.21 -38.82 17.00
C HIS L 52 16.54 -37.85 18.12
N TYR L 53 15.61 -36.95 18.44
CA TYR L 53 15.73 -36.08 19.61
C TYR L 53 15.08 -36.73 20.83
N ALA L 54 15.46 -37.98 21.11
CA ALA L 54 14.97 -38.71 22.26
C ALA L 54 15.58 -38.19 23.56
N ASP L 55 16.88 -38.46 23.77
CA ASP L 55 17.57 -38.14 25.01
C ASP L 55 17.41 -36.67 25.41
N LEU L 56 16.85 -35.85 24.52
CA LEU L 56 16.38 -34.52 24.88
C LEU L 56 14.86 -34.57 25.00
N SER L 57 14.13 -34.52 23.89
CA SER L 57 12.66 -34.60 23.85
C SER L 57 12.03 -33.71 24.90
N SER L 58 11.46 -34.32 25.95
CA SER L 58 11.18 -33.72 27.25
C SER L 58 11.07 -32.19 27.25
N LYS L 59 12.21 -31.51 27.07
CA LYS L 59 12.46 -30.07 27.20
C LYS L 59 11.45 -29.20 26.44
N PRO L 60 11.24 -27.95 26.88
CA PRO L 60 10.10 -27.17 26.37
C PRO L 60 10.10 -26.95 24.86
N PHE L 61 11.28 -26.75 24.25
CA PHE L 61 11.35 -26.41 22.83
C PHE L 61 11.19 -27.63 21.92
N PHE L 62 10.43 -28.64 22.35
CA PHE L 62 10.38 -29.88 21.59
C PHE L 62 9.40 -29.79 20.42
N PRO L 63 8.11 -29.50 20.62
CA PRO L 63 7.20 -29.49 19.46
C PRO L 63 7.61 -28.52 18.36
N GLY L 64 8.31 -27.43 18.71
CA GLY L 64 8.78 -26.49 17.71
C GLY L 64 9.99 -27.03 16.97
N LEU L 65 10.94 -27.57 17.73
CA LEU L 65 12.09 -28.27 17.14
C LEU L 65 11.62 -29.27 16.07
N VAL L 66 10.67 -30.13 16.44
CA VAL L 66 10.20 -31.13 15.50
C VAL L 66 9.40 -30.47 14.36
N SER L 67 8.57 -29.48 14.70
CA SER L 67 7.67 -28.92 13.69
C SER L 67 8.45 -28.27 12.56
N TYR L 68 9.56 -27.62 12.89
CA TYR L 68 10.39 -27.02 11.85
C TYR L 68 11.42 -27.99 11.30
N MET L 69 11.84 -29.02 12.06
CA MET L 69 12.61 -30.10 11.45
C MET L 69 11.80 -30.88 10.43
N LEU L 70 10.46 -30.71 10.42
CA LEU L 70 9.60 -31.25 9.40
C LEU L 70 9.27 -30.24 8.30
N SER L 71 9.71 -28.99 8.44
CA SER L 71 9.30 -27.96 7.50
C SER L 71 10.02 -28.04 6.17
N GLY L 72 11.03 -28.90 6.04
CA GLY L 72 11.76 -28.97 4.79
C GLY L 72 12.62 -30.21 4.72
N PRO L 73 12.94 -30.64 3.51
CA PRO L 73 13.84 -31.79 3.34
C PRO L 73 15.15 -31.59 4.09
N ILE L 74 15.72 -32.71 4.51
CA ILE L 74 16.92 -32.74 5.33
C ILE L 74 17.99 -33.55 4.58
N VAL L 75 19.25 -33.09 4.64
CA VAL L 75 20.35 -33.88 4.09
C VAL L 75 21.03 -34.58 5.26
N ALA L 76 20.96 -35.91 5.29
CA ALA L 76 21.59 -36.72 6.34
C ALA L 76 22.90 -37.32 5.83
N MET L 77 23.91 -37.33 6.69
CA MET L 77 25.26 -37.69 6.27
C MET L 77 25.97 -38.50 7.33
N VAL L 78 26.83 -39.40 6.87
CA VAL L 78 27.81 -40.03 7.74
C VAL L 78 29.19 -39.67 7.21
N TRP L 79 30.04 -39.15 8.09
CA TRP L 79 31.43 -38.89 7.80
C TRP L 79 32.28 -39.83 8.64
N GLU L 80 33.39 -40.30 8.07
CA GLU L 80 34.25 -41.28 8.70
C GLU L 80 35.68 -40.76 8.75
N GLY L 81 36.34 -40.98 9.87
CA GLY L 81 37.73 -40.64 10.02
C GLY L 81 38.12 -40.59 11.48
N ARG L 82 39.40 -40.28 11.72
CA ARG L 82 39.92 -40.29 13.08
C ARG L 82 39.38 -39.08 13.85
N GLU L 83 38.69 -39.35 14.96
CA GLU L 83 38.05 -38.32 15.78
C GLU L 83 37.08 -37.46 14.98
N VAL L 84 36.38 -38.09 14.03
CA VAL L 84 35.49 -37.32 13.18
C VAL L 84 34.32 -36.75 13.98
N VAL L 85 33.90 -37.41 15.07
CA VAL L 85 32.73 -36.91 15.82
C VAL L 85 33.12 -35.67 16.62
N LYS L 86 34.27 -35.71 17.31
CA LYS L 86 34.72 -34.53 18.03
C LYS L 86 35.15 -33.43 17.07
N THR L 87 35.86 -33.79 16.00
CA THR L 87 36.26 -32.77 15.04
C THR L 87 35.07 -32.25 14.24
N GLY L 88 34.04 -33.10 14.05
CA GLY L 88 32.83 -32.61 13.44
C GLY L 88 32.15 -31.51 14.25
N ARG L 89 32.16 -31.65 15.58
CA ARG L 89 31.62 -30.60 16.42
C ARG L 89 32.43 -29.31 16.33
N THR L 90 33.73 -29.41 16.06
CA THR L 90 34.53 -28.21 15.90
C THR L 90 34.19 -27.50 14.58
N ILE L 91 33.93 -28.29 13.54
CA ILE L 91 33.67 -27.74 12.22
C ILE L 91 32.32 -27.06 12.18
N LEU L 92 31.29 -27.70 12.75
CA LEU L 92 29.96 -27.09 12.79
C LEU L 92 29.97 -25.85 13.65
N GLY L 93 30.68 -25.89 14.77
CA GLY L 93 30.80 -24.75 15.65
C GLY L 93 29.90 -24.88 16.87
N ALA L 94 29.92 -23.84 17.70
CA ALA L 94 29.09 -23.87 18.88
C ALA L 94 27.62 -23.92 18.47
N THR L 95 26.83 -24.70 19.21
CA THR L 95 25.44 -24.88 18.83
C THR L 95 24.70 -23.56 18.71
N ASN L 96 25.06 -22.59 19.55
CA ASN L 96 24.58 -21.23 19.37
C ASN L 96 25.51 -20.51 18.39
N PRO L 97 25.03 -20.13 17.20
CA PRO L 97 25.94 -19.55 16.19
C PRO L 97 26.56 -18.24 16.63
N LEU L 98 25.86 -17.47 17.46
CA LEU L 98 26.43 -16.24 17.98
C LEU L 98 27.63 -16.50 18.87
N ALA L 99 27.84 -17.75 19.27
CA ALA L 99 29.00 -18.15 20.04
C ALA L 99 30.00 -18.96 19.21
N SER L 100 29.84 -19.01 17.90
CA SER L 100 30.72 -19.78 17.03
C SER L 100 31.73 -18.87 16.35
N ALA L 101 32.95 -19.40 16.15
CA ALA L 101 33.99 -18.63 15.49
C ALA L 101 33.74 -18.59 13.98
N PRO L 102 33.99 -17.44 13.35
CA PRO L 102 34.15 -17.44 11.88
C PRO L 102 35.13 -18.53 11.48
N GLY L 103 34.87 -19.16 10.34
CA GLY L 103 35.59 -20.35 9.94
C GLY L 103 34.81 -21.63 10.12
N THR L 104 33.94 -21.70 11.13
CA THR L 104 33.02 -22.82 11.33
C THR L 104 31.75 -22.64 10.50
N ILE L 105 31.03 -23.76 10.29
CA ILE L 105 29.82 -23.72 9.47
C ILE L 105 28.82 -22.72 10.04
N ARG L 106 28.53 -22.83 11.32
CA ARG L 106 27.55 -21.94 11.92
C ARG L 106 28.13 -20.55 12.12
N GLY L 107 29.45 -20.45 12.28
CA GLY L 107 30.10 -19.16 12.41
C GLY L 107 30.18 -18.39 11.12
N ASP L 108 30.03 -19.08 9.99
CA ASP L 108 30.00 -18.43 8.70
C ASP L 108 28.58 -18.19 8.16
N PHE L 109 27.59 -18.93 8.63
CA PHE L 109 26.34 -19.00 7.89
C PHE L 109 25.08 -18.84 8.71
N ALA L 110 25.16 -18.84 10.04
CA ALA L 110 23.94 -18.90 10.83
C ALA L 110 23.98 -17.84 11.92
N ILE L 111 22.81 -17.61 12.51
CA ILE L 111 22.65 -16.60 13.54
C ILE L 111 21.89 -17.17 14.73
N ASP L 112 20.70 -17.74 14.50
CA ASP L 112 19.83 -18.18 15.58
C ASP L 112 20.07 -19.64 15.93
N VAL L 113 20.02 -19.96 17.23
CA VAL L 113 20.19 -21.35 17.64
C VAL L 113 19.15 -22.24 17.00
N GLY L 114 17.89 -21.78 16.95
CA GLY L 114 16.85 -22.56 16.31
C GLY L 114 16.97 -22.65 14.81
N ARG L 115 17.94 -21.97 14.21
CA ARG L 115 18.18 -21.98 12.76
C ARG L 115 19.67 -22.17 12.48
N ASN L 116 20.29 -23.05 13.26
CA ASN L 116 21.73 -23.26 13.27
C ASN L 116 22.18 -24.27 12.21
N VAL L 117 21.37 -24.47 11.18
CA VAL L 117 21.80 -24.97 9.87
C VAL L 117 22.18 -26.45 9.84
N CYS L 118 22.69 -26.97 10.97
CA CYS L 118 23.29 -28.29 10.99
C CYS L 118 23.03 -28.95 12.33
N HIS L 119 22.93 -30.29 12.31
CA HIS L 119 22.98 -31.12 13.51
C HIS L 119 24.18 -32.04 13.42
N GLY L 120 24.87 -32.20 14.54
CA GLY L 120 25.90 -33.22 14.65
C GLY L 120 25.75 -33.95 15.96
N SER L 121 26.13 -35.22 15.96
CA SER L 121 26.04 -35.99 17.18
C SER L 121 27.06 -35.47 18.20
N ASP L 122 26.78 -35.76 19.47
CA ASP L 122 27.53 -35.18 20.58
C ASP L 122 28.48 -36.16 21.25
N SER L 123 28.62 -37.36 20.70
CA SER L 123 29.61 -38.35 21.14
C SER L 123 29.58 -39.51 20.15
N VAL L 124 30.61 -40.35 20.18
CA VAL L 124 30.66 -41.49 19.26
C VAL L 124 29.48 -42.44 19.51
N GLU L 125 29.10 -42.63 20.78
CA GLU L 125 28.05 -43.61 21.04
C GLU L 125 26.68 -43.07 20.61
N ASN L 126 26.41 -41.77 20.82
CA ASN L 126 25.21 -41.22 20.22
C ASN L 126 25.29 -41.24 18.71
N ALA L 127 26.48 -41.04 18.15
CA ALA L 127 26.68 -41.10 16.71
C ALA L 127 26.25 -42.45 16.15
N LYS L 128 26.71 -43.53 16.77
CA LYS L 128 26.32 -44.86 16.29
C LYS L 128 24.81 -45.02 16.28
N LYS L 129 24.14 -44.54 17.32
CA LYS L 129 22.69 -44.69 17.38
C LYS L 129 22.00 -43.84 16.33
N GLU L 130 22.45 -42.60 16.14
CA GLU L 130 21.83 -41.79 15.10
C GLU L 130 22.10 -42.37 13.73
N ILE L 131 23.29 -42.93 13.52
CA ILE L 131 23.58 -43.58 12.24
C ILE L 131 22.63 -44.75 12.02
N ALA L 132 22.50 -45.60 13.06
CA ALA L 132 21.52 -46.69 13.03
C ALA L 132 20.12 -46.18 12.73
N LEU L 133 19.75 -45.04 13.29
CA LEU L 133 18.36 -44.61 13.15
C LEU L 133 18.07 -44.03 11.76
N TRP L 134 19.04 -43.38 11.13
CA TRP L 134 18.77 -42.70 9.87
C TRP L 134 19.12 -43.52 8.65
N PHE L 135 19.89 -44.60 8.81
CA PHE L 135 20.44 -45.31 7.66
C PHE L 135 20.30 -46.82 7.83
N LYS L 136 19.77 -47.48 6.82
CA LYS L 136 19.90 -48.92 6.74
C LYS L 136 21.37 -49.28 6.52
N PRO L 137 21.82 -50.45 7.00
CA PRO L 137 23.20 -50.85 6.74
C PRO L 137 23.56 -50.88 5.26
N GLU L 138 22.63 -51.24 4.38
CA GLU L 138 22.97 -51.30 2.96
C GLU L 138 23.35 -49.94 2.38
N GLU L 139 22.88 -48.83 2.95
CA GLU L 139 23.21 -47.51 2.39
C GLU L 139 24.46 -46.89 2.99
N LEU L 140 25.04 -47.46 4.04
CA LEU L 140 26.36 -47.04 4.50
C LEU L 140 27.42 -47.70 3.62
N GLN L 141 28.22 -46.87 2.97
CA GLN L 141 29.10 -47.28 1.89
C GLN L 141 30.48 -47.62 2.44
N LYS L 142 31.02 -48.77 2.05
CA LYS L 142 32.35 -49.18 2.49
C LYS L 142 33.31 -49.06 1.31
N TYR L 143 34.33 -48.24 1.47
CA TYR L 143 35.37 -48.07 0.45
C TYR L 143 36.58 -47.42 1.08
N LYS L 144 37.70 -47.52 0.37
CA LYS L 144 38.95 -46.93 0.82
C LYS L 144 39.08 -45.52 0.24
N HIS L 145 39.35 -44.54 1.10
CA HIS L 145 39.60 -43.20 0.63
C HIS L 145 40.87 -43.17 -0.22
N SER L 146 40.76 -42.68 -1.46
CA SER L 146 41.88 -42.70 -2.40
C SER L 146 43.14 -41.98 -1.87
N GLN L 147 43.00 -41.10 -0.89
CA GLN L 147 44.12 -40.34 -0.33
C GLN L 147 44.48 -40.78 1.07
N PHE L 148 43.98 -41.96 1.47
CA PHE L 148 44.13 -42.42 2.86
C PHE L 148 45.57 -42.32 3.34
N ASP L 149 46.51 -42.79 2.52
CA ASP L 149 47.90 -42.80 2.95
C ASP L 149 48.46 -41.41 3.12
N TRP L 150 47.92 -40.43 2.38
CA TRP L 150 48.35 -39.04 2.50
C TRP L 150 47.60 -38.27 3.57
N ILE L 151 46.45 -38.77 4.02
CA ILE L 151 45.68 -38.13 5.09
C ILE L 151 46.10 -38.64 6.46
N TYR L 152 46.34 -39.95 6.59
CA TYR L 152 46.71 -40.55 7.85
C TYR L 152 48.07 -41.23 7.77
N GLU L 153 48.69 -41.43 8.93
CA GLU L 153 49.98 -42.12 9.07
C GLU L 153 49.89 -43.62 8.85
N MET M 3 -15.75 -28.03 -4.53
CA MET M 3 -17.16 -28.00 -4.07
C MET M 3 -17.39 -27.26 -2.73
N SER M 4 -16.36 -27.20 -1.89
CA SER M 4 -16.39 -26.55 -0.56
C SER M 4 -16.49 -25.02 -0.67
N ASP M 5 -16.23 -24.44 -1.86
CA ASP M 5 -16.30 -23.00 -2.01
C ASP M 5 -17.42 -22.56 -2.98
N GLU M 6 -18.40 -23.41 -3.23
CA GLU M 6 -19.63 -22.97 -3.85
C GLU M 6 -20.17 -21.75 -3.11
N GLN M 7 -20.71 -20.79 -3.87
CA GLN M 7 -21.25 -19.57 -3.30
C GLN M 7 -22.72 -19.44 -3.67
N THR M 8 -23.46 -18.71 -2.85
CA THR M 8 -24.86 -18.41 -3.11
C THR M 8 -25.16 -16.97 -2.74
N PHE M 9 -26.23 -16.45 -3.33
CA PHE M 9 -26.66 -15.08 -3.07
C PHE M 9 -27.92 -15.11 -2.23
N ILE M 10 -27.87 -14.47 -1.07
CA ILE M 10 -29.01 -14.32 -0.20
C ILE M 10 -29.21 -12.83 -0.02
N ALA M 11 -30.44 -12.38 -0.15
CA ALA M 11 -30.78 -11.00 0.11
C ALA M 11 -31.88 -10.96 1.13
N ILE M 12 -31.75 -10.08 2.12
CA ILE M 12 -32.82 -9.78 3.05
C ILE M 12 -33.66 -8.67 2.42
N LYS M 13 -34.92 -8.98 2.11
CA LYS M 13 -35.78 -8.04 1.41
C LYS M 13 -36.13 -6.87 2.33
N PRO M 14 -36.69 -5.78 1.78
CA PRO M 14 -36.93 -4.62 2.64
C PRO M 14 -37.85 -4.91 3.82
N ASP M 15 -38.77 -5.88 3.70
CA ASP M 15 -39.59 -6.24 4.86
C ASP M 15 -38.76 -6.93 5.94
N GLY M 16 -37.85 -7.82 5.55
CA GLY M 16 -36.96 -8.41 6.54
C GLY M 16 -36.14 -7.36 7.26
N VAL M 17 -35.65 -6.36 6.52
CA VAL M 17 -34.85 -5.32 7.17
C VAL M 17 -35.72 -4.51 8.11
N GLN M 18 -36.84 -3.99 7.59
CA GLN M 18 -37.68 -3.14 8.42
C GLN M 18 -38.24 -3.87 9.65
N ARG M 19 -38.38 -5.19 9.59
CA ARG M 19 -38.90 -5.93 10.75
C ARG M 19 -37.82 -6.45 11.69
N GLY M 20 -36.56 -6.07 11.49
CA GLY M 20 -35.54 -6.42 12.46
C GLY M 20 -35.07 -7.85 12.41
N LEU M 21 -35.05 -8.47 11.23
CA LEU M 21 -34.59 -9.84 11.05
C LEU M 21 -33.19 -9.97 10.49
N VAL M 22 -32.41 -8.88 10.48
CA VAL M 22 -31.07 -8.97 9.89
C VAL M 22 -30.20 -9.96 10.69
N GLY M 23 -30.03 -9.68 11.99
CA GLY M 23 -29.29 -10.55 12.87
C GLY M 23 -29.72 -12.00 12.86
N PRO M 24 -31.04 -12.26 13.12
CA PRO M 24 -31.53 -13.65 13.14
C PRO M 24 -31.35 -14.39 11.82
N ILE M 25 -31.47 -13.70 10.69
CA ILE M 25 -31.27 -14.39 9.42
C ILE M 25 -29.78 -14.72 9.23
N ILE M 26 -28.91 -13.77 9.55
CA ILE M 26 -27.49 -14.04 9.39
C ILE M 26 -27.07 -15.17 10.31
N SER M 27 -27.78 -15.35 11.43
CA SER M 27 -27.39 -16.38 12.39
C SER M 27 -27.70 -17.78 11.86
N ARG M 28 -28.82 -17.95 11.15
CA ARG M 28 -29.12 -19.29 10.64
C ARG M 28 -28.00 -19.78 9.74
N PHE M 29 -27.52 -18.92 8.85
CA PHE M 29 -26.43 -19.30 7.95
C PHE M 29 -25.12 -19.50 8.71
N GLU M 30 -24.78 -18.56 9.60
CA GLU M 30 -23.59 -18.69 10.42
C GLU M 30 -23.58 -20.00 11.21
N ASN M 31 -24.68 -20.26 11.93
CA ASN M 31 -24.74 -21.42 12.82
C ASN M 31 -24.58 -22.73 12.07
N ARG M 32 -25.02 -22.76 10.82
CA ARG M 32 -24.99 -23.97 10.03
C ARG M 32 -23.58 -24.28 9.52
N GLY M 33 -22.67 -23.31 9.55
CA GLY M 33 -21.30 -23.52 9.10
C GLY M 33 -20.94 -22.80 7.82
N PHE M 34 -21.86 -22.03 7.24
CA PHE M 34 -21.53 -21.32 6.02
C PHE M 34 -20.71 -20.07 6.31
N LYS M 35 -19.90 -19.68 5.34
CA LYS M 35 -18.97 -18.57 5.48
C LYS M 35 -19.54 -17.34 4.82
N LEU M 36 -19.57 -16.25 5.57
CA LEU M 36 -19.98 -14.96 5.04
C LEU M 36 -18.86 -14.43 4.16
N ALA M 37 -19.08 -14.43 2.84
CA ALA M 37 -18.09 -13.94 1.88
C ALA M 37 -18.35 -12.51 1.43
N ALA M 38 -19.60 -12.03 1.47
CA ALA M 38 -19.86 -10.63 1.16
C ALA M 38 -21.11 -10.17 1.90
N LEU M 39 -21.17 -8.87 2.20
CA LEU M 39 -22.24 -8.33 3.02
C LEU M 39 -22.37 -6.84 2.77
N LYS M 40 -23.58 -6.35 2.49
CA LYS M 40 -23.76 -4.91 2.46
C LYS M 40 -25.23 -4.55 2.57
N LEU M 41 -25.50 -3.48 3.31
CA LEU M 41 -26.75 -2.75 3.20
C LEU M 41 -26.67 -1.83 1.99
N CYS M 42 -27.60 -1.99 1.05
CA CYS M 42 -27.65 -1.17 -0.16
C CYS M 42 -29.10 -0.87 -0.55
N SER M 43 -29.25 0.10 -1.47
CA SER M 43 -30.54 0.46 -2.07
C SER M 43 -30.38 0.40 -3.59
N PRO M 44 -30.64 -0.74 -4.20
CA PRO M 44 -30.42 -0.88 -5.65
C PRO M 44 -31.41 -0.04 -6.45
N SER M 45 -30.98 0.40 -7.62
CA SER M 45 -31.85 1.15 -8.52
C SER M 45 -33.01 0.28 -9.01
N LYS M 46 -33.98 0.92 -9.64
CA LYS M 46 -35.06 0.15 -10.24
C LYS M 46 -34.53 -0.72 -11.38
N GLU M 47 -33.65 -0.16 -12.21
CA GLU M 47 -33.09 -0.96 -13.31
C GLU M 47 -32.31 -2.16 -12.77
N HIS M 48 -31.58 -1.98 -11.67
CA HIS M 48 -30.95 -3.12 -11.01
C HIS M 48 -31.98 -4.21 -10.68
N LEU M 49 -33.04 -3.85 -9.95
CA LEU M 49 -33.97 -4.87 -9.49
C LEU M 49 -34.66 -5.56 -10.66
N GLU M 50 -34.97 -4.81 -11.71
CA GLU M 50 -35.62 -5.41 -12.88
C GLU M 50 -34.70 -6.41 -13.56
N GLN M 51 -33.39 -6.11 -13.63
CA GLN M 51 -32.49 -7.11 -14.18
C GLN M 51 -32.32 -8.31 -13.24
N HIS M 52 -32.24 -8.06 -11.93
CA HIS M 52 -32.24 -9.16 -10.96
C HIS M 52 -33.42 -10.09 -11.17
N TYR M 53 -34.61 -9.53 -11.43
CA TYR M 53 -35.80 -10.35 -11.59
C TYR M 53 -36.18 -10.57 -13.05
N ALA M 54 -35.19 -10.51 -13.95
CA ALA M 54 -35.45 -10.46 -15.38
C ALA M 54 -36.26 -11.64 -15.87
N ASP M 55 -36.13 -12.81 -15.23
CA ASP M 55 -36.87 -13.99 -15.70
C ASP M 55 -38.35 -13.92 -15.38
N LEU M 56 -38.79 -12.91 -14.63
CA LEU M 56 -40.21 -12.79 -14.29
C LEU M 56 -40.80 -11.48 -14.75
N SER M 57 -40.12 -10.79 -15.69
CA SER M 57 -40.66 -9.54 -16.23
C SER M 57 -42.01 -9.75 -16.91
N SER M 58 -42.31 -10.97 -17.36
CA SER M 58 -43.56 -11.24 -18.05
C SER M 58 -44.70 -11.62 -17.10
N LYS M 59 -44.40 -11.85 -15.81
CA LYS M 59 -45.39 -12.28 -14.83
C LYS M 59 -46.22 -11.10 -14.34
N PRO M 60 -47.48 -11.34 -13.98
CA PRO M 60 -48.35 -10.22 -13.55
C PRO M 60 -47.87 -9.51 -12.31
N PHE M 61 -47.25 -10.23 -11.35
CA PHE M 61 -46.77 -9.60 -10.12
C PHE M 61 -45.48 -8.79 -10.29
N PHE M 62 -44.78 -8.92 -11.41
CA PHE M 62 -43.47 -8.30 -11.56
C PHE M 62 -43.45 -6.82 -11.22
N PRO M 63 -44.42 -6.01 -11.67
CA PRO M 63 -44.36 -4.57 -11.32
C PRO M 63 -44.50 -4.29 -9.84
N GLY M 64 -45.31 -5.06 -9.12
CA GLY M 64 -45.39 -4.85 -7.68
C GLY M 64 -44.18 -5.39 -6.96
N LEU M 65 -43.65 -6.52 -7.44
CA LEU M 65 -42.41 -7.05 -6.91
C LEU M 65 -41.32 -6.00 -6.87
N VAL M 66 -41.15 -5.26 -7.97
CA VAL M 66 -40.03 -4.32 -8.06
C VAL M 66 -40.24 -3.11 -7.16
N SER M 67 -41.48 -2.62 -7.06
CA SER M 67 -41.74 -1.44 -6.26
C SER M 67 -41.59 -1.77 -4.77
N TYR M 68 -42.09 -2.92 -4.36
CA TYR M 68 -41.80 -3.41 -3.01
C TYR M 68 -40.30 -3.55 -2.78
N MET M 69 -39.59 -4.14 -3.74
CA MET M 69 -38.15 -4.26 -3.56
C MET M 69 -37.46 -2.90 -3.51
N LEU M 70 -38.15 -1.83 -3.90
CA LEU M 70 -37.60 -0.49 -3.82
C LEU M 70 -38.02 0.24 -2.55
N SER M 71 -38.89 -0.35 -1.73
CA SER M 71 -39.51 0.37 -0.61
C SER M 71 -38.60 0.52 0.59
N GLY M 72 -37.37 0.01 0.55
CA GLY M 72 -36.44 0.20 1.63
C GLY M 72 -35.16 -0.55 1.38
N PRO M 73 -34.13 -0.24 2.17
CA PRO M 73 -32.81 -0.80 1.90
C PRO M 73 -32.81 -2.32 2.04
N ILE M 74 -31.84 -2.94 1.37
CA ILE M 74 -31.73 -4.39 1.31
C ILE M 74 -30.37 -4.80 1.86
N VAL M 75 -30.34 -5.90 2.61
CA VAL M 75 -29.08 -6.51 3.03
C VAL M 75 -28.76 -7.59 2.00
N ALA M 76 -27.71 -7.37 1.22
CA ALA M 76 -27.23 -8.32 0.23
C ALA M 76 -26.07 -9.09 0.81
N MET M 77 -26.03 -10.41 0.58
CA MET M 77 -25.00 -11.26 1.17
C MET M 77 -24.60 -12.34 0.19
N VAL M 78 -23.36 -12.81 0.34
CA VAL M 78 -22.87 -14.00 -0.33
C VAL M 78 -22.44 -14.98 0.76
N TRP M 79 -22.89 -16.21 0.64
CA TRP M 79 -22.54 -17.25 1.58
C TRP M 79 -21.81 -18.35 0.83
N GLU M 80 -20.85 -18.97 1.50
CA GLU M 80 -19.96 -19.92 0.83
C GLU M 80 -19.88 -21.21 1.62
N GLY M 81 -20.02 -22.33 0.93
CA GLY M 81 -19.91 -23.63 1.53
C GLY M 81 -20.38 -24.70 0.57
N ARG M 82 -20.27 -25.94 1.02
CA ARG M 82 -20.64 -27.06 0.18
C ARG M 82 -22.14 -27.15 0.04
N GLU M 83 -22.62 -27.19 -1.20
CA GLU M 83 -24.06 -27.21 -1.51
C GLU M 83 -24.80 -26.00 -0.92
N VAL M 84 -24.11 -24.88 -0.75
CA VAL M 84 -24.74 -23.76 -0.04
C VAL M 84 -25.97 -23.23 -0.79
N VAL M 85 -25.99 -23.23 -2.14
CA VAL M 85 -27.15 -22.67 -2.82
C VAL M 85 -28.38 -23.52 -2.54
N LYS M 86 -28.24 -24.86 -2.60
CA LYS M 86 -29.36 -25.75 -2.35
C LYS M 86 -29.69 -25.78 -0.87
N THR M 87 -28.68 -25.82 -0.01
CA THR M 87 -28.95 -25.77 1.41
C THR M 87 -29.57 -24.43 1.80
N GLY M 88 -29.11 -23.35 1.19
CA GLY M 88 -29.68 -22.05 1.47
C GLY M 88 -31.13 -21.94 1.06
N ARG M 89 -31.52 -22.58 -0.05
CA ARG M 89 -32.92 -22.61 -0.42
C ARG M 89 -33.74 -23.29 0.67
N THR M 90 -33.23 -24.40 1.21
CA THR M 90 -33.95 -25.11 2.26
C THR M 90 -34.01 -24.29 3.54
N ILE M 91 -32.92 -23.63 3.91
CA ILE M 91 -32.95 -22.77 5.08
C ILE M 91 -33.97 -21.65 4.89
N LEU M 92 -34.03 -21.07 3.69
CA LEU M 92 -35.01 -20.02 3.42
C LEU M 92 -36.42 -20.55 3.50
N GLY M 93 -36.68 -21.72 2.89
CA GLY M 93 -38.02 -22.28 2.86
C GLY M 93 -38.81 -21.84 1.64
N ALA M 94 -39.95 -22.49 1.43
CA ALA M 94 -40.71 -22.33 0.20
C ALA M 94 -40.96 -20.85 -0.10
N THR M 95 -41.03 -20.52 -1.38
CA THR M 95 -41.31 -19.14 -1.78
C THR M 95 -42.54 -18.59 -1.09
N ASN M 96 -43.61 -19.41 -1.01
CA ASN M 96 -44.80 -19.04 -0.26
C ASN M 96 -44.63 -19.43 1.19
N PRO M 97 -44.60 -18.49 2.12
CA PRO M 97 -44.38 -18.87 3.52
C PRO M 97 -45.39 -19.87 4.06
N LEU M 98 -46.64 -19.85 3.61
CA LEU M 98 -47.61 -20.81 4.14
C LEU M 98 -47.31 -22.24 3.69
N ALA M 99 -46.49 -22.43 2.68
CA ALA M 99 -46.02 -23.77 2.34
C ALA M 99 -44.70 -24.11 3.04
N SER M 100 -44.23 -23.29 3.97
CA SER M 100 -42.88 -23.42 4.51
C SER M 100 -42.92 -24.02 5.92
N ALA M 101 -41.97 -24.94 6.17
CA ALA M 101 -41.93 -25.60 7.46
C ALA M 101 -41.42 -24.65 8.53
N PRO M 102 -42.01 -24.68 9.73
CA PRO M 102 -41.40 -23.96 10.86
C PRO M 102 -39.95 -24.43 11.02
N GLY M 103 -39.08 -23.51 11.40
CA GLY M 103 -37.65 -23.79 11.47
C GLY M 103 -36.88 -23.31 10.25
N THR M 104 -37.56 -23.06 9.14
CA THR M 104 -37.03 -22.27 8.05
C THR M 104 -37.27 -20.78 8.31
N ILE M 105 -36.54 -19.93 7.57
CA ILE M 105 -36.64 -18.50 7.79
C ILE M 105 -38.05 -18.01 7.52
N ARG M 106 -38.62 -18.42 6.38
CA ARG M 106 -39.96 -17.96 6.02
C ARG M 106 -41.02 -18.66 6.83
N GLY M 107 -40.77 -19.91 7.22
CA GLY M 107 -41.69 -20.61 8.11
C GLY M 107 -41.69 -20.05 9.50
N ASP M 108 -40.62 -19.39 9.91
CA ASP M 108 -40.61 -18.76 11.22
C ASP M 108 -41.08 -17.32 11.19
N PHE M 109 -40.96 -16.63 10.05
CA PHE M 109 -41.04 -15.19 10.09
C PHE M 109 -41.99 -14.55 9.09
N ALA M 110 -42.56 -15.30 8.14
CA ALA M 110 -43.32 -14.64 7.08
C ALA M 110 -44.67 -15.30 6.85
N ILE M 111 -45.50 -14.61 6.07
CA ILE M 111 -46.89 -14.99 5.83
C ILE M 111 -47.18 -14.90 4.34
N ASP M 112 -46.97 -13.73 3.74
CA ASP M 112 -47.32 -13.52 2.35
C ASP M 112 -46.15 -13.78 1.41
N VAL M 113 -46.46 -14.45 0.30
CA VAL M 113 -45.48 -14.67 -0.76
C VAL M 113 -44.86 -13.36 -1.23
N GLY M 114 -45.58 -12.24 -1.10
CA GLY M 114 -45.15 -10.94 -1.52
C GLY M 114 -44.44 -10.14 -0.46
N ARG M 115 -44.35 -10.70 0.75
CA ARG M 115 -43.53 -10.19 1.84
C ARG M 115 -42.78 -11.36 2.49
N ASN M 116 -42.14 -12.19 1.66
CA ASN M 116 -41.45 -13.38 2.15
C ASN M 116 -39.98 -13.09 2.56
N VAL M 117 -39.70 -11.85 2.94
CA VAL M 117 -38.60 -11.51 3.85
C VAL M 117 -37.22 -11.72 3.21
N CYS M 118 -37.07 -12.75 2.40
CA CYS M 118 -35.77 -13.13 1.87
C CYS M 118 -35.83 -13.49 0.39
N HIS M 119 -34.70 -13.28 -0.29
CA HIS M 119 -34.45 -13.84 -1.61
C HIS M 119 -33.23 -14.74 -1.52
N GLY M 120 -33.32 -15.90 -2.18
CA GLY M 120 -32.16 -16.74 -2.38
C GLY M 120 -32.15 -17.26 -3.81
N SER M 121 -30.95 -17.44 -4.35
CA SER M 121 -30.83 -17.87 -5.74
C SER M 121 -31.40 -19.27 -5.92
N ASP M 122 -31.85 -19.57 -7.13
CA ASP M 122 -32.46 -20.86 -7.39
C ASP M 122 -31.54 -21.88 -8.04
N SER M 123 -30.27 -21.55 -8.27
CA SER M 123 -29.32 -22.55 -8.75
C SER M 123 -27.90 -22.03 -8.62
N VAL M 124 -26.95 -22.95 -8.75
CA VAL M 124 -25.54 -22.58 -8.74
C VAL M 124 -25.24 -21.56 -9.84
N GLU M 125 -25.64 -21.87 -11.07
CA GLU M 125 -25.30 -20.94 -12.15
C GLU M 125 -26.05 -19.63 -11.97
N ASN M 126 -27.34 -19.70 -11.63
CA ASN M 126 -28.07 -18.48 -11.32
C ASN M 126 -27.46 -17.71 -10.15
N ALA M 127 -26.90 -18.43 -9.16
CA ALA M 127 -26.28 -17.76 -8.02
C ALA M 127 -25.07 -16.96 -8.45
N LYS M 128 -24.23 -17.55 -9.31
CA LYS M 128 -23.06 -16.84 -9.83
C LYS M 128 -23.48 -15.57 -10.55
N LYS M 129 -24.53 -15.65 -11.36
CA LYS M 129 -25.01 -14.46 -12.05
C LYS M 129 -25.45 -13.39 -11.07
N GLU M 130 -26.17 -13.77 -10.01
CA GLU M 130 -26.65 -12.79 -9.04
C GLU M 130 -25.51 -12.20 -8.21
N ILE M 131 -24.52 -13.01 -7.84
CA ILE M 131 -23.38 -12.50 -7.09
C ILE M 131 -22.63 -11.47 -7.93
N ALA M 132 -22.37 -11.81 -9.18
CA ALA M 132 -21.76 -10.86 -10.11
C ALA M 132 -22.63 -9.61 -10.28
N LEU M 133 -23.96 -9.76 -10.22
CA LEU M 133 -24.81 -8.60 -10.42
C LEU M 133 -24.71 -7.65 -9.24
N TRP M 134 -24.73 -8.15 -8.02
CA TRP M 134 -24.84 -7.31 -6.83
C TRP M 134 -23.51 -6.94 -6.20
N PHE M 135 -22.44 -7.68 -6.45
CA PHE M 135 -21.16 -7.37 -5.83
C PHE M 135 -20.11 -7.22 -6.91
N LYS M 136 -19.21 -6.25 -6.74
CA LYS M 136 -17.97 -6.24 -7.50
C LYS M 136 -16.98 -7.25 -6.91
N PRO M 137 -16.04 -7.75 -7.72
CA PRO M 137 -15.06 -8.70 -7.18
C PRO M 137 -14.42 -8.26 -5.88
N GLU M 138 -14.18 -6.96 -5.73
CA GLU M 138 -13.49 -6.46 -4.56
C GLU M 138 -14.34 -6.57 -3.30
N GLU M 139 -15.66 -6.68 -3.44
CA GLU M 139 -16.51 -6.84 -2.26
C GLU M 139 -16.50 -8.27 -1.73
N LEU M 140 -16.15 -9.25 -2.55
CA LEU M 140 -16.12 -10.63 -2.09
C LEU M 140 -14.85 -10.87 -1.29
N GLN M 141 -15.01 -11.17 0.00
CA GLN M 141 -13.87 -11.42 0.86
C GLN M 141 -13.38 -12.84 0.66
N LYS M 142 -12.07 -12.98 0.58
CA LYS M 142 -11.41 -14.27 0.45
C LYS M 142 -10.63 -14.53 1.72
N TYR M 143 -11.00 -15.61 2.42
CA TYR M 143 -10.32 -15.99 3.66
C TYR M 143 -10.71 -17.41 3.99
N LYS M 144 -9.93 -18.05 4.87
CA LYS M 144 -10.31 -19.37 5.32
C LYS M 144 -11.15 -19.24 6.57
N HIS M 145 -12.24 -20.00 6.62
CA HIS M 145 -13.06 -20.05 7.82
C HIS M 145 -12.28 -20.76 8.93
N SER M 146 -12.15 -20.08 10.08
CA SER M 146 -11.40 -20.58 11.24
C SER M 146 -11.79 -21.99 11.66
N GLN M 147 -12.99 -22.48 11.29
CA GLN M 147 -13.45 -23.80 11.71
C GLN M 147 -13.53 -24.77 10.53
N PHE M 148 -12.92 -24.43 9.40
CA PHE M 148 -13.06 -25.24 8.18
C PHE M 148 -12.94 -26.74 8.44
N ASP M 149 -11.89 -27.18 9.14
CA ASP M 149 -11.65 -28.62 9.22
C ASP M 149 -12.62 -29.34 10.16
N TRP M 150 -13.30 -28.63 11.06
CA TRP M 150 -14.40 -29.20 11.82
C TRP M 150 -15.73 -29.14 11.09
N ILE M 151 -15.87 -28.26 10.09
CA ILE M 151 -17.12 -28.22 9.33
C ILE M 151 -17.12 -29.26 8.21
N TYR M 152 -15.98 -29.44 7.55
CA TYR M 152 -15.87 -30.31 6.38
C TYR M 152 -14.85 -31.41 6.62
N GLU M 153 -15.11 -32.57 6.03
CA GLU M 153 -14.12 -33.61 5.86
C GLU M 153 -13.37 -33.48 4.54
N LYS M 154 -13.82 -32.59 3.67
CA LYS M 154 -13.48 -32.48 2.25
C LYS M 154 -13.39 -33.83 1.55
N SER N 4 -33.81 10.64 17.49
CA SER N 4 -32.76 11.49 16.94
C SER N 4 -32.03 10.70 15.87
N ASP N 5 -31.46 11.41 14.90
CA ASP N 5 -30.72 10.79 13.83
C ASP N 5 -29.22 10.74 14.10
N GLU N 6 -28.82 10.80 15.37
CA GLU N 6 -27.41 10.65 15.75
C GLU N 6 -26.89 9.29 15.31
N GLN N 7 -25.65 9.26 14.84
CA GLN N 7 -25.07 8.02 14.34
C GLN N 7 -23.83 7.67 15.14
N THR N 8 -23.49 6.38 15.12
CA THR N 8 -22.24 5.90 15.68
C THR N 8 -21.69 4.84 14.75
N PHE N 9 -20.41 4.54 14.90
CA PHE N 9 -19.72 3.56 14.08
C PHE N 9 -19.40 2.36 14.96
N ILE N 10 -19.86 1.18 14.56
CA ILE N 10 -19.60 -0.07 15.25
C ILE N 10 -18.93 -0.98 14.23
N ALA N 11 -17.82 -1.60 14.62
CA ALA N 11 -17.18 -2.60 13.78
C ALA N 11 -17.11 -3.92 14.53
N ILE N 12 -17.39 -5.00 13.81
CA ILE N 12 -17.10 -6.34 14.31
C ILE N 12 -15.71 -6.70 13.80
N LYS N 13 -14.79 -6.94 14.73
CA LYS N 13 -13.41 -7.23 14.44
C LYS N 13 -13.29 -8.64 13.87
N PRO N 14 -12.14 -8.99 13.29
CA PRO N 14 -12.04 -10.31 12.63
C PRO N 14 -12.24 -11.47 13.57
N ASP N 15 -11.98 -11.31 14.87
CA ASP N 15 -12.29 -12.42 15.77
C ASP N 15 -13.80 -12.57 15.90
N GLY N 16 -14.52 -11.46 15.98
CA GLY N 16 -15.99 -11.52 15.96
C GLY N 16 -16.52 -12.22 14.72
N VAL N 17 -15.95 -11.92 13.56
CA VAL N 17 -16.43 -12.54 12.33
C VAL N 17 -16.07 -14.03 12.29
N GLN N 18 -14.82 -14.35 12.58
CA GLN N 18 -14.40 -15.73 12.53
C GLN N 18 -15.06 -16.59 13.61
N ARG N 19 -15.49 -15.99 14.71
CA ARG N 19 -16.19 -16.73 15.76
C ARG N 19 -17.70 -16.76 15.54
N GLY N 20 -18.18 -16.27 14.40
CA GLY N 20 -19.59 -16.43 14.09
C GLY N 20 -20.51 -15.53 14.89
N LEU N 21 -20.05 -14.32 15.24
CA LEU N 21 -20.79 -13.44 16.13
C LEU N 21 -21.44 -12.29 15.39
N VAL N 22 -21.43 -12.32 14.05
CA VAL N 22 -22.04 -11.26 13.26
C VAL N 22 -23.54 -11.16 13.55
N GLY N 23 -24.25 -12.27 13.42
CA GLY N 23 -25.68 -12.30 13.70
C GLY N 23 -26.05 -11.79 15.08
N PRO N 24 -25.51 -12.43 16.12
CA PRO N 24 -25.85 -11.97 17.48
C PRO N 24 -25.49 -10.51 17.77
N ILE N 25 -24.36 -10.00 17.27
CA ILE N 25 -24.03 -8.60 17.53
C ILE N 25 -25.04 -7.68 16.87
N ILE N 26 -25.42 -7.96 15.62
CA ILE N 26 -26.39 -7.13 14.93
C ILE N 26 -27.73 -7.15 15.68
N SER N 27 -28.15 -8.32 16.19
CA SER N 27 -29.46 -8.44 16.86
C SER N 27 -29.55 -7.56 18.09
N ARG N 28 -28.43 -7.38 18.82
CA ARG N 28 -28.52 -6.58 20.03
C ARG N 28 -28.79 -5.11 19.71
N PHE N 29 -28.18 -4.58 18.65
CA PHE N 29 -28.53 -3.23 18.24
C PHE N 29 -29.92 -3.16 17.65
N GLU N 30 -30.30 -4.16 16.85
CA GLU N 30 -31.63 -4.23 16.28
C GLU N 30 -32.70 -4.28 17.38
N ASN N 31 -32.57 -5.20 18.33
CA ASN N 31 -33.62 -5.37 19.35
C ASN N 31 -33.76 -4.13 20.22
N ARG N 32 -32.70 -3.35 20.36
CA ARG N 32 -32.78 -2.19 21.24
C ARG N 32 -33.56 -1.04 20.58
N GLY N 33 -33.79 -1.11 19.27
CA GLY N 33 -34.51 -0.07 18.57
C GLY N 33 -33.64 0.84 17.72
N PHE N 34 -32.35 0.57 17.60
CA PHE N 34 -31.51 1.39 16.74
C PHE N 34 -31.67 0.96 15.29
N LYS N 35 -31.42 1.90 14.39
CA LYS N 35 -31.61 1.69 12.96
C LYS N 35 -30.27 1.41 12.29
N LEU N 36 -30.22 0.33 11.51
CA LEU N 36 -29.04 0.02 10.70
C LEU N 36 -28.94 1.01 9.55
N ALA N 37 -27.99 1.94 9.64
CA ALA N 37 -27.81 2.92 8.58
C ALA N 37 -26.77 2.50 7.54
N ALA N 38 -25.80 1.68 7.90
CA ALA N 38 -24.84 1.23 6.91
C ALA N 38 -24.25 -0.09 7.37
N LEU N 39 -23.95 -0.96 6.42
CA LEU N 39 -23.44 -2.28 6.74
C LEU N 39 -22.55 -2.75 5.59
N LYS N 40 -21.34 -3.23 5.92
CA LYS N 40 -20.55 -3.90 4.89
C LYS N 40 -19.47 -4.77 5.52
N LEU N 41 -19.25 -5.92 4.91
CA LEU N 41 -18.09 -6.75 5.20
C LEU N 41 -16.95 -6.25 4.33
N CYS N 42 -15.85 -5.83 4.95
CA CYS N 42 -14.70 -5.37 4.19
C CYS N 42 -13.39 -5.79 4.84
N SER N 43 -12.33 -5.80 4.03
CA SER N 43 -10.96 -5.98 4.50
C SER N 43 -10.17 -4.71 4.22
N PRO N 44 -10.03 -3.83 5.21
CA PRO N 44 -9.45 -2.52 4.94
C PRO N 44 -7.95 -2.60 4.67
N SER N 45 -7.45 -1.53 4.06
CA SER N 45 -6.03 -1.32 3.85
C SER N 45 -5.30 -1.15 5.18
N LYS N 46 -3.99 -1.37 5.17
CA LYS N 46 -3.20 -1.03 6.34
C LYS N 46 -3.12 0.48 6.56
N GLU N 47 -3.35 1.29 5.52
CA GLU N 47 -3.35 2.75 5.65
C GLU N 47 -4.75 3.30 5.92
N HIS N 48 -5.79 2.68 5.38
CA HIS N 48 -7.16 2.95 5.77
C HIS N 48 -7.33 2.71 7.27
N LEU N 49 -6.33 2.08 7.91
CA LEU N 49 -6.39 1.71 9.32
C LEU N 49 -5.48 2.52 10.23
N GLU N 50 -4.48 3.23 9.70
CA GLU N 50 -3.62 4.01 10.59
C GLU N 50 -4.10 5.45 10.78
N GLN N 51 -4.94 5.96 9.86
CA GLN N 51 -5.76 7.11 10.24
C GLN N 51 -6.77 6.72 11.31
N HIS N 52 -7.35 5.53 11.20
CA HIS N 52 -8.24 4.98 12.21
C HIS N 52 -7.50 4.80 13.53
N GLY N 64 1.14 -6.56 17.26
CA GLY N 64 0.14 -7.60 17.16
C GLY N 64 -1.26 -7.09 16.87
N LEU N 65 -1.51 -5.81 17.18
CA LEU N 65 -2.85 -5.24 16.98
C LEU N 65 -3.18 -5.11 15.50
N VAL N 66 -2.37 -4.35 14.75
CA VAL N 66 -2.66 -4.11 13.34
C VAL N 66 -2.34 -5.35 12.50
N SER N 67 -1.40 -6.19 12.95
CA SER N 67 -1.14 -7.46 12.27
C SER N 67 -2.38 -8.34 12.27
N TYR N 68 -3.22 -8.21 13.30
CA TYR N 68 -4.42 -9.01 13.47
C TYR N 68 -5.68 -8.30 12.96
N MET N 69 -5.70 -6.96 12.97
CA MET N 69 -6.78 -6.22 12.32
C MET N 69 -6.86 -6.51 10.83
N LEU N 70 -5.85 -7.18 10.27
CA LEU N 70 -5.84 -7.61 8.88
C LEU N 70 -6.03 -9.11 8.71
N SER N 71 -6.08 -9.87 9.81
CA SER N 71 -6.14 -11.33 9.71
C SER N 71 -7.45 -11.84 9.16
N GLY N 72 -8.46 -10.97 9.00
CA GLY N 72 -9.75 -11.40 8.52
C GLY N 72 -10.68 -10.24 8.21
N PRO N 73 -11.78 -10.54 7.55
CA PRO N 73 -12.76 -9.50 7.24
C PRO N 73 -13.28 -8.82 8.49
N ILE N 74 -13.72 -7.57 8.31
CA ILE N 74 -14.35 -6.76 9.34
C ILE N 74 -15.76 -6.42 8.86
N VAL N 75 -16.72 -6.41 9.77
CA VAL N 75 -18.04 -5.90 9.45
C VAL N 75 -18.12 -4.47 9.97
N ALA N 76 -18.38 -3.53 9.07
CA ALA N 76 -18.45 -2.11 9.42
C ALA N 76 -19.90 -1.69 9.42
N MET N 77 -20.31 -0.93 10.45
CA MET N 77 -21.72 -0.61 10.63
C MET N 77 -21.89 0.82 11.09
N VAL N 78 -22.96 1.45 10.62
CA VAL N 78 -23.47 2.69 11.21
C VAL N 78 -24.84 2.40 11.80
N TRP N 79 -25.06 2.86 13.03
CA TRP N 79 -26.32 2.67 13.74
C TRP N 79 -26.88 4.04 14.10
N GLU N 80 -28.15 4.24 13.83
CA GLU N 80 -28.77 5.54 14.01
C GLU N 80 -29.84 5.48 15.09
N GLY N 81 -29.76 6.41 16.03
CA GLY N 81 -30.81 6.54 17.03
C GLY N 81 -30.35 7.47 18.14
N ARG N 82 -31.31 7.82 18.99
CA ARG N 82 -31.04 8.78 20.05
C ARG N 82 -30.00 8.23 21.02
N GLU N 83 -28.93 9.01 21.22
CA GLU N 83 -27.84 8.64 22.11
C GLU N 83 -27.19 7.31 21.72
N VAL N 84 -27.16 7.00 20.43
CA VAL N 84 -26.63 5.71 20.01
C VAL N 84 -25.13 5.59 20.30
N VAL N 85 -24.37 6.68 20.36
CA VAL N 85 -22.92 6.50 20.56
C VAL N 85 -22.62 6.09 22.00
N LYS N 86 -23.25 6.76 22.98
CA LYS N 86 -23.08 6.38 24.37
C LYS N 86 -23.73 5.02 24.65
N THR N 87 -24.97 4.81 24.16
CA THR N 87 -25.62 3.53 24.35
C THR N 87 -24.88 2.41 23.62
N GLY N 88 -24.30 2.72 22.46
CA GLY N 88 -23.51 1.71 21.76
C GLY N 88 -22.34 1.23 22.59
N ARG N 89 -21.65 2.14 23.27
CA ARG N 89 -20.59 1.74 24.16
C ARG N 89 -21.13 0.89 25.29
N THR N 90 -22.34 1.21 25.76
CA THR N 90 -22.92 0.43 26.83
C THR N 90 -23.24 -0.98 26.37
N ILE N 91 -23.82 -1.11 25.17
CA ILE N 91 -24.11 -2.45 24.63
C ILE N 91 -22.83 -3.25 24.43
N LEU N 92 -21.78 -2.60 23.92
CA LEU N 92 -20.52 -3.30 23.68
C LEU N 92 -19.87 -3.71 24.98
N GLY N 93 -19.97 -2.87 26.00
CA GLY N 93 -19.36 -3.16 27.27
C GLY N 93 -17.96 -2.61 27.37
N ALA N 94 -17.33 -2.87 28.52
CA ALA N 94 -16.00 -2.34 28.78
C ALA N 94 -15.00 -2.81 27.73
N THR N 95 -14.06 -1.92 27.40
CA THR N 95 -13.03 -2.26 26.42
C THR N 95 -12.33 -3.56 26.76
N ASN N 96 -12.12 -3.82 28.04
CA ASN N 96 -11.54 -5.09 28.44
C ASN N 96 -12.68 -6.01 28.84
N PRO N 97 -12.88 -7.13 28.13
CA PRO N 97 -14.03 -8.00 28.43
C PRO N 97 -14.07 -8.49 29.88
N LEU N 98 -12.92 -8.79 30.47
CA LEU N 98 -12.91 -9.26 31.86
C LEU N 98 -13.38 -8.20 32.83
N ALA N 99 -13.67 -6.98 32.36
CA ALA N 99 -14.24 -5.93 33.18
C ALA N 99 -15.64 -5.54 32.76
N SER N 100 -16.27 -6.32 31.89
CA SER N 100 -17.56 -5.96 31.34
C SER N 100 -18.63 -6.92 31.84
N ALA N 101 -19.82 -6.42 31.94
CA ALA N 101 -20.90 -7.16 32.57
C ALA N 101 -21.48 -8.20 31.60
N PRO N 102 -21.84 -9.39 32.10
CA PRO N 102 -22.74 -10.26 31.35
C PRO N 102 -23.96 -9.49 30.89
N GLY N 103 -24.38 -9.73 29.65
CA GLY N 103 -25.41 -8.94 29.02
C GLY N 103 -24.90 -7.97 27.99
N THR N 104 -23.62 -7.60 28.07
CA THR N 104 -22.99 -6.84 27.02
C THR N 104 -22.37 -7.78 26.00
N ILE N 105 -22.03 -7.24 24.83
CA ILE N 105 -21.48 -8.11 23.79
C ILE N 105 -20.17 -8.74 24.26
N ARG N 106 -19.24 -7.90 24.75
CA ARG N 106 -17.98 -8.43 25.26
C ARG N 106 -18.19 -9.21 26.55
N GLY N 107 -19.23 -8.87 27.31
CA GLY N 107 -19.51 -9.56 28.56
C GLY N 107 -20.04 -10.97 28.33
N ASP N 108 -20.67 -11.21 27.19
CA ASP N 108 -21.15 -12.53 26.82
C ASP N 108 -20.17 -13.33 25.97
N PHE N 109 -19.28 -12.67 25.23
CA PHE N 109 -18.57 -13.35 24.15
C PHE N 109 -17.04 -13.26 24.18
N ALA N 110 -16.43 -12.31 24.90
CA ALA N 110 -14.99 -12.10 24.79
C ALA N 110 -14.29 -12.25 26.13
N ILE N 111 -12.95 -12.27 26.08
CA ILE N 111 -12.13 -12.55 27.24
C ILE N 111 -10.97 -11.57 27.27
N ASP N 112 -10.24 -11.50 26.17
CA ASP N 112 -9.02 -10.69 26.07
C ASP N 112 -9.32 -9.35 25.41
N VAL N 113 -8.61 -8.32 25.85
CA VAL N 113 -8.84 -7.00 25.29
C VAL N 113 -8.44 -6.95 23.82
N GLY N 114 -7.36 -7.65 23.45
CA GLY N 114 -6.91 -7.73 22.06
C GLY N 114 -7.73 -8.66 21.20
N ARG N 115 -8.70 -9.37 21.78
CA ARG N 115 -9.71 -10.13 21.05
C ARG N 115 -11.07 -9.77 21.59
N ASN N 116 -11.33 -8.46 21.67
CA ASN N 116 -12.56 -7.98 22.27
C ASN N 116 -13.67 -7.80 21.25
N VAL N 117 -13.61 -8.52 20.14
CA VAL N 117 -14.75 -8.85 19.31
C VAL N 117 -15.22 -7.69 18.45
N CYS N 118 -15.24 -6.48 19.00
CA CYS N 118 -15.79 -5.38 18.23
C CYS N 118 -15.18 -4.07 18.67
N HIS N 119 -15.36 -3.06 17.84
CA HIS N 119 -14.96 -1.68 18.14
C HIS N 119 -16.17 -0.78 17.95
N GLY N 120 -16.24 0.27 18.76
CA GLY N 120 -17.22 1.32 18.55
C GLY N 120 -16.61 2.67 18.87
N SER N 121 -17.13 3.70 18.21
CA SER N 121 -16.65 5.06 18.42
C SER N 121 -16.63 5.42 19.89
N ASP N 122 -15.78 6.37 20.26
CA ASP N 122 -15.69 6.80 21.65
C ASP N 122 -16.39 8.13 21.91
N SER N 123 -17.02 8.72 20.89
CA SER N 123 -17.59 10.04 21.01
C SER N 123 -18.42 10.29 19.76
N VAL N 124 -19.32 11.27 19.84
CA VAL N 124 -20.21 11.54 18.71
C VAL N 124 -19.43 12.17 17.55
N GLU N 125 -18.38 12.95 17.83
CA GLU N 125 -17.62 13.56 16.75
C GLU N 125 -16.55 12.62 16.20
N ASN N 126 -15.98 11.75 17.04
CA ASN N 126 -15.17 10.68 16.49
C ASN N 126 -15.99 9.74 15.61
N ALA N 127 -17.28 9.54 15.95
CA ALA N 127 -18.13 8.69 15.13
C ALA N 127 -18.26 9.26 13.73
N LYS N 128 -18.59 10.56 13.63
CA LYS N 128 -18.66 11.20 12.31
C LYS N 128 -17.37 11.03 11.54
N LYS N 129 -16.23 11.15 12.22
CA LYS N 129 -14.97 11.01 11.50
C LYS N 129 -14.73 9.56 11.10
N GLU N 130 -15.03 8.63 12.00
CA GLU N 130 -14.84 7.22 11.68
C GLU N 130 -15.78 6.79 10.56
N ILE N 131 -16.97 7.39 10.51
CA ILE N 131 -17.96 7.02 9.52
C ILE N 131 -17.54 7.51 8.13
N ALA N 132 -17.10 8.77 8.05
CA ALA N 132 -16.62 9.30 6.78
C ALA N 132 -15.37 8.56 6.28
N LEU N 133 -14.64 7.91 7.18
CA LEU N 133 -13.45 7.18 6.76
C LEU N 133 -13.79 5.80 6.20
N TRP N 134 -14.78 5.11 6.79
CA TRP N 134 -15.09 3.75 6.35
C TRP N 134 -16.16 3.70 5.26
N PHE N 135 -16.99 4.73 5.13
CA PHE N 135 -18.11 4.68 4.22
C PHE N 135 -18.09 5.85 3.25
N LYS N 136 -18.51 5.59 2.03
CA LYS N 136 -18.86 6.70 1.15
C LYS N 136 -20.30 7.12 1.43
N PRO N 137 -20.61 8.42 1.29
CA PRO N 137 -21.96 8.88 1.68
C PRO N 137 -23.09 8.14 0.98
N GLU N 138 -22.84 7.56 -0.19
CA GLU N 138 -23.87 6.80 -0.88
C GLU N 138 -24.15 5.47 -0.20
N GLU N 139 -23.22 4.97 0.61
CA GLU N 139 -23.47 3.73 1.33
C GLU N 139 -24.38 3.97 2.52
N LEU N 140 -24.35 5.17 3.09
CA LEU N 140 -25.25 5.48 4.20
C LEU N 140 -26.68 5.52 3.70
N GLN N 141 -27.54 4.67 4.25
CA GLN N 141 -28.92 4.65 3.82
C GLN N 141 -29.73 5.67 4.60
N LYS N 142 -30.71 6.25 3.92
CA LYS N 142 -31.63 7.20 4.55
C LYS N 142 -33.02 6.62 4.37
N TYR N 143 -33.59 6.11 5.45
CA TYR N 143 -34.96 5.62 5.46
C TYR N 143 -35.50 5.84 6.86
N LYS N 144 -36.82 5.69 7.00
CA LYS N 144 -37.51 5.90 8.26
C LYS N 144 -37.80 4.54 8.89
N HIS N 145 -37.26 4.31 10.08
CA HIS N 145 -37.55 3.08 10.80
C HIS N 145 -39.05 2.88 10.92
N SER N 146 -39.51 1.68 10.53
CA SER N 146 -40.93 1.34 10.52
C SER N 146 -41.58 1.45 11.90
N GLN N 147 -40.79 1.36 12.97
CA GLN N 147 -41.32 1.44 14.33
C GLN N 147 -40.89 2.72 15.04
N PHE N 148 -40.46 3.73 14.29
CA PHE N 148 -39.92 4.95 14.90
C PHE N 148 -40.84 5.50 15.98
N ASP N 149 -42.14 5.59 15.69
CA ASP N 149 -43.06 6.24 16.62
C ASP N 149 -43.40 5.39 17.83
N TRP N 150 -43.17 4.08 17.76
CA TRP N 150 -43.23 3.24 18.95
C TRP N 150 -41.91 3.24 19.73
N ILE N 151 -40.80 3.57 19.07
CA ILE N 151 -39.50 3.58 19.73
C ILE N 151 -39.26 4.91 20.44
N TYR N 152 -39.59 6.03 19.78
CA TYR N 152 -39.35 7.37 20.31
C TYR N 152 -40.65 8.13 20.44
N GLU N 153 -40.67 9.10 21.34
CA GLU N 153 -41.74 10.11 21.37
C GLU N 153 -41.39 11.30 20.47
N MET O 3 14.71 -6.84 18.16
CA MET O 3 15.86 -7.74 18.30
C MET O 3 16.48 -8.04 16.94
N SER O 4 15.69 -8.63 16.05
CA SER O 4 16.18 -8.98 14.73
C SER O 4 16.51 -7.78 13.86
N ASP O 5 16.11 -6.56 14.23
CA ASP O 5 16.40 -5.41 13.41
C ASP O 5 17.45 -4.49 14.03
N GLU O 6 18.25 -5.00 14.96
CA GLU O 6 19.47 -4.32 15.33
C GLU O 6 20.28 -4.01 14.09
N GLN O 7 20.93 -2.85 14.09
CA GLN O 7 21.74 -2.46 12.96
C GLN O 7 23.17 -2.22 13.45
N THR O 8 24.11 -2.26 12.52
CA THR O 8 25.50 -1.92 12.79
C THR O 8 26.08 -1.20 11.57
N PHE O 9 27.08 -0.36 11.82
CA PHE O 9 27.76 0.36 10.76
C PHE O 9 29.12 -0.29 10.52
N ILE O 10 29.37 -0.66 9.26
CA ILE O 10 30.64 -1.19 8.81
C ILE O 10 31.11 -0.32 7.65
N ALA O 11 32.37 0.08 7.66
CA ALA O 11 32.96 0.84 6.57
C ALA O 11 34.18 0.10 6.08
N ILE O 12 34.29 -0.07 4.76
CA ILE O 12 35.53 -0.57 4.19
C ILE O 12 36.48 0.60 4.02
N LYS O 13 37.64 0.53 4.68
CA LYS O 13 38.58 1.65 4.66
C LYS O 13 39.23 1.77 3.28
N PRO O 14 39.90 2.90 3.00
CA PRO O 14 40.49 3.07 1.65
C PRO O 14 41.38 1.92 1.23
N ASP O 15 42.15 1.33 2.16
CA ASP O 15 42.97 0.18 1.79
C ASP O 15 42.13 -1.03 1.42
N GLY O 16 40.97 -1.21 2.06
CA GLY O 16 40.10 -2.28 1.65
C GLY O 16 39.63 -2.10 0.22
N VAL O 17 39.30 -0.88 -0.16
CA VAL O 17 38.87 -0.64 -1.54
C VAL O 17 40.04 -0.82 -2.48
N GLN O 18 41.16 -0.17 -2.18
CA GLN O 18 42.32 -0.27 -3.05
C GLN O 18 42.82 -1.72 -3.21
N ARG O 19 42.63 -2.58 -2.21
CA ARG O 19 43.10 -3.96 -2.34
C ARG O 19 42.01 -4.93 -2.83
N GLY O 20 40.90 -4.42 -3.35
CA GLY O 20 39.89 -5.28 -3.97
C GLY O 20 39.12 -6.16 -3.01
N LEU O 21 38.80 -5.65 -1.82
CA LEU O 21 38.16 -6.47 -0.81
C LEU O 21 36.70 -6.10 -0.60
N VAL O 22 36.08 -5.37 -1.54
CA VAL O 22 34.67 -5.00 -1.35
C VAL O 22 33.78 -6.22 -1.50
N GLY O 23 33.92 -6.93 -2.62
CA GLY O 23 33.28 -8.21 -2.81
C GLY O 23 33.41 -9.16 -1.64
N PRO O 24 34.63 -9.63 -1.35
CA PRO O 24 34.79 -10.55 -0.21
C PRO O 24 34.17 -10.05 1.10
N ILE O 25 34.35 -8.77 1.46
CA ILE O 25 33.85 -8.32 2.75
C ILE O 25 32.34 -8.36 2.79
N ILE O 26 31.69 -7.90 1.72
CA ILE O 26 30.24 -7.96 1.66
C ILE O 26 29.75 -9.40 1.75
N SER O 27 30.39 -10.33 1.02
CA SER O 27 29.95 -11.72 1.06
C SER O 27 30.00 -12.31 2.47
N ARG O 28 31.01 -11.96 3.27
CA ARG O 28 31.05 -12.49 4.64
C ARG O 28 29.76 -12.18 5.38
N PHE O 29 29.31 -10.92 5.31
CA PHE O 29 28.09 -10.56 6.03
C PHE O 29 26.86 -11.13 5.32
N GLU O 30 26.85 -11.09 3.99
CA GLU O 30 25.76 -11.70 3.22
C GLU O 30 25.59 -13.15 3.61
N ASN O 31 26.67 -13.95 3.52
CA ASN O 31 26.60 -15.38 3.79
C ASN O 31 26.09 -15.70 5.19
N ARG O 32 26.38 -14.84 6.17
CA ARG O 32 26.00 -15.13 7.53
C ARG O 32 24.52 -14.95 7.76
N GLY O 33 23.81 -14.34 6.80
CA GLY O 33 22.40 -14.07 6.95
C GLY O 33 22.04 -12.67 7.40
N PHE O 34 23.01 -11.75 7.48
CA PHE O 34 22.64 -10.39 7.81
C PHE O 34 22.15 -9.68 6.55
N LYS O 35 21.27 -8.70 6.75
CA LYS O 35 20.61 -7.99 5.65
C LYS O 35 21.36 -6.70 5.37
N LEU O 36 21.63 -6.44 4.09
CA LEU O 36 22.28 -5.21 3.67
C LEU O 36 21.23 -4.10 3.67
N ALA O 37 21.28 -3.23 4.67
CA ALA O 37 20.29 -2.17 4.81
C ALA O 37 20.69 -0.88 4.11
N ALA O 38 21.99 -0.66 3.88
CA ALA O 38 22.46 0.53 3.17
C ALA O 38 23.87 0.30 2.67
N LEU O 39 24.21 0.99 1.58
CA LEU O 39 25.49 0.74 0.93
C LEU O 39 25.84 1.94 0.07
N LYS O 40 27.06 2.43 0.19
CA LYS O 40 27.51 3.44 -0.77
C LYS O 40 29.04 3.54 -0.78
N LEU O 41 29.55 3.82 -1.96
CA LEU O 41 30.90 4.29 -2.10
C LEU O 41 30.87 5.80 -1.95
N CYS O 42 31.70 6.34 -1.07
CA CYS O 42 31.71 7.79 -0.89
C CYS O 42 33.09 8.24 -0.44
N SER O 43 33.32 9.55 -0.56
CA SER O 43 34.58 10.21 -0.18
C SER O 43 34.22 11.26 0.85
N PRO O 44 34.20 10.93 2.13
CA PRO O 44 33.68 11.87 3.13
C PRO O 44 34.63 13.04 3.34
N SER O 45 34.07 14.13 3.85
CA SER O 45 34.85 15.32 4.14
C SER O 45 35.70 15.10 5.38
N LYS O 46 36.75 15.91 5.49
CA LYS O 46 37.65 15.88 6.64
C LYS O 46 36.92 16.18 7.93
N GLU O 47 35.93 17.07 7.90
CA GLU O 47 35.22 17.31 9.14
C GLU O 47 34.18 16.22 9.42
N HIS O 48 33.73 15.51 8.38
CA HIS O 48 32.95 14.29 8.60
C HIS O 48 33.79 13.24 9.35
N LEU O 49 34.98 12.94 8.84
CA LEU O 49 35.86 11.96 9.47
C LEU O 49 36.22 12.36 10.89
N GLU O 50 36.47 13.66 11.12
CA GLU O 50 36.77 14.11 12.47
C GLU O 50 35.56 13.93 13.39
N GLN O 51 34.35 14.20 12.90
CA GLN O 51 33.18 13.90 13.73
C GLN O 51 33.04 12.40 13.95
N HIS O 52 33.29 11.58 12.91
CA HIS O 52 33.17 10.13 13.08
C HIS O 52 34.12 9.62 14.16
N TYR O 53 35.33 10.18 14.21
CA TYR O 53 36.37 9.81 15.17
C TYR O 53 36.45 10.77 16.36
N ALA O 54 35.35 11.44 16.69
CA ALA O 54 35.39 12.52 17.69
C ALA O 54 35.91 12.03 19.04
N ASP O 55 35.68 10.78 19.39
CA ASP O 55 36.19 10.30 20.68
C ASP O 55 37.69 9.99 20.64
N LEU O 56 38.31 10.01 19.47
CA LEU O 56 39.76 9.93 19.35
C LEU O 56 40.38 11.30 19.05
N SER O 57 39.61 12.38 19.17
CA SER O 57 40.06 13.69 18.71
C SER O 57 41.28 14.21 19.44
N SER O 58 41.65 13.61 20.56
CA SER O 58 42.79 14.10 21.32
C SER O 58 43.91 13.08 21.47
N LYS O 59 43.72 11.85 21.01
CA LYS O 59 44.82 10.92 20.85
C LYS O 59 45.87 11.51 19.91
N PRO O 60 47.14 11.08 20.02
CA PRO O 60 48.17 11.62 19.12
C PRO O 60 47.97 11.21 17.68
N PHE O 61 47.51 9.97 17.44
CA PHE O 61 47.35 9.45 16.09
C PHE O 61 46.12 10.01 15.38
N PHE O 62 45.33 10.86 16.03
CA PHE O 62 44.12 11.39 15.41
C PHE O 62 44.38 12.07 14.07
N PRO O 63 45.24 13.09 13.97
CA PRO O 63 45.39 13.77 12.67
C PRO O 63 45.81 12.84 11.54
N GLY O 64 46.66 11.85 11.82
CA GLY O 64 47.09 10.97 10.76
C GLY O 64 46.00 10.01 10.31
N LEU O 65 45.29 9.42 11.28
CA LEU O 65 44.15 8.56 10.96
C LEU O 65 43.16 9.29 10.06
N VAL O 66 42.83 10.53 10.42
CA VAL O 66 41.91 11.32 9.62
C VAL O 66 42.47 11.53 8.22
N SER O 67 43.72 12.01 8.16
CA SER O 67 44.40 12.20 6.88
C SER O 67 44.56 10.90 6.12
N TYR O 68 44.79 9.79 6.83
CA TYR O 68 44.81 8.50 6.14
C TYR O 68 43.44 8.20 5.53
N MET O 69 42.37 8.42 6.30
CA MET O 69 41.03 8.10 5.83
C MET O 69 40.54 9.01 4.71
N LEU O 70 41.26 10.09 4.41
CA LEU O 70 40.99 10.91 3.23
C LEU O 70 41.70 10.38 2.01
N SER O 71 42.48 9.33 2.15
CA SER O 71 43.38 9.01 1.06
C SER O 71 42.69 8.23 -0.05
N GLY O 72 41.40 7.92 0.08
CA GLY O 72 40.63 7.33 -1.00
C GLY O 72 39.20 7.03 -0.61
N PRO O 73 38.39 6.64 -1.58
CA PRO O 73 36.98 6.36 -1.29
C PRO O 73 36.79 5.26 -0.26
N ILE O 74 35.67 5.35 0.45
CA ILE O 74 35.27 4.44 1.52
C ILE O 74 33.94 3.81 1.15
N VAL O 75 33.79 2.51 1.41
CA VAL O 75 32.50 1.86 1.20
C VAL O 75 31.78 1.83 2.54
N ALA O 76 30.69 2.59 2.64
CA ALA O 76 29.88 2.67 3.85
C ALA O 76 28.70 1.70 3.79
N MET O 77 28.43 1.01 4.89
CA MET O 77 27.45 -0.07 4.90
C MET O 77 26.71 -0.10 6.22
N VAL O 78 25.43 -0.43 6.15
CA VAL O 78 24.63 -0.77 7.32
C VAL O 78 24.17 -2.21 7.16
N TRP O 79 24.45 -3.05 8.15
CA TRP O 79 23.92 -4.40 8.17
C TRP O 79 22.89 -4.53 9.27
N GLU O 80 21.93 -5.42 9.07
CA GLU O 80 20.81 -5.55 10.00
C GLU O 80 20.61 -7.02 10.35
N GLY O 81 20.40 -7.28 11.63
CA GLY O 81 20.06 -8.61 12.05
C GLY O 81 20.24 -8.75 13.54
N ARG O 82 19.87 -9.93 14.04
CA ARG O 82 19.95 -10.14 15.48
C ARG O 82 21.39 -10.08 15.94
N GLU O 83 21.65 -9.21 16.93
CA GLU O 83 22.99 -9.01 17.50
C GLU O 83 24.05 -8.77 16.41
N VAL O 84 23.66 -8.04 15.36
CA VAL O 84 24.55 -7.84 14.24
C VAL O 84 25.77 -6.98 14.61
N VAL O 85 25.64 -6.04 15.56
CA VAL O 85 26.79 -5.21 15.90
C VAL O 85 27.90 -6.06 16.50
N LYS O 86 27.53 -6.91 17.48
CA LYS O 86 28.50 -7.73 18.16
C LYS O 86 29.02 -8.83 17.26
N THR O 87 28.15 -9.39 16.41
CA THR O 87 28.61 -10.45 15.51
C THR O 87 29.47 -9.88 14.40
N GLY O 88 29.10 -8.70 13.88
CA GLY O 88 29.97 -8.00 12.95
C GLY O 88 31.35 -7.76 13.53
N ARG O 89 31.40 -7.34 14.80
CA ARG O 89 32.68 -7.15 15.46
C ARG O 89 33.48 -8.44 15.47
N THR O 90 32.81 -9.58 15.68
CA THR O 90 33.50 -10.87 15.61
C THR O 90 33.92 -11.21 14.19
N ILE O 91 33.08 -10.90 13.21
CA ILE O 91 33.42 -11.13 11.79
C ILE O 91 34.63 -10.30 11.38
N LEU O 92 34.70 -9.04 11.81
CA LEU O 92 35.88 -8.25 11.48
C LEU O 92 37.11 -8.75 12.22
N GLY O 93 36.95 -9.25 13.44
CA GLY O 93 38.09 -9.69 14.21
C GLY O 93 38.74 -8.53 14.94
N ALA O 94 39.78 -8.83 15.72
CA ALA O 94 40.38 -7.82 16.57
C ALA O 94 40.84 -6.61 15.77
N THR O 95 40.81 -5.43 16.41
CA THR O 95 41.25 -4.20 15.76
C THR O 95 42.67 -4.35 15.19
N ASN O 96 43.59 -4.83 15.99
CA ASN O 96 44.91 -5.18 15.52
C ASN O 96 44.82 -6.48 14.71
N PRO O 97 45.10 -6.47 13.41
CA PRO O 97 44.97 -7.70 12.63
C PRO O 97 45.84 -8.84 13.13
N LEU O 98 47.06 -8.55 13.60
CA LEU O 98 47.92 -9.62 14.09
C LEU O 98 47.33 -10.30 15.30
N ALA O 99 46.42 -9.64 16.00
CA ALA O 99 45.67 -10.20 17.10
C ALA O 99 44.43 -10.97 16.65
N SER O 100 44.12 -10.96 15.36
CA SER O 100 42.87 -11.53 14.88
C SER O 100 43.06 -12.96 14.39
N ALA O 101 42.01 -13.75 14.57
CA ALA O 101 41.99 -15.16 14.20
C ALA O 101 41.81 -15.30 12.69
N PRO O 102 42.50 -16.25 12.06
CA PRO O 102 42.17 -16.56 10.66
C PRO O 102 40.72 -16.98 10.60
N GLY O 103 40.09 -16.67 9.47
CA GLY O 103 38.67 -16.82 9.36
C GLY O 103 37.90 -15.52 9.52
N THR O 104 38.48 -14.53 10.20
CA THR O 104 37.93 -13.19 10.25
C THR O 104 38.46 -12.35 9.09
N ILE O 105 37.85 -11.17 8.93
CA ILE O 105 38.19 -10.32 7.79
C ILE O 105 39.59 -9.77 7.93
N ARG O 106 39.90 -9.21 9.11
CA ARG O 106 41.24 -8.71 9.36
C ARG O 106 42.22 -9.85 9.48
N GLY O 107 41.75 -11.01 9.94
CA GLY O 107 42.62 -12.16 10.10
C GLY O 107 42.95 -12.86 8.80
N ASP O 108 42.14 -12.65 7.77
CA ASP O 108 42.46 -13.15 6.44
C ASP O 108 43.15 -12.12 5.55
N PHE O 109 43.02 -10.82 5.81
CA PHE O 109 43.43 -9.85 4.78
C PHE O 109 44.39 -8.75 5.20
N ALA O 110 44.74 -8.62 6.48
CA ALA O 110 45.36 -7.39 6.95
C ALA O 110 46.43 -7.70 7.98
N ILE O 111 47.36 -6.75 8.13
CA ILE O 111 48.53 -6.93 9.00
C ILE O 111 48.67 -5.78 9.99
N ASP O 112 48.65 -4.53 9.50
CA ASP O 112 48.85 -3.38 10.39
C ASP O 112 47.52 -2.82 10.86
N VAL O 113 47.48 -2.44 12.15
CA VAL O 113 46.28 -1.81 12.69
C VAL O 113 45.90 -0.55 11.91
N GLY O 114 46.89 0.19 11.43
CA GLY O 114 46.63 1.37 10.60
C GLY O 114 46.23 1.10 9.17
N ARG O 115 46.24 -0.16 8.76
CA ARG O 115 45.80 -0.61 7.46
C ARG O 115 44.90 -1.85 7.64
N ASN O 116 43.87 -1.73 8.49
CA ASN O 116 43.08 -2.88 8.92
C ASN O 116 41.74 -2.98 8.18
N VAL O 117 41.69 -2.44 6.96
CA VAL O 117 40.73 -2.66 5.87
C VAL O 117 39.30 -2.29 6.23
N CYS O 118 38.90 -2.39 7.49
CA CYS O 118 37.50 -2.24 7.84
C CYS O 118 37.33 -1.48 9.13
N HIS O 119 36.32 -0.61 9.17
CA HIS O 119 35.83 -0.04 10.41
C HIS O 119 34.53 -0.71 10.81
N GLY O 120 34.39 -1.00 12.09
CA GLY O 120 33.12 -1.45 12.63
C GLY O 120 32.79 -0.75 13.93
N SER O 121 31.48 -0.55 14.17
CA SER O 121 31.01 0.14 15.37
C SER O 121 31.41 -0.62 16.64
N ASP O 122 31.61 0.12 17.73
CA ASP O 122 32.03 -0.41 19.02
C ASP O 122 30.87 -0.92 19.88
N SER O 123 29.63 -0.53 19.58
CA SER O 123 28.49 -0.82 20.44
C SER O 123 27.21 -0.55 19.65
N VAL O 124 26.09 -1.00 20.20
CA VAL O 124 24.80 -0.78 19.53
C VAL O 124 24.51 0.71 19.42
N GLU O 125 24.73 1.44 20.51
CA GLU O 125 24.46 2.88 20.47
C GLU O 125 25.47 3.63 19.62
N ASN O 126 26.74 3.20 19.62
CA ASN O 126 27.71 3.83 18.73
C ASN O 126 27.32 3.65 17.27
N ALA O 127 26.82 2.47 16.93
CA ALA O 127 26.34 2.22 15.57
C ALA O 127 25.20 3.17 15.22
N LYS O 128 24.23 3.34 16.13
CA LYS O 128 23.13 4.28 15.88
C LYS O 128 23.67 5.67 15.55
N LYS O 129 24.65 6.13 16.33
CA LYS O 129 25.38 7.35 16.01
C LYS O 129 25.95 7.30 14.61
N GLU O 130 26.78 6.29 14.34
CA GLU O 130 27.55 6.27 13.09
C GLU O 130 26.64 6.12 11.88
N ILE O 131 25.57 5.33 12.00
CA ILE O 131 24.61 5.19 10.92
C ILE O 131 23.97 6.54 10.59
N ALA O 132 23.49 7.24 11.62
CA ALA O 132 22.90 8.57 11.43
C ALA O 132 23.89 9.52 10.76
N LEU O 133 25.16 9.42 11.14
CA LEU O 133 26.19 10.31 10.60
C LEU O 133 26.43 10.06 9.12
N TRP O 134 26.51 8.78 8.72
CA TRP O 134 26.94 8.48 7.36
C TRP O 134 25.78 8.40 6.35
N PHE O 135 24.56 8.11 6.80
CA PHE O 135 23.43 7.91 5.89
C PHE O 135 22.25 8.80 6.26
N LYS O 136 21.61 9.38 5.24
CA LYS O 136 20.30 9.97 5.42
C LYS O 136 19.25 8.87 5.57
N PRO O 137 18.13 9.15 6.24
CA PRO O 137 17.09 8.13 6.38
C PRO O 137 16.62 7.53 5.05
N GLU O 138 16.61 8.33 3.96
CA GLU O 138 16.22 7.83 2.64
C GLU O 138 17.18 6.79 2.11
N GLU O 139 18.40 6.74 2.62
CA GLU O 139 19.38 5.80 2.13
C GLU O 139 19.28 4.45 2.82
N LEU O 140 18.54 4.37 3.93
CA LEU O 140 18.38 3.12 4.66
C LEU O 140 17.19 2.37 4.09
N GLN O 141 17.44 1.24 3.44
CA GLN O 141 16.38 0.50 2.81
C GLN O 141 15.62 -0.34 3.83
N LYS O 142 14.29 -0.22 3.80
CA LYS O 142 13.40 -0.99 4.63
C LYS O 142 12.77 -2.07 3.74
N TYR O 143 13.16 -3.31 3.98
CA TYR O 143 12.60 -4.46 3.26
C TYR O 143 12.81 -5.67 4.14
N LYS O 144 11.99 -6.70 3.92
CA LYS O 144 12.15 -7.95 4.64
C LYS O 144 13.02 -8.90 3.83
N HIS O 145 13.90 -9.61 4.52
CA HIS O 145 14.79 -10.51 3.83
C HIS O 145 14.03 -11.72 3.31
N SER O 146 14.20 -12.02 2.01
CA SER O 146 13.55 -13.16 1.38
C SER O 146 13.69 -14.46 2.16
N GLN O 147 14.75 -14.60 2.95
CA GLN O 147 15.03 -15.83 3.70
C GLN O 147 14.77 -15.69 5.18
N PHE O 148 14.10 -14.61 5.60
CA PHE O 148 14.01 -14.27 7.03
C PHE O 148 13.57 -15.46 7.88
N ASP O 149 12.60 -16.24 7.39
CA ASP O 149 12.02 -17.29 8.24
C ASP O 149 12.91 -18.52 8.32
N TRP O 150 13.81 -18.68 7.37
CA TRP O 150 14.84 -19.69 7.46
C TRP O 150 16.06 -19.23 8.24
N ILE O 151 16.26 -17.92 8.38
CA ILE O 151 17.39 -17.41 9.16
C ILE O 151 17.05 -17.27 10.63
N TYR O 152 15.83 -16.83 10.97
CA TYR O 152 15.51 -16.53 12.37
C TYR O 152 14.42 -17.45 12.91
N GLU O 153 14.61 -17.85 14.18
CA GLU O 153 13.55 -18.40 15.00
C GLU O 153 12.41 -17.40 15.20
N LYS O 154 12.78 -16.16 15.52
CA LYS O 154 11.97 -15.11 16.15
C LYS O 154 10.54 -15.53 16.50
N MET P 3 41.16 6.32 -22.78
CA MET P 3 40.61 5.01 -23.16
C MET P 3 40.36 4.09 -21.93
N SER P 4 41.20 4.19 -20.91
CA SER P 4 41.00 3.42 -19.69
C SER P 4 40.06 4.10 -18.71
N ASP P 5 39.55 5.28 -19.04
CA ASP P 5 38.59 5.98 -18.20
C ASP P 5 37.14 5.71 -18.61
N GLU P 6 36.91 4.75 -19.49
CA GLU P 6 35.56 4.41 -19.90
C GLU P 6 34.74 3.93 -18.70
N GLN P 7 33.46 4.32 -18.67
CA GLN P 7 32.58 3.94 -17.58
C GLN P 7 31.45 3.07 -18.11
N THR P 8 30.89 2.25 -17.22
CA THR P 8 29.69 1.51 -17.54
C THR P 8 28.85 1.44 -16.28
N PHE P 9 27.54 1.32 -16.49
CA PHE P 9 26.58 1.23 -15.41
C PHE P 9 26.15 -0.22 -15.27
N ILE P 10 26.36 -0.78 -14.08
CA ILE P 10 25.93 -2.12 -13.72
C ILE P 10 24.97 -1.99 -12.54
N ALA P 11 23.83 -2.68 -12.61
CA ALA P 11 22.88 -2.67 -11.51
C ALA P 11 22.58 -4.10 -11.12
N ILE P 12 22.62 -4.36 -9.82
CA ILE P 12 22.11 -5.62 -9.28
C ILE P 12 20.61 -5.46 -9.08
N LYS P 13 19.82 -6.23 -9.83
CA LYS P 13 18.36 -6.14 -9.79
C LYS P 13 17.85 -6.72 -8.47
N PRO P 14 16.56 -6.52 -8.14
CA PRO P 14 16.10 -6.96 -6.81
C PRO P 14 16.30 -8.45 -6.53
N ASP P 15 16.18 -9.32 -7.54
CA ASP P 15 16.46 -10.73 -7.28
C ASP P 15 17.94 -10.94 -6.92
N GLY P 16 18.85 -10.27 -7.63
CA GLY P 16 20.27 -10.38 -7.31
C GLY P 16 20.59 -10.00 -5.87
N VAL P 17 19.99 -8.90 -5.39
CA VAL P 17 20.16 -8.51 -3.99
C VAL P 17 19.50 -9.51 -3.07
N GLN P 18 18.22 -9.82 -3.33
CA GLN P 18 17.52 -10.68 -2.40
C GLN P 18 18.11 -12.09 -2.36
N ARG P 19 18.79 -12.52 -3.42
CA ARG P 19 19.41 -13.84 -3.39
C ARG P 19 20.84 -13.79 -2.89
N GLY P 20 21.32 -12.63 -2.45
CA GLY P 20 22.61 -12.54 -1.81
C GLY P 20 23.78 -12.59 -2.77
N LEU P 21 23.64 -12.03 -3.95
CA LEU P 21 24.70 -12.09 -4.93
C LEU P 21 25.51 -10.79 -5.00
N VAL P 22 25.35 -9.89 -4.03
CA VAL P 22 25.99 -8.58 -4.15
C VAL P 22 27.50 -8.74 -4.11
N GLY P 23 28.00 -9.42 -3.08
CA GLY P 23 29.41 -9.71 -2.99
C GLY P 23 30.03 -10.38 -4.19
N PRO P 24 29.48 -11.53 -4.60
CA PRO P 24 30.08 -12.26 -5.74
C PRO P 24 30.06 -11.46 -7.02
N ILE P 25 29.01 -10.67 -7.26
CA ILE P 25 28.99 -9.89 -8.49
C ILE P 25 30.05 -8.80 -8.43
N ILE P 26 30.17 -8.10 -7.30
CA ILE P 26 31.23 -7.10 -7.16
C ILE P 26 32.61 -7.74 -7.29
N SER P 27 32.78 -8.97 -6.78
CA SER P 27 34.07 -9.62 -6.93
C SER P 27 34.40 -9.95 -8.38
N ARG P 28 33.40 -10.22 -9.22
CA ARG P 28 33.72 -10.49 -10.61
C ARG P 28 34.43 -9.30 -11.25
N PHE P 29 33.90 -8.10 -11.03
CA PHE P 29 34.47 -6.91 -11.64
C PHE P 29 35.77 -6.49 -10.95
N GLU P 30 35.81 -6.55 -9.63
CA GLU P 30 37.02 -6.29 -8.88
C GLU P 30 38.17 -7.17 -9.34
N ASN P 31 37.92 -8.47 -9.50
CA ASN P 31 38.99 -9.40 -9.83
C ASN P 31 39.53 -9.15 -11.22
N ARG P 32 38.67 -8.72 -12.13
CA ARG P 32 39.08 -8.49 -13.52
C ARG P 32 39.99 -7.27 -13.65
N GLY P 33 40.00 -6.39 -12.65
CA GLY P 33 40.80 -5.18 -12.70
C GLY P 33 40.01 -3.91 -12.92
N PHE P 34 38.69 -3.97 -13.04
CA PHE P 34 37.94 -2.74 -13.22
C PHE P 34 37.83 -2.01 -11.89
N LYS P 35 37.76 -0.68 -11.99
CA LYS P 35 37.69 0.17 -10.81
C LYS P 35 36.23 0.52 -10.50
N LEU P 36 35.84 0.32 -9.25
CA LEU P 36 34.52 0.73 -8.79
C LEU P 36 34.50 2.24 -8.62
N ALA P 37 33.71 2.93 -9.43
CA ALA P 37 33.65 4.40 -9.35
C ALA P 37 32.41 4.92 -8.63
N ALA P 38 31.35 4.14 -8.55
CA ALA P 38 30.16 4.56 -7.79
C ALA P 38 29.40 3.32 -7.32
N LEU P 39 28.74 3.44 -6.17
CA LEU P 39 28.03 2.31 -5.60
C LEU P 39 26.95 2.83 -4.67
N LYS P 40 25.73 2.32 -4.82
CA LYS P 40 24.73 2.54 -3.78
C LYS P 40 23.66 1.46 -3.85
N LEU P 41 23.14 1.11 -2.68
CA LEU P 41 21.88 0.40 -2.57
C LEU P 41 20.76 1.44 -2.53
N CYS P 42 19.86 1.38 -3.50
CA CYS P 42 18.81 2.39 -3.58
C CYS P 42 17.48 1.71 -3.92
N SER P 43 16.41 2.51 -3.85
CA SER P 43 15.05 2.09 -4.12
C SER P 43 14.41 3.15 -5.00
N PRO P 44 14.64 3.09 -6.30
CA PRO P 44 14.17 4.18 -7.18
C PRO P 44 12.65 4.19 -7.29
N SER P 45 12.11 5.38 -7.49
CA SER P 45 10.68 5.56 -7.68
C SER P 45 10.22 4.91 -8.99
N LYS P 46 8.90 4.68 -9.07
CA LYS P 46 8.30 4.13 -10.28
C LYS P 46 8.69 4.95 -11.52
N GLU P 47 8.64 6.28 -11.41
CA GLU P 47 8.99 7.11 -12.56
C GLU P 47 10.43 6.89 -12.97
N HIS P 48 11.32 6.80 -11.98
CA HIS P 48 12.73 6.57 -12.27
C HIS P 48 12.91 5.31 -13.13
N LEU P 49 12.34 4.20 -12.68
CA LEU P 49 12.47 2.97 -13.44
C LEU P 49 11.79 3.10 -14.80
N GLU P 50 10.60 3.72 -14.83
CA GLU P 50 9.91 3.92 -16.12
C GLU P 50 10.76 4.74 -17.08
N GLN P 51 11.54 5.70 -16.58
CA GLN P 51 12.46 6.40 -17.46
C GLN P 51 13.61 5.50 -17.90
N HIS P 52 14.08 4.63 -17.00
CA HIS P 52 15.18 3.71 -17.35
C HIS P 52 14.77 2.79 -18.49
N TYR P 53 13.58 2.21 -18.39
CA TYR P 53 13.05 1.28 -19.39
C TYR P 53 12.12 1.97 -20.39
N ALA P 54 12.42 3.23 -20.73
CA ALA P 54 11.45 4.02 -21.50
C ALA P 54 11.22 3.44 -22.88
N ASP P 55 12.26 2.87 -23.50
CA ASP P 55 12.09 2.34 -24.85
C ASP P 55 11.27 1.05 -24.88
N LEU P 56 10.81 0.56 -23.72
CA LEU P 56 9.95 -0.61 -23.64
C LEU P 56 8.57 -0.26 -23.09
N SER P 57 8.23 1.03 -23.06
CA SER P 57 6.99 1.47 -22.45
C SER P 57 5.76 0.93 -23.16
N SER P 58 5.83 0.74 -24.49
CA SER P 58 4.70 0.30 -25.27
C SER P 58 4.61 -1.22 -25.43
N LYS P 59 5.43 -2.00 -24.68
CA LYS P 59 5.46 -3.46 -24.65
C LYS P 59 4.45 -4.01 -23.65
N PRO P 60 3.85 -5.17 -23.89
CA PRO P 60 3.14 -5.84 -22.79
C PRO P 60 4.12 -6.24 -21.70
N PHE P 61 3.59 -6.40 -20.49
CA PHE P 61 4.45 -6.77 -19.37
C PHE P 61 5.51 -5.71 -19.05
N PHE P 62 5.52 -4.58 -19.77
CA PHE P 62 6.22 -3.41 -19.25
C PHE P 62 5.75 -3.02 -17.85
N PRO P 63 4.44 -3.01 -17.53
CA PRO P 63 4.06 -2.80 -16.13
C PRO P 63 4.68 -3.82 -15.20
N GLY P 64 4.60 -5.12 -15.56
CA GLY P 64 5.18 -6.15 -14.71
C GLY P 64 6.67 -5.99 -14.52
N LEU P 65 7.38 -5.58 -15.58
CA LEU P 65 8.79 -5.28 -15.47
C LEU P 65 9.05 -4.20 -14.42
N VAL P 66 8.34 -3.06 -14.54
CA VAL P 66 8.52 -1.97 -13.59
C VAL P 66 8.14 -2.42 -12.18
N SER P 67 7.06 -3.18 -12.05
CA SER P 67 6.64 -3.62 -10.73
C SER P 67 7.70 -4.54 -10.10
N TYR P 68 8.25 -5.47 -10.88
CA TYR P 68 9.23 -6.37 -10.29
C TYR P 68 10.53 -5.63 -9.92
N MET P 69 10.90 -4.63 -10.70
CA MET P 69 12.06 -3.79 -10.37
C MET P 69 11.80 -2.88 -9.17
N LEU P 70 10.56 -2.80 -8.70
CA LEU P 70 10.21 -2.07 -7.49
C LEU P 70 10.02 -2.99 -6.29
N SER P 71 10.07 -4.30 -6.48
CA SER P 71 9.80 -5.25 -5.41
C SER P 71 10.92 -5.34 -4.38
N GLY P 72 12.09 -4.72 -4.62
CA GLY P 72 13.15 -4.73 -3.64
C GLY P 72 14.28 -3.80 -4.01
N PRO P 73 15.17 -3.52 -3.05
CA PRO P 73 16.31 -2.62 -3.31
C PRO P 73 17.17 -3.08 -4.48
N ILE P 74 17.95 -2.12 -5.00
CA ILE P 74 18.78 -2.28 -6.19
C ILE P 74 20.16 -1.72 -5.87
N VAL P 75 21.19 -2.43 -6.30
CA VAL P 75 22.55 -1.96 -6.11
C VAL P 75 22.99 -1.34 -7.42
N ALA P 76 23.24 -0.03 -7.44
CA ALA P 76 23.69 0.63 -8.65
C ALA P 76 25.18 0.87 -8.56
N MET P 77 25.88 0.62 -9.66
CA MET P 77 27.32 0.72 -9.68
C MET P 77 27.76 1.36 -10.98
N VAL P 78 28.84 2.15 -10.90
CA VAL P 78 29.60 2.51 -12.07
C VAL P 78 30.95 1.84 -11.94
N TRP P 79 31.34 1.13 -12.98
CA TRP P 79 32.64 0.50 -13.09
C TRP P 79 33.43 1.24 -14.16
N GLU P 80 34.75 1.29 -13.98
CA GLU P 80 35.59 2.09 -14.84
C GLU P 80 36.80 1.29 -15.31
N GLY P 81 37.04 1.30 -16.61
CA GLY P 81 38.22 0.66 -17.18
C GLY P 81 38.12 0.65 -18.69
N ARG P 82 39.21 0.23 -19.32
CA ARG P 82 39.23 0.18 -20.77
C ARG P 82 38.27 -0.90 -21.28
N GLU P 83 37.43 -0.53 -22.25
CA GLU P 83 36.44 -1.42 -22.83
C GLU P 83 35.55 -2.03 -21.75
N VAL P 84 35.26 -1.25 -20.72
CA VAL P 84 34.55 -1.81 -19.58
C VAL P 84 33.07 -2.10 -19.90
N VAL P 85 32.43 -1.35 -20.81
CA VAL P 85 31.02 -1.63 -21.10
C VAL P 85 30.89 -2.89 -21.95
N LYS P 86 31.80 -3.10 -22.89
CA LYS P 86 31.76 -4.31 -23.70
C LYS P 86 32.13 -5.52 -22.85
N THR P 87 33.15 -5.36 -22.00
CA THR P 87 33.61 -6.46 -21.17
C THR P 87 32.64 -6.73 -20.06
N GLY P 88 32.00 -5.69 -19.54
CA GLY P 88 30.96 -5.91 -18.56
C GLY P 88 29.86 -6.76 -19.12
N ARG P 89 29.50 -6.54 -20.38
CA ARG P 89 28.49 -7.37 -21.03
C ARG P 89 28.94 -8.82 -21.07
N THR P 90 30.19 -9.06 -21.48
CA THR P 90 30.71 -10.41 -21.48
C THR P 90 30.64 -11.03 -20.08
N ILE P 91 30.99 -10.26 -19.05
CA ILE P 91 31.02 -10.81 -17.70
C ILE P 91 29.60 -11.13 -17.21
N LEU P 92 28.61 -10.31 -17.58
CA LEU P 92 27.25 -10.60 -17.17
C LEU P 92 26.72 -11.87 -17.85
N GLY P 93 27.07 -12.08 -19.11
CA GLY P 93 26.52 -13.17 -19.88
C GLY P 93 25.21 -12.77 -20.56
N ALA P 94 24.80 -13.60 -21.52
CA ALA P 94 23.68 -13.23 -22.39
C ALA P 94 22.48 -12.83 -21.56
N THR P 95 21.70 -11.88 -22.08
CA THR P 95 20.54 -11.37 -21.36
C THR P 95 19.67 -12.49 -20.81
N ASN P 96 19.48 -13.55 -21.59
CA ASN P 96 18.74 -14.71 -21.15
C ASN P 96 19.71 -15.72 -20.53
N PRO P 97 19.61 -16.02 -19.23
CA PRO P 97 20.64 -16.88 -18.62
C PRO P 97 20.72 -18.25 -19.26
N LEU P 98 19.63 -18.73 -19.86
CA LEU P 98 19.70 -20.04 -20.48
C LEU P 98 20.52 -20.02 -21.75
N ALA P 99 20.88 -18.84 -22.25
CA ALA P 99 21.79 -18.71 -23.39
C ALA P 99 23.19 -18.28 -22.97
N SER P 100 23.45 -18.20 -21.66
CA SER P 100 24.71 -17.68 -21.16
C SER P 100 25.60 -18.81 -20.66
N ALA P 101 26.90 -18.58 -20.72
CA ALA P 101 27.94 -19.54 -20.42
C ALA P 101 28.24 -19.56 -18.92
N PRO P 102 28.38 -20.74 -18.32
CA PRO P 102 28.98 -20.81 -16.99
C PRO P 102 30.28 -20.02 -16.99
N GLY P 103 30.57 -19.39 -15.85
CA GLY P 103 31.67 -18.46 -15.73
C GLY P 103 31.23 -17.01 -15.79
N THR P 104 30.15 -16.74 -16.52
CA THR P 104 29.48 -15.44 -16.47
C THR P 104 28.55 -15.39 -15.26
N ILE P 105 28.13 -14.17 -14.93
CA ILE P 105 27.29 -13.97 -13.75
C ILE P 105 25.94 -14.65 -13.94
N ARG P 106 25.32 -14.47 -15.10
CA ARG P 106 24.03 -15.14 -15.28
C ARG P 106 24.19 -16.63 -15.55
N GLY P 107 25.31 -17.04 -16.17
CA GLY P 107 25.57 -18.44 -16.38
C GLY P 107 25.86 -19.19 -15.11
N ASP P 108 26.16 -18.46 -14.04
CA ASP P 108 26.42 -19.10 -12.76
C ASP P 108 25.25 -19.00 -11.80
N PHE P 109 24.41 -17.99 -11.94
CA PHE P 109 23.49 -17.67 -10.87
C PHE P 109 22.02 -17.61 -11.26
N ALA P 110 21.69 -17.58 -12.56
CA ALA P 110 20.34 -17.22 -13.00
C ALA P 110 19.80 -18.19 -14.05
N ILE P 111 18.48 -18.18 -14.19
CA ILE P 111 17.75 -19.11 -15.05
C ILE P 111 16.79 -18.33 -15.96
N ASP P 112 15.93 -17.51 -15.37
CA ASP P 112 14.84 -16.86 -16.10
C ASP P 112 15.26 -15.48 -16.59
N VAL P 113 14.80 -15.13 -17.81
CA VAL P 113 15.22 -13.86 -18.36
C VAL P 113 14.64 -12.72 -17.55
N GLY P 114 13.44 -12.90 -16.99
CA GLY P 114 12.83 -11.92 -16.12
C GLY P 114 13.36 -11.91 -14.71
N ARG P 115 14.29 -12.79 -14.37
CA ARG P 115 15.07 -12.75 -13.12
C ARG P 115 16.55 -12.96 -13.42
N ASN P 116 17.10 -12.17 -14.34
CA ASN P 116 18.49 -12.35 -14.74
C ASN P 116 19.46 -11.56 -13.86
N VAL P 117 19.09 -11.32 -12.61
CA VAL P 117 19.89 -10.79 -11.50
C VAL P 117 20.60 -9.47 -11.77
N CYS P 118 20.85 -9.11 -13.02
CA CYS P 118 21.74 -7.98 -13.30
C CYS P 118 21.33 -7.22 -14.53
N HIS P 119 21.49 -5.89 -14.48
CA HIS P 119 21.38 -5.01 -15.65
C HIS P 119 22.77 -4.52 -16.08
N GLY P 120 22.98 -4.46 -17.38
CA GLY P 120 24.19 -3.87 -17.92
C GLY P 120 23.89 -2.96 -19.10
N SER P 121 24.75 -1.97 -19.28
CA SER P 121 24.51 -0.96 -20.31
C SER P 121 24.67 -1.51 -21.72
N ASP P 122 23.89 -0.93 -22.65
CA ASP P 122 23.89 -1.34 -24.05
C ASP P 122 25.16 -0.92 -24.76
N SER P 123 25.67 0.26 -24.44
CA SER P 123 26.76 0.86 -25.19
C SER P 123 27.31 1.99 -24.35
N VAL P 124 28.44 2.55 -24.81
CA VAL P 124 29.07 3.62 -24.06
C VAL P 124 28.15 4.82 -23.95
N GLU P 125 27.40 5.11 -25.03
CA GLU P 125 26.45 6.23 -25.01
C GLU P 125 25.30 5.95 -24.06
N ASN P 126 24.72 4.75 -24.14
CA ASN P 126 23.69 4.39 -23.17
C ASN P 126 24.25 4.38 -21.76
N ALA P 127 25.47 3.87 -21.58
CA ALA P 127 26.10 3.90 -20.26
C ALA P 127 26.17 5.32 -19.73
N LYS P 128 26.72 6.25 -20.52
CA LYS P 128 26.78 7.64 -20.10
C LYS P 128 25.41 8.15 -19.66
N LYS P 129 24.35 7.83 -20.42
CA LYS P 129 23.03 8.36 -20.09
C LYS P 129 22.47 7.70 -18.82
N GLU P 130 22.61 6.37 -18.72
CA GLU P 130 22.13 5.68 -17.53
C GLU P 130 22.85 6.13 -16.27
N ILE P 131 24.18 6.30 -16.36
CA ILE P 131 24.92 6.84 -15.23
C ILE P 131 24.39 8.23 -14.84
N ALA P 132 23.99 9.02 -15.84
CA ALA P 132 23.41 10.34 -15.56
C ALA P 132 22.07 10.22 -14.88
N LEU P 133 21.26 9.22 -15.23
CA LEU P 133 19.96 9.08 -14.60
C LEU P 133 20.04 8.54 -13.18
N TRP P 134 21.01 7.65 -12.90
CA TRP P 134 21.06 7.00 -11.60
C TRP P 134 21.94 7.69 -10.56
N PHE P 135 22.93 8.47 -11.00
CA PHE P 135 23.89 9.07 -10.08
C PHE P 135 23.97 10.58 -10.28
N LYS P 136 24.07 11.31 -9.17
CA LYS P 136 24.56 12.68 -9.19
C LYS P 136 26.07 12.66 -9.39
N PRO P 137 26.64 13.70 -9.99
CA PRO P 137 28.09 13.68 -10.26
C PRO P 137 28.95 13.50 -9.01
N GLU P 138 28.49 13.99 -7.86
CA GLU P 138 29.24 13.86 -6.62
C GLU P 138 29.30 12.42 -6.14
N GLU P 139 28.38 11.57 -6.57
CA GLU P 139 28.47 10.17 -6.18
C GLU P 139 29.58 9.46 -6.92
N LEU P 140 30.06 10.02 -8.02
CA LEU P 140 31.12 9.45 -8.86
C LEU P 140 32.48 9.76 -8.26
N GLN P 141 33.27 8.74 -7.96
CA GLN P 141 34.55 8.92 -7.28
C GLN P 141 35.70 9.00 -8.28
N LYS P 142 36.60 9.96 -8.05
CA LYS P 142 37.81 10.13 -8.85
C LYS P 142 38.99 9.73 -7.99
N TYR P 143 39.56 8.56 -8.26
CA TYR P 143 40.77 8.11 -7.60
C TYR P 143 41.53 7.21 -8.55
N LYS P 144 42.83 7.07 -8.31
CA LYS P 144 43.67 6.22 -9.14
C LYS P 144 43.85 4.87 -8.45
N HIS P 145 43.72 3.80 -9.22
CA HIS P 145 43.86 2.47 -8.65
C HIS P 145 45.31 2.13 -8.36
N SER P 146 45.55 1.50 -7.21
CA SER P 146 46.91 1.19 -6.78
C SER P 146 47.60 0.20 -7.71
N GLN P 147 46.85 -0.67 -8.38
CA GLN P 147 47.44 -1.60 -9.32
C GLN P 147 47.35 -1.13 -10.76
N PHE P 148 47.19 0.18 -10.98
CA PHE P 148 46.90 0.68 -12.32
C PHE P 148 47.94 0.23 -13.35
N ASP P 149 49.23 0.46 -13.07
CA ASP P 149 50.24 0.12 -14.07
C ASP P 149 50.52 -1.35 -14.15
N TRP P 150 49.92 -2.17 -13.27
CA TRP P 150 49.98 -3.61 -13.42
C TRP P 150 48.76 -4.17 -14.14
N ILE P 151 47.65 -3.43 -14.15
CA ILE P 151 46.46 -3.77 -14.93
C ILE P 151 46.60 -3.30 -16.38
N TYR P 152 47.17 -2.12 -16.60
CA TYR P 152 47.24 -1.52 -17.93
C TYR P 152 48.69 -1.28 -18.34
N GLU P 153 48.97 -1.47 -19.63
CA GLU P 153 50.23 -1.04 -20.23
C GLU P 153 50.27 0.49 -20.26
N LYS P 154 49.55 1.07 -21.23
CA LYS P 154 49.12 2.48 -21.24
C LYS P 154 49.96 3.44 -20.40
N MET Q 3 34.61 18.94 28.81
CA MET Q 3 33.29 18.82 29.42
C MET Q 3 32.38 19.99 29.06
N SER Q 4 32.95 21.19 28.85
CA SER Q 4 32.15 22.31 28.37
C SER Q 4 31.79 22.18 26.89
N ASP Q 5 32.31 21.15 26.22
CA ASP Q 5 32.10 20.80 24.82
C ASP Q 5 30.80 20.05 24.56
N GLU Q 6 30.14 19.57 25.61
CA GLU Q 6 28.97 18.70 25.46
C GLU Q 6 27.87 19.38 24.65
N GLN Q 7 27.10 18.57 23.91
CA GLN Q 7 26.03 19.09 23.06
C GLN Q 7 24.72 18.36 23.35
N THR Q 8 23.63 19.03 23.01
CA THR Q 8 22.30 18.45 23.15
C THR Q 8 21.47 18.86 21.95
N PHE Q 9 20.55 18.00 21.55
CA PHE Q 9 19.65 18.26 20.43
C PHE Q 9 18.30 18.71 21.00
N ILE Q 10 17.82 19.86 20.55
CA ILE Q 10 16.51 20.35 20.98
C ILE Q 10 15.76 20.81 19.74
N ALA Q 11 14.51 20.37 19.63
CA ALA Q 11 13.67 20.70 18.48
C ALA Q 11 12.38 21.33 18.97
N ILE Q 12 12.05 22.48 18.41
CA ILE Q 12 10.75 23.11 18.66
C ILE Q 12 9.73 22.37 17.81
N LYS Q 13 8.81 21.70 18.45
CA LYS Q 13 7.82 20.87 17.76
C LYS Q 13 6.92 21.76 16.89
N PRO Q 14 6.07 21.20 16.03
CA PRO Q 14 5.27 22.07 15.15
C PRO Q 14 4.33 23.02 15.90
N ASP Q 15 3.80 22.64 17.07
CA ASP Q 15 3.00 23.60 17.84
C ASP Q 15 3.86 24.79 18.27
N GLY Q 16 5.03 24.51 18.85
CA GLY Q 16 5.89 25.61 19.28
C GLY Q 16 6.17 26.60 18.17
N VAL Q 17 6.35 26.11 16.95
CA VAL Q 17 6.53 27.06 15.86
C VAL Q 17 5.20 27.77 15.56
N GLN Q 18 4.07 27.03 15.62
CA GLN Q 18 2.79 27.63 15.25
C GLN Q 18 2.31 28.64 16.30
N ARG Q 19 2.60 28.42 17.58
CA ARG Q 19 2.24 29.38 18.61
C ARG Q 19 3.32 30.45 18.81
N GLY Q 20 4.15 30.70 17.81
CA GLY Q 20 5.25 31.66 17.91
C GLY Q 20 6.12 31.60 19.16
N LEU Q 21 6.67 30.43 19.49
CA LEU Q 21 7.53 30.33 20.67
C LEU Q 21 9.00 30.15 20.30
N VAL Q 22 9.37 30.42 19.04
CA VAL Q 22 10.74 30.16 18.61
C VAL Q 22 11.70 31.11 19.33
N GLY Q 23 11.45 32.41 19.22
CA GLY Q 23 12.22 33.41 19.90
C GLY Q 23 12.39 33.13 21.39
N PRO Q 24 11.28 32.98 22.10
CA PRO Q 24 11.36 32.77 23.55
C PRO Q 24 12.11 31.51 23.94
N ILE Q 25 11.89 30.41 23.23
CA ILE Q 25 12.56 29.17 23.61
C ILE Q 25 14.06 29.32 23.40
N ILE Q 26 14.45 29.88 22.25
CA ILE Q 26 15.85 30.15 21.96
C ILE Q 26 16.48 31.06 23.01
N SER Q 27 15.71 32.04 23.56
CA SER Q 27 16.25 32.95 24.56
C SER Q 27 16.46 32.28 25.92
N ARG Q 28 15.67 31.25 26.26
CA ARG Q 28 15.92 30.59 27.54
C ARG Q 28 17.27 29.87 27.54
N PHE Q 29 17.75 29.45 26.38
CA PHE Q 29 19.06 28.80 26.32
C PHE Q 29 20.19 29.81 26.15
N GLU Q 30 19.98 30.79 25.29
CA GLU Q 30 20.90 31.93 25.18
C GLU Q 30 21.20 32.54 26.55
N ASN Q 31 20.15 32.98 27.26
CA ASN Q 31 20.33 33.69 28.53
C ASN Q 31 21.08 32.85 29.55
N ARG Q 32 20.98 31.54 29.43
CA ARG Q 32 21.52 30.63 30.41
C ARG Q 32 23.03 30.51 30.26
N GLY Q 33 23.54 30.84 29.08
CA GLY Q 33 24.94 30.76 28.79
C GLY Q 33 25.30 29.72 27.77
N PHE Q 34 24.33 28.93 27.29
CA PHE Q 34 24.64 27.89 26.32
C PHE Q 34 24.85 28.46 24.93
N LYS Q 35 25.80 27.88 24.20
CA LYS Q 35 26.17 28.33 22.86
C LYS Q 35 25.35 27.61 21.80
N LEU Q 36 24.88 28.38 20.84
CA LEU Q 36 24.07 27.84 19.76
C LEU Q 36 25.02 27.33 18.67
N ALA Q 37 25.02 26.01 18.45
CA ALA Q 37 25.96 25.40 17.52
C ALA Q 37 25.34 25.07 16.16
N ALA Q 38 24.02 24.88 16.12
CA ALA Q 38 23.35 24.64 14.86
C ALA Q 38 21.89 25.00 15.03
N LEU Q 39 21.31 25.52 13.95
CA LEU Q 39 19.95 26.00 14.00
C LEU Q 39 19.38 25.89 12.61
N LYS Q 40 18.21 25.27 12.48
CA LYS Q 40 17.53 25.32 11.20
C LYS Q 40 16.05 25.05 11.35
N LEU Q 41 15.28 25.64 10.43
CA LEU Q 41 13.86 25.36 10.23
C LEU Q 41 13.73 24.35 9.10
N CYS Q 42 13.00 23.27 9.35
CA CYS Q 42 12.97 22.22 8.33
C CYS Q 42 11.69 21.41 8.49
N SER Q 43 11.34 20.69 7.42
CA SER Q 43 10.18 19.80 7.38
C SER Q 43 10.74 18.41 7.10
N PRO Q 44 10.99 17.61 8.12
CA PRO Q 44 11.63 16.31 7.89
C PRO Q 44 10.64 15.30 7.32
N SER Q 45 11.18 14.40 6.49
CA SER Q 45 10.42 13.31 5.89
C SER Q 45 9.76 12.44 6.96
N LYS Q 46 8.74 11.69 6.54
CA LYS Q 46 8.16 10.71 7.44
C LYS Q 46 9.19 9.67 7.87
N GLU Q 47 10.00 9.19 6.92
CA GLU Q 47 11.10 8.27 7.25
C GLU Q 47 11.98 8.82 8.37
N HIS Q 48 12.45 10.06 8.19
CA HIS Q 48 13.26 10.74 9.19
C HIS Q 48 12.62 10.67 10.57
N LEU Q 49 11.35 11.08 10.67
CA LEU Q 49 10.72 11.17 11.98
C LEU Q 49 10.59 9.80 12.62
N GLU Q 50 10.28 8.76 11.83
CA GLU Q 50 10.17 7.45 12.46
C GLU Q 50 11.52 6.94 12.91
N GLN Q 51 12.59 7.30 12.20
CA GLN Q 51 13.92 6.96 12.67
C GLN Q 51 14.29 7.74 13.93
N HIS Q 52 13.92 9.03 14.02
CA HIS Q 52 14.13 9.78 15.26
C HIS Q 52 13.47 9.09 16.44
N TYR Q 53 12.22 8.67 16.26
CA TYR Q 53 11.45 8.02 17.33
C TYR Q 53 11.55 6.50 17.27
N ALA Q 54 12.58 5.96 16.61
CA ALA Q 54 12.67 4.52 16.40
C ALA Q 54 12.65 3.73 17.70
N ASP Q 55 13.11 4.33 18.79
CA ASP Q 55 13.01 3.64 20.09
C ASP Q 55 11.61 3.64 20.65
N LEU Q 56 10.62 4.11 19.87
CA LEU Q 56 9.24 4.22 20.31
C LEU Q 56 8.30 3.61 19.27
N SER Q 57 8.68 2.46 18.72
CA SER Q 57 7.84 1.76 17.74
C SER Q 57 7.26 0.48 18.33
N PRO Q 60 2.94 2.58 20.01
CA PRO Q 60 1.52 2.58 20.35
C PRO Q 60 0.83 3.84 19.89
N PHE Q 61 1.30 4.97 20.40
CA PHE Q 61 0.79 6.27 20.06
C PHE Q 61 1.51 6.88 18.86
N PHE Q 62 2.41 6.13 18.25
CA PHE Q 62 3.45 6.80 17.50
C PHE Q 62 3.20 6.91 16.00
N PRO Q 63 2.23 6.21 15.40
CA PRO Q 63 1.76 6.70 14.09
C PRO Q 63 1.17 8.09 14.22
N GLY Q 64 0.46 8.35 15.32
CA GLY Q 64 -0.05 9.68 15.57
C GLY Q 64 1.07 10.66 15.86
N LEU Q 65 2.02 10.26 16.70
CA LEU Q 65 3.18 11.09 16.97
C LEU Q 65 3.89 11.52 15.69
N VAL Q 66 4.21 10.56 14.83
CA VAL Q 66 4.85 10.88 13.56
C VAL Q 66 3.94 11.73 12.71
N SER Q 67 2.64 11.40 12.69
CA SER Q 67 1.68 12.23 11.97
C SER Q 67 1.71 13.66 12.49
N TYR Q 68 1.65 13.81 13.81
CA TYR Q 68 1.71 15.14 14.40
C TYR Q 68 2.99 15.88 14.00
N MET Q 69 4.15 15.24 14.14
CA MET Q 69 5.40 15.91 13.82
C MET Q 69 5.52 16.25 12.35
N LEU Q 70 4.66 15.67 11.51
CA LEU Q 70 4.59 16.06 10.11
C LEU Q 70 3.65 17.24 9.87
N SER Q 71 2.90 17.67 10.87
CA SER Q 71 1.82 18.64 10.65
C SER Q 71 2.30 20.10 10.60
N GLY Q 72 3.60 20.36 10.52
CA GLY Q 72 4.13 21.71 10.44
C GLY Q 72 5.62 21.74 10.68
N PRO Q 73 6.29 22.82 10.26
CA PRO Q 73 7.75 22.84 10.34
C PRO Q 73 8.25 22.73 11.78
N ILE Q 74 9.53 22.34 11.90
CA ILE Q 74 10.20 22.15 13.16
C ILE Q 74 11.47 23.01 13.16
N VAL Q 75 11.81 23.56 14.31
CA VAL Q 75 13.07 24.27 14.50
C VAL Q 75 14.03 23.31 15.18
N ALA Q 76 15.06 22.85 14.46
CA ALA Q 76 16.03 21.92 14.99
C ALA Q 76 17.25 22.69 15.49
N MET Q 77 17.69 22.40 16.72
CA MET Q 77 18.82 23.13 17.30
C MET Q 77 19.79 22.19 18.03
N VAL Q 78 21.06 22.57 18.00
CA VAL Q 78 22.09 21.99 18.87
C VAL Q 78 22.59 23.09 19.81
N TRP Q 79 22.56 22.83 21.10
CA TRP Q 79 23.11 23.72 22.11
C TRP Q 79 24.34 23.10 22.75
N GLU Q 80 25.33 23.93 23.08
CA GLU Q 80 26.62 23.45 23.58
C GLU Q 80 26.94 24.09 24.92
N GLY Q 81 27.38 23.29 25.87
CA GLY Q 81 27.86 23.83 27.13
C GLY Q 81 28.02 22.71 28.12
N ARG Q 82 28.58 23.05 29.29
CA ARG Q 82 28.77 22.06 30.33
C ARG Q 82 27.41 21.54 30.79
N GLU Q 83 27.26 20.21 30.78
CA GLU Q 83 26.05 19.51 31.21
C GLU Q 83 24.80 20.00 30.49
N VAL Q 84 24.94 20.46 29.24
CA VAL Q 84 23.79 21.06 28.56
C VAL Q 84 22.65 20.05 28.39
N VAL Q 85 22.95 18.76 28.17
CA VAL Q 85 21.86 17.80 27.94
C VAL Q 85 20.97 17.68 29.19
N LYS Q 86 21.59 17.53 30.37
CA LYS Q 86 20.80 17.45 31.59
C LYS Q 86 20.15 18.79 31.91
N THR Q 87 20.89 19.88 31.73
CA THR Q 87 20.33 21.19 32.02
C THR Q 87 19.22 21.54 31.02
N GLY Q 88 19.42 21.22 29.74
CA GLY Q 88 18.35 21.41 28.77
C GLY Q 88 17.10 20.65 29.15
N ARG Q 89 17.25 19.46 29.75
CA ARG Q 89 16.08 18.72 30.22
C ARG Q 89 15.37 19.52 31.31
N THR Q 90 16.14 20.13 32.20
CA THR Q 90 15.55 20.91 33.28
C THR Q 90 14.87 22.17 32.75
N ILE Q 91 15.43 22.78 31.70
CA ILE Q 91 14.84 23.97 31.11
C ILE Q 91 13.53 23.61 30.43
N LEU Q 92 13.54 22.51 29.68
CA LEU Q 92 12.32 22.08 29.00
C LEU Q 92 11.20 21.79 29.99
N GLY Q 93 11.53 21.15 31.11
CA GLY Q 93 10.54 20.69 32.04
C GLY Q 93 10.04 19.29 31.69
N ALA Q 94 9.45 18.64 32.69
CA ALA Q 94 8.86 17.31 32.55
C ALA Q 94 8.16 17.13 31.20
N THR Q 95 8.29 15.92 30.65
CA THR Q 95 7.61 15.55 29.41
C THR Q 95 6.14 15.94 29.44
N ASN Q 96 5.48 15.64 30.53
CA ASN Q 96 4.09 16.00 30.76
C ASN Q 96 4.01 17.45 31.21
N PRO Q 97 3.52 18.37 30.36
CA PRO Q 97 3.52 19.79 30.73
C PRO Q 97 2.77 20.09 32.02
N LEU Q 98 1.77 19.27 32.38
CA LEU Q 98 1.04 19.45 33.63
C LEU Q 98 1.85 19.02 34.84
N ALA Q 99 3.06 18.51 34.63
CA ALA Q 99 3.92 18.13 35.74
C ALA Q 99 5.14 19.04 35.87
N SER Q 100 5.41 19.91 34.90
CA SER Q 100 6.60 20.75 34.92
C SER Q 100 6.37 21.99 35.78
N ALA Q 101 7.45 22.47 36.38
CA ALA Q 101 7.35 23.70 37.16
C ALA Q 101 7.16 24.91 36.24
N PRO Q 102 6.44 25.93 36.70
CA PRO Q 102 6.52 27.24 36.05
C PRO Q 102 7.97 27.72 36.08
N GLY Q 103 8.35 28.46 35.05
CA GLY Q 103 9.74 28.81 34.82
C GLY Q 103 10.45 27.90 33.84
N THR Q 104 9.92 26.70 33.61
CA THR Q 104 10.34 25.83 32.53
C THR Q 104 9.57 26.19 31.26
N ILE Q 105 10.16 25.81 30.12
CA ILE Q 105 9.48 26.06 28.86
C ILE Q 105 8.08 25.42 28.88
N ARG Q 106 7.98 24.21 29.43
CA ARG Q 106 6.73 23.49 29.38
C ARG Q 106 5.78 23.96 30.48
N GLY Q 107 6.33 24.31 31.65
CA GLY Q 107 5.53 24.92 32.69
C GLY Q 107 5.03 26.32 32.37
N ASP Q 108 5.61 27.00 31.38
CA ASP Q 108 5.13 28.31 31.01
C ASP Q 108 4.23 28.29 29.80
N PHE Q 109 4.37 27.30 28.91
CA PHE Q 109 3.75 27.41 27.61
C PHE Q 109 2.84 26.25 27.20
N ALA Q 110 2.77 25.17 27.95
CA ALA Q 110 2.16 23.97 27.39
C ALA Q 110 1.30 23.28 28.44
N ILE Q 111 0.35 22.47 27.94
CA ILE Q 111 -0.60 21.73 28.76
C ILE Q 111 -0.56 20.23 28.41
N ASP Q 112 -0.59 19.92 27.10
CA ASP Q 112 -0.78 18.56 26.62
C ASP Q 112 0.56 17.90 26.28
N VAL Q 113 0.78 16.70 26.84
CA VAL Q 113 1.98 15.94 26.52
C VAL Q 113 2.11 15.76 25.02
N GLY Q 114 0.98 15.59 24.32
CA GLY Q 114 1.03 15.51 22.87
C GLY Q 114 1.09 16.84 22.18
N ARG Q 115 1.23 17.91 22.94
CA ARG Q 115 1.41 19.26 22.41
C ARG Q 115 2.47 19.99 23.23
N ASN Q 116 3.51 19.27 23.66
CA ASN Q 116 4.44 19.78 24.67
C ASN Q 116 5.55 20.63 24.08
N VAL Q 117 5.30 21.25 22.92
CA VAL Q 117 6.04 22.42 22.44
C VAL Q 117 7.48 22.09 22.01
N CYS Q 118 8.24 21.37 22.83
CA CYS Q 118 9.65 21.13 22.54
C CYS Q 118 10.01 19.67 22.67
N HIS Q 119 11.09 19.27 21.96
CA HIS Q 119 11.73 17.98 22.16
C HIS Q 119 13.17 18.16 22.60
N GLY Q 120 13.58 17.37 23.61
CA GLY Q 120 14.96 17.35 24.04
C GLY Q 120 15.51 15.93 24.17
N SER Q 121 16.80 15.79 23.89
CA SER Q 121 17.48 14.53 24.10
C SER Q 121 17.32 14.04 25.53
N ASP Q 122 17.33 12.73 25.71
CA ASP Q 122 17.21 12.14 27.03
C ASP Q 122 18.56 11.70 27.62
N SER Q 123 19.65 11.82 26.88
CA SER Q 123 20.98 11.54 27.41
C SER Q 123 22.02 12.06 26.43
N VAL Q 124 23.28 12.00 26.88
CA VAL Q 124 24.41 12.47 26.08
C VAL Q 124 24.54 11.68 24.79
N GLU Q 125 24.50 10.35 24.90
CA GLU Q 125 24.70 9.51 23.72
C GLU Q 125 23.50 9.59 22.78
N ASN Q 126 22.28 9.71 23.32
CA ASN Q 126 21.12 9.93 22.47
C ASN Q 126 21.21 11.28 21.76
N ALA Q 127 21.69 12.31 22.46
CA ALA Q 127 21.91 13.61 21.81
C ALA Q 127 22.85 13.48 20.61
N LYS Q 128 23.96 12.76 20.79
CA LYS Q 128 24.90 12.56 19.68
C LYS Q 128 24.23 11.90 18.50
N LYS Q 129 23.44 10.85 18.76
CA LYS Q 129 22.71 10.18 17.68
C LYS Q 129 21.64 11.09 17.08
N GLU Q 130 21.01 11.93 17.89
CA GLU Q 130 20.01 12.84 17.34
C GLU Q 130 20.66 13.98 16.54
N ILE Q 131 21.72 14.60 17.09
CA ILE Q 131 22.41 15.66 16.34
C ILE Q 131 22.85 15.15 14.96
N ALA Q 132 23.45 13.96 14.94
CA ALA Q 132 23.95 13.41 13.66
C ALA Q 132 22.79 13.07 12.70
N LEU Q 133 21.62 12.73 13.23
CA LEU Q 133 20.48 12.43 12.35
C LEU Q 133 19.95 13.69 11.67
N TRP Q 134 19.92 14.82 12.38
CA TRP Q 134 19.29 16.03 11.86
C TRP Q 134 20.25 17.00 11.22
N PHE Q 135 21.55 16.92 11.52
CA PHE Q 135 22.51 17.89 11.05
C PHE Q 135 23.66 17.18 10.39
N LYS Q 136 24.03 17.65 9.20
CA LYS Q 136 25.27 17.25 8.59
C LYS Q 136 26.43 17.93 9.31
N PRO Q 137 27.62 17.32 9.35
CA PRO Q 137 28.73 17.92 10.11
C PRO Q 137 29.02 19.36 9.72
N GLU Q 138 28.81 19.70 8.45
CA GLU Q 138 29.01 21.06 7.96
C GLU Q 138 28.11 22.06 8.68
N GLU Q 139 26.90 21.64 9.06
CA GLU Q 139 25.93 22.55 9.67
C GLU Q 139 26.27 22.89 11.11
N LEU Q 140 27.08 22.07 11.76
CA LEU Q 140 27.47 22.34 13.14
C LEU Q 140 28.56 23.40 13.12
N GLN Q 141 28.27 24.52 13.76
CA GLN Q 141 29.17 25.66 13.71
C GLN Q 141 30.17 25.57 14.86
N LYS Q 142 31.45 25.68 14.53
CA LYS Q 142 32.53 25.68 15.52
C LYS Q 142 33.00 27.12 15.70
N TYR Q 143 32.97 27.59 16.94
CA TYR Q 143 33.40 28.93 17.32
C TYR Q 143 33.43 28.96 18.85
N LYS Q 144 34.20 29.90 19.39
CA LYS Q 144 34.27 30.07 20.83
C LYS Q 144 33.25 31.13 21.24
N HIS Q 145 32.40 30.78 22.19
CA HIS Q 145 31.47 31.76 22.74
C HIS Q 145 32.21 33.00 23.20
N SER Q 146 31.76 34.16 22.69
CA SER Q 146 32.38 35.45 23.04
C SER Q 146 32.55 35.64 24.54
N GLN Q 147 31.67 35.05 25.35
CA GLN Q 147 31.74 35.23 26.79
C GLN Q 147 32.21 33.97 27.51
N PHE Q 148 32.95 33.11 26.82
CA PHE Q 148 33.28 31.80 27.38
C PHE Q 148 33.86 31.90 28.79
N ASP Q 149 34.84 32.79 28.97
CA ASP Q 149 35.58 32.82 30.21
C ASP Q 149 34.81 33.50 31.33
N TRP Q 150 33.72 34.19 31.02
CA TRP Q 150 32.81 34.67 32.05
C TRP Q 150 31.74 33.64 32.40
N ILE Q 151 31.37 32.78 31.45
CA ILE Q 151 30.42 31.70 31.73
C ILE Q 151 31.09 30.55 32.46
N TYR Q 152 32.33 30.21 32.11
CA TYR Q 152 32.98 29.02 32.67
C TYR Q 152 34.23 29.36 33.46
N GLU Q 153 34.38 28.71 34.61
CA GLU Q 153 35.66 28.76 35.30
C GLU Q 153 36.64 27.75 34.73
N LYS Q 154 36.11 26.70 34.10
CA LYS Q 154 36.80 25.45 33.69
C LYS Q 154 37.30 24.62 34.88
N ASP R 5 2.78 35.29 0.59
CA ASP R 5 2.94 36.73 0.50
C ASP R 5 4.42 37.06 0.24
N GLU R 6 4.80 38.32 0.45
CA GLU R 6 6.15 38.76 0.12
C GLU R 6 7.17 38.12 1.07
N GLN R 7 8.45 38.25 0.72
CA GLN R 7 9.51 37.66 1.54
C GLN R 7 10.68 38.62 1.65
N THR R 8 11.24 38.72 2.85
CA THR R 8 12.45 39.49 3.08
C THR R 8 13.53 38.62 3.71
N PHE R 9 14.78 38.96 3.41
CA PHE R 9 15.93 38.28 3.95
C PHE R 9 16.47 39.08 5.14
N ILE R 10 16.39 38.50 6.32
CA ILE R 10 16.97 39.07 7.53
C ILE R 10 18.14 38.17 7.94
N ALA R 11 19.23 38.77 8.39
CA ALA R 11 20.40 38.02 8.88
C ALA R 11 20.88 38.63 10.18
N ILE R 12 20.88 37.83 11.24
CA ILE R 12 21.58 38.25 12.46
C ILE R 12 23.07 38.12 12.22
N LYS R 13 23.78 39.25 12.31
CA LYS R 13 25.19 39.33 12.02
C LYS R 13 26.01 38.70 13.15
N PRO R 14 27.30 38.40 12.92
CA PRO R 14 28.07 37.70 13.95
C PRO R 14 28.01 38.34 15.32
N ASP R 15 28.02 39.68 15.38
CA ASP R 15 27.88 40.37 16.66
C ASP R 15 26.52 40.13 17.28
N GLY R 16 25.46 40.14 16.48
CA GLY R 16 24.15 39.81 17.02
C GLY R 16 24.11 38.41 17.60
N VAL R 17 24.70 37.44 16.90
CA VAL R 17 24.73 36.08 17.46
C VAL R 17 25.61 36.04 18.69
N GLN R 18 26.81 36.62 18.61
CA GLN R 18 27.75 36.57 19.72
C GLN R 18 27.26 37.31 20.95
N ARG R 19 26.38 38.30 20.79
CA ARG R 19 25.88 39.03 21.94
C ARG R 19 24.60 38.43 22.51
N GLY R 20 24.14 37.29 22.00
CA GLY R 20 22.96 36.62 22.56
C GLY R 20 21.62 37.17 22.10
N LEU R 21 21.53 37.70 20.88
CA LEU R 21 20.34 38.41 20.44
C LEU R 21 19.45 37.63 19.49
N VAL R 22 19.76 36.35 19.22
CA VAL R 22 18.99 35.55 18.28
C VAL R 22 17.52 35.48 18.71
N GLY R 23 17.29 35.03 19.94
CA GLY R 23 15.98 34.91 20.49
C GLY R 23 15.17 36.20 20.44
N PRO R 24 15.70 37.27 21.03
CA PRO R 24 14.95 38.55 20.98
C PRO R 24 14.66 39.03 19.56
N ILE R 25 15.60 38.89 18.63
CA ILE R 25 15.35 39.38 17.27
C ILE R 25 14.22 38.58 16.62
N ILE R 26 14.29 37.25 16.68
CA ILE R 26 13.22 36.44 16.11
C ILE R 26 11.88 36.82 16.72
N SER R 27 11.83 37.02 18.04
CA SER R 27 10.57 37.36 18.70
C SER R 27 9.95 38.64 18.14
N ARG R 28 10.76 39.61 17.72
CA ARG R 28 10.20 40.86 17.21
C ARG R 28 9.37 40.62 15.95
N PHE R 29 9.91 39.85 15.01
CA PHE R 29 9.18 39.53 13.79
C PHE R 29 8.04 38.56 14.08
N GLU R 30 8.30 37.57 14.93
CA GLU R 30 7.27 36.61 15.33
C GLU R 30 6.05 37.34 15.89
N ASN R 31 6.25 38.12 16.96
CA ASN R 31 5.15 38.79 17.62
C ASN R 31 4.40 39.72 16.68
N ARG R 32 5.09 40.33 15.71
CA ARG R 32 4.46 41.21 14.73
C ARG R 32 3.50 40.47 13.79
N GLY R 33 3.33 39.15 13.95
CA GLY R 33 2.46 38.37 13.08
C GLY R 33 3.11 37.88 11.80
N PHE R 34 4.38 38.20 11.57
CA PHE R 34 5.07 37.67 10.40
C PHE R 34 5.35 36.17 10.58
N LYS R 35 5.71 35.53 9.47
CA LYS R 35 5.83 34.08 9.40
C LYS R 35 7.25 33.70 9.04
N LEU R 36 7.84 32.82 9.83
CA LEU R 36 9.20 32.35 9.59
C LEU R 36 9.18 31.34 8.44
N ALA R 37 9.89 31.66 7.36
CA ALA R 37 9.91 30.80 6.18
C ALA R 37 11.22 30.04 6.00
N ALA R 38 12.35 30.60 6.43
CA ALA R 38 13.63 29.90 6.40
C ALA R 38 14.47 30.35 7.60
N LEU R 39 15.32 29.45 8.09
CA LEU R 39 16.11 29.73 9.28
C LEU R 39 17.33 28.84 9.26
N LYS R 40 18.54 29.42 9.33
CA LYS R 40 19.73 28.60 9.48
C LYS R 40 20.90 29.39 10.07
N LEU R 41 21.58 28.76 11.04
CA LEU R 41 22.89 29.21 11.48
C LEU R 41 23.94 28.69 10.50
N CYS R 42 24.80 29.58 10.01
CA CYS R 42 25.73 29.19 8.95
C CYS R 42 27.00 30.02 9.04
N SER R 43 27.96 29.68 8.17
CA SER R 43 29.25 30.37 8.09
C SER R 43 29.59 30.56 6.62
N PRO R 44 29.13 31.64 6.02
CA PRO R 44 29.36 31.83 4.58
C PRO R 44 30.84 31.94 4.27
N SER R 45 31.21 31.48 3.06
CA SER R 45 32.56 31.65 2.55
C SER R 45 32.82 33.13 2.23
N LYS R 46 34.10 33.45 2.08
CA LYS R 46 34.51 34.84 1.83
C LYS R 46 33.92 35.38 0.53
N GLU R 47 33.90 34.55 -0.51
CA GLU R 47 33.32 34.95 -1.79
C GLU R 47 31.83 35.20 -1.67
N HIS R 48 31.13 34.36 -0.90
CA HIS R 48 29.69 34.52 -0.68
C HIS R 48 29.38 35.90 -0.12
N LEU R 49 30.14 36.34 0.88
CA LEU R 49 29.93 37.65 1.49
C LEU R 49 30.35 38.77 0.55
N GLU R 50 31.41 38.57 -0.25
CA GLU R 50 31.79 39.57 -1.25
C GLU R 50 30.75 39.69 -2.35
N GLN R 51 30.12 38.56 -2.72
CA GLN R 51 28.98 38.61 -3.64
C GLN R 51 27.79 39.30 -3.00
N HIS R 52 27.44 38.91 -1.78
CA HIS R 52 26.37 39.58 -1.08
C HIS R 52 26.61 41.08 -0.95
N TYR R 53 27.88 41.50 -0.90
CA TYR R 53 28.25 42.90 -0.72
C TYR R 53 28.91 43.50 -1.96
N ALA R 54 28.66 42.92 -3.15
CA ALA R 54 29.34 43.36 -4.38
C ALA R 54 29.18 44.86 -4.63
N ASP R 55 28.00 45.42 -4.32
CA ASP R 55 27.75 46.83 -4.56
C ASP R 55 28.65 47.73 -3.73
N LEU R 56 29.27 47.22 -2.66
CA LEU R 56 30.09 48.04 -1.80
C LEU R 56 31.59 47.77 -1.93
N SER R 57 32.01 46.95 -2.90
CA SER R 57 33.39 46.47 -2.93
C SER R 57 34.41 47.60 -3.07
N SER R 58 33.99 48.78 -3.53
CA SER R 58 34.96 49.85 -3.71
C SER R 58 35.09 50.76 -2.49
N LYS R 59 34.13 50.72 -1.56
CA LYS R 59 34.14 51.62 -0.42
C LYS R 59 35.36 51.35 0.49
N PRO R 60 35.73 52.32 1.32
CA PRO R 60 36.91 52.12 2.18
C PRO R 60 36.74 51.03 3.24
N PHE R 61 35.51 50.81 3.73
CA PHE R 61 35.21 49.87 4.80
C PHE R 61 35.04 48.42 4.33
N PHE R 62 34.98 48.18 3.03
CA PHE R 62 34.65 46.87 2.46
C PHE R 62 35.42 45.71 3.07
N PRO R 63 36.76 45.70 3.02
CA PRO R 63 37.49 44.48 3.47
C PRO R 63 37.33 44.22 4.95
N GLY R 64 37.17 45.26 5.76
CA GLY R 64 36.89 45.06 7.18
C GLY R 64 35.48 44.59 7.44
N LEU R 65 34.53 45.05 6.64
CA LEU R 65 33.18 44.49 6.70
C LEU R 65 33.22 42.98 6.46
N VAL R 66 33.91 42.56 5.41
CA VAL R 66 33.96 41.15 5.04
C VAL R 66 34.57 40.31 6.15
N SER R 67 35.75 40.71 6.65
CA SER R 67 36.40 39.94 7.72
C SER R 67 35.54 39.93 8.99
N TYR R 68 34.90 41.05 9.31
CA TYR R 68 33.96 41.07 10.43
C TYR R 68 32.79 40.12 10.18
N MET R 69 32.26 40.12 8.95
CA MET R 69 31.17 39.23 8.61
C MET R 69 31.59 37.76 8.60
N LEU R 70 32.90 37.50 8.57
CA LEU R 70 33.43 36.15 8.65
C LEU R 70 33.82 35.74 10.06
N SER R 71 33.84 36.69 11.01
CA SER R 71 34.38 36.47 12.34
C SER R 71 33.46 35.66 13.25
N GLY R 72 32.26 35.30 12.78
CA GLY R 72 31.33 34.52 13.57
C GLY R 72 30.20 33.99 12.72
N PRO R 73 29.52 32.95 13.18
CA PRO R 73 28.37 32.44 12.44
C PRO R 73 27.25 33.46 12.39
N ILE R 74 26.38 33.27 11.40
CA ILE R 74 25.31 34.20 11.06
C ILE R 74 23.99 33.43 11.09
N VAL R 75 22.93 34.06 11.58
CA VAL R 75 21.61 33.44 11.52
C VAL R 75 20.91 34.02 10.31
N ALA R 76 20.85 33.24 9.23
CA ALA R 76 20.11 33.65 8.04
C ALA R 76 18.64 33.26 8.19
N MET R 77 17.76 34.16 7.78
CA MET R 77 16.32 33.95 7.90
C MET R 77 15.60 34.50 6.69
N VAL R 78 14.42 33.94 6.44
CA VAL R 78 13.45 34.48 5.50
C VAL R 78 12.16 34.70 6.26
N TRP R 79 11.67 35.93 6.23
CA TRP R 79 10.41 36.30 6.84
C TRP R 79 9.43 36.70 5.75
N GLU R 80 8.15 36.47 6.03
CA GLU R 80 7.17 36.40 4.96
C GLU R 80 5.87 37.01 5.45
N GLY R 81 5.26 37.81 4.59
CA GLY R 81 4.00 38.43 4.90
C GLY R 81 3.89 39.79 4.24
N ARG R 82 2.66 40.28 4.22
CA ARG R 82 2.26 41.65 3.90
C ARG R 82 3.36 42.70 4.03
N GLU R 83 3.93 43.10 2.90
CA GLU R 83 5.05 44.04 2.80
C GLU R 83 6.37 43.44 3.32
N VAL R 84 6.51 43.27 4.64
CA VAL R 84 7.65 42.60 5.27
C VAL R 84 9.02 43.21 4.91
N VAL R 85 9.29 43.54 3.64
CA VAL R 85 10.61 44.11 3.34
C VAL R 85 10.68 45.57 3.80
N LYS R 86 9.58 46.33 3.63
CA LYS R 86 9.52 47.68 4.19
C LYS R 86 9.38 47.63 5.70
N THR R 87 8.46 46.80 6.20
CA THR R 87 8.31 46.65 7.64
C THR R 87 9.61 46.16 8.29
N GLY R 88 10.21 45.10 7.76
CA GLY R 88 11.49 44.63 8.26
C GLY R 88 12.50 45.74 8.40
N ARG R 89 12.61 46.59 7.37
CA ARG R 89 13.50 47.74 7.47
C ARG R 89 13.07 48.69 8.59
N THR R 90 11.77 48.75 8.88
CA THR R 90 11.31 49.57 9.98
C THR R 90 11.61 48.90 11.32
N ILE R 91 11.47 47.58 11.38
CA ILE R 91 11.73 46.87 12.63
C ILE R 91 13.23 46.90 12.97
N LEU R 92 14.09 46.69 11.98
CA LEU R 92 15.53 46.76 12.23
C LEU R 92 15.96 48.15 12.69
N GLY R 93 15.51 49.19 11.98
CA GLY R 93 15.89 50.56 12.26
C GLY R 93 16.96 51.04 11.31
N ALA R 94 17.33 52.31 11.47
CA ALA R 94 18.32 52.89 10.58
C ALA R 94 19.60 52.06 10.62
N THR R 95 20.22 51.89 9.44
CA THR R 95 21.46 51.12 9.39
C THR R 95 22.47 51.65 10.38
N ASN R 96 22.47 52.95 10.63
CA ASN R 96 23.24 53.53 11.72
C ASN R 96 22.42 53.45 13.00
N PRO R 97 22.84 52.66 13.98
CA PRO R 97 22.02 52.49 15.19
C PRO R 97 21.80 53.78 15.97
N LEU R 98 22.74 54.73 15.90
CA LEU R 98 22.57 55.97 16.66
C LEU R 98 21.56 56.91 16.01
N ALA R 99 21.16 56.65 14.77
CA ALA R 99 20.03 57.34 14.15
C ALA R 99 18.75 56.53 14.26
N SER R 100 18.77 55.43 14.98
CA SER R 100 17.62 54.55 15.10
C SER R 100 16.81 54.87 16.34
N ALA R 101 15.51 54.65 16.23
CA ALA R 101 14.62 54.93 17.34
C ALA R 101 14.60 53.75 18.30
N PRO R 102 14.56 54.00 19.61
CA PRO R 102 14.31 52.90 20.55
C PRO R 102 13.00 52.22 20.20
N GLY R 103 12.96 50.91 20.40
CA GLY R 103 11.88 50.08 19.92
C GLY R 103 12.20 49.37 18.63
N THR R 104 13.15 49.87 17.85
CA THR R 104 13.73 49.10 16.76
C THR R 104 14.81 48.16 17.31
N ILE R 105 15.15 47.14 16.52
CA ILE R 105 16.20 46.22 16.96
C ILE R 105 17.51 46.97 17.14
N ARG R 106 17.91 47.79 16.17
CA ARG R 106 19.18 48.50 16.31
C ARG R 106 19.10 49.61 17.35
N GLY R 107 17.91 50.17 17.58
CA GLY R 107 17.71 51.19 18.61
C GLY R 107 17.57 50.66 20.03
N ASP R 108 17.47 49.34 20.19
CA ASP R 108 17.50 48.72 21.49
C ASP R 108 18.81 48.00 21.80
N PHE R 109 19.55 47.56 20.79
CA PHE R 109 20.67 46.66 21.00
C PHE R 109 22.00 47.11 20.39
N ALA R 110 22.04 48.10 19.50
CA ALA R 110 23.21 48.37 18.68
C ALA R 110 23.70 49.81 18.83
N ILE R 111 25.00 50.02 18.61
CA ILE R 111 25.56 51.37 18.75
C ILE R 111 26.33 51.78 17.50
N ASP R 112 27.27 50.95 17.07
CA ASP R 112 28.09 51.24 15.90
C ASP R 112 27.44 50.71 14.64
N VAL R 113 27.61 51.45 13.54
CA VAL R 113 27.05 51.00 12.27
C VAL R 113 27.84 49.80 11.73
N GLY R 114 29.14 49.71 12.03
CA GLY R 114 29.92 48.51 11.75
C GLY R 114 29.67 47.34 12.69
N ARG R 115 28.81 47.53 13.70
CA ARG R 115 28.33 46.45 14.57
C ARG R 115 26.83 46.63 14.80
N ASN R 116 26.05 46.66 13.72
CA ASN R 116 24.63 46.95 13.82
C ASN R 116 23.79 45.68 13.82
N VAL R 117 24.36 44.58 14.33
CA VAL R 117 23.72 43.35 14.78
C VAL R 117 22.88 42.65 13.71
N CYS R 118 22.50 43.34 12.65
CA CYS R 118 21.51 42.81 11.71
C CYS R 118 21.73 43.33 10.31
N HIS R 119 21.18 42.58 9.34
CA HIS R 119 21.05 43.03 7.97
C HIS R 119 19.66 42.66 7.46
N GLY R 120 19.05 43.57 6.71
CA GLY R 120 17.83 43.29 6.00
C GLY R 120 17.94 43.82 4.58
N SER R 121 17.13 43.25 3.70
CA SER R 121 17.16 43.65 2.30
C SER R 121 16.55 45.04 2.12
N ASP R 122 17.15 45.85 1.25
CA ASP R 122 16.72 47.22 1.01
C ASP R 122 15.80 47.37 -0.21
N SER R 123 15.23 46.27 -0.70
CA SER R 123 14.25 46.29 -1.78
C SER R 123 13.50 44.97 -1.78
N VAL R 124 12.51 44.85 -2.65
CA VAL R 124 11.87 43.55 -2.82
C VAL R 124 12.65 42.69 -3.81
N GLU R 125 13.37 43.34 -4.74
CA GLU R 125 14.16 42.62 -5.74
C GLU R 125 15.52 42.22 -5.20
N ASN R 126 16.14 43.07 -4.38
CA ASN R 126 17.34 42.63 -3.67
C ASN R 126 17.01 41.56 -2.64
N ALA R 127 15.75 41.49 -2.21
CA ALA R 127 15.33 40.48 -1.24
C ALA R 127 15.30 39.10 -1.86
N LYS R 128 14.74 38.98 -3.06
CA LYS R 128 14.71 37.67 -3.71
C LYS R 128 16.09 37.28 -4.21
N LYS R 129 16.90 38.26 -4.63
CA LYS R 129 18.27 37.94 -5.03
C LYS R 129 19.12 37.51 -3.84
N GLU R 130 18.76 37.95 -2.62
CA GLU R 130 19.46 37.49 -1.42
C GLU R 130 18.94 36.14 -0.93
N ILE R 131 17.63 35.91 -0.99
CA ILE R 131 17.09 34.59 -0.66
C ILE R 131 17.73 33.52 -1.55
N ALA R 132 17.82 33.79 -2.86
CA ALA R 132 18.46 32.85 -3.77
C ALA R 132 19.92 32.60 -3.42
N LEU R 133 20.66 33.66 -3.05
CA LEU R 133 22.07 33.50 -2.73
C LEU R 133 22.26 32.71 -1.43
N TRP R 134 21.47 33.00 -0.40
CA TRP R 134 21.68 32.46 0.93
C TRP R 134 20.94 31.15 1.19
N PHE R 135 19.97 30.79 0.35
CA PHE R 135 19.21 29.58 0.57
C PHE R 135 19.05 28.82 -0.74
N LYS R 136 19.05 27.54 -0.64
CA LYS R 136 18.50 26.72 -1.71
C LYS R 136 17.00 26.57 -1.50
N PRO R 137 16.22 26.49 -2.58
CA PRO R 137 14.75 26.54 -2.44
C PRO R 137 14.19 25.45 -1.55
N GLU R 138 14.92 24.33 -1.39
CA GLU R 138 14.50 23.33 -0.42
C GLU R 138 14.37 23.91 0.98
N GLU R 139 15.32 24.75 1.38
CA GLU R 139 15.32 25.30 2.74
C GLU R 139 14.17 26.26 2.98
N LEU R 140 13.61 26.85 1.92
CA LEU R 140 12.44 27.73 2.06
C LEU R 140 11.23 26.89 2.42
N GLN R 141 10.68 27.10 3.62
CA GLN R 141 9.49 26.39 4.03
C GLN R 141 8.24 27.03 3.42
N LYS R 142 7.15 26.27 3.41
CA LYS R 142 5.90 26.71 2.79
C LYS R 142 4.77 26.03 3.57
N TYR R 143 4.29 26.73 4.59
CA TYR R 143 3.21 26.29 5.44
C TYR R 143 2.25 27.45 5.60
N LYS R 144 1.09 27.18 6.21
CA LYS R 144 0.09 28.21 6.47
C LYS R 144 0.10 28.53 7.96
N HIS R 145 0.48 29.77 8.27
CA HIS R 145 0.34 30.30 9.62
C HIS R 145 -1.04 30.00 10.21
N SER R 146 -1.06 29.48 11.44
CA SER R 146 -2.29 29.10 12.12
C SER R 146 -3.12 30.28 12.58
N GLN R 147 -2.68 31.52 12.25
CA GLN R 147 -3.37 32.76 12.58
C GLN R 147 -3.45 33.68 11.37
N PHE R 148 -3.31 33.14 10.16
CA PHE R 148 -3.32 33.97 8.97
C PHE R 148 -4.58 34.83 8.91
N ASP R 149 -5.72 34.26 9.31
CA ASP R 149 -7.00 34.96 9.22
C ASP R 149 -7.19 35.99 10.32
N TRP R 150 -6.41 35.94 11.39
CA TRP R 150 -6.45 37.00 12.40
C TRP R 150 -5.41 38.08 12.15
N ILE R 151 -4.61 37.96 11.09
CA ILE R 151 -3.54 38.90 10.80
C ILE R 151 -3.83 39.58 9.47
N TYR R 152 -4.56 38.89 8.59
CA TYR R 152 -4.88 39.40 7.26
C TYR R 152 -6.37 39.67 7.13
N GLU R 153 -6.71 40.87 6.66
CA GLU R 153 -8.01 41.10 6.05
C GLU R 153 -8.08 40.51 4.65
N LYS R 154 -6.92 40.34 4.00
CA LYS R 154 -6.77 39.85 2.63
C LYS R 154 -7.72 40.51 1.64
N SER S 4 -4.37 64.02 35.64
CA SER S 4 -5.66 64.66 35.85
C SER S 4 -6.64 63.57 36.28
N ASP S 5 -7.73 63.45 35.51
CA ASP S 5 -8.82 62.54 35.81
C ASP S 5 -9.54 62.15 34.52
N GLU S 6 -8.99 62.59 33.39
CA GLU S 6 -9.48 62.28 32.06
C GLU S 6 -9.60 60.77 31.86
N GLN S 7 -10.43 60.33 30.92
CA GLN S 7 -10.61 58.91 30.67
C GLN S 7 -10.60 58.68 29.18
N THR S 8 -10.25 57.47 28.78
CA THR S 8 -10.29 57.14 27.37
C THR S 8 -10.88 55.75 27.23
N PHE S 9 -11.20 55.37 26.00
CA PHE S 9 -11.78 54.06 25.72
C PHE S 9 -10.87 53.32 24.74
N ILE S 10 -10.38 52.16 25.18
CA ILE S 10 -9.59 51.26 24.36
C ILE S 10 -10.26 49.89 24.38
N ALA S 11 -10.39 49.29 23.21
CA ALA S 11 -10.91 47.94 23.10
C ALA S 11 -9.90 47.06 22.38
N ILE S 12 -9.66 45.88 22.93
CA ILE S 12 -8.90 44.86 22.23
C ILE S 12 -9.85 44.17 21.26
N LYS S 13 -9.62 44.34 19.96
CA LYS S 13 -10.48 43.80 18.93
C LYS S 13 -10.35 42.27 18.91
N PRO S 14 -11.12 41.55 18.07
CA PRO S 14 -11.09 40.08 18.21
C PRO S 14 -9.74 39.48 17.86
N ASP S 15 -9.04 40.02 16.85
CA ASP S 15 -7.71 39.51 16.52
C ASP S 15 -6.75 39.70 17.69
N GLY S 16 -6.91 40.77 18.47
CA GLY S 16 -6.06 40.97 19.63
C GLY S 16 -6.34 40.00 20.75
N VAL S 17 -7.60 39.66 20.98
CA VAL S 17 -7.89 38.79 22.13
C VAL S 17 -7.42 37.37 21.84
N GLN S 18 -7.57 36.94 20.59
CA GLN S 18 -7.30 35.54 20.30
C GLN S 18 -5.85 35.30 19.91
N ARG S 19 -5.10 36.36 19.59
CA ARG S 19 -3.66 36.24 19.44
C ARG S 19 -2.94 36.32 20.76
N GLY S 20 -3.66 36.16 21.88
CA GLY S 20 -3.10 36.25 23.22
C GLY S 20 -2.37 37.54 23.54
N LEU S 21 -2.98 38.68 23.21
CA LEU S 21 -2.37 39.99 23.38
C LEU S 21 -3.01 40.80 24.49
N VAL S 22 -3.79 40.17 25.38
CA VAL S 22 -4.47 40.93 26.42
C VAL S 22 -3.48 41.43 27.46
N GLY S 23 -2.78 40.51 28.12
CA GLY S 23 -1.68 40.84 29.00
C GLY S 23 -0.77 41.96 28.49
N PRO S 24 -0.13 41.75 27.34
CA PRO S 24 0.80 42.78 26.85
C PRO S 24 0.15 44.13 26.63
N ILE S 25 -1.11 44.16 26.18
CA ILE S 25 -1.78 45.44 25.93
C ILE S 25 -2.07 46.16 27.24
N ILE S 26 -2.68 45.45 28.19
CA ILE S 26 -2.95 46.02 29.51
C ILE S 26 -1.66 46.54 30.15
N SER S 27 -0.60 45.73 30.10
CA SER S 27 0.65 46.08 30.78
C SER S 27 1.18 47.42 30.32
N ARG S 28 1.11 47.70 29.02
CA ARG S 28 1.66 48.95 28.52
C ARG S 28 0.95 50.17 29.07
N PHE S 29 -0.32 50.05 29.45
CA PHE S 29 -1.04 51.18 30.04
C PHE S 29 -0.74 51.27 31.53
N GLU S 30 -0.87 50.13 32.24
CA GLU S 30 -0.42 50.02 33.62
C GLU S 30 0.97 50.60 33.81
N ASN S 31 1.92 50.21 32.94
CA ASN S 31 3.31 50.61 33.14
C ASN S 31 3.47 52.13 33.02
N ARG S 32 2.76 52.75 32.08
CA ARG S 32 2.80 54.20 31.92
C ARG S 32 2.25 54.95 33.13
N GLY S 33 1.64 54.24 34.08
CA GLY S 33 1.09 54.85 35.28
C GLY S 33 -0.41 55.06 35.22
N PHE S 34 -1.03 55.00 34.04
CA PHE S 34 -2.48 55.15 33.91
C PHE S 34 -3.23 54.13 34.76
N LYS S 35 -4.41 54.54 35.25
CA LYS S 35 -5.17 53.72 36.18
C LYS S 35 -6.28 52.97 35.44
N LEU S 36 -6.46 51.70 35.78
CA LEU S 36 -7.50 50.88 35.15
C LEU S 36 -8.84 51.24 35.76
N ALA S 37 -9.69 51.90 34.97
CA ALA S 37 -11.01 52.33 35.45
C ALA S 37 -12.07 51.25 35.25
N ALA S 38 -12.16 50.72 34.03
CA ALA S 38 -13.12 49.68 33.71
C ALA S 38 -12.47 48.61 32.85
N LEU S 39 -12.84 47.36 33.09
CA LEU S 39 -12.30 46.23 32.35
C LEU S 39 -13.39 45.17 32.20
N LYS S 40 -13.72 44.82 30.96
CA LYS S 40 -14.61 43.68 30.79
C LYS S 40 -14.33 42.96 29.47
N LEU S 41 -14.51 41.64 29.52
CA LEU S 41 -14.53 40.79 28.33
C LEU S 41 -15.98 40.52 27.96
N CYS S 42 -16.36 40.88 26.74
CA CYS S 42 -17.76 40.92 26.35
C CYS S 42 -17.88 40.63 24.87
N SER S 43 -19.12 40.42 24.41
CA SER S 43 -19.41 40.30 22.98
C SER S 43 -20.56 41.25 22.65
N PRO S 44 -20.29 42.33 21.91
CA PRO S 44 -21.37 43.28 21.59
C PRO S 44 -22.36 42.71 20.59
N SER S 45 -23.59 43.22 20.68
CA SER S 45 -24.65 42.84 19.76
C SER S 45 -24.37 43.42 18.37
N LYS S 46 -25.05 42.83 17.38
CA LYS S 46 -24.83 43.20 15.98
C LYS S 46 -24.99 44.70 15.75
N GLU S 47 -26.05 45.29 16.31
CA GLU S 47 -26.36 46.70 16.12
C GLU S 47 -25.59 47.60 17.08
N HIS S 48 -25.22 47.09 18.27
CA HIS S 48 -24.42 47.88 19.20
C HIS S 48 -23.13 48.38 18.56
N LEU S 49 -22.48 47.52 17.77
CA LEU S 49 -21.26 47.93 17.09
C LEU S 49 -21.54 48.98 16.02
N GLU S 50 -22.74 48.96 15.44
CA GLU S 50 -22.98 49.73 14.22
C GLU S 50 -23.06 51.22 14.52
N GLN S 51 -23.60 51.62 15.66
CA GLN S 51 -23.53 53.02 16.04
C GLN S 51 -22.30 53.34 16.88
N HIS S 52 -21.56 52.32 17.34
CA HIS S 52 -20.20 52.59 17.80
C HIS S 52 -19.38 53.20 16.66
N TYR S 53 -19.47 52.60 15.47
CA TYR S 53 -18.84 53.11 14.26
C TYR S 53 -19.82 53.88 13.37
N ALA S 54 -20.79 54.59 13.98
CA ALA S 54 -21.84 55.24 13.19
C ALA S 54 -21.33 56.36 12.32
N ASP S 55 -20.22 57.01 12.70
CA ASP S 55 -19.65 58.05 11.86
C ASP S 55 -19.45 57.60 10.41
N LEU S 56 -19.43 56.29 10.16
CA LEU S 56 -19.27 55.73 8.83
C LEU S 56 -20.51 54.95 8.40
N SER S 57 -21.71 55.49 8.69
CA SER S 57 -22.96 54.74 8.54
C SER S 57 -23.15 54.10 7.17
N SER S 58 -22.42 54.56 6.14
CA SER S 58 -22.64 54.06 4.79
C SER S 58 -21.37 54.20 3.96
N LYS S 59 -20.20 53.94 4.57
CA LYS S 59 -18.92 53.83 3.89
C LYS S 59 -18.80 52.44 3.26
N PRO S 60 -18.08 52.29 2.14
CA PRO S 60 -18.04 50.97 1.46
C PRO S 60 -17.60 49.82 2.35
N PHE S 61 -16.73 50.06 3.34
CA PHE S 61 -16.23 48.99 4.19
C PHE S 61 -17.03 48.80 5.47
N PHE S 62 -18.04 49.63 5.70
CA PHE S 62 -18.85 49.52 6.92
C PHE S 62 -19.43 48.13 7.13
N PRO S 63 -20.17 47.53 6.17
CA PRO S 63 -20.78 46.21 6.46
C PRO S 63 -19.76 45.17 6.92
N GLY S 64 -18.58 45.13 6.29
CA GLY S 64 -17.59 44.12 6.64
C GLY S 64 -16.85 44.39 7.93
N LEU S 65 -16.66 45.67 8.27
CA LEU S 65 -16.04 46.02 9.55
C LEU S 65 -16.91 45.58 10.73
N VAL S 66 -18.23 45.73 10.61
CA VAL S 66 -19.13 45.36 11.69
C VAL S 66 -19.01 43.88 12.02
N SER S 67 -18.87 43.04 10.99
CA SER S 67 -18.87 41.60 11.21
C SER S 67 -17.49 41.08 11.63
N TYR S 68 -16.41 41.76 11.22
CA TYR S 68 -15.09 41.42 11.73
C TYR S 68 -15.03 41.65 13.24
N MET S 69 -15.71 42.70 13.73
CA MET S 69 -15.84 42.93 15.16
C MET S 69 -16.85 42.01 15.82
N LEU S 70 -17.59 41.21 15.02
CA LEU S 70 -18.47 40.17 15.53
C LEU S 70 -17.76 38.85 15.75
N SER S 71 -16.64 38.61 15.05
CA SER S 71 -16.01 37.30 14.88
C SER S 71 -15.41 36.70 16.14
N GLY S 72 -15.54 37.34 17.29
CA GLY S 72 -15.10 36.78 18.55
C GLY S 72 -15.11 37.83 19.64
N PRO S 73 -14.95 37.43 20.89
CA PRO S 73 -15.12 38.38 22.00
C PRO S 73 -14.10 39.53 21.96
N ILE S 74 -14.39 40.53 22.80
CA ILE S 74 -13.70 41.81 22.82
C ILE S 74 -13.39 42.15 24.27
N VAL S 75 -12.24 42.79 24.50
CA VAL S 75 -11.90 43.28 25.84
C VAL S 75 -12.01 44.81 25.81
N ALA S 76 -12.99 45.32 26.55
CA ALA S 76 -13.28 46.75 26.58
C ALA S 76 -12.68 47.36 27.83
N MET S 77 -12.06 48.53 27.66
CA MET S 77 -11.29 49.15 28.72
C MET S 77 -11.56 50.64 28.81
N VAL S 78 -11.59 51.15 30.04
CA VAL S 78 -11.48 52.58 30.31
C VAL S 78 -10.20 52.80 31.14
N TRP S 79 -9.30 53.62 30.60
CA TRP S 79 -8.09 54.01 31.29
C TRP S 79 -8.20 55.47 31.67
N GLU S 80 -7.55 55.82 32.78
CA GLU S 80 -7.69 57.14 33.39
C GLU S 80 -6.33 57.76 33.68
N GLY S 81 -6.19 59.04 33.37
CA GLY S 81 -5.03 59.82 33.75
C GLY S 81 -4.93 61.06 32.91
N ARG S 82 -4.01 61.94 33.29
CA ARG S 82 -3.78 63.17 32.53
C ARG S 82 -3.57 62.87 31.06
N GLU S 83 -4.40 63.47 30.20
CA GLU S 83 -4.26 63.40 28.75
C GLU S 83 -4.22 61.97 28.21
N VAL S 84 -4.90 61.05 28.89
CA VAL S 84 -4.85 59.65 28.48
C VAL S 84 -5.47 59.43 27.10
N VAL S 85 -6.37 60.31 26.64
CA VAL S 85 -6.96 60.12 25.31
C VAL S 85 -5.90 60.26 24.23
N LYS S 86 -5.13 61.37 24.27
CA LYS S 86 -4.09 61.61 23.27
C LYS S 86 -2.92 60.64 23.47
N THR S 87 -2.62 60.32 24.72
CA THR S 87 -1.51 59.42 25.02
C THR S 87 -1.86 57.98 24.65
N GLY S 88 -3.07 57.54 24.99
CA GLY S 88 -3.55 56.25 24.51
C GLY S 88 -3.39 56.07 23.01
N ARG S 89 -3.64 57.13 22.23
CA ARG S 89 -3.57 57.02 20.78
C ARG S 89 -2.13 56.91 20.28
N THR S 90 -1.18 57.60 20.90
CA THR S 90 0.20 57.38 20.46
C THR S 90 0.69 56.02 20.91
N ILE S 91 0.19 55.51 22.05
CA ILE S 91 0.55 54.18 22.53
C ILE S 91 0.02 53.11 21.59
N LEU S 92 -1.14 53.33 20.97
CA LEU S 92 -1.66 52.31 20.08
C LEU S 92 -0.97 52.36 18.72
N GLY S 93 -0.63 53.55 18.26
CA GLY S 93 -0.02 53.75 16.95
C GLY S 93 -1.05 54.13 15.91
N ALA S 94 -0.54 54.50 14.73
CA ALA S 94 -1.39 54.81 13.60
C ALA S 94 -2.34 53.65 13.34
N THR S 95 -3.60 53.98 12.99
CA THR S 95 -4.57 52.91 12.79
C THR S 95 -4.16 52.00 11.65
N ASN S 96 -3.31 52.47 10.74
CA ASN S 96 -2.63 51.59 9.80
C ASN S 96 -1.35 51.09 10.46
N PRO S 97 -1.23 49.80 10.78
CA PRO S 97 -0.05 49.34 11.51
C PRO S 97 1.25 49.52 10.73
N LEU S 98 1.21 49.57 9.40
CA LEU S 98 2.43 49.68 8.59
C LEU S 98 2.95 51.10 8.45
N ALA S 99 2.21 52.10 8.94
CA ALA S 99 2.75 53.44 9.16
C ALA S 99 2.96 53.71 10.64
N SER S 100 2.75 52.70 11.49
CA SER S 100 3.00 52.81 12.93
C SER S 100 4.50 52.79 13.22
N ALA S 101 4.84 52.83 14.52
CA ALA S 101 6.24 52.77 14.92
C ALA S 101 6.44 51.67 15.94
N PRO S 102 7.57 50.97 15.87
CA PRO S 102 7.89 49.99 16.91
C PRO S 102 7.91 50.64 18.28
N GLY S 103 7.35 49.95 19.26
CA GLY S 103 7.11 50.55 20.56
C GLY S 103 5.64 50.79 20.82
N THR S 104 4.90 51.13 19.77
CA THR S 104 3.45 51.19 19.84
C THR S 104 2.86 49.78 19.75
N ILE S 105 1.59 49.65 20.13
CA ILE S 105 0.93 48.34 20.11
C ILE S 105 0.88 47.79 18.68
N ARG S 106 0.52 48.65 17.73
CA ARG S 106 0.31 48.21 16.36
C ARG S 106 1.63 48.00 15.63
N GLY S 107 2.62 48.85 15.92
CA GLY S 107 3.95 48.62 15.40
C GLY S 107 4.63 47.40 15.98
N ASP S 108 4.17 46.91 17.13
CA ASP S 108 4.75 45.71 17.75
C ASP S 108 3.98 44.45 17.42
N PHE S 109 2.69 44.53 17.12
CA PHE S 109 1.89 43.33 17.05
C PHE S 109 1.10 43.16 15.76
N ALA S 110 0.84 44.23 15.00
CA ALA S 110 -0.17 44.18 13.97
C ALA S 110 0.41 44.55 12.61
N ILE S 111 -0.30 44.16 11.57
CA ILE S 111 0.14 44.41 10.20
C ILE S 111 -0.92 45.17 9.41
N ASP S 112 -2.15 44.66 9.39
CA ASP S 112 -3.18 45.12 8.46
C ASP S 112 -4.13 46.10 9.13
N VAL S 113 -4.44 47.19 8.44
CA VAL S 113 -5.39 48.18 8.96
C VAL S 113 -6.67 47.50 9.41
N GLY S 114 -7.14 46.50 8.65
CA GLY S 114 -8.32 45.76 9.05
C GLY S 114 -8.12 44.84 10.24
N ARG S 115 -6.86 44.51 10.56
CA ARG S 115 -6.51 43.65 11.70
C ARG S 115 -5.52 44.41 12.57
N ASN S 116 -6.01 45.39 13.33
CA ASN S 116 -5.13 46.26 14.11
C ASN S 116 -5.36 46.13 15.62
N VAL S 117 -5.82 44.97 16.07
CA VAL S 117 -5.70 44.55 17.48
C VAL S 117 -6.53 45.40 18.44
N CYS S 118 -6.60 46.69 18.19
CA CYS S 118 -7.14 47.61 19.18
C CYS S 118 -7.94 48.71 18.48
N HIS S 119 -8.92 49.24 19.20
CA HIS S 119 -9.57 50.48 18.83
C HIS S 119 -9.38 51.52 19.94
N GLY S 120 -8.97 52.72 19.55
CA GLY S 120 -8.87 53.84 20.47
C GLY S 120 -9.88 54.93 20.14
N SER S 121 -10.34 55.63 21.18
CA SER S 121 -11.27 56.75 21.00
C SER S 121 -10.64 57.91 20.24
N ASP S 122 -11.50 58.66 19.55
CA ASP S 122 -11.07 59.76 18.68
C ASP S 122 -10.64 61.00 19.45
N SER S 123 -11.27 61.26 20.60
CA SER S 123 -11.03 62.49 21.35
C SER S 123 -11.68 62.34 22.72
N VAL S 124 -11.54 63.39 23.53
CA VAL S 124 -12.02 63.35 24.91
C VAL S 124 -13.51 63.04 24.96
N GLU S 125 -14.30 63.78 24.16
CA GLU S 125 -15.75 63.61 24.23
C GLU S 125 -16.21 62.42 23.41
N ASN S 126 -15.61 62.20 22.23
CA ASN S 126 -15.87 60.96 21.51
C ASN S 126 -15.58 59.75 22.40
N ALA S 127 -14.56 59.87 23.27
CA ALA S 127 -14.32 58.85 24.28
C ALA S 127 -15.51 58.72 25.23
N LYS S 128 -15.90 59.84 25.86
CA LYS S 128 -17.06 59.84 26.75
C LYS S 128 -18.27 59.17 26.09
N LYS S 129 -18.53 59.50 24.82
CA LYS S 129 -19.59 58.85 24.07
C LYS S 129 -19.38 57.35 24.01
N GLU S 130 -18.15 56.91 23.71
CA GLU S 130 -17.87 55.48 23.57
C GLU S 130 -17.83 54.77 24.91
N ILE S 131 -17.39 55.44 25.99
CA ILE S 131 -17.49 54.84 27.31
C ILE S 131 -18.95 54.63 27.68
N ALA S 132 -19.78 55.64 27.40
CA ALA S 132 -21.20 55.53 27.67
C ALA S 132 -21.79 54.30 27.01
N LEU S 133 -21.52 54.10 25.73
CA LEU S 133 -22.14 53.01 24.98
C LEU S 133 -21.73 51.65 25.52
N TRP S 134 -20.43 51.47 25.81
CA TRP S 134 -19.86 50.17 26.12
C TRP S 134 -20.00 49.77 27.57
N PHE S 135 -20.04 50.73 28.49
CA PHE S 135 -20.05 50.45 29.92
C PHE S 135 -21.27 51.06 30.58
N LYS S 136 -21.89 50.28 31.46
CA LYS S 136 -22.90 50.78 32.35
C LYS S 136 -22.22 51.54 33.48
N PRO S 137 -22.87 52.58 34.03
CA PRO S 137 -22.16 53.51 34.93
C PRO S 137 -21.48 52.87 36.15
N GLU S 138 -22.00 51.76 36.67
CA GLU S 138 -21.40 51.10 37.83
C GLU S 138 -20.24 50.19 37.45
N GLU S 139 -20.00 49.95 36.16
CA GLU S 139 -18.82 49.22 35.72
C GLU S 139 -17.57 50.08 35.73
N LEU S 140 -17.73 51.40 35.80
CA LEU S 140 -16.62 52.33 35.93
C LEU S 140 -16.24 52.46 37.41
N GLN S 141 -15.02 52.04 37.75
CA GLN S 141 -14.57 51.94 39.13
C GLN S 141 -13.99 53.26 39.62
N LYS S 142 -14.06 53.45 40.94
CA LYS S 142 -13.58 54.67 41.61
C LYS S 142 -12.66 54.28 42.76
N TYR S 143 -11.38 54.63 42.63
CA TYR S 143 -10.37 54.39 43.66
C TYR S 143 -9.17 55.26 43.30
N LYS S 144 -8.32 55.50 44.29
CA LYS S 144 -7.13 56.29 44.05
C LYS S 144 -5.91 55.38 43.99
N HIS S 145 -5.26 55.38 42.83
CA HIS S 145 -3.99 54.68 42.62
C HIS S 145 -3.04 54.85 43.81
N SER S 146 -2.53 53.71 44.29
CA SER S 146 -1.64 53.67 45.43
C SER S 146 -0.39 54.52 45.26
N GLN S 147 -0.12 55.03 44.07
CA GLN S 147 1.12 55.75 43.81
C GLN S 147 0.85 57.00 43.00
N PHE S 148 -0.34 57.59 43.24
CA PHE S 148 -0.73 58.83 42.56
C PHE S 148 0.31 59.91 42.72
N ASP S 149 0.85 60.07 43.93
CA ASP S 149 1.76 61.18 44.19
C ASP S 149 3.15 60.96 43.62
N TRP S 150 3.49 59.72 43.22
CA TRP S 150 4.70 59.47 42.48
C TRP S 150 4.49 59.56 40.98
N ILE S 151 3.25 59.48 40.52
CA ILE S 151 2.98 59.58 39.09
C ILE S 151 2.70 61.02 38.69
N TYR S 152 2.04 61.78 39.56
CA TYR S 152 1.61 63.13 39.28
C TYR S 152 2.20 64.12 40.29
N GLU S 153 2.54 65.32 39.80
CA GLU S 153 3.09 66.37 40.67
C GLU S 153 2.03 66.86 41.66
N ASP T 5 -13.99 22.92 27.82
CA ASP T 5 -13.15 22.23 28.79
C ASP T 5 -13.47 22.80 30.19
N GLU T 6 -12.77 22.27 31.19
CA GLU T 6 -12.85 22.69 32.59
C GLU T 6 -12.64 24.20 32.79
N GLN T 7 -13.05 24.72 33.94
CA GLN T 7 -13.00 26.15 34.22
C GLN T 7 -12.58 26.39 35.66
N THR T 8 -11.79 27.45 35.87
CA THR T 8 -11.40 27.85 37.22
C THR T 8 -11.51 29.37 37.35
N PHE T 9 -11.61 29.82 38.59
CA PHE T 9 -11.84 31.23 38.92
C PHE T 9 -10.56 31.82 39.51
N ILE T 10 -10.03 32.84 38.85
CA ILE T 10 -8.84 33.53 39.33
C ILE T 10 -9.20 34.99 39.56
N ALA T 11 -8.97 35.45 40.78
CA ALA T 11 -9.13 36.85 41.12
C ALA T 11 -7.78 37.46 41.48
N ILE T 12 -7.47 38.59 40.86
CA ILE T 12 -6.39 39.43 41.33
C ILE T 12 -6.95 40.30 42.44
N LYS T 13 -6.42 40.13 43.66
CA LYS T 13 -6.83 40.87 44.85
C LYS T 13 -6.53 42.37 44.70
N PRO T 14 -6.94 43.22 45.66
CA PRO T 14 -6.65 44.66 45.51
C PRO T 14 -5.18 44.99 45.34
N ASP T 15 -4.29 44.43 46.18
CA ASP T 15 -2.87 44.72 46.06
C ASP T 15 -2.32 44.35 44.69
N GLY T 16 -2.80 43.23 44.11
CA GLY T 16 -2.34 42.87 42.79
C GLY T 16 -2.69 43.91 41.76
N VAL T 17 -3.91 44.46 41.83
CA VAL T 17 -4.32 45.51 40.93
C VAL T 17 -3.55 46.79 41.21
N GLN T 18 -3.32 47.08 42.50
CA GLN T 18 -2.71 48.34 42.92
C GLN T 18 -1.22 48.35 42.57
N ARG T 19 -0.52 47.26 42.87
CA ARG T 19 0.87 47.07 42.45
C ARG T 19 0.99 46.87 40.98
N GLY T 20 -0.08 46.96 40.19
CA GLY T 20 0.06 46.89 38.76
C GLY T 20 0.37 45.52 38.19
N LEU T 21 -0.06 44.46 38.87
CA LEU T 21 0.25 43.10 38.46
C LEU T 21 -0.81 42.48 37.52
N VAL T 22 -1.61 43.28 36.83
CA VAL T 22 -2.76 42.72 36.11
C VAL T 22 -2.34 42.16 34.76
N GLY T 23 -1.71 42.98 33.93
CA GLY T 23 -1.13 42.51 32.69
C GLY T 23 -0.23 41.29 32.84
N PRO T 24 0.72 41.35 33.80
CA PRO T 24 1.55 40.16 34.06
C PRO T 24 0.76 38.89 34.40
N ILE T 25 -0.21 38.98 35.31
CA ILE T 25 -0.89 37.78 35.76
C ILE T 25 -1.70 37.18 34.62
N ILE T 26 -2.39 38.01 33.84
CA ILE T 26 -3.16 37.50 32.72
C ILE T 26 -2.24 36.87 31.68
N SER T 27 -1.05 37.47 31.50
CA SER T 27 -0.09 36.97 30.52
C SER T 27 0.37 35.56 30.85
N ARG T 28 0.54 35.25 32.13
CA ARG T 28 0.95 33.91 32.55
C ARG T 28 -0.06 32.85 32.11
N PHE T 29 -1.34 33.01 32.50
CA PHE T 29 -2.36 32.07 32.02
C PHE T 29 -2.47 32.14 30.50
N GLU T 30 -2.35 33.33 29.92
CA GLU T 30 -2.61 33.50 28.49
C GLU T 30 -1.67 32.67 27.62
N ASN T 31 -0.37 32.62 27.94
CA ASN T 31 0.48 31.83 27.06
C ASN T 31 0.81 30.45 27.60
N ARG T 32 0.27 30.07 28.78
CA ARG T 32 0.24 28.66 29.12
C ARG T 32 -0.67 27.88 28.18
N GLY T 33 -1.58 28.57 27.48
CA GLY T 33 -2.54 27.96 26.58
C GLY T 33 -3.98 28.12 27.03
N PHE T 34 -4.21 28.48 28.29
CA PHE T 34 -5.55 28.58 28.84
C PHE T 34 -6.33 29.73 28.22
N LYS T 35 -7.63 29.48 27.99
CA LYS T 35 -8.49 30.43 27.29
C LYS T 35 -9.17 31.37 28.27
N LEU T 36 -9.14 32.66 27.96
CA LEU T 36 -9.87 33.64 28.77
C LEU T 36 -11.35 33.54 28.39
N ALA T 37 -12.20 33.26 29.39
CA ALA T 37 -13.64 33.06 29.16
C ALA T 37 -14.51 34.20 29.68
N ALA T 38 -14.07 34.90 30.71
CA ALA T 38 -14.76 36.06 31.25
C ALA T 38 -13.73 36.92 31.96
N LEU T 39 -13.99 38.24 31.99
CA LEU T 39 -13.08 39.17 32.65
C LEU T 39 -13.85 40.42 33.04
N LYS T 40 -13.67 40.85 34.29
CA LYS T 40 -14.30 42.07 34.79
C LYS T 40 -13.46 42.67 35.91
N LEU T 41 -13.29 44.00 35.88
CA LEU T 41 -12.80 44.74 37.03
C LEU T 41 -14.02 45.18 37.87
N CYS T 42 -14.06 44.73 39.12
CA CYS T 42 -15.27 44.91 39.93
C CYS T 42 -14.94 45.21 41.38
N SER T 43 -15.77 46.07 41.99
CA SER T 43 -15.67 46.41 43.42
C SER T 43 -16.82 45.73 44.16
N PRO T 44 -16.58 44.60 44.79
CA PRO T 44 -17.66 43.85 45.42
C PRO T 44 -17.76 44.16 46.91
N SER T 45 -18.67 43.47 47.60
CA SER T 45 -19.26 43.97 48.83
C SER T 45 -18.94 43.08 50.03
N LYS T 46 -19.24 43.60 51.21
CA LYS T 46 -18.88 42.95 52.47
C LYS T 46 -19.63 41.64 52.68
N GLU T 47 -20.55 41.24 51.81
CA GLU T 47 -20.89 39.82 51.82
C GLU T 47 -20.87 39.14 50.46
N HIS T 48 -20.77 39.87 49.33
CA HIS T 48 -20.29 39.18 48.13
C HIS T 48 -18.92 38.57 48.39
N LEU T 49 -18.10 39.23 49.22
CA LEU T 49 -16.82 38.71 49.66
C LEU T 49 -16.92 37.93 50.96
N GLU T 50 -17.93 38.20 51.80
CA GLU T 50 -18.12 37.32 52.95
C GLU T 50 -18.81 36.02 52.58
N GLN T 51 -19.50 35.97 51.44
CA GLN T 51 -19.99 34.68 50.94
C GLN T 51 -18.98 34.01 50.01
N HIS T 52 -18.02 34.77 49.47
CA HIS T 52 -16.94 34.16 48.69
C HIS T 52 -15.94 33.42 49.58
N TYR T 53 -15.72 33.91 50.79
CA TYR T 53 -14.92 33.22 51.79
C TYR T 53 -15.81 32.66 52.90
N ALA T 54 -16.92 32.06 52.49
CA ALA T 54 -17.90 31.55 53.43
C ALA T 54 -17.32 30.43 54.28
N ASP T 55 -16.50 29.56 53.67
CA ASP T 55 -15.86 28.45 54.38
C ASP T 55 -15.05 28.91 55.59
N LEU T 56 -14.73 30.21 55.69
CA LEU T 56 -13.89 30.74 56.76
C LEU T 56 -14.66 31.74 57.62
N SER T 57 -15.98 31.57 57.76
CA SER T 57 -16.82 32.44 58.62
C SER T 57 -16.59 32.10 60.09
N SER T 58 -15.34 32.30 60.53
CA SER T 58 -14.83 31.53 61.65
C SER T 58 -13.65 32.20 62.35
N LYS T 59 -12.49 32.19 61.69
CA LYS T 59 -11.22 32.43 62.35
C LYS T 59 -10.97 33.93 62.51
N PRO T 60 -10.15 34.33 63.52
CA PRO T 60 -9.77 35.75 63.64
C PRO T 60 -9.27 36.42 62.36
N PHE T 61 -8.68 35.63 61.45
CA PHE T 61 -8.29 36.09 60.12
C PHE T 61 -9.46 36.69 59.34
N PHE T 62 -10.70 36.31 59.69
CA PHE T 62 -11.85 36.61 58.80
C PHE T 62 -12.12 38.09 58.70
N PRO T 63 -12.33 38.86 59.78
CA PRO T 63 -12.61 40.29 59.61
C PRO T 63 -11.55 40.99 58.78
N GLY T 64 -10.28 40.81 59.13
CA GLY T 64 -9.20 41.52 58.45
C GLY T 64 -9.11 41.23 56.96
N LEU T 65 -9.51 40.02 56.56
CA LEU T 65 -9.32 39.62 55.16
C LEU T 65 -10.35 40.26 54.24
N VAL T 66 -11.61 40.37 54.68
CA VAL T 66 -12.61 40.98 53.80
C VAL T 66 -12.47 42.49 53.82
N SER T 67 -12.19 43.08 54.98
CA SER T 67 -11.84 44.50 55.00
C SER T 67 -10.70 44.79 54.02
N TYR T 68 -9.68 43.92 53.99
CA TYR T 68 -8.64 44.04 52.98
C TYR T 68 -9.19 43.81 51.57
N MET T 69 -10.12 42.87 51.40
CA MET T 69 -10.67 42.61 50.07
C MET T 69 -11.64 43.70 49.63
N LEU T 70 -12.13 44.51 50.54
CA LEU T 70 -12.85 45.74 50.19
C LEU T 70 -11.92 46.91 49.92
N SER T 71 -10.63 46.78 50.26
CA SER T 71 -9.70 47.90 50.22
C SER T 71 -9.46 48.44 48.83
N GLY T 72 -9.83 47.72 47.78
CA GLY T 72 -9.70 48.24 46.44
C GLY T 72 -10.23 47.31 45.37
N PRO T 73 -10.36 47.82 44.16
CA PRO T 73 -11.05 47.06 43.10
C PRO T 73 -10.32 45.78 42.71
N ILE T 74 -11.09 44.82 42.21
CA ILE T 74 -10.62 43.46 41.98
C ILE T 74 -10.88 43.09 40.52
N VAL T 75 -9.92 42.35 39.93
CA VAL T 75 -10.07 41.77 38.60
C VAL T 75 -10.54 40.33 38.79
N ALA T 76 -11.70 40.00 38.26
CA ALA T 76 -12.27 38.66 38.35
C ALA T 76 -12.23 38.01 36.97
N MET T 77 -11.88 36.73 36.94
CA MET T 77 -11.56 36.08 35.68
C MET T 77 -12.06 34.65 35.64
N VAL T 78 -12.35 34.18 34.43
CA VAL T 78 -12.63 32.78 34.17
C VAL T 78 -11.64 32.27 33.13
N TRP T 79 -10.80 31.32 33.54
CA TRP T 79 -9.82 30.65 32.68
C TRP T 79 -10.27 29.21 32.45
N GLU T 80 -10.21 28.76 31.20
CA GLU T 80 -10.65 27.40 30.88
C GLU T 80 -9.62 26.65 30.03
N GLY T 81 -9.52 25.36 30.31
CA GLY T 81 -8.61 24.46 29.62
C GLY T 81 -8.46 23.21 30.45
N ARG T 82 -7.73 22.24 29.89
CA ARG T 82 -7.61 20.96 30.58
C ARG T 82 -6.87 21.14 31.90
N GLU T 83 -7.45 20.60 32.97
CA GLU T 83 -6.87 20.62 34.32
C GLU T 83 -6.46 22.03 34.76
N VAL T 84 -7.15 23.06 34.23
CA VAL T 84 -6.82 24.42 34.60
C VAL T 84 -7.12 24.73 36.06
N VAL T 85 -7.88 23.88 36.76
CA VAL T 85 -8.00 24.03 38.22
C VAL T 85 -6.63 23.99 38.88
N LYS T 86 -5.94 22.86 38.74
CA LYS T 86 -4.73 22.61 39.51
C LYS T 86 -3.49 23.20 38.85
N THR T 87 -3.49 23.36 37.53
CA THR T 87 -2.44 24.13 36.88
C THR T 87 -2.47 25.58 37.37
N GLY T 88 -3.65 26.21 37.27
CA GLY T 88 -3.80 27.59 37.75
C GLY T 88 -3.33 27.80 39.17
N ARG T 89 -3.59 26.81 40.05
CA ARG T 89 -3.07 26.88 41.42
C ARG T 89 -1.55 26.83 41.45
N THR T 90 -0.92 26.03 40.59
CA THR T 90 0.53 25.95 40.61
C THR T 90 1.16 27.12 39.86
N ILE T 91 0.45 27.69 38.88
CA ILE T 91 0.86 28.96 38.29
C ILE T 91 0.86 30.07 39.32
N LEU T 92 -0.18 30.13 40.17
CA LEU T 92 -0.20 31.14 41.23
C LEU T 92 0.88 30.87 42.27
N GLY T 93 1.17 29.61 42.55
CA GLY T 93 2.10 29.27 43.61
C GLY T 93 1.42 29.04 44.93
N ALA T 94 2.25 28.74 45.94
CA ALA T 94 1.74 28.45 47.28
C ALA T 94 1.00 29.66 47.85
N THR T 95 0.00 29.39 48.71
CA THR T 95 -0.78 30.49 49.25
C THR T 95 0.07 31.42 50.12
N ASN T 96 1.05 30.86 50.84
CA ASN T 96 2.05 31.69 51.48
C ASN T 96 3.16 32.01 50.47
N PRO T 97 3.34 33.27 50.09
CA PRO T 97 4.38 33.60 49.10
C PRO T 97 5.76 33.14 49.49
N LEU T 98 6.11 33.13 50.78
CA LEU T 98 7.44 32.67 51.15
C LEU T 98 7.65 31.18 50.88
N ALA T 99 6.56 30.42 50.73
CA ALA T 99 6.64 29.02 50.34
C ALA T 99 6.84 28.85 48.84
N SER T 100 6.43 29.84 48.05
CA SER T 100 7.24 30.33 46.94
C SER T 100 7.25 29.55 45.64
N ALA T 101 8.47 29.13 45.25
CA ALA T 101 8.94 28.74 43.93
C ALA T 101 8.96 29.96 43.02
N PRO T 102 10.12 30.57 42.81
CA PRO T 102 10.25 31.56 41.74
C PRO T 102 9.75 30.96 40.43
N GLY T 103 9.23 31.81 39.56
CA GLY T 103 8.54 31.36 38.38
C GLY T 103 7.02 31.30 38.50
N THR T 104 6.49 31.22 39.72
CA THR T 104 5.06 31.35 40.01
C THR T 104 4.69 32.81 40.26
N ILE T 105 3.39 33.10 40.10
CA ILE T 105 2.87 34.46 40.37
C ILE T 105 3.35 34.99 41.71
N ARG T 106 3.15 34.21 42.77
CA ARG T 106 3.50 34.69 44.09
C ARG T 106 4.98 34.52 44.40
N GLY T 107 5.65 33.58 43.73
CA GLY T 107 7.08 33.45 43.93
C GLY T 107 7.87 34.57 43.29
N ASP T 108 7.28 35.25 42.32
CA ASP T 108 7.89 36.40 41.68
C ASP T 108 7.46 37.72 42.28
N PHE T 109 6.27 37.79 42.88
CA PHE T 109 5.64 39.08 43.08
C PHE T 109 5.21 39.39 44.51
N ALA T 110 5.30 38.46 45.45
CA ALA T 110 4.61 38.64 46.73
C ALA T 110 5.43 38.05 47.86
N ILE T 111 5.19 38.55 49.07
CA ILE T 111 5.97 38.23 50.27
C ILE T 111 5.06 37.79 51.40
N ASP T 112 4.08 38.62 51.76
CA ASP T 112 3.22 38.33 52.91
C ASP T 112 2.01 37.53 52.47
N VAL T 113 1.59 36.61 53.35
CA VAL T 113 0.45 35.74 53.04
C VAL T 113 -0.82 36.57 52.81
N GLY T 114 -1.08 37.53 53.70
CA GLY T 114 -2.24 38.39 53.57
C GLY T 114 -2.21 39.32 52.38
N ARG T 115 -1.06 39.42 51.69
CA ARG T 115 -0.91 40.22 50.48
C ARG T 115 -0.44 39.36 49.33
N ASN T 116 -1.00 38.16 49.20
CA ASN T 116 -0.57 37.16 48.22
C ASN T 116 -1.11 37.41 46.82
N VAL T 117 -1.50 38.65 46.52
CA VAL T 117 -1.68 39.13 45.15
C VAL T 117 -2.91 38.54 44.46
N CYS T 118 -3.25 37.30 44.80
CA CYS T 118 -4.06 36.49 43.90
C CYS T 118 -4.94 35.52 44.65
N HIS T 119 -6.16 35.32 44.17
CA HIS T 119 -6.99 34.21 44.62
C HIS T 119 -7.22 33.20 43.51
N GLY T 120 -7.16 31.93 43.87
CA GLY T 120 -7.44 30.85 42.94
C GLY T 120 -8.32 29.79 43.56
N SER T 121 -9.27 29.30 42.78
CA SER T 121 -10.22 28.29 43.25
C SER T 121 -9.51 27.08 43.86
N ASP T 122 -10.09 26.58 44.96
CA ASP T 122 -9.55 25.42 45.67
C ASP T 122 -9.62 24.14 44.84
N SER T 123 -10.70 23.96 44.06
CA SER T 123 -10.96 22.69 43.40
C SER T 123 -11.90 22.93 42.22
N VAL T 124 -12.16 21.86 41.47
CA VAL T 124 -13.04 22.00 40.32
C VAL T 124 -14.44 22.40 40.75
N GLU T 125 -14.88 21.93 41.93
CA GLU T 125 -16.25 22.21 42.38
C GLU T 125 -16.38 23.63 42.91
N ASN T 126 -15.44 24.04 43.77
CA ASN T 126 -15.40 25.43 44.22
C ASN T 126 -15.20 26.39 43.06
N ALA T 127 -14.65 25.93 41.94
CA ALA T 127 -14.49 26.81 40.79
C ALA T 127 -15.84 27.29 40.27
N LYS T 128 -16.73 26.35 39.92
CA LYS T 128 -18.05 26.73 39.41
C LYS T 128 -18.91 27.37 40.49
N LYS T 129 -18.72 26.97 41.76
CA LYS T 129 -19.31 27.68 42.89
C LYS T 129 -18.96 29.16 42.84
N GLU T 130 -17.65 29.47 42.91
CA GLU T 130 -17.22 30.86 42.87
C GLU T 130 -17.55 31.51 41.54
N ILE T 131 -17.52 30.76 40.43
CA ILE T 131 -17.80 31.36 39.13
C ILE T 131 -19.25 31.85 39.08
N ALA T 132 -20.18 31.03 39.57
CA ALA T 132 -21.58 31.45 39.65
C ALA T 132 -21.74 32.60 40.65
N LEU T 133 -21.03 32.55 41.77
CA LEU T 133 -21.10 33.63 42.73
C LEU T 133 -20.54 34.94 42.16
N TRP T 134 -19.39 34.89 41.45
CA TRP T 134 -18.78 36.12 40.96
C TRP T 134 -19.30 36.57 39.59
N PHE T 135 -19.78 35.65 38.75
CA PHE T 135 -20.25 36.01 37.42
C PHE T 135 -21.69 35.57 37.16
N LYS T 136 -22.31 36.18 36.15
CA LYS T 136 -23.58 35.73 35.63
C LYS T 136 -23.38 35.24 34.19
N PRO T 137 -24.09 34.18 33.80
CA PRO T 137 -23.61 33.35 32.67
C PRO T 137 -23.43 34.09 31.34
N GLU T 138 -24.07 35.24 31.15
CA GLU T 138 -23.94 35.95 29.89
C GLU T 138 -22.50 36.42 29.67
N GLU T 139 -21.86 36.85 30.76
CA GLU T 139 -20.49 37.34 30.68
C GLU T 139 -19.55 36.24 30.20
N LEU T 140 -19.70 35.02 30.74
CA LEU T 140 -18.91 33.86 30.37
C LEU T 140 -18.93 33.68 28.86
N GLN T 141 -17.89 34.18 28.20
CA GLN T 141 -17.86 34.18 26.74
C GLN T 141 -17.47 32.80 26.23
N LYS T 142 -18.28 32.24 25.34
CA LYS T 142 -18.08 30.89 24.83
C LYS T 142 -17.64 30.99 23.37
N TYR T 143 -16.41 30.57 23.09
CA TYR T 143 -15.85 30.60 21.75
C TYR T 143 -14.71 29.59 21.72
N LYS T 144 -14.18 29.38 20.52
CA LYS T 144 -13.10 28.41 20.32
C LYS T 144 -11.77 29.14 20.18
N HIS T 145 -10.81 28.78 21.03
CA HIS T 145 -9.44 29.27 20.91
C HIS T 145 -8.92 29.05 19.49
N SER T 146 -8.45 30.11 18.87
CA SER T 146 -7.99 30.05 17.48
C SER T 146 -6.76 29.15 17.28
N GLN T 147 -6.23 28.59 18.37
CA GLN T 147 -5.10 27.69 18.25
C GLN T 147 -5.30 26.48 19.15
N PHE T 148 -6.56 26.10 19.37
CA PHE T 148 -6.94 24.96 20.19
C PHE T 148 -6.27 23.68 19.70
N ASP T 149 -6.14 23.53 18.37
CA ASP T 149 -5.60 22.31 17.80
C ASP T 149 -4.10 22.20 18.03
N TRP T 150 -3.43 23.32 18.30
CA TRP T 150 -2.02 23.33 18.65
C TRP T 150 -1.77 23.29 20.14
N ILE T 151 -2.79 23.59 20.96
CA ILE T 151 -2.66 23.50 22.40
C ILE T 151 -3.06 22.12 22.89
N TYR T 152 -3.98 21.47 22.20
CA TYR T 152 -4.55 20.22 22.66
C TYR T 152 -4.36 19.12 21.64
N GLU T 153 -4.12 17.92 22.14
CA GLU T 153 -4.21 16.72 21.35
C GLU T 153 -5.59 16.09 21.49
N LYS T 154 -6.32 16.44 22.55
CA LYS T 154 -7.62 15.87 22.87
C LYS T 154 -7.55 14.35 22.92
N MET U 3 -39.76 16.01 -51.97
CA MET U 3 -38.55 16.63 -51.45
C MET U 3 -37.51 15.56 -51.12
N SER U 4 -37.88 14.69 -50.18
CA SER U 4 -37.10 13.50 -49.91
C SER U 4 -37.19 12.49 -51.03
N ASP U 5 -38.10 12.67 -51.99
CA ASP U 5 -38.30 11.71 -53.08
C ASP U 5 -37.79 12.21 -54.43
N GLU U 6 -36.94 13.24 -54.45
CA GLU U 6 -36.18 13.55 -55.66
C GLU U 6 -35.47 12.29 -56.13
N GLN U 7 -35.43 12.09 -57.45
CA GLN U 7 -34.80 10.90 -58.03
C GLN U 7 -33.65 11.30 -58.95
N THR U 8 -32.80 10.34 -59.27
CA THR U 8 -31.72 10.63 -60.21
C THR U 8 -31.38 9.38 -60.99
N PHE U 9 -30.81 9.60 -62.17
CA PHE U 9 -30.40 8.54 -63.06
C PHE U 9 -28.90 8.31 -62.92
N ILE U 10 -28.53 7.06 -62.63
CA ILE U 10 -27.13 6.64 -62.56
C ILE U 10 -27.01 5.41 -63.44
N ALA U 11 -26.10 5.44 -64.41
CA ALA U 11 -25.82 4.27 -65.21
C ALA U 11 -24.35 3.87 -65.06
N ILE U 12 -24.11 2.58 -64.93
CA ILE U 12 -22.77 2.04 -64.91
C ILE U 12 -22.38 1.76 -66.36
N LYS U 13 -21.48 2.59 -66.90
CA LYS U 13 -21.03 2.48 -68.29
C LYS U 13 -20.39 1.11 -68.55
N PRO U 14 -20.26 0.72 -69.82
CA PRO U 14 -19.75 -0.63 -70.11
C PRO U 14 -18.39 -0.94 -69.51
N ASP U 15 -17.49 0.06 -69.37
CA ASP U 15 -16.22 -0.25 -68.70
C ASP U 15 -16.45 -0.59 -67.24
N GLY U 16 -17.28 0.20 -66.54
CA GLY U 16 -17.61 -0.12 -65.17
C GLY U 16 -18.14 -1.53 -65.01
N VAL U 17 -18.99 -1.96 -65.94
CA VAL U 17 -19.49 -3.33 -65.85
C VAL U 17 -18.37 -4.31 -66.16
N GLN U 18 -17.59 -4.04 -67.22
CA GLN U 18 -16.56 -5.02 -67.59
C GLN U 18 -15.51 -5.15 -66.52
N ARG U 19 -15.22 -4.06 -65.79
CA ARG U 19 -14.20 -4.08 -64.76
C ARG U 19 -14.74 -4.47 -63.38
N GLY U 20 -15.91 -5.11 -63.32
CA GLY U 20 -16.45 -5.57 -62.05
C GLY U 20 -16.65 -4.49 -61.00
N LEU U 21 -17.17 -3.33 -61.40
CA LEU U 21 -17.42 -2.23 -60.48
C LEU U 21 -18.91 -2.10 -60.10
N VAL U 22 -19.73 -3.10 -60.40
CA VAL U 22 -21.17 -2.94 -60.18
C VAL U 22 -21.47 -2.98 -58.68
N GLY U 23 -20.95 -3.98 -57.99
CA GLY U 23 -21.09 -4.07 -56.55
C GLY U 23 -20.64 -2.79 -55.85
N PRO U 24 -19.40 -2.39 -56.06
CA PRO U 24 -18.91 -1.19 -55.39
C PRO U 24 -19.72 0.06 -55.68
N ILE U 25 -20.22 0.24 -56.90
CA ILE U 25 -20.94 1.46 -57.17
C ILE U 25 -22.28 1.47 -56.42
N ILE U 26 -23.04 0.37 -56.55
CA ILE U 26 -24.33 0.28 -55.85
C ILE U 26 -24.14 0.52 -54.36
N SER U 27 -23.03 0.02 -53.79
CA SER U 27 -22.78 0.16 -52.36
C SER U 27 -22.50 1.59 -51.96
N ARG U 28 -21.78 2.36 -52.81
CA ARG U 28 -21.53 3.74 -52.44
C ARG U 28 -22.84 4.51 -52.25
N PHE U 29 -23.89 4.12 -52.99
CA PHE U 29 -25.18 4.81 -52.92
C PHE U 29 -26.07 4.24 -51.83
N GLU U 30 -26.12 2.90 -51.70
CA GLU U 30 -26.80 2.27 -50.58
C GLU U 30 -26.26 2.81 -49.26
N ASN U 31 -24.93 2.82 -49.08
CA ASN U 31 -24.32 3.21 -47.81
C ASN U 31 -24.65 4.64 -47.45
N ARG U 32 -24.81 5.49 -48.47
CA ARG U 32 -25.10 6.90 -48.26
C ARG U 32 -26.49 7.12 -47.70
N GLY U 33 -27.40 6.16 -47.92
CA GLY U 33 -28.78 6.30 -47.48
C GLY U 33 -29.77 6.46 -48.60
N PHE U 34 -29.31 6.52 -49.85
CA PHE U 34 -30.26 6.64 -50.95
C PHE U 34 -30.95 5.30 -51.18
N LYS U 35 -32.16 5.39 -51.73
CA LYS U 35 -33.02 4.25 -51.98
C LYS U 35 -32.93 3.82 -53.43
N LEU U 36 -32.72 2.53 -53.64
CA LEU U 36 -32.70 1.98 -54.99
C LEU U 36 -34.14 1.86 -55.47
N ALA U 37 -34.48 2.62 -56.51
CA ALA U 37 -35.83 2.72 -57.04
C ALA U 37 -36.02 1.90 -58.30
N ALA U 38 -34.98 1.78 -59.12
CA ALA U 38 -35.02 1.00 -60.34
C ALA U 38 -33.61 0.51 -60.63
N LEU U 39 -33.52 -0.67 -61.24
CA LEU U 39 -32.24 -1.31 -61.53
C LEU U 39 -32.44 -2.29 -62.68
N LYS U 40 -31.62 -2.16 -63.74
CA LYS U 40 -31.57 -3.20 -64.76
C LYS U 40 -30.24 -3.21 -65.48
N LEU U 41 -29.82 -4.41 -65.87
CA LEU U 41 -28.73 -4.59 -66.82
C LEU U 41 -29.33 -4.64 -68.22
N CYS U 42 -28.87 -3.76 -69.10
CA CYS U 42 -29.53 -3.71 -70.40
C CYS U 42 -28.53 -3.31 -71.46
N SER U 43 -28.93 -3.52 -72.73
CA SER U 43 -28.15 -3.15 -73.91
C SER U 43 -29.03 -2.29 -74.78
N PRO U 44 -29.03 -0.98 -74.59
CA PRO U 44 -29.90 -0.11 -75.36
C PRO U 44 -29.52 -0.07 -76.83
N SER U 45 -30.51 0.29 -77.65
CA SER U 45 -30.30 0.51 -79.06
C SER U 45 -29.48 1.77 -79.29
N LYS U 46 -28.95 1.88 -80.52
CA LYS U 46 -28.20 3.07 -80.88
C LYS U 46 -29.08 4.32 -80.86
N GLU U 47 -30.30 4.20 -81.39
CA GLU U 47 -31.24 5.30 -81.32
C GLU U 47 -31.46 5.76 -79.88
N HIS U 48 -31.64 4.79 -78.97
CA HIS U 48 -31.80 5.10 -77.55
C HIS U 48 -30.62 5.92 -77.04
N LEU U 49 -29.39 5.42 -77.25
CA LEU U 49 -28.21 6.12 -76.78
C LEU U 49 -28.06 7.48 -77.45
N GLU U 50 -28.50 7.59 -78.70
CA GLU U 50 -28.42 8.88 -79.39
C GLU U 50 -29.41 9.89 -78.83
N GLN U 51 -30.58 9.42 -78.38
CA GLN U 51 -31.48 10.31 -77.67
C GLN U 51 -31.03 10.59 -76.25
N HIS U 52 -30.36 9.63 -75.60
CA HIS U 52 -29.78 9.91 -74.29
C HIS U 52 -28.75 11.02 -74.35
N TYR U 53 -28.04 11.14 -75.47
CA TYR U 53 -27.02 12.17 -75.62
C TYR U 53 -27.44 13.23 -76.62
N ALA U 54 -28.75 13.41 -76.79
CA ALA U 54 -29.28 14.20 -77.89
C ALA U 54 -28.83 15.66 -77.83
N ASP U 55 -28.50 16.17 -76.65
CA ASP U 55 -28.03 17.54 -76.53
C ASP U 55 -26.54 17.65 -76.73
N LEU U 56 -25.93 16.63 -77.33
CA LEU U 56 -24.55 16.67 -77.78
C LEU U 56 -24.46 16.23 -79.25
N SER U 57 -25.51 16.50 -80.03
CA SER U 57 -25.48 16.29 -81.47
C SER U 57 -24.26 16.95 -82.09
N SER U 58 -24.13 18.26 -81.84
CA SER U 58 -23.11 19.10 -82.45
C SER U 58 -21.69 18.73 -82.06
N LYS U 59 -21.50 17.86 -81.07
CA LYS U 59 -20.11 17.86 -80.65
C LYS U 59 -19.32 16.75 -81.33
N PRO U 60 -18.02 17.01 -81.55
CA PRO U 60 -17.19 16.05 -82.33
C PRO U 60 -17.14 14.65 -81.75
N PHE U 61 -17.10 14.49 -80.43
CA PHE U 61 -16.97 13.17 -79.82
C PHE U 61 -18.28 12.40 -79.79
N PHE U 62 -19.40 13.02 -80.17
CA PHE U 62 -20.71 12.38 -80.11
C PHE U 62 -20.76 11.00 -80.76
N PRO U 63 -20.24 10.76 -81.97
CA PRO U 63 -20.42 9.43 -82.56
C PRO U 63 -19.56 8.38 -81.88
N GLY U 64 -18.36 8.74 -81.44
CA GLY U 64 -17.55 7.79 -80.70
C GLY U 64 -18.21 7.42 -79.38
N LEU U 65 -18.71 8.44 -78.67
CA LEU U 65 -19.38 8.21 -77.39
C LEU U 65 -20.51 7.19 -77.53
N VAL U 66 -21.34 7.33 -78.57
CA VAL U 66 -22.44 6.39 -78.81
C VAL U 66 -21.90 5.00 -79.15
N SER U 67 -20.81 4.92 -79.91
CA SER U 67 -20.23 3.60 -80.21
C SER U 67 -19.71 2.94 -78.94
N TYR U 68 -18.96 3.69 -78.13
CA TYR U 68 -18.43 3.14 -76.88
C TYR U 68 -19.54 2.71 -75.93
N MET U 69 -20.68 3.41 -75.94
CA MET U 69 -21.77 2.96 -75.05
C MET U 69 -22.43 1.71 -75.58
N LEU U 70 -22.31 1.44 -76.88
CA LEU U 70 -22.76 0.18 -77.46
C LEU U 70 -21.79 -0.95 -77.21
N SER U 71 -20.59 -0.63 -76.76
CA SER U 71 -19.51 -1.60 -76.58
C SER U 71 -19.86 -2.75 -75.62
N GLY U 72 -20.92 -2.65 -74.81
CA GLY U 72 -21.30 -3.72 -73.92
C GLY U 72 -22.50 -3.36 -73.05
N PRO U 73 -22.91 -4.28 -72.17
CA PRO U 73 -24.11 -4.03 -71.36
C PRO U 73 -23.91 -2.92 -70.33
N ILE U 74 -24.99 -2.18 -70.09
CA ILE U 74 -25.02 -1.08 -69.12
C ILE U 74 -25.94 -1.46 -67.97
N VAL U 75 -25.57 -1.05 -66.75
CA VAL U 75 -26.45 -1.15 -65.59
C VAL U 75 -27.07 0.21 -65.37
N ALA U 76 -28.39 0.30 -65.50
CA ALA U 76 -29.10 1.56 -65.34
C ALA U 76 -29.86 1.56 -64.02
N MET U 77 -29.77 2.67 -63.30
CA MET U 77 -30.30 2.78 -61.95
C MET U 77 -31.06 4.09 -61.80
N VAL U 78 -32.04 4.07 -60.92
CA VAL U 78 -32.67 5.28 -60.39
C VAL U 78 -32.45 5.24 -58.89
N TRP U 79 -32.00 6.35 -58.33
CA TRP U 79 -31.74 6.48 -56.91
C TRP U 79 -32.57 7.64 -56.37
N GLU U 80 -33.21 7.42 -55.21
CA GLU U 80 -34.14 8.39 -54.65
C GLU U 80 -33.67 8.90 -53.31
N GLY U 81 -33.63 10.22 -53.15
CA GLY U 81 -33.40 10.80 -51.84
C GLY U 81 -33.37 12.31 -51.91
N ARG U 82 -33.16 12.92 -50.75
CA ARG U 82 -33.13 14.37 -50.65
C ARG U 82 -31.88 14.88 -51.34
N GLU U 83 -32.08 15.66 -52.41
CA GLU U 83 -30.97 16.25 -53.18
C GLU U 83 -30.07 15.17 -53.78
N VAL U 84 -30.66 14.07 -54.21
CA VAL U 84 -29.89 12.93 -54.69
C VAL U 84 -29.18 13.24 -56.01
N VAL U 85 -29.82 13.98 -56.94
CA VAL U 85 -29.13 14.20 -58.23
C VAL U 85 -27.85 14.98 -58.01
N LYS U 86 -27.88 15.99 -57.16
CA LYS U 86 -26.67 16.75 -56.88
C LYS U 86 -25.68 15.95 -56.04
N THR U 87 -26.18 15.23 -55.02
CA THR U 87 -25.28 14.41 -54.21
C THR U 87 -24.73 13.25 -55.02
N GLY U 88 -25.58 12.59 -55.81
CA GLY U 88 -25.09 11.53 -56.67
C GLY U 88 -24.01 12.04 -57.59
N ARG U 89 -24.13 13.29 -58.02
CA ARG U 89 -23.11 13.90 -58.85
C ARG U 89 -21.80 14.08 -58.09
N THR U 90 -21.88 14.55 -56.84
CA THR U 90 -20.69 14.66 -56.01
C THR U 90 -20.08 13.30 -55.72
N ILE U 91 -20.90 12.25 -55.75
CA ILE U 91 -20.42 10.89 -55.50
C ILE U 91 -19.72 10.34 -56.73
N LEU U 92 -20.22 10.65 -57.92
CA LEU U 92 -19.54 10.19 -59.12
C LEU U 92 -18.16 10.85 -59.25
N GLY U 93 -18.03 12.10 -58.80
CA GLY U 93 -16.81 12.85 -58.96
C GLY U 93 -16.83 13.57 -60.29
N ALA U 94 -15.74 14.29 -60.55
CA ALA U 94 -15.69 15.15 -61.73
C ALA U 94 -15.78 14.32 -63.01
N THR U 95 -16.27 14.96 -64.08
CA THR U 95 -16.42 14.27 -65.36
C THR U 95 -15.09 13.73 -65.84
N ASN U 96 -14.06 14.58 -65.83
CA ASN U 96 -12.72 14.08 -66.07
C ASN U 96 -12.23 13.39 -64.80
N PRO U 97 -12.01 12.07 -64.83
CA PRO U 97 -11.52 11.39 -63.62
C PRO U 97 -10.28 12.03 -63.02
N LEU U 98 -9.40 12.61 -63.83
CA LEU U 98 -8.19 13.21 -63.29
C LEU U 98 -8.45 14.52 -62.60
N ALA U 99 -9.68 15.05 -62.68
CA ALA U 99 -10.12 16.18 -61.90
C ALA U 99 -10.87 15.79 -60.62
N SER U 100 -11.12 14.48 -60.40
CA SER U 100 -12.04 14.01 -59.38
C SER U 100 -11.28 13.58 -58.12
N ALA U 101 -11.86 13.91 -56.97
CA ALA U 101 -11.19 13.58 -55.71
C ALA U 101 -11.24 12.09 -55.48
N PRO U 102 -10.17 11.48 -54.98
CA PRO U 102 -10.28 10.14 -54.42
C PRO U 102 -11.38 10.12 -53.37
N GLY U 103 -12.05 8.99 -53.23
CA GLY U 103 -13.24 8.91 -52.41
C GLY U 103 -14.52 9.07 -53.18
N THR U 104 -14.46 9.65 -54.38
CA THR U 104 -15.54 9.55 -55.36
C THR U 104 -15.35 8.31 -56.23
N ILE U 105 -16.39 7.97 -57.00
CA ILE U 105 -16.33 6.75 -57.81
C ILE U 105 -15.21 6.85 -58.84
N ARG U 106 -15.18 7.94 -59.59
CA ARG U 106 -14.16 8.07 -60.61
C ARG U 106 -12.81 8.36 -60.00
N GLY U 107 -12.79 9.06 -58.85
CA GLY U 107 -11.57 9.28 -58.12
C GLY U 107 -10.93 8.01 -57.63
N ASP U 108 -11.70 6.92 -57.50
CA ASP U 108 -11.13 5.66 -57.07
C ASP U 108 -10.93 4.68 -58.22
N PHE U 109 -11.66 4.82 -59.34
CA PHE U 109 -11.67 3.75 -60.35
C PHE U 109 -11.43 4.18 -61.80
N ALA U 110 -11.29 5.47 -62.11
CA ALA U 110 -11.25 5.88 -63.51
C ALA U 110 -10.06 6.79 -63.79
N ILE U 111 -9.67 6.81 -65.07
CA ILE U 111 -8.56 7.63 -65.58
C ILE U 111 -9.04 8.43 -66.79
N ASP U 112 -9.56 7.76 -67.82
CA ASP U 112 -9.85 8.43 -69.09
C ASP U 112 -11.29 8.94 -69.12
N VAL U 113 -11.45 10.21 -69.48
CA VAL U 113 -12.75 10.85 -69.64
C VAL U 113 -13.70 9.96 -70.43
N GLY U 114 -13.19 9.30 -71.47
CA GLY U 114 -13.97 8.39 -72.28
C GLY U 114 -14.10 7.00 -71.75
N ARG U 115 -13.50 6.72 -70.60
CA ARG U 115 -13.72 5.50 -69.84
C ARG U 115 -14.00 5.84 -68.38
N ASN U 116 -14.93 6.77 -68.14
CA ASN U 116 -15.11 7.27 -66.79
C ASN U 116 -16.19 6.50 -66.01
N VAL U 117 -16.47 5.25 -66.40
CA VAL U 117 -17.13 4.23 -65.58
C VAL U 117 -18.61 4.49 -65.35
N CYS U 118 -18.96 5.73 -65.05
CA CYS U 118 -20.31 6.05 -64.59
C CYS U 118 -20.92 7.18 -65.39
N HIS U 119 -22.25 7.19 -65.44
CA HIS U 119 -22.99 8.35 -65.94
C HIS U 119 -24.04 8.77 -64.92
N GLY U 120 -24.11 10.06 -64.66
CA GLY U 120 -25.14 10.62 -63.81
C GLY U 120 -25.76 11.82 -64.48
N SER U 121 -27.02 12.09 -64.13
CA SER U 121 -27.70 13.24 -64.71
C SER U 121 -27.02 14.54 -64.30
N ASP U 122 -27.35 15.60 -65.04
CA ASP U 122 -26.72 16.89 -64.83
C ASP U 122 -27.59 17.86 -64.03
N SER U 123 -28.82 17.48 -63.71
CA SER U 123 -29.81 18.39 -63.14
C SER U 123 -31.01 17.57 -62.75
N VAL U 124 -31.84 18.11 -61.84
CA VAL U 124 -33.06 17.40 -61.50
C VAL U 124 -33.92 17.19 -62.75
N GLU U 125 -34.04 18.24 -63.57
CA GLU U 125 -34.92 18.14 -64.74
C GLU U 125 -34.32 17.20 -65.79
N ASN U 126 -33.01 17.30 -66.01
CA ASN U 126 -32.33 16.33 -66.86
C ASN U 126 -32.53 14.92 -66.33
N ALA U 127 -32.45 14.74 -65.01
CA ALA U 127 -32.65 13.43 -64.40
C ALA U 127 -34.04 12.88 -64.74
N LYS U 128 -35.08 13.72 -64.67
CA LYS U 128 -36.44 13.28 -65.01
C LYS U 128 -36.50 12.75 -66.44
N LYS U 129 -35.93 13.47 -67.39
CA LYS U 129 -35.88 13.00 -68.78
C LYS U 129 -35.22 11.64 -68.87
N GLU U 130 -34.02 11.51 -68.27
CA GLU U 130 -33.27 10.27 -68.36
C GLU U 130 -34.00 9.13 -67.67
N ILE U 131 -34.59 9.40 -66.50
CA ILE U 131 -35.37 8.34 -65.82
C ILE U 131 -36.44 7.80 -66.76
N ALA U 132 -37.19 8.71 -67.39
CA ALA U 132 -38.30 8.28 -68.26
C ALA U 132 -37.78 7.59 -69.51
N LEU U 133 -36.69 8.11 -70.09
CA LEU U 133 -36.13 7.50 -71.29
C LEU U 133 -35.73 6.05 -71.06
N TRP U 134 -35.12 5.75 -69.90
CA TRP U 134 -34.57 4.42 -69.66
C TRP U 134 -35.52 3.47 -68.94
N PHE U 135 -36.54 3.99 -68.23
CA PHE U 135 -37.45 3.13 -67.50
C PHE U 135 -38.91 3.47 -67.82
N LYS U 136 -39.73 2.45 -67.86
CA LYS U 136 -41.17 2.62 -67.86
C LYS U 136 -41.64 2.94 -66.45
N PRO U 137 -42.76 3.62 -66.31
CA PRO U 137 -43.35 3.80 -64.97
C PRO U 137 -43.44 2.51 -64.15
N GLU U 138 -43.81 1.39 -64.76
CA GLU U 138 -43.93 0.14 -64.02
C GLU U 138 -42.59 -0.37 -63.48
N GLU U 139 -41.48 0.12 -64.01
CA GLU U 139 -40.17 -0.33 -63.53
C GLU U 139 -39.70 0.44 -62.30
N LEU U 140 -40.22 1.64 -62.07
CA LEU U 140 -39.88 2.39 -60.87
C LEU U 140 -40.60 1.78 -59.68
N GLN U 141 -39.85 1.27 -58.71
CA GLN U 141 -40.44 0.60 -57.57
C GLN U 141 -40.79 1.62 -56.51
N LYS U 142 -42.00 1.50 -55.97
CA LYS U 142 -42.51 2.49 -55.03
C LYS U 142 -42.65 1.77 -53.69
N TYR U 143 -41.82 2.16 -52.74
CA TYR U 143 -41.79 1.53 -51.42
C TYR U 143 -41.07 2.45 -50.47
N LYS U 144 -41.27 2.22 -49.18
CA LYS U 144 -40.65 3.05 -48.18
C LYS U 144 -39.35 2.40 -47.73
N HIS U 145 -38.30 3.21 -47.64
CA HIS U 145 -37.02 2.72 -47.15
C HIS U 145 -37.16 2.34 -45.68
N SER U 146 -36.85 1.08 -45.35
CA SER U 146 -36.95 0.58 -43.97
C SER U 146 -36.30 1.50 -42.94
N GLN U 147 -35.37 2.36 -43.34
CA GLN U 147 -34.60 3.22 -42.44
C GLN U 147 -34.97 4.68 -42.60
N PHE U 148 -36.10 4.99 -43.25
CA PHE U 148 -36.40 6.37 -43.63
C PHE U 148 -36.25 7.34 -42.48
N ASP U 149 -36.83 7.01 -41.32
CA ASP U 149 -36.87 7.96 -40.22
C ASP U 149 -35.53 8.12 -39.51
N TRP U 150 -34.58 7.20 -39.74
CA TRP U 150 -33.22 7.37 -39.26
C TRP U 150 -32.32 8.10 -40.24
N ILE U 151 -32.64 8.07 -41.54
CA ILE U 151 -31.88 8.81 -42.54
C ILE U 151 -32.38 10.25 -42.66
N TYR U 152 -33.69 10.46 -42.56
CA TYR U 152 -34.28 11.78 -42.77
C TYR U 152 -34.95 12.26 -41.49
N GLU U 153 -34.77 13.53 -41.20
CA GLU U 153 -35.57 14.22 -40.21
C GLU U 153 -36.89 14.72 -40.78
N LYS U 154 -37.05 14.68 -42.11
CA LYS U 154 -38.08 15.38 -42.88
C LYS U 154 -38.09 16.88 -42.61
N ASP V 5 -21.77 -20.66 -71.05
CA ASP V 5 -21.57 -21.48 -69.87
C ASP V 5 -22.85 -21.51 -69.02
N GLU V 6 -22.88 -22.45 -68.08
CA GLU V 6 -23.92 -22.62 -67.08
C GLU V 6 -24.44 -21.29 -66.55
N GLN V 7 -25.75 -21.21 -66.34
CA GLN V 7 -26.38 -20.03 -65.76
C GLN V 7 -27.06 -20.41 -64.45
N THR V 8 -27.15 -19.45 -63.54
CA THR V 8 -27.84 -19.61 -62.28
C THR V 8 -28.73 -18.41 -62.02
N PHE V 9 -29.75 -18.61 -61.19
CA PHE V 9 -30.66 -17.54 -60.82
C PHE V 9 -30.47 -17.24 -59.34
N ILE V 10 -30.22 -15.96 -59.04
CA ILE V 10 -30.04 -15.48 -57.69
C ILE V 10 -30.98 -14.30 -57.52
N ALA V 11 -31.79 -14.34 -56.48
CA ALA V 11 -32.69 -13.24 -56.17
C ALA V 11 -32.27 -12.70 -54.82
N ILE V 12 -32.19 -11.39 -54.71
CA ILE V 12 -31.96 -10.75 -53.42
C ILE V 12 -33.33 -10.50 -52.82
N LYS V 13 -33.60 -11.15 -51.70
CA LYS V 13 -34.93 -11.13 -51.12
C LYS V 13 -35.23 -9.74 -50.54
N PRO V 14 -36.49 -9.45 -50.24
CA PRO V 14 -36.84 -8.08 -49.81
C PRO V 14 -36.07 -7.60 -48.61
N ASP V 15 -35.72 -8.50 -47.69
CA ASP V 15 -34.90 -8.12 -46.55
C ASP V 15 -33.47 -7.80 -46.98
N GLY V 16 -32.92 -8.54 -47.94
CA GLY V 16 -31.61 -8.21 -48.47
C GLY V 16 -31.59 -6.82 -49.08
N VAL V 17 -32.60 -6.48 -49.89
CA VAL V 17 -32.72 -5.13 -50.46
C VAL V 17 -32.83 -4.10 -49.36
N GLN V 18 -33.79 -4.30 -48.44
CA GLN V 18 -34.11 -3.29 -47.44
C GLN V 18 -32.99 -3.11 -46.43
N ARG V 19 -32.12 -4.10 -46.26
CA ARG V 19 -30.98 -3.96 -45.38
C ARG V 19 -29.75 -3.43 -46.11
N GLY V 20 -29.87 -3.02 -47.37
CA GLY V 20 -28.72 -2.41 -48.04
C GLY V 20 -27.66 -3.40 -48.46
N LEU V 21 -28.06 -4.61 -48.83
CA LEU V 21 -27.09 -5.66 -49.09
C LEU V 21 -26.88 -5.94 -50.57
N VAL V 22 -27.44 -5.10 -51.45
CA VAL V 22 -27.35 -5.39 -52.89
C VAL V 22 -25.90 -5.30 -53.36
N GLY V 23 -25.25 -4.18 -53.09
CA GLY V 23 -23.88 -3.98 -53.47
C GLY V 23 -22.98 -5.13 -53.04
N PRO V 24 -22.94 -5.42 -51.73
CA PRO V 24 -22.02 -6.46 -51.26
C PRO V 24 -22.33 -7.83 -51.82
N ILE V 25 -23.61 -8.17 -51.99
CA ILE V 25 -23.95 -9.48 -52.54
C ILE V 25 -23.46 -9.58 -53.97
N ILE V 26 -23.61 -8.51 -54.74
CA ILE V 26 -23.19 -8.53 -56.12
C ILE V 26 -21.67 -8.61 -56.21
N SER V 27 -20.98 -7.83 -55.37
CA SER V 27 -19.52 -7.88 -55.33
C SER V 27 -19.03 -9.30 -55.11
N ARG V 28 -19.78 -10.09 -54.35
CA ARG V 28 -19.27 -11.42 -54.04
C ARG V 28 -19.29 -12.34 -55.24
N PHE V 29 -20.22 -12.14 -56.17
CA PHE V 29 -20.21 -12.93 -57.39
C PHE V 29 -19.25 -12.36 -58.43
N GLU V 30 -19.24 -11.04 -58.61
CA GLU V 30 -18.26 -10.38 -59.49
C GLU V 30 -16.84 -10.81 -59.15
N ASN V 31 -16.48 -10.71 -57.86
CA ASN V 31 -15.11 -10.95 -57.41
C ASN V 31 -14.68 -12.38 -57.65
N ARG V 32 -15.63 -13.33 -57.61
CA ARG V 32 -15.30 -14.72 -57.89
C ARG V 32 -14.86 -14.91 -59.34
N GLY V 33 -15.37 -14.09 -60.26
CA GLY V 33 -15.11 -14.22 -61.68
C GLY V 33 -16.34 -14.48 -62.52
N PHE V 34 -17.53 -14.48 -61.95
CA PHE V 34 -18.71 -14.83 -62.73
C PHE V 34 -19.20 -13.61 -63.50
N LYS V 35 -20.07 -13.89 -64.48
CA LYS V 35 -20.53 -12.86 -65.40
C LYS V 35 -21.97 -12.50 -65.06
N LEU V 36 -22.20 -11.21 -64.79
CA LEU V 36 -23.55 -10.69 -64.59
C LEU V 36 -24.28 -10.76 -65.93
N ALA V 37 -25.19 -11.74 -66.06
CA ALA V 37 -25.91 -11.94 -67.32
C ALA V 37 -27.23 -11.16 -67.36
N ALA V 38 -28.00 -11.20 -66.27
CA ALA V 38 -29.24 -10.43 -66.14
C ALA V 38 -29.33 -9.79 -64.76
N LEU V 39 -29.95 -8.61 -64.70
CA LEU V 39 -30.11 -7.93 -63.42
C LEU V 39 -31.34 -7.03 -63.49
N LYS V 40 -32.23 -7.16 -62.50
CA LYS V 40 -33.36 -6.23 -62.39
C LYS V 40 -33.90 -6.20 -60.95
N LEU V 41 -34.18 -4.98 -60.50
CA LEU V 41 -34.99 -4.75 -59.30
C LEU V 41 -36.46 -4.80 -59.70
N CYS V 42 -37.19 -5.76 -59.15
CA CYS V 42 -38.59 -5.89 -59.50
C CYS V 42 -39.42 -6.13 -58.25
N SER V 43 -40.75 -6.06 -58.39
CA SER V 43 -41.67 -6.51 -57.34
C SER V 43 -42.73 -7.38 -58.00
N PRO V 44 -42.54 -8.68 -58.04
CA PRO V 44 -43.44 -9.52 -58.83
C PRO V 44 -44.79 -9.66 -58.14
N SER V 45 -45.79 -9.95 -58.96
CA SER V 45 -47.16 -10.17 -58.49
C SER V 45 -47.24 -11.42 -57.60
N LYS V 46 -48.39 -11.53 -56.90
CA LYS V 46 -48.63 -12.70 -56.06
C LYS V 46 -48.48 -13.99 -56.85
N GLU V 47 -49.05 -14.04 -58.05
CA GLU V 47 -49.08 -15.29 -58.79
C GLU V 47 -47.68 -15.67 -59.26
N HIS V 48 -46.88 -14.66 -59.61
CA HIS V 48 -45.50 -14.89 -60.01
C HIS V 48 -44.73 -15.63 -58.93
N LEU V 49 -44.76 -15.10 -57.71
CA LEU V 49 -44.05 -15.75 -56.61
C LEU V 49 -44.62 -17.13 -56.33
N GLU V 50 -45.95 -17.25 -56.37
CA GLU V 50 -46.57 -18.56 -56.15
C GLU V 50 -46.10 -19.57 -57.19
N GLN V 51 -45.99 -19.15 -58.44
CA GLN V 51 -45.46 -20.04 -59.47
C GLN V 51 -43.95 -20.27 -59.31
N HIS V 52 -43.21 -19.29 -58.80
CA HIS V 52 -41.81 -19.54 -58.48
C HIS V 52 -41.68 -20.56 -57.38
N TYR V 53 -42.58 -20.51 -56.38
CA TYR V 53 -42.62 -21.47 -55.30
C TYR V 53 -43.70 -22.53 -55.50
N ALA V 54 -44.06 -22.80 -56.77
CA ALA V 54 -45.17 -23.71 -57.06
C ALA V 54 -45.00 -25.05 -56.36
N ASP V 55 -43.78 -25.61 -56.44
CA ASP V 55 -43.48 -26.89 -55.79
C ASP V 55 -43.84 -26.89 -54.31
N LEU V 56 -43.94 -25.71 -53.68
CA LEU V 56 -44.20 -25.60 -52.25
C LEU V 56 -45.63 -25.21 -51.91
N SER V 57 -46.49 -25.03 -52.91
CA SER V 57 -47.80 -24.39 -52.72
C SER V 57 -48.73 -25.14 -51.76
N SER V 58 -48.53 -26.44 -51.56
CA SER V 58 -49.40 -27.17 -50.64
C SER V 58 -48.85 -27.23 -49.23
N LYS V 59 -47.54 -27.09 -49.03
CA LYS V 59 -46.89 -27.11 -47.72
C LYS V 59 -47.42 -25.97 -46.84
N PRO V 60 -47.18 -25.98 -45.52
CA PRO V 60 -47.64 -24.85 -44.70
C PRO V 60 -46.82 -23.61 -45.02
N PHE V 61 -46.93 -22.55 -44.23
CA PHE V 61 -46.10 -21.35 -44.38
C PHE V 61 -46.07 -20.76 -45.80
N PHE V 62 -46.30 -21.58 -46.83
CA PHE V 62 -46.32 -21.11 -48.22
C PHE V 62 -47.03 -19.76 -48.38
N PRO V 63 -48.25 -19.55 -47.87
CA PRO V 63 -48.83 -18.20 -47.98
C PRO V 63 -48.04 -17.13 -47.26
N GLY V 64 -47.35 -17.47 -46.17
CA GLY V 64 -46.56 -16.49 -45.44
C GLY V 64 -45.27 -16.20 -46.19
N LEU V 65 -44.66 -17.24 -46.73
CA LEU V 65 -43.51 -17.05 -47.59
C LEU V 65 -43.86 -16.17 -48.78
N VAL V 66 -45.02 -16.40 -49.38
CA VAL V 66 -45.46 -15.54 -50.48
C VAL V 66 -45.68 -14.12 -49.98
N SER V 67 -46.37 -13.98 -48.84
CA SER V 67 -46.69 -12.64 -48.34
C SER V 67 -45.42 -11.87 -47.97
N TYR V 68 -44.44 -12.53 -47.36
CA TYR V 68 -43.20 -11.85 -47.01
C TYR V 68 -42.40 -11.50 -48.27
N MET V 69 -42.36 -12.40 -49.25
CA MET V 69 -41.71 -12.14 -50.53
C MET V 69 -42.40 -11.04 -51.33
N LEU V 70 -43.63 -10.69 -50.96
CA LEU V 70 -44.32 -9.51 -51.47
C LEU V 70 -44.06 -8.26 -50.66
N SER V 71 -43.42 -8.38 -49.49
CA SER V 71 -43.30 -7.24 -48.59
C SER V 71 -42.39 -6.12 -49.12
N GLY V 72 -41.56 -6.39 -50.12
CA GLY V 72 -40.75 -5.35 -50.73
C GLY V 72 -40.10 -5.78 -52.02
N PRO V 73 -39.43 -4.84 -52.71
CA PRO V 73 -38.83 -5.17 -54.01
C PRO V 73 -37.75 -6.24 -53.90
N ILE V 74 -37.51 -6.91 -55.03
CA ILE V 74 -36.56 -8.01 -55.15
C ILE V 74 -35.59 -7.71 -56.29
N VAL V 75 -34.32 -8.07 -56.11
CA VAL V 75 -33.31 -7.95 -57.15
C VAL V 75 -33.10 -9.33 -57.75
N ALA V 76 -33.44 -9.51 -59.02
CA ALA V 76 -33.26 -10.78 -59.69
C ALA V 76 -32.00 -10.74 -60.55
N MET V 77 -31.26 -11.85 -60.55
CA MET V 77 -29.99 -11.88 -61.27
C MET V 77 -29.78 -13.22 -61.94
N VAL V 78 -29.12 -13.18 -63.09
CA VAL V 78 -28.52 -14.36 -63.69
C VAL V 78 -27.01 -14.15 -63.67
N TRP V 79 -26.31 -15.09 -63.03
CA TRP V 79 -24.85 -15.19 -63.08
C TRP V 79 -24.44 -16.37 -63.94
N GLU V 80 -23.45 -16.13 -64.79
CA GLU V 80 -22.95 -17.07 -65.78
C GLU V 80 -21.50 -17.43 -65.47
N GLY V 81 -21.14 -18.68 -65.71
CA GLY V 81 -19.80 -19.14 -65.44
C GLY V 81 -19.78 -20.63 -65.22
N ARG V 82 -18.56 -21.18 -65.23
CA ARG V 82 -18.40 -22.62 -65.06
C ARG V 82 -18.79 -23.02 -63.65
N GLU V 83 -19.74 -23.95 -63.53
CA GLU V 83 -20.20 -24.46 -62.23
C GLU V 83 -20.86 -23.35 -61.41
N VAL V 84 -21.53 -22.42 -62.07
CA VAL V 84 -22.01 -21.24 -61.36
C VAL V 84 -23.17 -21.58 -60.44
N VAL V 85 -23.99 -22.58 -60.79
CA VAL V 85 -25.12 -22.95 -59.92
C VAL V 85 -24.60 -23.52 -58.61
N LYS V 86 -23.73 -24.53 -58.69
CA LYS V 86 -23.22 -25.16 -57.47
C LYS V 86 -22.40 -24.18 -56.64
N THR V 87 -21.55 -23.39 -57.28
CA THR V 87 -20.69 -22.46 -56.55
C THR V 87 -21.51 -21.33 -55.94
N GLY V 88 -22.48 -20.80 -56.68
CA GLY V 88 -23.45 -19.88 -56.09
C GLY V 88 -24.12 -20.43 -54.84
N ARG V 89 -24.32 -21.75 -54.78
CA ARG V 89 -24.84 -22.36 -53.56
C ARG V 89 -23.83 -22.29 -52.43
N THR V 90 -22.53 -22.52 -52.71
CA THR V 90 -21.52 -22.41 -51.68
C THR V 90 -21.28 -20.95 -51.30
N ILE V 91 -21.53 -20.03 -52.25
CA ILE V 91 -21.36 -18.61 -51.98
C ILE V 91 -22.45 -18.12 -51.02
N LEU V 92 -23.72 -18.40 -51.33
CA LEU V 92 -24.81 -17.96 -50.46
C LEU V 92 -24.66 -18.52 -49.06
N GLY V 93 -24.26 -19.79 -48.96
CA GLY V 93 -24.19 -20.49 -47.69
C GLY V 93 -25.39 -21.38 -47.48
N ALA V 94 -25.43 -21.99 -46.30
CA ALA V 94 -26.54 -22.86 -45.91
C ALA V 94 -27.83 -22.06 -45.83
N THR V 95 -28.95 -22.73 -46.11
CA THR V 95 -30.21 -22.01 -46.20
C THR V 95 -30.58 -21.40 -44.85
N ASN V 96 -30.30 -22.12 -43.77
CA ASN V 96 -30.34 -21.57 -42.43
C ASN V 96 -29.05 -20.82 -42.16
N PRO V 97 -29.10 -19.48 -42.07
CA PRO V 97 -27.88 -18.71 -41.78
C PRO V 97 -27.14 -19.20 -40.56
N LEU V 98 -27.84 -19.69 -39.54
CA LEU V 98 -27.15 -20.16 -38.34
C LEU V 98 -26.29 -21.39 -38.63
N ALA V 99 -26.61 -22.16 -39.65
CA ALA V 99 -25.74 -23.24 -40.08
C ALA V 99 -24.71 -22.78 -41.09
N SER V 100 -24.70 -21.51 -41.45
CA SER V 100 -23.79 -21.02 -42.47
C SER V 100 -22.44 -20.64 -41.89
N ALA V 101 -21.47 -20.52 -42.76
CA ALA V 101 -20.15 -20.18 -42.26
C ALA V 101 -19.83 -18.73 -42.57
N PRO V 102 -19.11 -18.04 -41.69
CA PRO V 102 -18.56 -16.74 -42.04
C PRO V 102 -17.75 -16.88 -43.32
N GLY V 103 -17.86 -15.87 -44.19
CA GLY V 103 -17.32 -15.91 -45.52
C GLY V 103 -18.38 -16.06 -46.59
N THR V 104 -19.47 -16.74 -46.27
CA THR V 104 -20.63 -16.80 -47.13
C THR V 104 -21.55 -15.60 -46.88
N ILE V 105 -22.45 -15.36 -47.84
CA ILE V 105 -23.37 -14.23 -47.72
C ILE V 105 -24.24 -14.35 -46.48
N ARG V 106 -24.87 -15.53 -46.28
CA ARG V 106 -25.78 -15.70 -45.16
C ARG V 106 -25.05 -15.83 -43.83
N GLY V 107 -23.84 -16.41 -43.83
CA GLY V 107 -23.08 -16.48 -42.60
C GLY V 107 -22.44 -15.16 -42.21
N ASP V 108 -22.44 -14.20 -43.14
CA ASP V 108 -21.92 -12.88 -42.88
C ASP V 108 -23.00 -11.88 -42.52
N PHE V 109 -24.24 -12.16 -42.92
CA PHE V 109 -25.26 -11.11 -42.98
C PHE V 109 -26.62 -11.51 -42.42
N ALA V 110 -26.95 -12.79 -42.22
CA ALA V 110 -28.30 -13.19 -41.85
C ALA V 110 -28.32 -14.13 -40.64
N ILE V 111 -29.50 -14.24 -40.02
CA ILE V 111 -29.67 -14.97 -38.77
C ILE V 111 -30.83 -15.96 -38.88
N ASP V 112 -32.00 -15.48 -39.33
CA ASP V 112 -33.18 -16.31 -39.47
C ASP V 112 -33.27 -16.90 -40.87
N VAL V 113 -33.67 -18.18 -40.94
CA VAL V 113 -33.87 -18.79 -42.24
C VAL V 113 -35.04 -18.12 -42.98
N GLY V 114 -36.02 -17.57 -42.25
CA GLY V 114 -37.08 -16.80 -42.88
C GLY V 114 -36.67 -15.41 -43.30
N ARG V 115 -35.46 -14.98 -42.96
CA ARG V 115 -34.93 -13.70 -43.41
C ARG V 115 -33.48 -13.92 -43.82
N ASN V 116 -33.27 -14.76 -44.84
CA ASN V 116 -31.92 -15.18 -45.22
C ASN V 116 -31.45 -14.51 -46.51
N VAL V 117 -31.93 -13.28 -46.73
CA VAL V 117 -31.43 -12.26 -47.67
C VAL V 117 -31.42 -12.68 -49.15
N CYS V 118 -31.16 -13.94 -49.45
CA CYS V 118 -30.99 -14.37 -50.84
C CYS V 118 -31.71 -15.68 -51.12
N HIS V 119 -32.28 -15.77 -52.32
CA HIS V 119 -32.62 -17.06 -52.92
C HIS V 119 -31.59 -17.45 -53.97
N GLY V 120 -31.28 -18.74 -54.04
CA GLY V 120 -30.52 -19.28 -55.15
C GLY V 120 -31.14 -20.58 -55.65
N SER V 121 -30.98 -20.82 -56.95
CA SER V 121 -31.46 -22.06 -57.55
C SER V 121 -30.76 -23.27 -56.93
N ASP V 122 -31.51 -24.35 -56.75
CA ASP V 122 -30.97 -25.56 -56.15
C ASP V 122 -30.37 -26.53 -57.17
N SER V 123 -30.62 -26.32 -58.47
CA SER V 123 -30.20 -27.23 -59.51
C SER V 123 -29.89 -26.44 -60.76
N VAL V 124 -29.16 -27.07 -61.69
CA VAL V 124 -28.94 -26.45 -63.00
C VAL V 124 -30.26 -26.37 -63.78
N GLU V 125 -31.17 -27.32 -63.54
CA GLU V 125 -32.44 -27.33 -64.25
C GLU V 125 -33.38 -26.24 -63.75
N ASN V 126 -33.53 -26.15 -62.43
CA ASN V 126 -34.38 -25.11 -61.84
C ASN V 126 -33.86 -23.72 -62.16
N ALA V 127 -32.55 -23.56 -62.32
CA ALA V 127 -31.99 -22.28 -62.71
C ALA V 127 -32.60 -21.80 -64.01
N LYS V 128 -32.63 -22.68 -65.02
CA LYS V 128 -33.24 -22.31 -66.29
C LYS V 128 -34.76 -22.27 -66.18
N LYS V 129 -35.36 -23.05 -65.29
CA LYS V 129 -36.79 -22.86 -65.01
C LYS V 129 -37.02 -21.46 -64.48
N GLU V 130 -36.20 -21.02 -63.52
CA GLU V 130 -36.43 -19.73 -62.90
C GLU V 130 -36.01 -18.59 -63.82
N ILE V 131 -34.87 -18.71 -64.51
CA ILE V 131 -34.47 -17.67 -65.47
C ILE V 131 -35.56 -17.44 -66.50
N ALA V 132 -36.29 -18.51 -66.86
CA ALA V 132 -37.39 -18.39 -67.81
C ALA V 132 -38.58 -17.65 -67.21
N LEU V 133 -38.83 -17.85 -65.92
CA LEU V 133 -40.01 -17.22 -65.30
C LEU V 133 -39.78 -15.73 -65.06
N TRP V 134 -38.62 -15.36 -64.52
CA TRP V 134 -38.38 -13.98 -64.11
C TRP V 134 -37.93 -13.08 -65.25
N PHE V 135 -37.38 -13.63 -66.32
CA PHE V 135 -36.76 -12.84 -67.37
C PHE V 135 -37.32 -13.20 -68.73
N LYS V 136 -37.61 -12.17 -69.52
CA LYS V 136 -37.77 -12.38 -70.95
C LYS V 136 -36.40 -12.50 -71.61
N PRO V 137 -36.28 -13.32 -72.65
CA PRO V 137 -34.96 -13.54 -73.25
C PRO V 137 -34.20 -12.28 -73.64
N GLU V 138 -34.89 -11.25 -74.14
CA GLU V 138 -34.24 -9.98 -74.48
C GLU V 138 -33.60 -9.33 -73.27
N GLU V 139 -33.94 -9.76 -72.05
CA GLU V 139 -33.31 -9.23 -70.85
C GLU V 139 -31.98 -9.90 -70.55
N LEU V 140 -31.80 -11.15 -70.98
CA LEU V 140 -30.52 -11.82 -70.77
C LEU V 140 -29.49 -11.23 -71.70
N GLN V 141 -28.39 -10.76 -71.13
CA GLN V 141 -27.33 -10.11 -71.90
C GLN V 141 -26.33 -11.16 -72.34
N LYS V 142 -26.05 -11.19 -73.64
CA LYS V 142 -25.10 -12.14 -74.20
C LYS V 142 -23.86 -11.34 -74.62
N TYR V 143 -22.75 -11.60 -73.94
CA TYR V 143 -21.48 -10.92 -74.15
C TYR V 143 -20.42 -11.76 -73.45
N LYS V 144 -19.16 -11.48 -73.74
CA LYS V 144 -18.07 -12.26 -73.17
C LYS V 144 -17.26 -11.39 -72.21
N HIS V 145 -16.87 -12.00 -71.10
CA HIS V 145 -16.27 -11.28 -69.98
C HIS V 145 -14.83 -10.87 -70.30
N SER V 146 -14.52 -9.60 -70.04
CA SER V 146 -13.26 -8.97 -70.47
C SER V 146 -12.01 -9.63 -69.87
N GLN V 147 -12.21 -10.69 -69.10
CA GLN V 147 -11.12 -11.41 -68.45
C GLN V 147 -11.36 -12.92 -68.48
N PHE V 148 -12.13 -13.40 -69.45
CA PHE V 148 -12.41 -14.82 -69.53
C PHE V 148 -11.13 -15.64 -69.46
N ASP V 149 -10.15 -15.28 -70.28
CA ASP V 149 -8.89 -16.02 -70.35
C ASP V 149 -8.13 -16.00 -69.05
N TRP V 150 -8.28 -14.95 -68.27
CA TRP V 150 -7.60 -14.88 -66.99
C TRP V 150 -8.39 -15.58 -65.88
N ILE V 151 -9.65 -15.91 -66.12
CA ILE V 151 -10.50 -16.57 -65.13
C ILE V 151 -10.58 -18.06 -65.42
N TYR V 152 -10.57 -18.40 -66.71
CA TYR V 152 -10.76 -19.78 -67.13
C TYR V 152 -9.58 -20.28 -67.94
N GLU V 153 -9.32 -21.59 -67.83
CA GLU V 153 -8.43 -22.30 -68.73
C GLU V 153 -9.17 -22.77 -69.99
N LYS V 154 -10.28 -23.49 -69.80
CA LYS V 154 -11.09 -24.02 -70.90
C LYS V 154 -12.55 -23.53 -70.83
N ASP W 5 12.73 46.64 58.52
CA ASP W 5 12.60 45.19 58.62
C ASP W 5 13.95 44.61 58.31
N GLU W 6 13.98 43.31 58.03
CA GLU W 6 15.20 42.54 57.92
C GLU W 6 15.98 42.93 56.66
N GLN W 7 17.30 42.73 56.71
CA GLN W 7 18.17 43.12 55.61
C GLN W 7 19.09 41.98 55.22
N THR W 8 19.36 41.88 53.91
CA THR W 8 20.27 40.88 53.38
C THR W 8 21.25 41.55 52.42
N PHE W 9 22.41 40.93 52.24
CA PHE W 9 23.45 41.43 51.34
C PHE W 9 23.49 40.59 50.08
N ILE W 10 23.28 41.23 48.93
CA ILE W 10 23.39 40.60 47.62
C ILE W 10 24.47 41.31 46.82
N ALA W 11 25.37 40.55 46.19
CA ALA W 11 26.40 41.09 45.32
C ALA W 11 26.30 40.45 43.94
N ILE W 12 26.38 41.27 42.90
CA ILE W 12 26.51 40.77 41.53
C ILE W 12 28.00 40.66 41.23
N LYS W 13 28.45 39.43 41.03
CA LYS W 13 29.86 39.15 40.83
C LYS W 13 30.26 39.65 39.45
N PRO W 14 31.57 39.73 39.17
CA PRO W 14 32.00 40.35 37.91
C PRO W 14 31.47 39.63 36.68
N ASP W 15 31.27 38.32 36.74
CA ASP W 15 30.66 37.67 35.59
C ASP W 15 29.21 38.13 35.39
N GLY W 16 28.49 38.37 36.49
CA GLY W 16 27.14 38.89 36.38
C GLY W 16 27.12 40.30 35.81
N VAL W 17 28.04 41.15 36.25
CA VAL W 17 28.16 42.50 35.71
C VAL W 17 28.56 42.46 34.24
N GLN W 18 29.60 41.68 33.91
CA GLN W 18 30.13 41.63 32.56
C GLN W 18 29.19 40.99 31.56
N ARG W 19 28.28 40.11 32.01
CA ARG W 19 27.30 39.51 31.11
C ARG W 19 26.01 40.32 31.02
N GLY W 20 25.97 41.54 31.56
CA GLY W 20 24.81 42.38 31.32
C GLY W 20 23.58 42.00 32.14
N LEU W 21 23.78 41.58 33.38
CA LEU W 21 22.71 40.99 34.17
C LEU W 21 22.30 41.86 35.35
N VAL W 22 22.84 43.08 35.46
CA VAL W 22 22.54 43.95 36.59
C VAL W 22 21.03 44.22 36.67
N GLY W 23 20.46 44.74 35.59
CA GLY W 23 19.06 45.09 35.51
C GLY W 23 18.10 43.95 35.80
N PRO W 24 18.19 42.83 35.08
CA PRO W 24 17.34 41.68 35.41
C PRO W 24 17.50 41.22 36.85
N ILE W 25 18.72 41.23 37.39
CA ILE W 25 18.85 40.78 38.79
C ILE W 25 18.20 41.77 39.74
N ILE W 26 18.42 43.07 39.52
CA ILE W 26 17.79 44.04 40.41
C ILE W 26 16.27 43.90 40.35
N SER W 27 15.75 43.74 39.14
CA SER W 27 14.31 43.71 39.02
C SER W 27 13.70 42.36 39.45
N ARG W 28 14.50 41.31 39.71
CA ARG W 28 13.93 40.16 40.41
C ARG W 28 13.57 40.53 41.85
N PHE W 29 14.45 41.25 42.53
CA PHE W 29 14.20 41.62 43.92
C PHE W 29 13.17 42.73 44.04
N GLU W 30 13.22 43.72 43.13
CA GLU W 30 12.24 44.81 43.13
C GLU W 30 10.82 44.27 42.99
N ASN W 31 10.62 43.39 42.02
CA ASN W 31 9.28 42.90 41.68
C ASN W 31 8.64 42.11 42.83
N ARG W 32 9.47 41.42 43.61
CA ARG W 32 8.97 40.72 44.78
C ARG W 32 8.39 41.68 45.81
N GLY W 33 8.89 42.92 45.84
CA GLY W 33 8.53 43.87 46.89
C GLY W 33 9.61 44.13 47.93
N PHE W 34 10.80 43.56 47.78
CA PHE W 34 11.88 43.94 48.69
C PHE W 34 12.30 45.37 48.41
N LYS W 35 12.79 46.04 49.45
CA LYS W 35 13.20 47.44 49.36
C LYS W 35 14.71 47.51 49.11
N LEU W 36 15.12 48.17 48.03
CA LEU W 36 16.54 48.44 47.79
C LEU W 36 17.02 49.46 48.83
N ALA W 37 17.77 48.99 49.84
CA ALA W 37 18.28 49.86 50.89
C ALA W 37 19.70 50.39 50.59
N ALA W 38 20.52 49.67 49.83
CA ALA W 38 21.83 50.16 49.44
C ALA W 38 22.23 49.57 48.10
N LEU W 39 23.09 50.29 47.39
CA LEU W 39 23.49 49.94 46.04
C LEU W 39 24.76 50.70 45.68
N LYS W 40 25.76 49.99 45.16
CA LYS W 40 26.92 50.65 44.58
C LYS W 40 27.68 49.66 43.71
N LEU W 41 28.14 50.17 42.56
CA LEU W 41 29.12 49.48 41.75
C LEU W 41 30.51 49.78 42.31
N CYS W 42 31.29 48.75 42.63
CA CYS W 42 32.59 49.01 43.25
C CYS W 42 33.60 47.98 42.79
N SER W 43 34.86 48.25 43.08
CA SER W 43 35.97 47.34 42.79
C SER W 43 36.72 47.13 44.10
N PRO W 44 36.27 46.20 44.94
CA PRO W 44 36.91 46.02 46.24
C PRO W 44 38.35 45.57 46.09
N SER W 45 39.09 45.72 47.16
CA SER W 45 40.49 45.37 47.20
C SER W 45 40.68 43.91 47.62
N LYS W 46 41.88 43.40 47.34
CA LYS W 46 42.22 42.04 47.75
C LYS W 46 42.02 41.87 49.25
N GLU W 47 42.50 42.84 50.04
CA GLU W 47 42.28 42.80 51.49
C GLU W 47 40.79 42.72 51.82
N HIS W 48 39.96 43.52 51.14
CA HIS W 48 38.53 43.49 51.41
C HIS W 48 37.93 42.12 51.09
N LEU W 49 38.34 41.53 49.96
CA LEU W 49 37.89 40.19 49.59
C LEU W 49 38.39 39.15 50.58
N GLU W 50 39.65 39.27 51.01
CA GLU W 50 40.15 38.35 52.01
C GLU W 50 39.35 38.43 53.29
N GLN W 51 38.83 39.62 53.62
CA GLN W 51 37.97 39.79 54.78
C GLN W 51 36.58 39.23 54.50
N HIS W 52 36.03 39.50 53.31
CA HIS W 52 34.72 38.96 52.96
C HIS W 52 34.76 37.44 52.86
N TYR W 53 35.88 36.89 52.41
CA TYR W 53 35.98 35.43 52.34
C TYR W 53 36.92 34.90 53.43
N ALA W 54 36.64 35.26 54.68
CA ALA W 54 37.47 34.79 55.79
C ALA W 54 37.67 33.28 55.74
N ASP W 55 36.57 32.53 55.65
CA ASP W 55 36.67 31.07 55.74
C ASP W 55 37.39 30.48 54.52
N LEU W 56 37.07 30.97 53.33
CA LEU W 56 37.67 30.41 52.12
C LEU W 56 39.15 30.78 51.93
N SER W 57 39.65 31.82 52.62
CA SER W 57 41.06 32.18 52.47
C SER W 57 41.98 31.10 53.03
N SER W 58 41.50 30.29 53.98
CA SER W 58 42.27 29.22 54.57
C SER W 58 42.12 27.90 53.82
N LYS W 59 41.54 27.92 52.61
CA LYS W 59 41.13 26.71 51.91
C LYS W 59 41.74 26.74 50.51
N PRO W 60 41.98 25.56 49.89
CA PRO W 60 42.85 25.50 48.70
C PRO W 60 42.76 26.65 47.69
N PHE W 61 41.87 26.55 46.71
CA PHE W 61 42.01 27.34 45.50
C PHE W 61 41.75 28.83 45.70
N PHE W 62 42.17 29.39 46.82
CA PHE W 62 41.90 30.80 47.08
C PHE W 62 42.42 31.73 45.99
N PRO W 63 43.67 31.60 45.49
CA PRO W 63 44.12 32.55 44.46
C PRO W 63 43.20 32.65 43.25
N GLY W 64 42.63 31.53 42.79
CA GLY W 64 41.69 31.59 41.70
C GLY W 64 40.41 32.33 42.05
N LEU W 65 39.93 32.15 43.29
CA LEU W 65 38.73 32.87 43.72
C LEU W 65 38.97 34.37 43.78
N VAL W 66 40.11 34.78 44.34
CA VAL W 66 40.42 36.20 44.46
C VAL W 66 40.60 36.80 43.07
N SER W 67 41.35 36.11 42.21
CA SER W 67 41.56 36.61 40.86
C SER W 67 40.22 36.85 40.16
N TYR W 68 39.29 35.91 40.28
CA TYR W 68 37.98 36.06 39.66
C TYR W 68 37.26 37.26 40.24
N MET W 69 37.21 37.34 41.57
CA MET W 69 36.47 38.40 42.24
C MET W 69 37.12 39.75 42.05
N LEU W 70 38.32 39.80 41.47
CA LEU W 70 39.01 41.03 41.15
C LEU W 70 39.02 41.34 39.66
N SER W 71 38.47 40.43 38.84
CA SER W 71 38.56 40.57 37.39
C SER W 71 37.64 41.65 36.83
N GLY W 72 36.73 42.20 37.63
CA GLY W 72 35.79 43.20 37.16
C GLY W 72 35.07 43.82 38.34
N PRO W 73 34.40 44.95 38.12
CA PRO W 73 33.61 45.57 39.19
C PRO W 73 32.48 44.66 39.66
N ILE W 74 31.93 45.02 40.83
CA ILE W 74 30.92 44.26 41.55
C ILE W 74 29.76 45.20 41.90
N VAL W 75 28.55 44.70 41.86
CA VAL W 75 27.39 45.47 42.29
C VAL W 75 27.02 44.95 43.68
N ALA W 76 27.21 45.77 44.71
CA ALA W 76 26.84 45.39 46.07
C ALA W 76 25.49 46.00 46.41
N MET W 77 24.60 45.19 46.96
CA MET W 77 23.25 45.62 47.25
C MET W 77 22.88 45.22 48.68
N VAL W 78 21.92 45.96 49.23
CA VAL W 78 21.25 45.57 50.47
C VAL W 78 19.75 45.58 50.18
N TRP W 79 19.08 44.46 50.43
CA TRP W 79 17.65 44.34 50.23
C TRP W 79 16.96 44.15 51.57
N GLU W 80 15.82 44.82 51.72
CA GLU W 80 15.09 44.91 52.97
C GLU W 80 13.68 44.34 52.79
N GLY W 81 13.22 43.60 53.79
CA GLY W 81 11.88 43.05 53.75
C GLY W 81 11.77 41.83 54.64
N ARG W 82 10.55 41.33 54.76
CA ARG W 82 10.29 40.21 55.66
C ARG W 82 10.98 38.97 55.15
N GLU W 83 11.75 38.32 56.04
CA GLU W 83 12.61 37.18 55.77
C GLU W 83 13.31 37.33 54.42
N VAL W 84 13.85 38.54 54.17
CA VAL W 84 14.51 38.79 52.90
C VAL W 84 15.75 37.93 52.75
N VAL W 85 16.38 37.51 53.86
CA VAL W 85 17.65 36.79 53.74
C VAL W 85 17.43 35.38 53.20
N LYS W 86 16.40 34.67 53.69
CA LYS W 86 16.15 33.35 53.15
C LYS W 86 15.44 33.44 51.80
N THR W 87 14.52 34.39 51.65
CA THR W 87 13.86 34.53 50.35
C THR W 87 14.87 34.89 49.27
N GLY W 88 15.83 35.75 49.61
CA GLY W 88 16.89 36.06 48.66
C GLY W 88 17.66 34.83 48.22
N ARG W 89 17.98 33.95 49.17
CA ARG W 89 18.63 32.69 48.81
C ARG W 89 17.78 31.86 47.87
N THR W 90 16.45 31.99 47.98
CA THR W 90 15.56 31.26 47.09
C THR W 90 15.50 31.90 45.70
N ILE W 91 15.63 33.22 45.63
CA ILE W 91 15.59 33.90 44.34
C ILE W 91 16.88 33.66 43.56
N LEU W 92 18.02 33.60 44.25
CA LEU W 92 19.30 33.36 43.58
C LEU W 92 19.40 31.92 43.07
N GLY W 93 18.84 30.97 43.83
CA GLY W 93 18.94 29.56 43.51
C GLY W 93 20.09 28.92 44.25
N ALA W 94 20.32 27.66 43.93
CA ALA W 94 21.39 26.91 44.56
C ALA W 94 22.75 27.49 44.20
N THR W 95 23.68 27.34 45.12
CA THR W 95 25.06 27.75 44.91
C THR W 95 25.57 27.27 43.57
N ASN W 96 25.36 25.99 43.28
CA ASN W 96 25.71 25.42 41.99
C ASN W 96 24.58 25.66 41.03
N PRO W 97 24.77 26.40 39.94
CA PRO W 97 23.65 26.68 39.03
C PRO W 97 23.08 25.44 38.40
N LEU W 98 23.85 24.35 38.34
CA LEU W 98 23.31 23.16 37.71
C LEU W 98 22.36 22.41 38.62
N ALA W 99 22.28 22.79 39.91
CA ALA W 99 21.29 22.25 40.83
C ALA W 99 20.16 23.23 41.13
N SER W 100 20.13 24.37 40.47
CA SER W 100 19.20 25.43 40.82
C SER W 100 17.99 25.33 39.92
N ALA W 101 16.86 25.86 40.40
CA ALA W 101 15.75 25.63 39.51
C ALA W 101 15.58 26.79 38.55
N PRO W 102 15.13 26.51 37.33
CA PRO W 102 14.69 27.60 36.44
C PRO W 102 13.70 28.51 37.16
N GLY W 103 13.77 29.80 36.83
CA GLY W 103 13.01 30.83 37.51
C GLY W 103 13.85 31.61 38.51
N THR W 104 14.84 30.96 39.10
CA THR W 104 15.81 31.65 39.92
C THR W 104 16.86 32.31 39.03
N ILE W 105 17.62 33.21 39.63
CA ILE W 105 18.67 33.92 38.89
C ILE W 105 19.69 32.95 38.33
N ARG W 106 20.21 32.06 39.18
CA ARG W 106 21.24 31.14 38.69
C ARG W 106 20.65 30.06 37.80
N GLY W 107 19.36 29.70 38.00
CA GLY W 107 18.71 28.77 37.11
C GLY W 107 18.36 29.36 35.75
N ASP W 108 18.30 30.67 35.66
CA ASP W 108 18.07 31.32 34.37
C ASP W 108 19.34 31.75 33.65
N PHE W 109 20.41 32.01 34.38
CA PHE W 109 21.53 32.73 33.80
C PHE W 109 22.89 32.07 33.96
N ALA W 110 23.06 31.04 34.79
CA ALA W 110 24.40 30.55 35.07
C ALA W 110 24.50 29.04 34.91
N ILE W 111 25.75 28.58 34.79
CA ILE W 111 26.09 27.18 34.58
C ILE W 111 27.15 26.72 35.58
N ASP W 112 28.29 27.41 35.65
CA ASP W 112 29.41 27.02 36.50
C ASP W 112 29.24 27.58 37.90
N VAL W 113 29.65 26.78 38.91
CA VAL W 113 29.57 27.24 40.29
C VAL W 113 30.63 28.30 40.57
N GLY W 114 31.77 28.24 39.89
CA GLY W 114 32.71 29.33 40.01
C GLY W 114 32.30 30.58 39.26
N ARG W 115 31.26 30.49 38.43
CA ARG W 115 30.76 31.65 37.68
C ARG W 115 29.26 31.74 37.87
N ASN W 116 28.81 31.79 39.12
CA ASN W 116 27.39 31.74 39.43
C ASN W 116 26.79 33.12 39.69
N VAL W 117 27.40 34.15 39.10
CA VAL W 117 26.89 35.50 38.82
C VAL W 117 26.57 36.36 40.05
N CYS W 118 26.26 35.76 41.20
CA CYS W 118 25.96 36.59 42.36
C CYS W 118 26.27 35.85 43.66
N HIS W 119 26.23 36.62 44.75
CA HIS W 119 26.52 36.19 46.12
C HIS W 119 25.35 36.60 47.02
N GLY W 120 25.05 35.76 48.00
CA GLY W 120 24.01 36.08 48.96
C GLY W 120 24.40 35.64 50.36
N SER W 121 23.82 36.30 51.34
CA SER W 121 24.19 36.08 52.73
C SER W 121 23.81 34.70 53.21
N ASP W 122 24.69 34.10 54.02
CA ASP W 122 24.46 32.79 54.64
C ASP W 122 23.27 32.80 55.58
N SER W 123 22.97 33.92 56.23
CA SER W 123 22.09 33.97 57.38
C SER W 123 21.83 35.44 57.68
N VAL W 124 20.86 35.71 58.55
CA VAL W 124 20.60 37.09 58.96
C VAL W 124 21.85 37.69 59.60
N GLU W 125 22.55 36.92 60.42
CA GLU W 125 23.68 37.49 61.16
C GLU W 125 24.89 37.67 60.24
N ASN W 126 25.11 36.72 59.32
CA ASN W 126 26.16 36.95 58.33
C ASN W 126 25.78 38.09 57.39
N ALA W 127 24.48 38.26 57.14
CA ALA W 127 24.02 39.44 56.40
C ALA W 127 24.47 40.71 57.11
N LYS W 128 24.26 40.76 58.43
CA LYS W 128 24.59 41.97 59.17
C LYS W 128 26.08 42.29 59.08
N LYS W 129 26.93 41.25 59.10
CA LYS W 129 28.37 41.50 59.07
C LYS W 129 28.88 41.78 57.67
N GLU W 130 28.24 41.23 56.64
CA GLU W 130 28.63 41.55 55.27
C GLU W 130 28.15 42.95 54.87
N ILE W 131 26.99 43.39 55.36
CA ILE W 131 26.55 44.76 55.12
C ILE W 131 27.50 45.74 55.78
N ALA W 132 27.97 45.42 56.99
CA ALA W 132 28.90 46.30 57.68
C ALA W 132 30.22 46.43 56.92
N LEU W 133 30.69 45.34 56.33
CA LEU W 133 31.98 45.33 55.65
C LEU W 133 31.93 46.08 54.31
N TRP W 134 30.82 45.93 53.57
CA TRP W 134 30.71 46.51 52.22
C TRP W 134 30.16 47.93 52.21
N PHE W 135 29.50 48.39 53.27
CA PHE W 135 28.85 49.70 53.26
C PHE W 135 29.15 50.45 54.54
N LYS W 136 29.46 51.73 54.42
CA LYS W 136 29.41 52.59 55.59
C LYS W 136 27.95 52.89 55.90
N PRO W 137 27.61 53.14 57.17
CA PRO W 137 26.21 53.43 57.51
C PRO W 137 25.63 54.58 56.71
N GLU W 138 26.45 55.52 56.24
CA GLU W 138 25.97 56.56 55.32
C GLU W 138 25.25 55.98 54.12
N GLU W 139 25.70 54.83 53.62
CA GLU W 139 25.25 54.35 52.31
C GLU W 139 23.92 53.60 52.39
N LEU W 140 23.59 53.03 53.55
CA LEU W 140 22.25 52.50 53.77
C LEU W 140 21.24 53.64 53.74
N GLN W 141 20.11 53.42 53.07
CA GLN W 141 19.11 54.46 52.86
C GLN W 141 17.88 54.14 53.69
N LYS W 142 17.62 54.95 54.71
CA LYS W 142 16.43 54.80 55.53
C LYS W 142 15.27 55.49 54.82
N TYR W 143 14.31 54.71 54.35
CA TYR W 143 13.15 55.30 53.68
C TYR W 143 12.01 54.28 53.68
N LYS W 144 10.80 54.82 53.57
CA LYS W 144 9.57 54.03 53.59
C LYS W 144 9.13 53.74 52.16
N HIS W 145 8.99 52.44 51.86
CA HIS W 145 8.49 52.02 50.55
C HIS W 145 7.08 52.54 50.28
N SER W 146 6.90 53.11 49.08
CA SER W 146 5.66 53.77 48.69
C SER W 146 4.47 52.81 48.60
N GLN W 147 4.73 51.51 48.47
CA GLN W 147 3.71 50.48 48.46
C GLN W 147 3.81 49.56 49.67
N PHE W 148 4.41 50.04 50.76
CA PHE W 148 4.60 49.17 51.91
C PHE W 148 3.30 48.51 52.35
N ASP W 149 2.22 49.29 52.45
CA ASP W 149 0.97 48.76 52.97
C ASP W 149 0.31 47.78 52.01
N TRP W 150 0.59 47.91 50.72
CA TRP W 150 0.06 46.94 49.77
C TRP W 150 0.91 45.68 49.69
N ILE W 151 1.98 45.62 50.49
CA ILE W 151 2.93 44.52 50.46
C ILE W 151 2.92 43.75 51.78
N TYR W 152 2.74 44.45 52.90
CA TYR W 152 2.76 43.77 54.19
C TYR W 152 1.55 44.06 55.06
N GLU W 153 1.64 43.65 56.33
CA GLU W 153 0.70 44.00 57.39
C GLU W 153 1.46 44.38 58.65
N MET X 3 36.55 59.13 20.59
CA MET X 3 35.16 58.79 20.87
C MET X 3 35.14 57.61 21.86
N SER X 4 34.08 56.79 21.85
CA SER X 4 34.03 55.49 22.53
C SER X 4 34.11 55.55 24.05
N ASP X 5 35.02 56.39 24.57
CA ASP X 5 35.22 56.69 25.98
C ASP X 5 34.10 57.54 26.58
N GLU X 6 33.20 58.07 25.77
CA GLU X 6 32.31 59.14 26.23
C GLU X 6 31.41 58.65 27.36
N GLN X 7 31.12 59.56 28.30
CA GLN X 7 30.30 59.23 29.46
C GLN X 7 29.15 60.21 29.58
N THR X 8 28.06 59.72 30.19
CA THR X 8 26.92 60.55 30.51
C THR X 8 26.41 60.20 31.91
N PHE X 9 25.66 61.13 32.48
CA PHE X 9 25.14 60.99 33.82
C PHE X 9 23.64 60.75 33.72
N ILE X 10 23.18 59.65 34.29
CA ILE X 10 21.77 59.30 34.33
C ILE X 10 21.43 59.07 35.79
N ALA X 11 20.38 59.73 36.26
CA ALA X 11 19.89 59.58 37.63
C ALA X 11 18.45 59.12 37.56
N ILE X 12 18.10 58.13 38.37
CA ILE X 12 16.71 57.72 38.53
C ILE X 12 16.13 58.51 39.67
N LYS X 13 15.14 59.36 39.36
CA LYS X 13 14.56 60.26 40.32
C LYS X 13 13.77 59.45 41.35
N PRO X 14 13.37 60.07 42.46
CA PRO X 14 12.71 59.31 43.53
C PRO X 14 11.45 58.58 43.09
N ASP X 15 10.66 59.13 42.15
CA ASP X 15 9.50 58.39 41.69
C ASP X 15 9.92 57.13 40.96
N GLY X 16 10.97 57.22 40.14
CA GLY X 16 11.49 56.05 39.47
C GLY X 16 11.87 54.96 40.45
N VAL X 17 12.47 55.33 41.58
CA VAL X 17 12.83 54.34 42.58
C VAL X 17 11.59 53.81 43.26
N GLN X 18 10.71 54.71 43.71
CA GLN X 18 9.55 54.27 44.47
C GLN X 18 8.64 53.39 43.62
N ARG X 19 8.54 53.65 42.32
CA ARG X 19 7.76 52.81 41.42
C ARG X 19 8.57 51.66 40.82
N GLY X 20 9.67 51.28 41.46
CA GLY X 20 10.39 50.08 41.07
C GLY X 20 10.80 49.99 39.62
N LEU X 21 11.31 51.08 39.05
CA LEU X 21 11.82 51.07 37.69
C LEU X 21 13.35 50.95 37.60
N VAL X 22 14.03 50.70 38.72
CA VAL X 22 15.50 50.64 38.71
C VAL X 22 16.00 49.56 37.75
N GLY X 23 15.53 48.33 37.93
CA GLY X 23 15.85 47.22 37.05
C GLY X 23 15.57 47.48 35.58
N PRO X 24 14.32 47.82 35.22
CA PRO X 24 14.01 48.10 33.81
C PRO X 24 14.83 49.23 33.21
N ILE X 25 15.14 50.26 33.99
CA ILE X 25 15.87 51.39 33.43
C ILE X 25 17.32 51.00 33.18
N ILE X 26 17.97 50.38 34.16
CA ILE X 26 19.34 49.90 33.95
C ILE X 26 19.41 49.00 32.72
N SER X 27 18.39 48.13 32.54
CA SER X 27 18.41 47.16 31.46
C SER X 27 18.31 47.79 30.08
N ARG X 28 17.65 48.95 29.95
CA ARG X 28 17.63 49.60 28.63
C ARG X 28 19.04 49.99 28.20
N PHE X 29 19.83 50.53 29.12
CA PHE X 29 21.19 50.93 28.78
C PHE X 29 22.11 49.73 28.62
N GLU X 30 21.94 48.73 29.48
CA GLU X 30 22.69 47.49 29.36
C GLU X 30 22.49 46.85 27.99
N ASN X 31 21.23 46.56 27.64
CA ASN X 31 20.93 45.88 26.38
C ASN X 31 21.48 46.62 25.17
N ARG X 32 21.63 47.93 25.29
CA ARG X 32 22.09 48.74 24.16
C ARG X 32 23.58 48.54 23.91
N GLY X 33 24.34 48.05 24.88
CA GLY X 33 25.78 47.92 24.73
C GLY X 33 26.58 48.97 25.48
N PHE X 34 25.94 49.94 26.13
CA PHE X 34 26.71 50.86 26.94
C PHE X 34 27.19 50.14 28.20
N LYS X 35 28.23 50.69 28.80
CA LYS X 35 28.92 50.05 29.91
C LYS X 35 28.62 50.80 31.19
N LEU X 36 28.20 50.09 32.21
CA LEU X 36 27.94 50.73 33.49
C LEU X 36 29.26 51.12 34.13
N ALA X 37 29.52 52.43 34.24
CA ALA X 37 30.78 52.91 34.83
C ALA X 37 30.67 53.24 36.31
N ALA X 38 29.48 53.62 36.79
CA ALA X 38 29.29 53.97 38.18
C ALA X 38 27.81 53.84 38.49
N LEU X 39 27.50 53.56 39.75
CA LEU X 39 26.13 53.27 40.15
C LEU X 39 26.02 53.40 41.65
N LYS X 40 25.01 54.11 42.13
CA LYS X 40 24.79 54.12 43.57
C LYS X 40 23.39 54.61 43.93
N LEU X 41 22.94 54.17 45.09
CA LEU X 41 21.73 54.62 45.72
C LEU X 41 22.10 55.65 46.77
N CYS X 42 21.63 56.88 46.61
CA CYS X 42 22.07 57.93 47.51
C CYS X 42 20.91 58.84 47.84
N SER X 43 21.07 59.60 48.92
CA SER X 43 20.12 60.62 49.32
C SER X 43 20.88 61.93 49.39
N PRO X 44 21.06 62.60 48.26
CA PRO X 44 21.92 63.80 48.24
C PRO X 44 21.31 64.93 49.07
N SER X 45 22.17 65.82 49.53
CA SER X 45 21.73 66.91 50.39
C SER X 45 20.94 67.95 49.59
N LYS X 46 20.21 68.78 50.33
CA LYS X 46 19.57 69.94 49.71
C LYS X 46 20.61 70.77 48.98
N GLU X 47 21.68 71.15 49.69
CA GLU X 47 22.76 71.93 49.08
C GLU X 47 23.28 71.23 47.83
N HIS X 48 23.40 69.90 47.88
CA HIS X 48 23.85 69.13 46.73
C HIS X 48 22.89 69.27 45.55
N LEU X 49 21.59 69.09 45.80
CA LEU X 49 20.64 69.15 44.71
C LEU X 49 20.59 70.55 44.10
N GLU X 50 20.63 71.58 44.96
CA GLU X 50 20.62 72.95 44.45
C GLU X 50 21.81 73.23 43.54
N GLN X 51 22.99 72.72 43.87
CA GLN X 51 24.09 72.83 42.92
C GLN X 51 23.80 72.10 41.61
N HIS X 52 23.25 70.89 41.70
CA HIS X 52 22.99 70.14 40.47
C HIS X 52 22.04 70.90 39.53
N TYR X 53 21.05 71.60 40.10
CA TYR X 53 20.11 72.41 39.32
C TYR X 53 20.43 73.90 39.41
N ALA X 54 21.71 74.27 39.58
CA ALA X 54 22.05 75.68 39.78
C ALA X 54 21.56 76.56 38.64
N ASP X 55 21.47 76.03 37.43
CA ASP X 55 21.04 76.81 36.27
C ASP X 55 19.54 77.08 36.23
N LEU X 56 18.84 76.79 37.33
CA LEU X 56 17.42 77.04 37.47
C LEU X 56 17.10 77.67 38.81
N SER X 57 18.12 78.08 39.58
CA SER X 57 17.91 78.60 40.93
C SER X 57 16.98 79.79 40.95
N SER X 58 16.92 80.54 39.85
CA SER X 58 16.18 81.78 39.77
C SER X 58 14.82 81.62 39.14
N LYS X 59 14.49 80.42 38.68
CA LYS X 59 13.19 80.15 38.11
C LYS X 59 12.18 79.87 39.21
N PRO X 60 10.87 79.95 38.90
CA PRO X 60 9.87 79.43 39.84
C PRO X 60 10.09 77.95 40.06
N PHE X 61 9.24 77.29 40.83
CA PHE X 61 9.30 75.84 41.01
C PHE X 61 10.65 75.30 41.48
N PHE X 62 11.74 76.06 41.34
CA PHE X 62 13.04 75.58 41.80
C PHE X 62 13.01 75.06 43.22
N PRO X 63 12.40 75.74 44.21
CA PRO X 63 12.25 75.11 45.53
C PRO X 63 11.38 73.87 45.49
N GLY X 64 10.39 73.83 44.59
CA GLY X 64 9.58 72.63 44.47
C GLY X 64 10.37 71.47 43.89
N LEU X 65 11.08 71.73 42.79
CA LEU X 65 11.96 70.72 42.16
C LEU X 65 12.91 70.11 43.18
N VAL X 66 13.58 70.95 43.96
CA VAL X 66 14.56 70.46 44.92
C VAL X 66 13.88 69.64 46.01
N SER X 67 12.75 70.10 46.52
CA SER X 67 12.16 69.39 47.65
C SER X 67 11.63 68.02 47.24
N TYR X 68 11.21 67.87 45.98
CA TYR X 68 10.79 66.56 45.51
C TYR X 68 11.99 65.66 45.22
N MET X 69 13.09 66.21 44.73
CA MET X 69 14.29 65.41 44.54
C MET X 69 14.85 64.93 45.87
N LEU X 70 14.47 65.58 46.97
CA LEU X 70 14.84 65.14 48.30
C LEU X 70 13.84 64.16 48.89
N SER X 71 12.68 63.97 48.25
CA SER X 71 11.58 63.22 48.84
C SER X 71 11.83 61.72 48.87
N GLY X 72 12.98 61.22 48.41
CA GLY X 72 13.29 59.81 48.42
C GLY X 72 14.58 59.53 47.68
N PRO X 73 15.15 58.34 47.88
CA PRO X 73 16.48 58.04 47.34
C PRO X 73 16.53 58.13 45.82
N ILE X 74 17.75 58.35 45.31
CA ILE X 74 18.00 58.50 43.88
C ILE X 74 19.04 57.47 43.48
N VAL X 75 18.91 56.93 42.27
CA VAL X 75 19.90 56.02 41.72
C VAL X 75 20.74 56.81 40.72
N ALA X 76 22.00 57.01 41.05
CA ALA X 76 22.90 57.78 40.20
C ALA X 76 23.71 56.80 39.37
N MET X 77 23.82 57.07 38.08
CA MET X 77 24.52 56.18 37.18
C MET X 77 25.42 56.99 36.27
N VAL X 78 26.59 56.45 35.96
CA VAL X 78 27.38 56.89 34.82
C VAL X 78 27.35 55.76 33.79
N TRP X 79 27.07 56.11 32.54
CA TRP X 79 27.12 55.16 31.43
C TRP X 79 28.14 55.60 30.39
N GLU X 80 28.82 54.62 29.77
CA GLU X 80 29.98 54.89 28.94
C GLU X 80 29.83 54.19 27.60
N GLY X 81 30.16 54.91 26.53
CA GLY X 81 30.14 54.35 25.20
C GLY X 81 30.05 55.44 24.17
N ARG X 82 30.15 55.04 22.89
CA ARG X 82 30.17 56.03 21.82
C ARG X 82 28.85 56.77 21.74
N GLU X 83 28.93 58.11 21.82
CA GLU X 83 27.77 58.99 21.67
C GLU X 83 26.71 58.70 22.73
N VAL X 84 27.16 58.34 23.93
CA VAL X 84 26.24 57.84 24.93
C VAL X 84 25.34 58.97 25.46
N VAL X 85 25.84 60.22 25.53
CA VAL X 85 24.98 61.29 26.05
C VAL X 85 23.85 61.58 25.07
N LYS X 86 24.16 61.70 23.77
CA LYS X 86 23.10 61.89 22.80
C LYS X 86 22.16 60.68 22.76
N THR X 87 22.73 59.46 22.81
CA THR X 87 21.87 58.28 22.79
C THR X 87 21.08 58.15 24.09
N GLY X 88 21.73 58.37 25.24
CA GLY X 88 21.02 58.27 26.50
C GLY X 88 19.86 59.24 26.55
N ARG X 89 20.04 60.43 25.95
CA ARG X 89 18.94 61.36 25.83
C ARG X 89 17.82 60.75 25.00
N THR X 90 18.18 60.12 23.88
CA THR X 90 17.17 59.47 23.04
C THR X 90 16.47 58.35 23.81
N ILE X 91 17.23 57.57 24.59
CA ILE X 91 16.64 56.45 25.30
C ILE X 91 15.65 56.94 26.37
N LEU X 92 16.03 57.99 27.11
CA LEU X 92 15.09 58.56 28.08
C LEU X 92 13.85 59.13 27.39
N GLY X 93 14.04 59.82 26.27
CA GLY X 93 12.95 60.44 25.57
C GLY X 93 12.76 61.89 25.98
N ALA X 94 11.64 62.44 25.53
CA ALA X 94 11.35 63.86 25.76
C ALA X 94 11.21 64.14 27.24
N THR X 95 11.76 65.29 27.68
CA THR X 95 11.61 65.70 29.07
C THR X 95 10.15 65.64 29.52
N ASN X 96 9.22 66.04 28.64
CA ASN X 96 7.81 65.90 28.93
C ASN X 96 7.36 64.53 28.47
N PRO X 97 7.02 63.61 29.37
CA PRO X 97 6.68 62.24 28.94
C PRO X 97 5.64 62.17 27.84
N LEU X 98 4.66 63.08 27.84
CA LEU X 98 3.58 63.04 26.86
C LEU X 98 4.02 63.44 25.45
N ALA X 99 5.24 63.93 25.28
CA ALA X 99 5.81 64.18 23.97
C ALA X 99 6.86 63.13 23.58
N SER X 100 7.06 62.10 24.40
CA SER X 100 8.09 61.10 24.14
C SER X 100 7.46 59.84 23.53
N ALA X 101 8.15 59.28 22.54
CA ALA X 101 7.61 58.14 21.81
C ALA X 101 7.63 56.90 22.68
N PRO X 102 6.58 56.07 22.65
CA PRO X 102 6.65 54.76 23.30
C PRO X 102 7.87 53.98 22.80
N GLY X 103 8.42 53.16 23.69
CA GLY X 103 9.75 52.61 23.51
C GLY X 103 10.85 53.38 24.20
N THR X 104 10.63 54.65 24.55
CA THR X 104 11.56 55.37 25.42
C THR X 104 11.19 55.12 26.87
N ILE X 105 12.08 55.48 27.78
CA ILE X 105 11.81 55.23 29.19
C ILE X 105 10.61 56.06 29.65
N ARG X 106 10.62 57.36 29.35
CA ARG X 106 9.49 58.20 29.74
C ARG X 106 8.23 57.82 28.97
N GLY X 107 8.38 57.50 27.69
CA GLY X 107 7.26 57.05 26.89
C GLY X 107 6.65 55.74 27.34
N ASP X 108 7.41 54.92 28.08
CA ASP X 108 6.86 53.68 28.60
C ASP X 108 6.34 53.80 30.03
N PHE X 109 6.88 54.71 30.84
CA PHE X 109 6.66 54.65 32.27
C PHE X 109 6.17 55.94 32.93
N ALA X 110 6.06 57.05 32.21
CA ALA X 110 5.90 58.35 32.87
C ALA X 110 4.78 59.17 32.25
N ILE X 111 4.27 60.11 33.05
CA ILE X 111 3.20 60.99 32.58
C ILE X 111 3.59 62.46 32.74
N ASP X 112 3.84 62.90 33.98
CA ASP X 112 4.09 64.33 34.24
C ASP X 112 5.56 64.68 34.05
N VAL X 113 5.79 65.85 33.46
CA VAL X 113 7.15 66.36 33.35
C VAL X 113 7.82 66.47 34.71
N GLY X 114 7.04 66.69 35.76
CA GLY X 114 7.53 66.79 37.12
C GLY X 114 7.58 65.49 37.88
N ARG X 115 7.17 64.40 37.25
CA ARG X 115 7.37 63.03 37.74
C ARG X 115 7.89 62.16 36.60
N ASN X 116 8.95 62.62 35.93
CA ASN X 116 9.40 61.99 34.70
C ASN X 116 10.55 61.00 34.92
N VAL X 117 10.60 60.38 36.10
CA VAL X 117 11.34 59.18 36.44
C VAL X 117 12.87 59.29 36.27
N CYS X 118 13.35 59.97 35.25
CA CYS X 118 14.80 59.98 35.02
C CYS X 118 15.32 61.37 34.69
N HIS X 119 16.58 61.58 35.04
CA HIS X 119 17.36 62.75 34.60
C HIS X 119 18.54 62.29 33.77
N GLY X 120 18.76 62.97 32.64
CA GLY X 120 19.94 62.78 31.86
C GLY X 120 20.61 64.11 31.57
N SER X 121 21.92 64.05 31.32
CA SER X 121 22.70 65.22 30.97
C SER X 121 22.27 65.77 29.61
N ASP X 122 22.27 67.09 29.48
CA ASP X 122 21.88 67.70 28.22
C ASP X 122 23.05 67.87 27.25
N SER X 123 24.28 67.53 27.67
CA SER X 123 25.43 67.62 26.79
C SER X 123 26.60 66.87 27.42
N VAL X 124 27.65 66.67 26.62
CA VAL X 124 28.84 65.98 27.10
C VAL X 124 29.51 66.79 28.21
N GLU X 125 29.68 68.09 27.96
CA GLU X 125 30.36 68.91 28.96
C GLU X 125 29.54 69.03 30.23
N ASN X 126 28.21 69.13 30.10
CA ASN X 126 27.39 69.10 31.32
C ASN X 126 27.37 67.71 31.95
N ALA X 127 27.45 66.64 31.14
CA ALA X 127 27.66 65.31 31.70
C ALA X 127 28.92 65.26 32.54
N LYS X 128 30.05 65.78 32.01
CA LYS X 128 31.30 65.75 32.77
C LYS X 128 31.15 66.51 34.08
N LYS X 129 30.45 67.64 34.04
CA LYS X 129 30.16 68.39 35.26
C LYS X 129 29.29 67.57 36.21
N GLU X 130 28.17 67.05 35.71
CA GLU X 130 27.26 66.29 36.57
C GLU X 130 27.93 65.02 37.12
N ILE X 131 28.77 64.38 36.30
CA ILE X 131 29.46 63.18 36.78
C ILE X 131 30.34 63.52 37.98
N ALA X 132 31.12 64.61 37.87
CA ALA X 132 32.06 64.97 38.93
C ALA X 132 31.35 65.40 40.20
N LEU X 133 30.20 66.09 40.08
CA LEU X 133 29.45 66.49 41.27
C LEU X 133 28.96 65.27 42.05
N TRP X 134 28.47 64.25 41.35
CA TRP X 134 27.78 63.14 42.01
C TRP X 134 28.69 61.98 42.39
N PHE X 135 29.86 61.82 41.76
CA PHE X 135 30.75 60.69 42.05
C PHE X 135 32.19 61.15 42.28
N LYS X 136 32.80 60.63 43.34
CA LYS X 136 34.25 60.67 43.49
C LYS X 136 34.92 59.81 42.42
N PRO X 137 36.11 60.21 41.94
CA PRO X 137 36.78 59.41 40.90
C PRO X 137 36.91 57.93 41.23
N GLU X 138 37.15 57.59 42.49
CA GLU X 138 37.25 56.19 42.93
C GLU X 138 35.94 55.43 42.78
N GLU X 139 34.81 56.15 42.67
CA GLU X 139 33.55 55.48 42.40
C GLU X 139 33.35 55.19 40.93
N LEU X 140 34.05 55.89 40.02
CA LEU X 140 34.01 55.53 38.61
C LEU X 140 34.88 54.30 38.38
N GLN X 141 34.31 53.28 37.75
CA GLN X 141 34.98 51.99 37.58
C GLN X 141 35.65 51.95 36.21
N LYS X 142 36.94 51.61 36.21
CA LYS X 142 37.70 51.54 34.97
C LYS X 142 37.89 50.06 34.61
N TYR X 143 37.33 49.65 33.49
CA TYR X 143 37.38 48.27 33.04
C TYR X 143 36.95 48.24 31.57
N LYS X 144 37.44 47.23 30.85
CA LYS X 144 37.03 47.02 29.47
C LYS X 144 35.80 46.12 29.47
N HIS X 145 34.81 46.49 28.67
CA HIS X 145 33.60 45.69 28.54
C HIS X 145 33.92 44.37 27.85
N SER X 146 33.42 43.28 28.43
CA SER X 146 33.71 41.94 27.89
C SER X 146 33.32 41.83 26.43
N GLN X 147 32.33 42.60 25.97
CA GLN X 147 31.82 42.50 24.61
C GLN X 147 32.28 43.65 23.73
N PHE X 148 33.36 44.34 24.12
CA PHE X 148 33.74 45.60 23.47
C PHE X 148 33.88 45.44 21.96
N ASP X 149 34.71 44.47 21.53
CA ASP X 149 34.96 44.31 20.11
C ASP X 149 33.78 43.74 19.35
N TRP X 150 32.73 43.31 20.04
CA TRP X 150 31.48 42.97 19.37
C TRP X 150 30.53 44.16 19.29
N ILE X 151 30.67 45.14 20.17
CA ILE X 151 29.84 46.35 20.12
C ILE X 151 30.46 47.42 19.25
N TYR X 152 31.79 47.56 19.23
CA TYR X 152 32.46 48.66 18.55
C TYR X 152 33.38 48.16 17.43
N GLU X 153 33.24 48.76 16.25
CA GLU X 153 34.24 48.56 15.21
C GLU X 153 35.52 49.34 15.49
N LYS X 154 35.41 50.45 16.23
CA LYS X 154 36.45 51.49 16.33
C LYS X 154 36.84 52.06 14.97
#